data_1JZ8
#
_entry.id   1JZ8
#
_cell.length_a   149.390
_cell.length_b   168.710
_cell.length_c   200.860
_cell.angle_alpha   90.00
_cell.angle_beta   90.00
_cell.angle_gamma   90.00
#
_symmetry.space_group_name_H-M   'P 21 21 21'
#
loop_
_entity.id
_entity.type
_entity.pdbx_description
1 polymer Beta-Galactosidase
2 branched beta-D-galactopyranose-(1-6)-beta-D-glucopyranose
3 non-polymer 'MAGNESIUM ION'
4 non-polymer 'SODIUM ION'
5 non-polymer 'DIMETHYL SULFOXIDE'
6 non-polymer beta-D-glucopyranose
7 non-polymer 'D(-)-TARTARIC ACID'
8 water water
#
_entity_poly.entity_id   1
_entity_poly.type   'polypeptide(L)'
_entity_poly.pdbx_seq_one_letter_code
;GSHMLEDPVVLQRRDWENPGVTQLNRLAAHPPFASWRNSEEARTDRPSQQLRSLNGEWRFAWFPAPEAVPESWLECDLPE
ADTVVVPSNWQMHGYDAPIYTNVTYPITVNPPFVPTENPTGCYSLTFNVDESWLQEGQTRIIFDGVNSAFHLWCNGRWVG
YGQDSRLPSEFDLSAFLRAGENRLAVMVLRWSDGSYLEDQDMWRMSGIFRDVSLLHKPTTQISDFHVATRFNDDFSRAVL
EAEVQMCGELRDYLRVTVSLWQGETQVASGTAPFGGEIIDERGGYADRVTLRLNVENPKLWSAEIPNLYRAVVELHTADG
TLIEAEACDVGFREVRIENGLLLLNGKPLLIRGVNRHEHHPLHGQVMDEQTMVQDILLMKQNNFNAVRCSHYPNHPLWYT
LCDRYGLYVVDEANIETHGMVPMNRLTDDPRWLPAMSERVTRMVQRDRNHPSVIIWSLGNESGHGANHDALYRWIKSVDP
SRPVQYEGGGADTTATDIICPMYARVDEDQPFPAVPKWSIKKWLSLPGETRPLILCQYAHAMGNSLGGFAKYWQAFRQYP
RLQGGFVWDWVDQSLIKYDENGNPWSAYGGDFGDTPNDRQFCMNGLVFADRTPHPALTEAKHQQQFFQFRLSGQTIEVTS
EYLFRHSDNELLHWMVALDGKPLASGEVPLDVAPQGKQLIELPELPQPESAGQLWLTVRVVQPNATAWSEAGHISAWQQW
RLAENLSVTLPAASHAIPHLTTSEMDFCIELGNKRWQFNRQSGFLSQMWIGDKKQLLTPLRDQFTRAPLDNDIGVSEATR
IDPNAWVERWKAAGHYQAEAALLQCTADTLADAVLITTAHAWQHQGKTLFISRKTYRIDGSGQMAITVDVEVASDTPHPA
RIGLNCQLAQVAERVNWLGLGPQENYPDRLTAACFDRWDLPLSDMYTPYVFPSENGLRCGTRELNYGPHQWRGDFQFNIS
RYSQQQLMETSHRHLLHAEEGTWLNIDGFHMGIGGDDSWSPSVSAEFQLSAGRYHYQLVWCQK
;
_entity_poly.pdbx_strand_id   A,B,C,D
#
loop_
_chem_comp.id
_chem_comp.type
_chem_comp.name
_chem_comp.formula
BGC D-saccharide, beta linking beta-D-glucopyranose 'C6 H12 O6'
DMS non-polymer 'DIMETHYL SULFOXIDE' 'C2 H6 O S'
GAL D-saccharide, beta linking beta-D-galactopyranose 'C6 H12 O6'
MG non-polymer 'MAGNESIUM ION' 'Mg 2'
NA non-polymer 'SODIUM ION' 'Na 1'
TAR non-polymer 'D(-)-TARTARIC ACID' 'C4 H6 O6'
#
# COMPACT_ATOMS: atom_id res chain seq x y z
N ARG A 13 -25.85 4.49 47.83
CA ARG A 13 -25.59 5.10 46.52
C ARG A 13 -26.59 4.59 45.48
N ARG A 14 -26.95 5.40 44.59
CA ARG A 14 -27.84 4.99 43.56
C ARG A 14 -26.92 4.47 42.40
N ASP A 15 -26.31 3.29 42.59
CA ASP A 15 -25.33 2.82 41.59
C ASP A 15 -25.93 2.61 40.20
N TRP A 16 -27.25 2.52 40.15
CA TRP A 16 -27.98 2.31 38.90
C TRP A 16 -28.24 3.63 38.18
N GLU A 17 -27.65 4.75 38.67
CA GLU A 17 -27.76 5.99 37.97
C GLU A 17 -26.38 6.50 37.84
N ASN A 18 -25.45 5.62 37.51
CA ASN A 18 -24.03 6.00 37.45
C ASN A 18 -23.32 5.08 36.47
N PRO A 19 -23.06 5.57 35.27
CA PRO A 19 -22.41 4.72 34.30
C PRO A 19 -20.97 4.45 34.68
N GLY A 20 -20.47 5.14 35.74
CA GLY A 20 -19.10 4.83 36.18
C GLY A 20 -19.14 3.58 37.04
N VAL A 21 -20.31 3.08 37.45
CA VAL A 21 -20.35 1.87 38.25
C VAL A 21 -21.18 0.82 37.53
N THR A 22 -20.54 -0.17 36.92
CA THR A 22 -21.32 -1.12 36.16
C THR A 22 -21.39 -2.46 36.88
N GLN A 23 -20.62 -2.55 37.99
CA GLN A 23 -20.64 -3.77 38.81
C GLN A 23 -19.88 -3.48 40.09
N LEU A 24 -20.14 -4.31 41.09
CA LEU A 24 -19.31 -4.22 42.31
C LEU A 24 -19.05 -5.67 42.68
N ASN A 25 -17.80 -6.02 42.92
CA ASN A 25 -17.41 -7.37 43.34
C ASN A 25 -17.63 -8.51 42.36
N ARG A 26 -17.82 -8.15 41.09
CA ARG A 26 -18.09 -9.18 40.09
C ARG A 26 -16.81 -9.84 39.62
N LEU A 27 -16.84 -11.15 39.42
CA LEU A 27 -15.65 -11.87 38.96
C LEU A 27 -15.37 -11.60 37.48
N ALA A 28 -14.12 -11.84 37.05
CA ALA A 28 -13.75 -11.66 35.65
C ALA A 28 -14.58 -12.64 34.76
N ALA A 29 -14.81 -12.20 33.48
CA ALA A 29 -15.53 -13.02 32.49
C ALA A 29 -14.59 -14.07 31.95
N HIS A 30 -15.12 -15.15 31.44
CA HIS A 30 -14.29 -16.24 30.91
C HIS A 30 -15.19 -17.16 30.10
N PRO A 31 -14.61 -18.16 29.41
CA PRO A 31 -15.39 -19.05 28.61
C PRO A 31 -16.11 -20.06 29.53
N PRO A 32 -17.08 -20.83 28.96
CA PRO A 32 -17.91 -21.68 29.77
C PRO A 32 -17.11 -22.64 30.58
N PHE A 33 -17.41 -22.66 31.91
CA PHE A 33 -16.68 -23.64 32.80
C PHE A 33 -17.67 -24.58 33.44
N ALA A 34 -17.12 -25.72 33.84
CA ALA A 34 -17.91 -26.69 34.56
C ALA A 34 -17.07 -27.34 35.67
N SER A 35 -15.74 -27.11 35.72
CA SER A 35 -14.89 -27.68 36.78
C SER A 35 -15.14 -29.16 36.94
N TRP A 36 -14.95 -29.88 35.88
CA TRP A 36 -15.01 -31.33 36.05
C TRP A 36 -13.76 -31.75 36.88
N ARG A 37 -13.92 -32.85 37.63
CA ARG A 37 -12.88 -33.47 38.40
C ARG A 37 -12.56 -34.85 37.85
N ASN A 38 -13.06 -35.14 36.64
CA ASN A 38 -12.76 -36.37 35.96
C ASN A 38 -12.65 -35.98 34.50
N SER A 39 -11.53 -36.33 33.88
CA SER A 39 -11.26 -35.90 32.48
C SER A 39 -12.19 -36.55 31.48
N GLU A 40 -12.61 -37.76 31.73
CA GLU A 40 -13.46 -38.39 30.74
C GLU A 40 -14.84 -37.76 30.74
N GLU A 41 -15.33 -37.27 31.89
CA GLU A 41 -16.62 -36.61 31.87
C GLU A 41 -16.48 -35.29 31.04
N ALA A 42 -15.29 -34.64 31.20
CA ALA A 42 -15.01 -33.42 30.47
C ALA A 42 -14.92 -33.75 29.01
N ARG A 43 -14.27 -34.83 28.63
CA ARG A 43 -14.19 -35.14 27.20
C ARG A 43 -15.60 -35.35 26.63
N THR A 44 -16.45 -36.07 27.36
CA THR A 44 -17.80 -36.40 26.87
C THR A 44 -18.83 -35.34 27.08
N ASP A 45 -18.48 -34.24 27.69
CA ASP A 45 -19.46 -33.18 27.89
C ASP A 45 -20.60 -33.63 28.72
N ARG A 46 -20.36 -34.58 29.65
CA ARG A 46 -21.45 -34.96 30.56
C ARG A 46 -21.53 -33.99 31.69
N PRO A 47 -22.59 -34.06 32.46
CA PRO A 47 -22.80 -33.10 33.55
C PRO A 47 -21.72 -33.22 34.58
N SER A 48 -21.53 -32.07 35.26
CA SER A 48 -20.47 -31.99 36.25
C SER A 48 -21.08 -31.83 37.59
N GLN A 49 -20.61 -32.59 38.57
CA GLN A 49 -21.20 -32.42 39.88
C GLN A 49 -20.85 -31.09 40.49
N GLN A 50 -19.89 -30.37 39.88
CA GLN A 50 -19.45 -29.08 40.41
C GLN A 50 -20.17 -27.91 39.80
N LEU A 51 -21.14 -28.18 38.91
CA LEU A 51 -21.92 -27.08 38.27
C LEU A 51 -23.40 -27.41 38.51
N ARG A 52 -24.05 -26.69 39.41
CA ARG A 52 -25.44 -26.96 39.75
C ARG A 52 -26.34 -25.88 39.22
N SER A 53 -27.58 -26.26 38.92
CA SER A 53 -28.49 -25.24 38.50
C SER A 53 -29.34 -24.80 39.66
N LEU A 54 -29.62 -23.51 39.76
CA LEU A 54 -30.52 -23.07 40.80
C LEU A 54 -31.84 -22.65 40.17
N ASN A 55 -32.06 -23.06 38.93
CA ASN A 55 -33.33 -22.73 38.29
C ASN A 55 -34.47 -23.48 39.03
N GLY A 56 -35.68 -22.94 38.94
CA GLY A 56 -36.81 -23.63 39.54
C GLY A 56 -37.67 -22.60 40.21
N GLU A 57 -38.25 -23.03 41.34
CA GLU A 57 -39.18 -22.14 42.07
C GLU A 57 -38.48 -21.22 43.01
N TRP A 58 -38.76 -19.94 42.87
CA TRP A 58 -38.19 -18.91 43.70
C TRP A 58 -39.35 -18.10 44.27
N ARG A 59 -39.04 -17.21 45.16
CA ARG A 59 -40.03 -16.32 45.73
C ARG A 59 -39.87 -14.94 45.14
N PHE A 60 -40.99 -14.22 44.92
CA PHE A 60 -40.80 -12.93 44.23
C PHE A 60 -41.85 -11.94 44.69
N ALA A 61 -41.44 -10.70 44.90
CA ALA A 61 -42.36 -9.65 45.21
C ALA A 61 -42.00 -8.45 44.35
N TRP A 62 -43.04 -7.74 43.84
CA TRP A 62 -42.85 -6.56 43.03
C TRP A 62 -43.03 -5.30 43.81
N PHE A 63 -42.16 -4.32 43.60
CA PHE A 63 -42.24 -3.01 44.29
C PHE A 63 -42.19 -1.91 43.23
N PRO A 64 -42.75 -0.76 43.47
CA PRO A 64 -42.74 0.28 42.45
C PRO A 64 -41.44 1.09 42.35
N ALA A 65 -40.49 0.91 43.32
CA ALA A 65 -39.23 1.65 43.39
C ALA A 65 -38.41 0.93 44.43
N PRO A 66 -37.13 1.05 44.35
CA PRO A 66 -36.27 0.35 45.28
C PRO A 66 -36.45 0.92 46.71
N GLU A 67 -36.85 2.18 46.82
CA GLU A 67 -37.11 2.78 48.15
C GLU A 67 -38.26 2.10 48.87
N ALA A 68 -39.13 1.32 48.18
CA ALA A 68 -40.28 0.68 48.80
C ALA A 68 -39.95 -0.68 49.33
N VAL A 69 -38.72 -1.18 49.07
CA VAL A 69 -38.41 -2.54 49.54
C VAL A 69 -38.12 -2.54 51.01
N PRO A 70 -38.74 -3.40 51.78
CA PRO A 70 -38.44 -3.41 53.24
C PRO A 70 -37.15 -4.12 53.64
N GLU A 71 -36.45 -3.55 54.61
CA GLU A 71 -35.23 -4.19 55.07
C GLU A 71 -35.47 -5.60 55.49
N SER A 72 -36.66 -5.87 55.98
CA SER A 72 -36.80 -7.22 56.47
C SER A 72 -36.57 -8.26 55.43
N TRP A 73 -36.82 -7.88 54.19
CA TRP A 73 -36.67 -8.86 53.12
C TRP A 73 -35.26 -9.43 53.02
N LEU A 74 -34.26 -8.67 53.48
CA LEU A 74 -32.90 -9.18 53.41
C LEU A 74 -32.71 -10.37 54.31
N GLU A 75 -33.48 -10.37 55.41
CA GLU A 75 -33.27 -11.48 56.36
C GLU A 75 -34.32 -12.53 56.27
N CYS A 76 -35.52 -12.20 55.80
CA CYS A 76 -36.46 -13.27 55.62
C CYS A 76 -37.52 -13.01 54.56
N ASP A 77 -38.09 -14.10 54.13
CA ASP A 77 -39.12 -14.09 53.13
C ASP A 77 -40.25 -13.19 53.48
N LEU A 78 -40.75 -12.51 52.49
CA LEU A 78 -41.93 -11.67 52.65
C LEU A 78 -43.13 -12.57 52.47
N PRO A 79 -44.01 -12.51 53.42
CA PRO A 79 -45.19 -13.34 53.37
C PRO A 79 -46.10 -13.05 52.17
N GLU A 80 -46.06 -11.80 51.72
CA GLU A 80 -46.87 -11.52 50.58
C GLU A 80 -46.16 -11.86 49.29
N ALA A 81 -44.95 -12.44 49.35
CA ALA A 81 -44.27 -12.81 48.11
C ALA A 81 -45.05 -13.94 47.39
N ASP A 82 -44.81 -14.21 46.10
CA ASP A 82 -45.41 -15.33 45.40
C ASP A 82 -44.33 -16.32 45.02
N THR A 83 -44.66 -17.58 44.75
CA THR A 83 -43.64 -18.46 44.29
C THR A 83 -43.73 -18.41 42.78
N VAL A 84 -42.61 -18.22 42.10
CA VAL A 84 -42.69 -18.14 40.63
C VAL A 84 -41.53 -18.95 40.04
N VAL A 85 -41.60 -19.30 38.79
CA VAL A 85 -40.48 -19.98 38.11
C VAL A 85 -39.40 -18.94 37.71
N VAL A 86 -38.11 -19.33 37.89
CA VAL A 86 -36.94 -18.58 37.44
C VAL A 86 -36.16 -19.55 36.61
N PRO A 87 -35.70 -19.17 35.41
CA PRO A 87 -35.77 -17.81 34.90
C PRO A 87 -37.15 -17.45 34.31
N SER A 88 -37.37 -16.16 34.33
CA SER A 88 -38.59 -15.57 33.83
C SER A 88 -38.40 -14.06 33.71
N ASN A 89 -39.31 -13.44 32.96
CA ASN A 89 -39.46 -11.97 32.86
C ASN A 89 -40.77 -11.67 33.67
N TRP A 90 -40.71 -10.78 34.65
CA TRP A 90 -41.85 -10.59 35.51
C TRP A 90 -43.07 -10.06 34.79
N GLN A 91 -42.88 -9.36 33.64
CA GLN A 91 -44.03 -8.90 32.86
C GLN A 91 -44.86 -10.13 32.40
N MET A 92 -44.21 -11.27 32.13
CA MET A 92 -44.95 -12.43 31.62
C MET A 92 -45.79 -13.10 32.70
N HIS A 93 -45.56 -12.73 33.93
CA HIS A 93 -46.34 -13.29 35.01
C HIS A 93 -47.40 -12.24 35.36
N GLY A 94 -47.41 -11.09 34.64
CA GLY A 94 -48.43 -10.08 34.93
C GLY A 94 -48.12 -9.06 35.99
N TYR A 95 -46.92 -8.97 36.53
CA TYR A 95 -46.73 -7.97 37.59
C TYR A 95 -46.73 -6.53 37.14
N ASP A 96 -46.31 -6.32 35.89
CA ASP A 96 -46.35 -5.00 35.32
C ASP A 96 -46.34 -5.24 33.78
N ALA A 97 -46.51 -4.19 33.00
CA ALA A 97 -46.66 -4.42 31.55
C ALA A 97 -45.33 -4.36 30.79
N PRO A 98 -45.20 -5.20 29.79
CA PRO A 98 -44.07 -5.09 28.88
C PRO A 98 -44.35 -3.88 28.00
N ILE A 99 -43.30 -3.18 27.51
CA ILE A 99 -43.50 -1.99 26.67
C ILE A 99 -42.88 -2.28 25.31
N TYR A 100 -43.59 -1.93 24.22
CA TYR A 100 -43.02 -2.07 22.89
C TYR A 100 -42.80 -0.73 22.30
N THR A 101 -41.51 -0.25 22.38
CA THR A 101 -41.09 0.99 21.72
C THR A 101 -39.92 0.63 20.82
N ASN A 102 -39.84 1.27 19.63
CA ASN A 102 -38.74 0.96 18.74
C ASN A 102 -37.52 1.83 19.05
N VAL A 103 -37.55 3.11 18.61
CA VAL A 103 -36.38 3.97 18.82
C VAL A 103 -36.50 4.83 20.10
N THR A 104 -37.67 5.47 20.26
CA THR A 104 -37.77 6.37 21.40
C THR A 104 -37.58 5.62 22.70
N TYR A 105 -36.71 6.13 23.59
CA TYR A 105 -36.49 5.37 24.84
C TYR A 105 -37.77 5.24 25.60
N PRO A 106 -37.89 4.21 26.38
CA PRO A 106 -39.09 4.01 27.22
C PRO A 106 -39.06 4.86 28.50
N ILE A 107 -37.96 5.59 28.71
CA ILE A 107 -37.80 6.47 29.82
C ILE A 107 -37.41 7.81 29.31
N THR A 108 -37.61 8.84 30.10
CA THR A 108 -37.19 10.17 29.71
C THR A 108 -35.71 10.22 29.45
N VAL A 109 -35.26 10.84 28.37
CA VAL A 109 -33.85 10.86 28.06
C VAL A 109 -33.13 11.88 28.91
N ASN A 110 -32.49 11.45 29.99
CA ASN A 110 -31.80 12.40 30.87
C ASN A 110 -30.66 11.66 31.57
N PRO A 111 -29.73 11.20 30.77
CA PRO A 111 -28.63 10.38 31.31
C PRO A 111 -27.87 11.13 32.35
N PRO A 112 -27.49 10.41 33.37
CA PRO A 112 -27.64 8.94 33.50
C PRO A 112 -28.81 8.53 34.40
N PHE A 113 -29.74 9.46 34.59
CA PHE A 113 -30.84 9.21 35.49
C PHE A 113 -31.96 8.37 34.89
N VAL A 114 -32.68 7.71 35.80
CA VAL A 114 -33.81 6.90 35.43
C VAL A 114 -35.07 7.39 36.25
N PRO A 115 -36.29 6.95 35.91
CA PRO A 115 -37.46 7.40 36.66
C PRO A 115 -37.39 7.04 38.13
N THR A 116 -37.98 7.89 38.99
CA THR A 116 -37.95 7.51 40.40
C THR A 116 -38.95 6.35 40.59
N GLU A 117 -39.98 6.23 39.73
CA GLU A 117 -40.85 5.04 39.80
C GLU A 117 -40.19 4.05 38.88
N ASN A 118 -39.51 3.10 39.52
CA ASN A 118 -38.66 2.13 38.81
C ASN A 118 -38.95 0.77 39.35
N PRO A 119 -39.76 0.04 38.60
CA PRO A 119 -40.22 -1.25 39.03
C PRO A 119 -39.06 -2.09 39.49
N THR A 120 -39.26 -2.68 40.66
CA THR A 120 -38.23 -3.46 41.35
C THR A 120 -38.70 -4.81 41.65
N GLY A 121 -37.93 -5.81 41.20
CA GLY A 121 -38.26 -7.20 41.36
C GLY A 121 -37.38 -7.80 42.47
N CYS A 122 -38.01 -8.23 43.61
CA CYS A 122 -37.32 -8.83 44.75
C CYS A 122 -37.40 -10.32 44.68
N TYR A 123 -36.31 -10.97 44.22
CA TYR A 123 -36.33 -12.40 44.12
C TYR A 123 -35.52 -13.00 45.25
N SER A 124 -35.96 -14.20 45.71
CA SER A 124 -35.15 -14.88 46.70
C SER A 124 -35.31 -16.34 46.57
N LEU A 125 -34.33 -17.04 47.15
CA LEU A 125 -34.34 -18.47 47.08
C LEU A 125 -33.59 -19.03 48.28
N THR A 126 -34.18 -20.03 48.92
CA THR A 126 -33.51 -20.74 50.00
C THR A 126 -33.06 -22.01 49.39
N PHE A 127 -31.77 -22.34 49.51
CA PHE A 127 -31.27 -23.51 48.82
C PHE A 127 -30.16 -24.11 49.67
N ASN A 128 -29.84 -25.32 49.28
CA ASN A 128 -28.86 -26.06 50.04
C ASN A 128 -27.49 -26.02 49.47
N VAL A 129 -26.50 -26.02 50.36
CA VAL A 129 -25.07 -26.15 49.95
C VAL A 129 -24.46 -27.28 50.77
N ASP A 130 -23.81 -28.25 50.11
CA ASP A 130 -23.22 -29.36 50.87
C ASP A 130 -21.96 -28.92 51.54
N GLU A 131 -21.72 -29.47 52.70
CA GLU A 131 -20.55 -29.11 53.44
C GLU A 131 -19.29 -29.26 52.60
N SER A 132 -19.29 -30.31 51.78
CA SER A 132 -18.05 -30.56 51.03
C SER A 132 -17.62 -29.40 50.16
N TRP A 133 -18.60 -28.57 49.74
CA TRP A 133 -18.26 -27.41 48.83
C TRP A 133 -17.61 -26.33 49.60
N LEU A 134 -17.89 -26.39 50.94
CA LEU A 134 -17.37 -25.37 51.79
C LEU A 134 -16.06 -25.77 52.52
N GLN A 135 -15.67 -27.04 52.41
CA GLN A 135 -14.43 -27.45 53.08
C GLN A 135 -13.21 -27.08 52.28
N GLU A 136 -13.38 -26.78 51.01
CA GLU A 136 -12.25 -26.47 50.14
C GLU A 136 -12.74 -25.72 48.90
N GLY A 137 -11.79 -25.03 48.24
CA GLY A 137 -12.17 -24.38 47.01
C GLY A 137 -13.12 -23.23 47.13
N GLN A 138 -13.61 -22.82 45.97
CA GLN A 138 -14.39 -21.60 45.87
C GLN A 138 -15.78 -21.89 45.34
N THR A 139 -16.83 -21.36 45.97
CA THR A 139 -18.16 -21.57 45.43
C THR A 139 -18.69 -20.22 44.94
N ARG A 140 -19.02 -20.13 43.62
CA ARG A 140 -19.53 -18.90 43.07
C ARG A 140 -20.93 -19.11 42.53
N ILE A 141 -21.64 -17.97 42.43
CA ILE A 141 -22.94 -18.05 41.78
C ILE A 141 -22.88 -17.34 40.45
N ILE A 142 -23.62 -17.83 39.49
CA ILE A 142 -23.62 -17.22 38.16
C ILE A 142 -25.02 -16.89 37.76
N PHE A 143 -25.26 -15.62 37.40
CA PHE A 143 -26.58 -15.22 36.86
C PHE A 143 -26.31 -14.93 35.39
N ASP A 144 -26.79 -15.79 34.54
CA ASP A 144 -26.51 -15.60 33.11
C ASP A 144 -27.25 -14.38 32.52
N GLY A 145 -28.31 -13.90 33.09
CA GLY A 145 -29.04 -12.78 32.46
C GLY A 145 -30.00 -12.17 33.51
N VAL A 146 -29.74 -10.91 33.86
CA VAL A 146 -30.54 -10.16 34.83
C VAL A 146 -30.74 -8.80 34.15
N ASN A 147 -32.02 -8.41 33.92
CA ASN A 147 -32.37 -7.20 33.19
C ASN A 147 -33.11 -6.24 34.10
N SER A 148 -32.57 -5.03 34.40
CA SER A 148 -31.31 -4.50 33.80
C SER A 148 -30.11 -4.34 34.71
N ALA A 149 -30.31 -4.42 36.05
CA ALA A 149 -29.20 -4.16 37.00
C ALA A 149 -29.67 -4.79 38.33
N PHE A 150 -28.75 -5.23 39.15
CA PHE A 150 -29.22 -5.90 40.39
C PHE A 150 -28.21 -5.84 41.49
N HIS A 151 -28.75 -5.85 42.71
CA HIS A 151 -27.93 -6.01 43.93
C HIS A 151 -28.18 -7.38 44.44
N LEU A 152 -27.10 -8.00 45.02
CA LEU A 152 -27.19 -9.39 45.50
C LEU A 152 -26.77 -9.44 47.00
N TRP A 153 -27.59 -10.14 47.83
CA TRP A 153 -27.23 -10.41 49.24
C TRP A 153 -27.28 -11.93 49.39
N CYS A 154 -26.44 -12.49 50.28
CA CYS A 154 -26.46 -13.89 50.58
C CYS A 154 -26.55 -14.03 52.12
N ASN A 155 -27.58 -14.76 52.62
CA ASN A 155 -27.75 -14.89 54.09
C ASN A 155 -27.72 -13.54 54.75
N GLY A 156 -28.38 -12.56 54.10
CA GLY A 156 -28.55 -11.21 54.65
C GLY A 156 -27.38 -10.28 54.48
N ARG A 157 -26.25 -10.74 53.90
CA ARG A 157 -25.10 -9.88 53.78
C ARG A 157 -24.88 -9.51 52.28
N TRP A 158 -24.56 -8.22 52.05
CA TRP A 158 -24.43 -7.73 50.68
C TRP A 158 -23.19 -8.31 50.02
N VAL A 159 -23.39 -8.80 48.79
CA VAL A 159 -22.35 -9.43 48.02
C VAL A 159 -21.89 -8.51 46.88
N GLY A 160 -22.84 -7.98 46.04
CA GLY A 160 -22.31 -7.18 44.96
C GLY A 160 -23.41 -6.70 44.08
N TYR A 161 -22.97 -6.19 42.88
CA TYR A 161 -23.88 -5.53 41.96
C TYR A 161 -23.48 -5.82 40.54
N GLY A 162 -24.45 -5.83 39.63
CA GLY A 162 -24.09 -6.00 38.21
C GLY A 162 -25.06 -5.29 37.25
N GLN A 163 -24.53 -4.98 36.04
CA GLN A 163 -25.26 -4.39 34.93
C GLN A 163 -24.87 -5.21 33.65
N ASP A 164 -25.51 -4.86 32.52
CA ASP A 164 -25.42 -5.54 31.23
C ASP A 164 -26.37 -6.76 31.29
N SER A 165 -27.60 -6.59 30.74
CA SER A 165 -28.57 -7.62 30.85
C SER A 165 -28.27 -8.87 30.14
N ARG A 166 -27.24 -8.92 29.31
CA ARG A 166 -27.09 -10.01 28.35
C ARG A 166 -25.83 -10.86 28.46
N LEU A 167 -25.07 -10.63 29.57
CA LEU A 167 -23.89 -11.46 29.84
C LEU A 167 -23.99 -11.88 31.33
N PRO A 168 -23.27 -12.97 31.62
CA PRO A 168 -23.29 -13.48 32.97
C PRO A 168 -22.56 -12.61 33.96
N SER A 169 -23.11 -12.53 35.19
CA SER A 169 -22.48 -11.83 36.30
C SER A 169 -22.22 -12.89 37.36
N GLU A 170 -20.97 -13.02 37.80
CA GLU A 170 -20.56 -14.10 38.72
C GLU A 170 -19.95 -13.49 39.98
N PHE A 171 -20.27 -14.09 41.15
CA PHE A 171 -19.81 -13.55 42.45
C PHE A 171 -19.29 -14.66 43.31
N ASP A 172 -18.23 -14.42 44.03
CA ASP A 172 -17.73 -15.50 44.88
C ASP A 172 -18.54 -15.52 46.21
N LEU A 173 -19.20 -16.67 46.49
CA LEU A 173 -19.99 -16.72 47.74
C LEU A 173 -19.31 -17.49 48.84
N SER A 174 -18.08 -17.91 48.60
CA SER A 174 -17.37 -18.81 49.53
C SER A 174 -17.50 -18.36 50.96
N ALA A 175 -17.25 -17.11 51.19
CA ALA A 175 -17.28 -16.58 52.56
C ALA A 175 -18.66 -16.25 53.07
N PHE A 176 -19.70 -16.46 52.29
CA PHE A 176 -21.04 -16.06 52.73
C PHE A 176 -21.90 -17.20 53.02
N LEU A 177 -21.57 -18.36 52.58
CA LEU A 177 -22.43 -19.50 52.68
C LEU A 177 -22.19 -20.35 53.93
N ARG A 178 -23.17 -21.18 54.27
CA ARG A 178 -22.93 -22.10 55.37
C ARG A 178 -23.47 -23.42 55.00
N ALA A 179 -23.02 -24.50 55.61
CA ALA A 179 -23.59 -25.83 55.23
C ALA A 179 -25.08 -25.91 55.48
N GLY A 180 -25.76 -26.59 54.57
CA GLY A 180 -27.21 -26.68 54.63
C GLY A 180 -27.87 -25.52 53.93
N GLU A 181 -28.87 -24.97 54.62
CA GLU A 181 -29.74 -23.95 54.07
C GLU A 181 -29.10 -22.58 54.01
N ASN A 182 -29.30 -21.93 52.84
CA ASN A 182 -28.81 -20.58 52.64
C ASN A 182 -29.91 -19.82 51.88
N ARG A 183 -29.92 -18.51 51.99
CA ARG A 183 -30.94 -17.74 51.28
C ARG A 183 -30.30 -16.61 50.47
N LEU A 184 -30.65 -16.56 49.20
CA LEU A 184 -30.21 -15.47 48.32
C LEU A 184 -31.36 -14.41 48.31
N ALA A 185 -31.00 -13.11 48.13
CA ALA A 185 -31.99 -12.05 47.93
C ALA A 185 -31.38 -11.24 46.78
N VAL A 186 -32.16 -11.03 45.70
CA VAL A 186 -31.63 -10.30 44.52
C VAL A 186 -32.62 -9.22 44.23
N MET A 187 -32.17 -8.00 44.19
CA MET A 187 -33.06 -6.90 43.98
C MET A 187 -32.79 -6.44 42.58
N VAL A 188 -33.76 -6.63 41.69
CA VAL A 188 -33.61 -6.34 40.24
C VAL A 188 -34.29 -5.03 39.85
N LEU A 189 -33.51 -4.11 39.29
CA LEU A 189 -34.10 -2.81 38.89
C LEU A 189 -34.51 -2.89 37.42
N ARG A 190 -35.73 -2.49 37.07
CA ARG A 190 -36.09 -2.52 35.65
C ARG A 190 -35.28 -1.52 34.84
N TRP A 191 -35.09 -0.29 35.38
CA TRP A 191 -34.34 0.75 34.69
C TRP A 191 -33.02 1.06 35.43
N SER A 192 -31.96 1.34 34.67
CA SER A 192 -30.65 1.73 35.25
C SER A 192 -29.91 2.48 34.19
N ASP A 193 -28.72 2.95 34.53
CA ASP A 193 -27.97 3.67 33.50
C ASP A 193 -27.63 2.69 32.39
N GLY A 194 -27.68 1.41 32.68
CA GLY A 194 -27.44 0.44 31.61
C GLY A 194 -28.53 0.49 30.52
N SER A 195 -29.73 0.94 30.89
CA SER A 195 -30.84 1.07 29.94
C SER A 195 -30.50 2.06 28.79
N TYR A 196 -29.59 3.07 29.02
CA TYR A 196 -29.25 3.97 27.92
C TYR A 196 -28.50 3.22 26.82
N LEU A 197 -27.88 2.05 27.18
CA LEU A 197 -27.19 1.25 26.16
C LEU A 197 -28.01 0.05 25.73
N GLU A 198 -29.28 -0.02 26.12
CA GLU A 198 -30.15 -1.14 25.76
C GLU A 198 -31.45 -0.67 25.07
N ASP A 199 -31.28 0.11 24.04
CA ASP A 199 -32.46 0.62 23.35
C ASP A 199 -32.78 -0.21 22.10
N GLN A 200 -32.59 -1.51 22.10
CA GLN A 200 -32.95 -2.29 20.95
C GLN A 200 -34.48 -2.27 20.68
N ASP A 201 -34.84 -2.41 19.41
CA ASP A 201 -36.25 -2.48 18.90
C ASP A 201 -36.83 -3.82 19.27
N MET A 202 -37.37 -3.87 20.54
CA MET A 202 -37.96 -5.14 21.00
C MET A 202 -38.82 -4.79 22.25
N TRP A 203 -39.58 -5.78 22.78
CA TRP A 203 -40.27 -5.53 24.06
C TRP A 203 -39.25 -5.17 25.13
N ARG A 204 -39.67 -4.23 25.97
CA ARG A 204 -38.84 -3.84 27.08
C ARG A 204 -39.32 -4.62 28.28
N MET A 205 -38.58 -5.59 28.76
CA MET A 205 -39.01 -6.41 29.90
C MET A 205 -37.95 -6.34 31.01
N SER A 206 -38.05 -7.16 32.05
CA SER A 206 -37.04 -7.16 33.16
C SER A 206 -37.17 -8.47 33.95
N GLY A 207 -36.11 -8.77 34.76
CA GLY A 207 -36.09 -9.91 35.63
C GLY A 207 -34.87 -10.74 35.48
N ILE A 208 -34.87 -11.91 36.21
CA ILE A 208 -33.77 -12.90 36.14
C ILE A 208 -34.23 -13.91 35.07
N PHE A 209 -33.87 -13.57 33.81
CA PHE A 209 -34.45 -14.24 32.63
C PHE A 209 -33.58 -15.27 31.90
N ARG A 210 -32.36 -15.48 32.43
CA ARG A 210 -31.49 -16.57 32.03
C ARG A 210 -31.13 -17.39 33.29
N ASP A 211 -30.42 -18.47 33.08
CA ASP A 211 -30.13 -19.42 34.12
C ASP A 211 -29.38 -18.88 35.29
N VAL A 212 -29.58 -19.54 36.45
CA VAL A 212 -28.81 -19.20 37.62
C VAL A 212 -28.10 -20.50 38.01
N SER A 213 -26.76 -20.41 38.27
CA SER A 213 -26.12 -21.67 38.64
C SER A 213 -25.07 -21.44 39.74
N LEU A 214 -24.64 -22.57 40.38
CA LEU A 214 -23.61 -22.46 41.41
C LEU A 214 -22.45 -23.33 40.89
N LEU A 215 -21.24 -22.79 40.92
CA LEU A 215 -20.07 -23.51 40.41
C LEU A 215 -18.98 -23.59 41.47
N HIS A 216 -18.49 -24.82 41.67
CA HIS A 216 -17.38 -25.02 42.61
C HIS A 216 -16.09 -25.13 41.83
N LYS A 217 -15.10 -24.30 42.18
CA LYS A 217 -13.83 -24.48 41.51
C LYS A 217 -12.80 -24.71 42.61
N PRO A 218 -11.66 -25.38 42.31
CA PRO A 218 -10.61 -25.51 43.33
C PRO A 218 -9.95 -24.15 43.53
N THR A 219 -9.25 -23.99 44.66
CA THR A 219 -8.50 -22.74 44.88
C THR A 219 -7.50 -22.52 43.77
N THR A 220 -6.75 -23.57 43.37
CA THR A 220 -5.82 -23.51 42.21
C THR A 220 -6.59 -23.97 41.03
N GLN A 221 -6.86 -23.05 40.04
CA GLN A 221 -7.84 -23.33 39.03
C GLN A 221 -7.48 -22.74 37.69
N ILE A 222 -8.16 -23.26 36.68
CA ILE A 222 -8.05 -22.71 35.34
C ILE A 222 -8.98 -21.47 35.37
N SER A 223 -8.43 -20.27 35.18
CA SER A 223 -9.23 -19.07 35.23
C SER A 223 -9.56 -18.53 33.82
N ASP A 224 -8.88 -19.03 32.75
CA ASP A 224 -9.27 -18.62 31.42
C ASP A 224 -8.54 -19.55 30.48
N PHE A 225 -9.05 -19.72 29.23
CA PHE A 225 -8.28 -20.49 28.23
C PHE A 225 -8.75 -20.05 26.89
N HIS A 226 -7.81 -19.96 25.94
CA HIS A 226 -8.18 -19.45 24.60
C HIS A 226 -7.68 -20.48 23.58
N VAL A 227 -8.56 -20.89 22.63
CA VAL A 227 -8.11 -21.85 21.65
C VAL A 227 -8.03 -21.20 20.28
N ALA A 228 -6.91 -21.37 19.60
CA ALA A 228 -6.74 -20.83 18.23
C ALA A 228 -6.31 -21.98 17.32
N THR A 229 -6.65 -21.87 16.03
CA THR A 229 -6.24 -22.88 15.04
C THR A 229 -5.69 -22.11 13.79
N ARG A 230 -4.43 -22.40 13.41
CA ARG A 230 -3.83 -21.77 12.28
C ARG A 230 -3.41 -22.86 11.34
N PHE A 231 -3.37 -22.47 10.03
CA PHE A 231 -3.22 -23.42 8.98
C PHE A 231 -2.12 -23.10 8.00
N ASN A 232 -1.77 -24.18 7.27
CA ASN A 232 -0.86 -23.94 6.18
C ASN A 232 -1.66 -23.52 4.94
N ASP A 233 -0.98 -23.29 3.82
CA ASP A 233 -1.64 -22.77 2.67
C ASP A 233 -2.77 -23.60 2.13
N ASP A 234 -2.74 -24.89 2.20
CA ASP A 234 -3.86 -25.61 1.66
C ASP A 234 -4.64 -26.30 2.72
N PHE A 235 -4.51 -25.83 3.95
CA PHE A 235 -5.34 -26.41 5.03
C PHE A 235 -5.07 -27.86 5.27
N SER A 236 -3.94 -28.36 4.79
CA SER A 236 -3.61 -29.73 5.04
C SER A 236 -2.91 -29.92 6.41
N ARG A 237 -2.42 -28.82 7.03
CA ARG A 237 -1.76 -28.96 8.35
C ARG A 237 -2.26 -27.82 9.20
N ALA A 238 -2.40 -28.05 10.52
CA ALA A 238 -2.84 -26.96 11.39
C ALA A 238 -2.02 -27.05 12.66
N VAL A 239 -2.05 -25.97 13.41
CA VAL A 239 -1.45 -25.94 14.74
C VAL A 239 -2.58 -25.39 15.60
N LEU A 240 -2.95 -26.17 16.67
CA LEU A 240 -3.91 -25.72 17.60
C LEU A 240 -3.11 -25.13 18.75
N GLU A 241 -3.34 -23.88 19.15
CA GLU A 241 -2.58 -23.25 20.20
C GLU A 241 -3.58 -22.95 21.31
N ALA A 242 -3.32 -23.37 22.52
CA ALA A 242 -4.26 -23.11 23.62
C ALA A 242 -3.50 -22.41 24.73
N GLU A 243 -3.91 -21.18 25.03
CA GLU A 243 -3.28 -20.41 26.10
C GLU A 243 -4.11 -20.65 27.31
N VAL A 244 -3.48 -21.07 28.37
CA VAL A 244 -4.24 -21.38 29.57
C VAL A 244 -3.72 -20.52 30.73
N GLN A 245 -4.66 -19.90 31.49
CA GLN A 245 -4.26 -19.07 32.59
C GLN A 245 -4.78 -19.70 33.92
N MET A 246 -3.99 -19.54 35.01
CA MET A 246 -4.48 -20.08 36.27
C MET A 246 -4.56 -18.96 37.28
N CYS A 247 -5.28 -19.25 38.36
CA CYS A 247 -5.35 -18.38 39.54
C CYS A 247 -5.06 -19.35 40.68
N GLY A 248 -4.53 -18.84 41.76
CA GLY A 248 -4.30 -19.67 42.93
C GLY A 248 -2.85 -19.84 43.24
N GLU A 249 -2.59 -21.03 43.81
CA GLU A 249 -1.27 -21.45 44.28
C GLU A 249 -0.31 -21.88 43.15
N LEU A 250 0.52 -21.00 42.72
CA LEU A 250 1.51 -21.24 41.61
C LEU A 250 2.77 -21.92 42.13
N ARG A 251 3.05 -23.13 41.66
CA ARG A 251 4.13 -24.01 42.14
C ARG A 251 4.68 -24.79 40.96
N ASP A 252 5.95 -25.15 41.11
CA ASP A 252 6.64 -25.81 40.06
C ASP A 252 6.08 -27.13 39.67
N TYR A 253 5.34 -27.78 40.57
CA TYR A 253 4.84 -29.08 40.20
C TYR A 253 3.57 -29.01 39.29
N LEU A 254 2.98 -27.81 39.10
CA LEU A 254 1.75 -27.77 38.27
C LEU A 254 2.10 -27.90 36.78
N ARG A 255 1.14 -28.44 36.05
CA ARG A 255 1.24 -28.64 34.64
C ARG A 255 -0.18 -28.45 34.06
N VAL A 256 -0.18 -28.25 32.73
CA VAL A 256 -1.38 -28.30 31.98
C VAL A 256 -1.21 -29.30 30.87
N THR A 257 -2.19 -30.15 30.67
CA THR A 257 -2.13 -31.01 29.52
C THR A 257 -3.41 -30.67 28.67
N VAL A 258 -3.19 -30.40 27.38
CA VAL A 258 -4.33 -30.18 26.51
C VAL A 258 -4.27 -31.35 25.53
N SER A 259 -5.42 -32.02 25.45
CA SER A 259 -5.53 -33.17 24.52
C SER A 259 -6.66 -32.90 23.58
N LEU A 260 -6.52 -33.37 22.33
CA LEU A 260 -7.54 -33.07 21.33
C LEU A 260 -8.07 -34.42 20.84
N TRP A 261 -9.41 -34.54 20.78
CA TRP A 261 -10.03 -35.82 20.47
C TRP A 261 -10.94 -35.69 19.28
N GLN A 262 -10.95 -36.70 18.44
CA GLN A 262 -11.88 -36.76 17.37
C GLN A 262 -12.73 -37.95 17.71
N GLY A 263 -13.92 -37.71 18.17
CA GLY A 263 -14.63 -38.86 18.67
C GLY A 263 -13.87 -39.48 19.87
N GLU A 264 -13.75 -40.77 19.94
CA GLU A 264 -13.01 -41.40 21.03
C GLU A 264 -11.54 -41.57 20.74
N THR A 265 -11.10 -41.00 19.66
CA THR A 265 -9.69 -41.11 19.37
C THR A 265 -8.96 -39.84 19.73
N GLN A 266 -7.85 -40.01 20.46
CA GLN A 266 -7.02 -38.85 20.82
C GLN A 266 -6.07 -38.59 19.66
N VAL A 267 -6.17 -37.39 19.06
CA VAL A 267 -5.36 -37.11 17.91
C VAL A 267 -4.09 -36.38 18.22
N ALA A 268 -4.05 -35.64 19.33
CA ALA A 268 -2.87 -34.86 19.69
C ALA A 268 -2.95 -34.55 21.18
N SER A 269 -1.81 -34.23 21.75
CA SER A 269 -1.72 -33.89 23.15
C SER A 269 -0.42 -33.19 23.42
N GLY A 270 -0.42 -32.29 24.39
CA GLY A 270 0.82 -31.67 24.84
C GLY A 270 0.70 -31.32 26.35
N THR A 271 1.82 -31.42 27.01
CA THR A 271 1.88 -31.09 28.43
C THR A 271 3.03 -30.09 28.67
N ALA A 272 2.81 -29.14 29.57
CA ALA A 272 3.87 -28.22 29.87
C ALA A 272 3.71 -27.63 31.28
N PRO A 273 4.78 -27.13 31.92
CA PRO A 273 4.62 -26.47 33.23
C PRO A 273 4.19 -25.05 32.95
N PHE A 274 3.79 -24.30 33.97
CA PHE A 274 3.41 -22.87 33.73
C PHE A 274 4.64 -22.02 33.55
N GLY A 275 4.47 -20.90 32.86
CA GLY A 275 5.54 -19.93 32.64
C GLY A 275 5.60 -19.64 31.14
N GLY A 276 4.93 -18.55 30.70
CA GLY A 276 4.90 -18.23 29.31
C GLY A 276 6.19 -17.60 28.83
N GLU A 277 6.32 -17.39 27.57
CA GLU A 277 7.54 -16.80 27.09
C GLU A 277 7.76 -15.37 27.66
N ILE A 278 9.00 -14.86 27.56
CA ILE A 278 9.30 -13.49 28.03
C ILE A 278 8.53 -12.58 27.12
N ILE A 279 7.85 -11.59 27.69
CA ILE A 279 7.11 -10.69 26.85
C ILE A 279 7.67 -9.27 27.00
N ASP A 280 8.28 -8.90 28.13
CA ASP A 280 8.86 -7.58 28.21
C ASP A 280 9.98 -7.60 29.20
N GLU A 281 10.47 -6.41 29.52
CA GLU A 281 11.67 -6.22 30.41
C GLU A 281 11.42 -6.81 31.77
N ARG A 282 10.15 -7.03 32.16
CA ARG A 282 9.88 -7.60 33.53
C ARG A 282 9.66 -9.07 33.46
N GLY A 283 9.79 -9.64 32.28
CA GLY A 283 9.68 -11.09 32.17
C GLY A 283 8.42 -11.55 31.42
N GLY A 284 7.78 -12.62 31.90
CA GLY A 284 6.61 -13.14 31.23
C GLY A 284 5.52 -13.46 32.28
N TYR A 285 4.42 -14.15 31.82
CA TYR A 285 3.32 -14.54 32.71
C TYR A 285 3.67 -15.89 33.35
N ALA A 286 4.00 -15.82 34.59
CA ALA A 286 4.37 -17.08 35.24
C ALA A 286 3.15 -17.92 35.54
N ASP A 287 1.99 -17.28 35.42
CA ASP A 287 0.70 -17.93 35.65
C ASP A 287 -0.01 -18.31 34.34
N ARG A 288 0.71 -18.42 33.22
CA ARG A 288 0.06 -18.87 32.02
C ARG A 288 1.00 -19.86 31.30
N VAL A 289 0.42 -20.61 30.39
CA VAL A 289 1.18 -21.55 29.57
C VAL A 289 0.45 -21.69 28.21
N THR A 290 1.19 -21.85 27.14
CA THR A 290 0.60 -22.03 25.83
C THR A 290 1.07 -23.32 25.25
N LEU A 291 0.14 -24.19 24.97
CA LEU A 291 0.39 -25.52 24.43
C LEU A 291 0.18 -25.43 22.94
N ARG A 292 1.03 -26.04 22.14
CA ARG A 292 0.90 -25.99 20.69
C ARG A 292 0.87 -27.44 20.20
N LEU A 293 -0.23 -27.85 19.57
CA LEU A 293 -0.48 -29.21 19.10
C LEU A 293 -0.49 -29.22 17.58
N ASN A 294 0.26 -30.08 16.99
CA ASN A 294 0.23 -30.18 15.52
C ASN A 294 -0.87 -31.12 15.14
N VAL A 295 -1.65 -30.76 14.11
CA VAL A 295 -2.73 -31.64 13.68
C VAL A 295 -2.65 -31.77 12.17
N GLU A 296 -2.40 -32.95 11.66
CA GLU A 296 -2.30 -33.18 10.23
C GLU A 296 -3.64 -33.46 9.58
N ASN A 297 -3.86 -32.85 8.42
CA ASN A 297 -5.11 -33.07 7.66
C ASN A 297 -6.34 -32.90 8.56
N PRO A 298 -6.46 -31.79 9.24
CA PRO A 298 -7.58 -31.61 10.12
C PRO A 298 -8.88 -31.66 9.32
N LYS A 299 -9.95 -32.16 9.95
CA LYS A 299 -11.33 -32.12 9.41
C LYS A 299 -11.81 -30.72 9.71
N LEU A 300 -12.13 -29.97 8.67
CA LEU A 300 -12.44 -28.56 8.87
C LEU A 300 -13.91 -28.29 9.23
N TRP A 301 -14.16 -27.23 10.02
CA TRP A 301 -15.49 -26.89 10.33
C TRP A 301 -16.02 -25.88 9.37
N SER A 302 -17.32 -26.07 9.01
CA SER A 302 -18.02 -25.04 8.26
C SER A 302 -19.50 -25.22 8.58
N ALA A 303 -20.41 -24.32 8.11
CA ALA A 303 -21.84 -24.55 8.33
C ALA A 303 -22.30 -25.73 7.47
N GLU A 304 -21.64 -25.97 6.32
CA GLU A 304 -21.92 -27.09 5.49
C GLU A 304 -21.64 -28.45 6.16
N ILE A 305 -20.47 -28.58 6.80
CA ILE A 305 -20.07 -29.84 7.52
C ILE A 305 -19.40 -29.37 8.81
N PRO A 306 -20.19 -29.34 9.88
CA PRO A 306 -19.68 -28.80 11.14
C PRO A 306 -18.81 -29.81 11.91
N ASN A 307 -17.72 -30.22 11.29
CA ASN A 307 -16.79 -31.14 11.96
C ASN A 307 -16.27 -30.48 13.23
N LEU A 308 -16.25 -31.24 14.35
CA LEU A 308 -15.75 -30.70 15.60
C LEU A 308 -14.84 -31.72 16.23
N TYR A 309 -13.86 -31.16 16.95
CA TYR A 309 -13.00 -31.97 17.79
C TYR A 309 -13.33 -31.57 19.21
N ARG A 310 -12.80 -32.30 20.22
CA ARG A 310 -13.03 -31.88 21.63
C ARG A 310 -11.65 -31.60 22.24
N ALA A 311 -11.43 -30.42 22.86
CA ALA A 311 -10.16 -30.15 23.49
C ALA A 311 -10.46 -30.25 24.99
N VAL A 312 -9.64 -31.04 25.69
CA VAL A 312 -9.79 -31.15 27.14
C VAL A 312 -8.54 -30.50 27.78
N VAL A 313 -8.78 -29.57 28.72
CA VAL A 313 -7.72 -28.82 29.34
C VAL A 313 -7.63 -29.31 30.77
N GLU A 314 -6.55 -30.07 31.06
CA GLU A 314 -6.42 -30.63 32.39
C GLU A 314 -5.35 -29.81 33.16
N LEU A 315 -5.71 -29.34 34.37
CA LEU A 315 -4.80 -28.71 35.30
C LEU A 315 -4.40 -29.78 36.26
N HIS A 316 -3.12 -30.08 36.35
CA HIS A 316 -2.78 -31.21 37.20
C HIS A 316 -1.37 -31.10 37.79
N THR A 317 -1.05 -31.96 38.80
CA THR A 317 0.30 -31.97 39.26
C THR A 317 1.09 -32.81 38.27
N ALA A 318 2.37 -32.56 38.14
CA ALA A 318 3.17 -33.32 37.22
C ALA A 318 3.10 -34.84 37.42
N ASP A 319 3.06 -35.21 38.70
CA ASP A 319 3.01 -36.63 39.07
C ASP A 319 1.67 -37.29 38.90
N GLY A 320 0.68 -36.57 38.36
CA GLY A 320 -0.53 -37.25 37.95
C GLY A 320 -1.86 -36.92 38.64
N THR A 321 -1.92 -35.93 39.55
CA THR A 321 -3.22 -35.65 40.19
C THR A 321 -3.97 -34.59 39.38
N LEU A 322 -5.15 -34.95 38.86
CA LEU A 322 -5.91 -33.93 38.15
C LEU A 322 -6.54 -33.05 39.23
N ILE A 323 -6.35 -31.75 39.07
CA ILE A 323 -6.93 -30.77 39.97
C ILE A 323 -8.30 -30.48 39.43
N GLU A 324 -8.40 -30.05 38.16
CA GLU A 324 -9.71 -29.86 37.54
C GLU A 324 -9.51 -29.86 36.03
N ALA A 325 -10.58 -30.13 35.31
CA ALA A 325 -10.51 -30.07 33.85
C ALA A 325 -11.64 -29.18 33.36
N GLU A 326 -11.36 -28.43 32.28
CA GLU A 326 -12.36 -27.64 31.55
C GLU A 326 -12.26 -28.15 30.09
N ALA A 327 -13.16 -27.74 29.19
CA ALA A 327 -13.06 -28.35 27.84
C ALA A 327 -13.95 -27.56 26.90
N CYS A 328 -13.76 -27.75 25.61
CA CYS A 328 -14.66 -27.10 24.68
C CYS A 328 -14.66 -27.89 23.36
N ASP A 329 -15.68 -27.62 22.53
CA ASP A 329 -15.72 -28.15 21.18
C ASP A 329 -14.81 -27.22 20.38
N VAL A 330 -14.00 -27.81 19.47
CA VAL A 330 -13.16 -27.01 18.64
C VAL A 330 -13.53 -27.21 17.19
N GLY A 331 -13.64 -26.13 16.44
CA GLY A 331 -13.86 -26.29 15.00
C GLY A 331 -12.66 -25.68 14.27
N PHE A 332 -11.97 -26.47 13.47
CA PHE A 332 -10.84 -25.97 12.75
C PHE A 332 -11.31 -25.14 11.57
N ARG A 333 -11.18 -23.83 11.66
CA ARG A 333 -11.53 -23.03 10.51
C ARG A 333 -10.76 -21.76 10.62
N GLU A 334 -10.45 -21.15 9.48
CA GLU A 334 -9.82 -19.86 9.42
C GLU A 334 -10.84 -18.86 8.79
N VAL A 335 -10.97 -17.68 9.38
CA VAL A 335 -11.84 -16.66 8.83
C VAL A 335 -10.94 -15.49 8.47
N ARG A 336 -10.94 -15.02 7.17
CA ARG A 336 -10.08 -13.88 6.90
C ARG A 336 -10.62 -13.09 5.74
N ILE A 337 -10.30 -11.82 5.70
CA ILE A 337 -10.74 -11.00 4.54
C ILE A 337 -9.48 -10.77 3.71
N GLU A 338 -9.55 -11.11 2.44
CA GLU A 338 -8.36 -10.99 1.61
C GLU A 338 -8.74 -10.51 0.26
N ASN A 339 -8.12 -9.47 -0.17
CA ASN A 339 -8.47 -8.91 -1.47
C ASN A 339 -9.94 -8.53 -1.59
N GLY A 340 -10.54 -8.08 -0.46
CA GLY A 340 -11.91 -7.59 -0.53
C GLY A 340 -12.96 -8.62 -0.30
N LEU A 341 -12.54 -9.89 -0.06
CA LEU A 341 -13.49 -10.98 0.13
C LEU A 341 -13.37 -11.59 1.50
N LEU A 342 -14.51 -11.93 2.11
CA LEU A 342 -14.51 -12.69 3.36
C LEU A 342 -14.39 -14.15 2.99
N LEU A 343 -13.31 -14.78 3.48
CA LEU A 343 -13.07 -16.19 3.18
C LEU A 343 -13.17 -17.06 4.41
N LEU A 344 -13.72 -18.26 4.20
CA LEU A 344 -13.75 -19.24 5.27
C LEU A 344 -13.00 -20.43 4.73
N ASN A 345 -11.94 -20.81 5.43
CA ASN A 345 -11.12 -21.90 4.94
C ASN A 345 -10.68 -21.66 3.48
N GLY A 346 -10.44 -20.40 3.15
CA GLY A 346 -9.89 -20.01 1.86
C GLY A 346 -10.92 -19.80 0.78
N LYS A 347 -12.21 -20.01 1.06
CA LYS A 347 -13.18 -19.89 -0.02
C LYS A 347 -14.13 -18.78 0.35
N PRO A 348 -14.63 -18.07 -0.62
CA PRO A 348 -15.50 -16.95 -0.33
C PRO A 348 -16.92 -17.30 0.12
N LEU A 349 -17.38 -16.78 1.23
CA LEU A 349 -18.69 -17.17 1.73
C LEU A 349 -19.81 -16.48 1.02
N LEU A 350 -20.97 -17.12 1.05
CA LEU A 350 -22.16 -16.44 0.56
C LEU A 350 -23.13 -16.59 1.72
N ILE A 351 -23.34 -15.48 2.46
CA ILE A 351 -24.12 -15.49 3.69
C ILE A 351 -25.60 -15.49 3.43
N ARG A 352 -26.23 -16.61 3.78
CA ARG A 352 -27.68 -16.77 3.68
C ARG A 352 -28.13 -16.61 5.13
N GLY A 353 -28.19 -15.33 5.58
CA GLY A 353 -28.38 -15.08 6.96
C GLY A 353 -29.74 -14.59 7.39
N VAL A 354 -29.93 -14.58 8.71
CA VAL A 354 -31.14 -13.97 9.25
C VAL A 354 -30.77 -13.40 10.62
N ASN A 355 -31.39 -12.26 11.02
CA ASN A 355 -31.23 -11.73 12.38
C ASN A 355 -32.22 -12.45 13.26
N ARG A 356 -31.84 -12.91 14.45
CA ARG A 356 -32.85 -13.60 15.26
C ARG A 356 -32.78 -13.03 16.68
N HIS A 357 -33.90 -12.51 17.14
CA HIS A 357 -34.02 -12.05 18.54
C HIS A 357 -34.38 -13.26 19.38
N GLU A 358 -34.19 -13.17 20.70
CA GLU A 358 -34.58 -14.29 21.61
C GLU A 358 -35.97 -13.90 22.11
N HIS A 359 -36.98 -14.59 21.52
CA HIS A 359 -38.37 -14.18 21.83
C HIS A 359 -39.25 -15.42 21.81
N HIS A 360 -40.14 -15.52 22.81
CA HIS A 360 -41.10 -16.62 22.89
C HIS A 360 -42.41 -15.91 23.29
N PRO A 361 -43.52 -16.29 22.63
CA PRO A 361 -44.79 -15.54 22.83
C PRO A 361 -45.39 -15.73 24.21
N LEU A 362 -44.99 -16.84 24.85
CA LEU A 362 -45.49 -17.06 26.21
C LEU A 362 -44.45 -16.70 27.28
N HIS A 363 -43.16 -17.03 27.02
CA HIS A 363 -42.12 -16.80 28.06
C HIS A 363 -41.33 -15.55 27.89
N GLY A 364 -41.67 -14.75 26.90
CA GLY A 364 -40.94 -13.48 26.76
C GLY A 364 -39.53 -13.61 26.21
N GLN A 365 -38.60 -13.24 27.00
CA GLN A 365 -37.21 -13.27 26.49
C GLN A 365 -36.37 -14.42 27.10
N VAL A 366 -37.09 -15.31 27.79
CA VAL A 366 -36.51 -16.51 28.33
C VAL A 366 -36.36 -17.53 27.21
N MET A 367 -35.17 -18.11 27.03
CA MET A 367 -34.95 -19.06 25.98
C MET A 367 -34.80 -20.45 26.53
N ASP A 368 -35.21 -21.42 25.75
CA ASP A 368 -35.10 -22.80 26.17
C ASP A 368 -34.54 -23.62 25.03
N GLU A 369 -34.00 -24.78 25.34
CA GLU A 369 -33.36 -25.61 24.36
C GLU A 369 -34.29 -26.01 23.26
N GLN A 370 -35.53 -26.36 23.66
CA GLN A 370 -36.43 -26.83 22.63
C GLN A 370 -36.69 -25.77 21.57
N THR A 371 -36.96 -24.55 22.02
CA THR A 371 -37.22 -23.49 21.06
C THR A 371 -35.98 -23.21 20.22
N MET A 372 -34.83 -23.20 20.86
CA MET A 372 -33.62 -22.91 20.06
C MET A 372 -33.45 -23.97 18.99
N VAL A 373 -33.57 -25.25 19.38
CA VAL A 373 -33.43 -26.33 18.41
C VAL A 373 -34.45 -26.19 17.26
N GLN A 374 -35.68 -25.88 17.66
CA GLN A 374 -36.71 -25.70 16.65
C GLN A 374 -36.30 -24.58 15.67
N ASP A 375 -35.78 -23.44 16.18
CA ASP A 375 -35.40 -22.40 15.27
C ASP A 375 -34.27 -22.87 14.39
N ILE A 376 -33.23 -23.50 14.95
CA ILE A 376 -32.10 -23.91 14.09
C ILE A 376 -32.51 -24.89 13.03
N LEU A 377 -33.39 -25.89 13.40
CA LEU A 377 -33.83 -26.81 12.36
C LEU A 377 -34.57 -26.08 11.23
N LEU A 378 -35.52 -25.23 11.61
CA LEU A 378 -36.24 -24.53 10.55
C LEU A 378 -35.32 -23.64 9.71
N MET A 379 -34.29 -23.03 10.38
CA MET A 379 -33.40 -22.17 9.59
C MET A 379 -32.64 -23.00 8.58
N LYS A 380 -32.05 -24.10 9.01
CA LYS A 380 -31.33 -24.90 8.08
C LYS A 380 -32.26 -25.53 7.00
N GLN A 381 -33.45 -25.94 7.42
CA GLN A 381 -34.37 -26.53 6.48
C GLN A 381 -34.75 -25.51 5.42
N ASN A 382 -34.63 -24.19 5.68
CA ASN A 382 -35.00 -23.13 4.78
C ASN A 382 -33.78 -22.47 4.19
N ASN A 383 -32.69 -23.23 4.15
CA ASN A 383 -31.47 -22.80 3.42
C ASN A 383 -30.74 -21.58 4.00
N PHE A 384 -30.91 -21.36 5.31
CA PHE A 384 -30.06 -20.31 5.94
C PHE A 384 -28.80 -21.03 6.42
N ASN A 385 -27.71 -20.31 6.40
CA ASN A 385 -26.41 -20.82 6.94
C ASN A 385 -25.81 -19.88 7.99
N ALA A 386 -26.55 -18.80 8.38
CA ALA A 386 -25.90 -17.80 9.24
C ALA A 386 -26.92 -17.05 10.03
N VAL A 387 -26.51 -16.60 11.20
CA VAL A 387 -27.44 -15.89 12.08
C VAL A 387 -26.68 -14.74 12.76
N ARG A 388 -27.37 -13.58 12.87
CA ARG A 388 -26.77 -12.46 13.60
C ARG A 388 -27.55 -12.34 14.92
N CYS A 389 -26.82 -12.23 16.02
CA CYS A 389 -27.41 -12.12 17.39
C CYS A 389 -27.88 -10.71 17.56
N SER A 390 -28.97 -10.35 16.86
CA SER A 390 -29.47 -9.00 16.96
C SER A 390 -30.13 -8.89 18.37
N HIS A 391 -29.68 -7.98 19.25
CA HIS A 391 -28.51 -7.13 19.15
C HIS A 391 -27.78 -7.23 20.50
N TYR A 392 -27.33 -8.46 20.79
CA TYR A 392 -26.72 -8.68 22.10
C TYR A 392 -26.23 -10.09 22.17
N PRO A 393 -25.35 -10.39 23.12
CA PRO A 393 -24.93 -11.76 23.32
C PRO A 393 -26.14 -12.62 23.67
N ASN A 394 -26.16 -13.85 23.14
CA ASN A 394 -27.23 -14.76 23.33
C ASN A 394 -27.01 -15.68 24.55
N HIS A 395 -28.07 -16.41 24.89
CA HIS A 395 -28.02 -17.44 25.92
C HIS A 395 -26.87 -18.36 25.47
N PRO A 396 -26.09 -18.87 26.41
CA PRO A 396 -24.93 -19.66 26.07
C PRO A 396 -25.19 -20.86 25.22
N LEU A 397 -26.30 -21.53 25.43
CA LEU A 397 -26.53 -22.75 24.65
C LEU A 397 -26.67 -22.46 23.16
N TRP A 398 -27.06 -21.23 22.80
CA TRP A 398 -27.23 -20.96 21.39
C TRP A 398 -25.95 -21.29 20.62
N TYR A 399 -24.80 -20.81 21.19
CA TYR A 399 -23.49 -21.01 20.49
C TYR A 399 -23.15 -22.47 20.32
N THR A 400 -23.38 -23.23 21.39
CA THR A 400 -23.12 -24.66 21.34
C THR A 400 -23.90 -25.29 20.22
N LEU A 401 -25.17 -24.91 20.10
CA LEU A 401 -26.06 -25.48 19.05
C LEU A 401 -25.54 -25.01 17.67
N CYS A 402 -25.14 -23.75 17.51
CA CYS A 402 -24.66 -23.35 16.20
C CYS A 402 -23.31 -24.05 15.89
N ASP A 403 -22.45 -24.29 16.90
CA ASP A 403 -21.24 -25.02 16.64
C ASP A 403 -21.57 -26.44 16.16
N ARG A 404 -22.57 -27.06 16.80
CA ARG A 404 -22.82 -28.47 16.46
C ARG A 404 -23.69 -28.72 15.22
N TYR A 405 -24.72 -27.87 15.06
CA TYR A 405 -25.59 -28.05 13.88
C TYR A 405 -24.96 -27.36 12.66
N GLY A 406 -24.14 -26.29 12.94
CA GLY A 406 -23.49 -25.61 11.79
C GLY A 406 -24.24 -24.38 11.25
N LEU A 407 -23.98 -23.25 11.86
CA LEU A 407 -24.47 -21.96 11.37
C LEU A 407 -23.31 -20.99 11.67
N TYR A 408 -23.02 -20.05 10.73
CA TYR A 408 -22.06 -19.00 11.01
C TYR A 408 -22.75 -17.97 11.88
N VAL A 409 -22.05 -17.42 12.88
CA VAL A 409 -22.70 -16.46 13.80
C VAL A 409 -21.98 -15.13 13.88
N VAL A 410 -22.77 -14.05 13.87
CA VAL A 410 -22.20 -12.79 14.15
C VAL A 410 -22.59 -12.53 15.62
N ASP A 411 -21.60 -12.45 16.52
CA ASP A 411 -21.87 -12.21 17.98
C ASP A 411 -21.73 -10.72 18.20
N GLU A 412 -22.76 -10.16 18.80
CA GLU A 412 -22.92 -8.70 18.91
C GLU A 412 -23.00 -8.18 20.33
N ALA A 413 -22.24 -7.12 20.60
CA ALA A 413 -22.25 -6.54 21.94
C ALA A 413 -23.59 -5.93 22.24
N ASN A 414 -23.97 -5.97 23.53
CA ASN A 414 -25.25 -5.40 23.95
C ASN A 414 -25.10 -3.90 24.10
N ILE A 415 -25.00 -3.20 22.92
CA ILE A 415 -24.90 -1.75 22.95
C ILE A 415 -25.77 -1.17 21.87
N GLU A 416 -26.88 -0.54 22.27
CA GLU A 416 -27.71 0.14 21.26
C GLU A 416 -28.26 1.44 21.89
N THR A 417 -27.98 2.59 21.28
CA THR A 417 -28.42 3.88 21.83
C THR A 417 -29.20 4.65 20.74
N HIS A 418 -30.05 3.93 20.07
CA HIS A 418 -30.77 4.49 18.92
C HIS A 418 -31.52 5.80 19.21
N GLY A 419 -32.13 5.89 20.41
CA GLY A 419 -32.97 7.01 20.72
C GLY A 419 -32.23 8.26 21.03
N MET A 420 -30.89 8.23 21.11
CA MET A 420 -30.16 9.48 21.43
C MET A 420 -30.22 10.43 20.23
N VAL A 421 -30.05 11.73 20.51
CA VAL A 421 -29.99 12.69 19.40
C VAL A 421 -28.69 13.51 19.61
N PRO A 422 -27.75 13.45 18.67
CA PRO A 422 -27.66 12.56 17.48
C PRO A 422 -27.38 11.15 18.03
N MET A 423 -27.42 10.14 17.16
CA MET A 423 -27.38 8.78 17.66
C MET A 423 -26.06 8.47 18.40
N ASN A 424 -24.98 9.16 18.03
CA ASN A 424 -23.68 8.87 18.70
C ASN A 424 -23.44 9.71 19.96
N ARG A 425 -24.46 10.37 20.50
CA ARG A 425 -24.15 11.25 21.65
C ARG A 425 -23.40 10.57 22.80
N LEU A 426 -23.77 9.33 23.13
CA LEU A 426 -23.04 8.60 24.19
C LEU A 426 -21.79 7.87 23.65
N THR A 427 -21.87 7.28 22.45
CA THR A 427 -20.73 6.53 21.96
C THR A 427 -19.54 7.36 21.57
N ASP A 428 -19.74 8.66 21.40
CA ASP A 428 -18.62 9.58 21.14
C ASP A 428 -18.08 10.21 22.43
N ASP A 429 -18.72 9.89 23.60
CA ASP A 429 -18.42 10.53 24.90
C ASP A 429 -17.55 9.58 25.71
N PRO A 430 -16.35 10.08 26.06
CA PRO A 430 -15.41 9.23 26.75
C PRO A 430 -15.91 8.77 28.09
N ARG A 431 -16.88 9.47 28.61
CA ARG A 431 -17.39 9.06 29.88
C ARG A 431 -18.19 7.78 29.82
N TRP A 432 -18.61 7.41 28.62
CA TRP A 432 -19.35 6.20 28.43
C TRP A 432 -18.42 5.14 27.87
N LEU A 433 -17.14 5.38 27.75
CA LEU A 433 -16.27 4.33 27.22
C LEU A 433 -16.17 3.15 28.16
N PRO A 434 -16.09 3.38 29.47
CA PRO A 434 -15.97 2.23 30.37
C PRO A 434 -17.18 1.28 30.33
N ALA A 435 -18.42 1.85 30.31
CA ALA A 435 -19.61 0.97 30.25
C ALA A 435 -19.63 0.25 28.92
N MET A 436 -19.33 0.98 27.82
CA MET A 436 -19.32 0.31 26.54
C MET A 436 -18.24 -0.76 26.48
N SER A 437 -17.05 -0.44 27.03
CA SER A 437 -15.98 -1.38 26.94
C SER A 437 -16.35 -2.72 27.53
N GLU A 438 -17.01 -2.68 28.68
CA GLU A 438 -17.36 -3.98 29.31
C GLU A 438 -18.30 -4.82 28.47
N ARG A 439 -19.20 -4.15 27.73
CA ARG A 439 -20.16 -4.89 26.91
C ARG A 439 -19.43 -5.62 25.76
N VAL A 440 -18.37 -5.00 25.23
CA VAL A 440 -17.61 -5.65 24.19
C VAL A 440 -16.62 -6.63 24.77
N THR A 441 -15.82 -6.19 25.76
CA THR A 441 -14.76 -7.11 26.17
C THR A 441 -15.25 -8.35 26.86
N ARG A 442 -16.31 -8.23 27.67
CA ARG A 442 -16.79 -9.45 28.38
C ARG A 442 -17.44 -10.42 27.43
N MET A 443 -17.97 -9.90 26.29
CA MET A 443 -18.55 -10.79 25.26
C MET A 443 -17.42 -11.59 24.64
N VAL A 444 -16.36 -10.92 24.22
CA VAL A 444 -15.28 -11.65 23.56
C VAL A 444 -14.68 -12.61 24.58
N GLN A 445 -14.54 -12.20 25.85
CA GLN A 445 -13.94 -13.18 26.79
C GLN A 445 -14.79 -14.42 26.99
N ARG A 446 -16.10 -14.31 26.80
CA ARG A 446 -16.98 -15.46 26.97
C ARG A 446 -17.06 -16.36 25.77
N ASP A 447 -17.08 -15.75 24.57
CA ASP A 447 -17.49 -16.53 23.40
C ASP A 447 -16.41 -16.76 22.36
N ARG A 448 -15.18 -16.36 22.68
CA ARG A 448 -14.10 -16.47 21.73
C ARG A 448 -13.67 -17.87 21.33
N ASN A 449 -14.02 -18.89 22.11
CA ASN A 449 -13.59 -20.21 21.66
C ASN A 449 -14.67 -20.94 20.82
N HIS A 450 -15.81 -20.32 20.52
CA HIS A 450 -16.83 -21.05 19.73
C HIS A 450 -16.53 -20.91 18.26
N PRO A 451 -16.36 -22.02 17.53
CA PRO A 451 -16.09 -21.93 16.08
C PRO A 451 -17.23 -21.29 15.33
N SER A 452 -18.46 -21.42 15.82
CA SER A 452 -19.58 -20.83 15.04
C SER A 452 -19.46 -19.32 14.96
N VAL A 453 -18.88 -18.67 15.98
CA VAL A 453 -18.75 -17.20 15.88
C VAL A 453 -17.67 -16.88 14.89
N ILE A 454 -18.00 -16.19 13.79
CA ILE A 454 -16.98 -15.90 12.78
C ILE A 454 -16.73 -14.41 12.68
N ILE A 455 -17.63 -13.58 13.21
CA ILE A 455 -17.48 -12.14 13.10
C ILE A 455 -17.94 -11.51 14.41
N TRP A 456 -17.21 -10.49 14.92
CA TRP A 456 -17.67 -9.80 16.14
C TRP A 456 -18.37 -8.51 15.69
N SER A 457 -19.42 -8.09 16.33
CA SER A 457 -20.05 -6.80 16.00
C SER A 457 -20.04 -5.93 17.23
N LEU A 458 -19.85 -4.63 17.05
CA LEU A 458 -19.75 -3.68 18.18
C LEU A 458 -21.06 -3.22 18.77
N GLY A 459 -22.16 -3.78 18.26
CA GLY A 459 -23.47 -3.36 18.81
C GLY A 459 -24.37 -2.92 17.63
N ASN A 460 -25.36 -2.05 17.89
CA ASN A 460 -26.26 -1.71 16.78
C ASN A 460 -26.80 -0.30 17.01
N GLU A 461 -27.05 0.41 15.88
CA GLU A 461 -27.73 1.69 15.96
C GLU A 461 -27.35 2.55 17.16
N SER A 462 -26.04 2.88 17.17
CA SER A 462 -25.47 3.79 18.19
C SER A 462 -24.62 4.85 17.49
N GLY A 463 -24.92 5.18 16.24
CA GLY A 463 -24.12 6.16 15.49
C GLY A 463 -22.68 5.64 15.35
N HIS A 464 -21.73 6.58 15.09
CA HIS A 464 -20.31 6.20 15.10
C HIS A 464 -19.61 7.14 16.00
N GLY A 465 -19.07 6.63 17.08
CA GLY A 465 -18.34 7.47 18.06
C GLY A 465 -16.88 6.99 18.24
N ALA A 466 -16.06 7.90 18.82
CA ALA A 466 -14.68 7.45 19.03
C ALA A 466 -14.59 6.19 19.92
N ASN A 467 -15.59 5.93 20.82
CA ASN A 467 -15.54 4.75 21.63
C ASN A 467 -15.60 3.52 20.73
N HIS A 468 -16.30 3.60 19.60
CA HIS A 468 -16.35 2.43 18.72
C HIS A 468 -14.98 2.20 18.12
N ASP A 469 -14.26 3.31 17.78
CA ASP A 469 -12.91 3.11 17.20
C ASP A 469 -11.98 2.46 18.21
N ALA A 470 -12.07 2.87 19.46
CA ALA A 470 -11.18 2.31 20.47
C ALA A 470 -11.47 0.81 20.65
N LEU A 471 -12.75 0.47 20.68
CA LEU A 471 -13.14 -0.92 20.89
C LEU A 471 -12.92 -1.83 19.67
N TYR A 472 -13.10 -1.26 18.47
CA TYR A 472 -12.74 -2.03 17.28
C TYR A 472 -11.28 -2.48 17.42
N ARG A 473 -10.42 -1.51 17.82
CA ARG A 473 -8.99 -1.81 17.91
C ARG A 473 -8.71 -2.80 18.98
N TRP A 474 -9.42 -2.70 20.08
CA TRP A 474 -9.20 -3.65 21.14
C TRP A 474 -9.45 -5.03 20.67
N ILE A 475 -10.57 -5.24 19.98
CA ILE A 475 -10.81 -6.63 19.54
C ILE A 475 -9.76 -7.08 18.52
N LYS A 476 -9.44 -6.18 17.60
CA LYS A 476 -8.46 -6.56 16.59
C LYS A 476 -7.13 -6.95 17.26
N SER A 477 -6.78 -6.35 18.38
CA SER A 477 -5.55 -6.76 19.10
C SER A 477 -5.67 -8.07 19.81
N VAL A 478 -6.80 -8.22 20.53
CA VAL A 478 -6.94 -9.41 21.34
C VAL A 478 -7.31 -10.66 20.54
N ASP A 479 -8.02 -10.47 19.44
CA ASP A 479 -8.47 -11.63 18.69
C ASP A 479 -8.36 -11.37 17.22
N PRO A 480 -7.25 -11.64 16.68
CA PRO A 480 -7.07 -11.41 15.27
C PRO A 480 -7.75 -12.45 14.37
N SER A 481 -8.38 -13.46 14.96
CA SER A 481 -8.95 -14.52 14.13
C SER A 481 -10.28 -14.19 13.50
N ARG A 482 -10.91 -13.07 13.86
CA ARG A 482 -12.23 -12.81 13.28
C ARG A 482 -12.36 -11.33 12.92
N PRO A 483 -12.99 -11.03 11.82
CA PRO A 483 -13.23 -9.65 11.44
C PRO A 483 -14.20 -9.01 12.42
N VAL A 484 -14.13 -7.68 12.47
CA VAL A 484 -15.07 -6.92 13.32
C VAL A 484 -15.92 -6.08 12.39
N GLN A 485 -17.24 -6.07 12.67
CA GLN A 485 -18.10 -5.21 11.83
C GLN A 485 -18.95 -4.33 12.73
N TYR A 486 -19.54 -3.28 12.15
CA TYR A 486 -20.41 -2.37 12.92
C TYR A 486 -21.01 -1.42 11.86
N GLU A 487 -22.37 -1.31 11.90
CA GLU A 487 -23.06 -0.52 10.88
C GLU A 487 -23.26 0.94 11.20
N GLY A 488 -23.15 1.35 12.48
CA GLY A 488 -23.50 2.73 12.84
C GLY A 488 -22.67 3.75 12.13
N GLY A 489 -23.30 4.91 11.93
CA GLY A 489 -22.56 6.01 11.31
C GLY A 489 -22.31 5.87 9.81
N GLY A 490 -23.12 5.08 9.13
CA GLY A 490 -22.97 5.03 7.69
C GLY A 490 -22.50 3.73 7.08
N ALA A 491 -22.27 2.74 7.93
CA ALA A 491 -22.00 1.33 7.53
C ALA A 491 -20.65 1.04 6.88
N ASP A 492 -19.83 2.08 6.71
CA ASP A 492 -18.54 1.89 6.05
C ASP A 492 -17.50 2.76 6.76
N THR A 493 -17.68 2.95 8.08
CA THR A 493 -16.75 3.75 8.89
C THR A 493 -15.46 2.98 9.19
N THR A 494 -14.55 3.68 9.92
CA THR A 494 -13.29 3.09 10.28
C THR A 494 -13.47 2.07 11.35
N ALA A 495 -14.69 1.88 11.83
CA ALA A 495 -14.87 0.88 12.83
C ALA A 495 -15.44 -0.43 12.29
N THR A 496 -15.30 -0.68 10.96
CA THR A 496 -15.83 -1.95 10.43
C THR A 496 -14.97 -2.48 9.32
N ASP A 497 -14.75 -3.77 9.40
CA ASP A 497 -13.97 -4.43 8.30
C ASP A 497 -14.88 -4.82 7.11
N ILE A 498 -16.24 -4.72 7.31
CA ILE A 498 -17.21 -5.14 6.28
C ILE A 498 -18.23 -4.05 6.08
N ILE A 499 -18.49 -3.70 4.81
CA ILE A 499 -19.50 -2.66 4.63
C ILE A 499 -20.80 -3.39 4.98
N CYS A 500 -21.52 -2.93 5.98
CA CYS A 500 -22.63 -3.77 6.45
C CYS A 500 -23.92 -2.97 6.67
N PRO A 501 -24.44 -2.38 5.63
CA PRO A 501 -25.60 -1.57 5.73
C PRO A 501 -26.85 -2.33 6.09
N MET A 502 -27.86 -1.54 6.55
CA MET A 502 -29.20 -2.08 6.82
C MET A 502 -30.17 -1.44 5.81
N TYR A 503 -30.84 -2.33 5.08
CA TYR A 503 -31.87 -1.92 4.15
C TYR A 503 -31.38 -1.10 2.96
N ALA A 504 -30.10 -1.18 2.63
CA ALA A 504 -29.67 -0.60 1.38
C ALA A 504 -30.33 -1.43 0.27
N ARG A 505 -30.79 -0.74 -0.80
CA ARG A 505 -31.48 -1.39 -1.88
C ARG A 505 -30.47 -1.89 -2.92
N VAL A 506 -30.97 -2.71 -3.85
CA VAL A 506 -30.04 -3.32 -4.81
C VAL A 506 -29.54 -2.35 -5.86
N ASP A 507 -30.46 -1.62 -6.45
CA ASP A 507 -30.12 -0.70 -7.51
C ASP A 507 -30.39 0.73 -7.20
N GLU A 508 -31.23 0.99 -6.21
CA GLU A 508 -31.67 2.36 -5.94
C GLU A 508 -30.89 3.01 -4.83
N ASP A 509 -30.32 4.19 -5.14
CA ASP A 509 -29.56 4.88 -4.13
C ASP A 509 -30.51 5.62 -3.24
N GLN A 510 -30.17 5.83 -1.98
CA GLN A 510 -30.99 6.68 -1.08
C GLN A 510 -29.96 7.58 -0.37
N PRO A 511 -29.69 8.70 -1.00
CA PRO A 511 -28.56 9.56 -0.54
C PRO A 511 -28.86 10.44 0.63
N PHE A 512 -29.23 9.87 1.76
CA PHE A 512 -29.45 10.68 2.95
C PHE A 512 -28.17 11.43 3.28
N PRO A 513 -28.28 12.62 3.82
CA PRO A 513 -27.09 13.38 4.20
C PRO A 513 -26.38 12.66 5.34
N ALA A 514 -25.05 12.71 5.23
CA ALA A 514 -24.15 12.13 6.24
C ALA A 514 -24.07 10.63 6.23
N VAL A 515 -25.24 9.95 6.17
CA VAL A 515 -25.29 8.48 6.22
C VAL A 515 -26.14 7.96 5.07
N PRO A 516 -25.64 8.20 3.83
CA PRO A 516 -26.44 7.75 2.66
C PRO A 516 -26.52 6.21 2.63
N LYS A 517 -27.57 5.67 2.01
CA LYS A 517 -27.68 4.21 1.83
C LYS A 517 -27.55 4.02 0.34
N TRP A 518 -26.32 3.86 -0.13
CA TRP A 518 -26.16 3.64 -1.57
C TRP A 518 -26.72 2.27 -2.03
N SER A 519 -27.07 2.13 -3.34
CA SER A 519 -27.36 0.86 -3.95
C SER A 519 -26.16 0.00 -3.53
N ILE A 520 -26.36 -1.29 -3.15
CA ILE A 520 -25.20 -2.08 -2.76
C ILE A 520 -24.21 -2.31 -3.89
N LYS A 521 -24.71 -2.38 -5.14
CA LYS A 521 -23.77 -2.58 -6.26
C LYS A 521 -22.87 -1.35 -6.43
N LYS A 522 -23.45 -0.15 -6.26
CA LYS A 522 -22.67 1.08 -6.40
C LYS A 522 -21.73 1.28 -5.22
N TRP A 523 -22.20 0.88 -4.00
CA TRP A 523 -21.38 1.11 -2.82
C TRP A 523 -20.02 0.41 -2.94
N LEU A 524 -19.98 -0.82 -3.47
CA LEU A 524 -18.72 -1.54 -3.52
C LEU A 524 -17.64 -0.80 -4.25
N SER A 525 -18.03 -0.01 -5.28
CA SER A 525 -17.00 0.57 -6.14
C SER A 525 -16.77 2.05 -5.93
N LEU A 526 -17.27 2.61 -4.82
CA LEU A 526 -17.00 4.04 -4.57
C LEU A 526 -15.50 4.20 -4.53
N PRO A 527 -15.03 5.36 -4.96
CA PRO A 527 -13.58 5.63 -5.03
C PRO A 527 -12.89 5.26 -3.75
N GLY A 528 -11.90 4.41 -3.90
CA GLY A 528 -11.10 4.00 -2.73
C GLY A 528 -11.64 2.82 -1.96
N GLU A 529 -12.88 2.39 -2.23
CA GLU A 529 -13.48 1.30 -1.42
C GLU A 529 -13.08 -0.07 -1.87
N THR A 530 -12.74 -0.95 -0.94
CA THR A 530 -12.31 -2.30 -1.32
C THR A 530 -12.91 -3.42 -0.46
N ARG A 531 -13.69 -3.07 0.55
CA ARG A 531 -14.13 -4.10 1.48
C ARG A 531 -15.28 -4.94 0.95
N PRO A 532 -15.51 -6.11 1.55
CA PRO A 532 -16.68 -6.89 1.14
C PRO A 532 -17.93 -6.21 1.72
N LEU A 533 -19.11 -6.46 1.13
CA LEU A 533 -20.35 -5.89 1.63
C LEU A 533 -21.34 -7.04 1.97
N ILE A 534 -21.80 -7.07 3.25
CA ILE A 534 -22.75 -8.10 3.70
C ILE A 534 -23.79 -7.32 4.53
N LEU A 535 -25.06 -7.27 4.05
CA LEU A 535 -26.01 -6.37 4.75
C LEU A 535 -26.22 -6.91 6.14
N CYS A 536 -26.18 -6.07 7.17
CA CYS A 536 -26.44 -6.62 8.53
C CYS A 536 -27.97 -6.82 8.70
N GLN A 537 -28.82 -6.08 7.91
CA GLN A 537 -30.28 -6.29 7.91
C GLN A 537 -30.74 -5.96 6.51
N TYR A 538 -31.58 -6.84 5.92
CA TYR A 538 -32.16 -6.50 4.64
C TYR A 538 -33.46 -7.23 4.50
N ALA A 539 -34.31 -6.74 3.60
CA ALA A 539 -35.63 -7.31 3.44
C ALA A 539 -36.52 -7.48 4.67
C ALA A 539 -36.24 -6.88 4.80
N HIS A 540 -37.14 -6.42 5.01
N HIS A 540 -37.51 -6.77 4.90
CA HIS A 540 -37.99 -6.32 6.21
C HIS A 540 -39.33 -7.08 6.16
N ALA A 541 -39.36 -8.24 6.84
CA ALA A 541 -40.46 -9.13 6.67
C ALA A 541 -41.67 -8.86 7.54
N MET A 542 -42.12 -7.65 7.47
CA MET A 542 -43.23 -7.19 8.27
C MET A 542 -44.54 -7.40 7.54
N GLY A 543 -45.38 -8.30 8.07
CA GLY A 543 -46.64 -8.54 7.36
C GLY A 543 -46.42 -9.16 5.99
N ASN A 544 -47.27 -8.75 5.04
CA ASN A 544 -47.19 -9.34 3.72
C ASN A 544 -46.02 -8.64 3.00
N SER A 545 -44.84 -9.26 3.04
CA SER A 545 -43.66 -8.57 2.56
C SER A 545 -42.68 -9.52 1.88
N LEU A 546 -41.40 -9.10 1.77
CA LEU A 546 -40.36 -9.84 1.02
C LEU A 546 -40.49 -9.59 -0.48
N GLY A 547 -41.27 -8.59 -0.87
CA GLY A 547 -41.31 -8.28 -2.32
C GLY A 547 -39.92 -7.83 -2.71
N GLY A 548 -39.43 -8.27 -3.83
CA GLY A 548 -38.11 -7.85 -4.29
C GLY A 548 -37.00 -8.73 -3.76
N PHE A 549 -37.33 -9.76 -2.98
CA PHE A 549 -36.27 -10.55 -2.41
C PHE A 549 -35.33 -11.12 -3.45
N ALA A 550 -35.85 -11.57 -4.56
CA ALA A 550 -35.01 -12.20 -5.58
C ALA A 550 -33.99 -11.25 -6.16
N LYS A 551 -34.30 -9.94 -6.17
CA LYS A 551 -33.36 -8.97 -6.74
C LYS A 551 -32.04 -9.01 -5.94
N TYR A 552 -32.15 -9.21 -4.59
CA TYR A 552 -30.93 -9.23 -3.79
C TYR A 552 -30.13 -10.42 -4.16
N TRP A 553 -30.74 -11.59 -4.26
CA TRP A 553 -29.96 -12.79 -4.53
C TRP A 553 -29.35 -12.85 -5.90
N GLN A 554 -30.00 -12.26 -6.90
CA GLN A 554 -29.38 -12.20 -8.22
C GLN A 554 -28.10 -11.30 -8.10
N ALA A 555 -28.16 -10.20 -7.37
CA ALA A 555 -26.99 -9.37 -7.23
C ALA A 555 -25.88 -10.11 -6.43
N PHE A 556 -26.26 -10.75 -5.33
CA PHE A 556 -25.26 -11.41 -4.56
C PHE A 556 -24.54 -12.46 -5.44
N ARG A 557 -25.28 -13.20 -6.26
CA ARG A 557 -24.56 -14.21 -7.05
C ARG A 557 -23.75 -13.60 -8.17
N GLN A 558 -24.15 -12.45 -8.68
CA GLN A 558 -23.39 -11.85 -9.74
C GLN A 558 -22.12 -11.12 -9.27
N TYR A 559 -22.12 -10.46 -8.12
CA TYR A 559 -20.97 -9.64 -7.74
C TYR A 559 -20.21 -10.35 -6.64
N PRO A 560 -18.92 -10.65 -6.87
CA PRO A 560 -18.17 -11.38 -5.85
C PRO A 560 -18.24 -10.74 -4.49
N ARG A 561 -17.97 -9.45 -4.41
CA ARG A 561 -17.90 -8.73 -3.16
C ARG A 561 -19.25 -8.51 -2.48
N LEU A 562 -20.33 -8.80 -3.19
CA LEU A 562 -21.62 -8.78 -2.45
C LEU A 562 -21.76 -10.20 -1.87
N GLN A 563 -21.49 -10.36 -0.56
CA GLN A 563 -21.47 -11.68 0.06
C GLN A 563 -22.68 -11.99 0.92
N GLY A 564 -23.78 -11.34 0.61
CA GLY A 564 -25.01 -11.79 1.26
C GLY A 564 -25.53 -10.84 2.25
N GLY A 565 -26.25 -11.41 3.23
CA GLY A 565 -26.84 -10.49 4.21
C GLY A 565 -27.68 -11.27 5.18
N PHE A 566 -28.20 -10.53 6.17
CA PHE A 566 -29.02 -11.14 7.20
C PHE A 566 -30.42 -10.57 7.13
N VAL A 567 -31.40 -11.42 6.79
CA VAL A 567 -32.78 -10.95 6.67
C VAL A 567 -33.27 -10.37 8.01
N TRP A 568 -34.12 -9.30 7.93
CA TRP A 568 -34.72 -8.79 9.14
C TRP A 568 -36.22 -9.17 9.13
N ASP A 569 -36.71 -10.12 9.96
CA ASP A 569 -35.86 -10.89 10.87
C ASP A 569 -36.49 -12.26 10.99
N TRP A 570 -36.06 -13.09 11.92
CA TRP A 570 -36.58 -14.45 11.96
C TRP A 570 -38.02 -14.62 12.50
N VAL A 571 -38.30 -14.11 13.71
CA VAL A 571 -39.59 -14.44 14.36
C VAL A 571 -40.33 -13.21 14.85
N ASP A 572 -41.63 -13.12 14.56
CA ASP A 572 -42.39 -11.98 15.04
C ASP A 572 -42.30 -11.89 16.54
N GLN A 573 -42.19 -10.65 17.09
CA GLN A 573 -42.24 -10.52 18.58
C GLN A 573 -43.66 -10.23 19.01
N SER A 574 -44.59 -11.11 18.69
CA SER A 574 -45.94 -10.93 19.23
C SER A 574 -45.95 -11.73 20.58
N LEU A 575 -46.86 -11.30 21.47
CA LEU A 575 -47.05 -11.93 22.78
C LEU A 575 -48.50 -12.41 22.89
N ILE A 576 -48.68 -13.47 23.63
CA ILE A 576 -50.05 -13.97 23.82
C ILE A 576 -50.77 -13.27 24.95
N LYS A 577 -52.00 -12.89 24.67
CA LYS A 577 -52.93 -12.34 25.65
C LYS A 577 -54.15 -13.26 25.61
N TYR A 578 -55.03 -13.22 26.61
CA TYR A 578 -56.21 -14.09 26.61
C TYR A 578 -57.47 -13.27 26.69
N ASP A 579 -58.50 -13.63 25.90
CA ASP A 579 -59.77 -12.91 25.95
C ASP A 579 -60.64 -13.36 27.11
N GLU A 580 -61.78 -12.72 27.21
CA GLU A 580 -62.73 -13.03 28.28
C GLU A 580 -63.00 -14.51 28.46
N ASN A 581 -63.11 -15.12 27.32
CA ASN A 581 -63.41 -16.53 27.25
C ASN A 581 -62.20 -17.35 27.55
N GLY A 582 -61.08 -16.64 27.63
CA GLY A 582 -59.83 -17.31 27.90
C GLY A 582 -59.12 -17.85 26.68
N ASN A 583 -59.48 -17.42 25.46
CA ASN A 583 -58.77 -17.88 24.26
C ASN A 583 -57.61 -16.93 23.99
N PRO A 584 -56.54 -17.56 23.59
CA PRO A 584 -55.27 -16.85 23.34
C PRO A 584 -55.34 -16.01 22.06
N TRP A 585 -54.66 -14.89 21.99
CA TRP A 585 -54.62 -14.06 20.79
C TRP A 585 -53.30 -13.34 20.79
N SER A 586 -52.81 -13.10 19.58
CA SER A 586 -51.49 -12.48 19.42
C SER A 586 -51.55 -10.98 19.59
N ALA A 587 -50.76 -10.44 20.52
CA ALA A 587 -50.75 -9.00 20.80
C ALA A 587 -49.44 -8.32 20.32
N TYR A 588 -49.52 -7.03 20.01
CA TYR A 588 -48.37 -6.24 19.60
C TYR A 588 -48.31 -4.95 20.42
N GLY A 589 -47.52 -3.97 20.00
CA GLY A 589 -47.32 -2.78 20.80
C GLY A 589 -48.62 -2.05 21.10
N GLY A 590 -48.71 -1.62 22.37
CA GLY A 590 -49.89 -0.88 22.85
C GLY A 590 -50.94 -1.84 23.43
N ASP A 591 -50.82 -3.12 23.17
CA ASP A 591 -51.83 -4.00 23.65
C ASP A 591 -51.76 -4.26 25.16
N PHE A 592 -50.74 -3.69 25.88
CA PHE A 592 -50.64 -3.90 27.31
C PHE A 592 -50.79 -2.55 28.00
N GLY A 593 -51.34 -1.58 27.29
CA GLY A 593 -51.50 -0.24 27.81
C GLY A 593 -50.23 0.63 27.74
N ASP A 594 -49.21 -0.03 27.15
CA ASP A 594 -47.91 0.59 27.02
C ASP A 594 -47.97 1.78 26.08
N THR A 595 -47.46 2.96 26.46
CA THR A 595 -47.54 4.06 25.55
C THR A 595 -46.54 5.06 26.02
N PRO A 596 -45.84 5.69 25.14
CA PRO A 596 -45.97 5.48 23.71
C PRO A 596 -45.57 4.09 23.29
N ASN A 597 -46.02 3.68 22.11
CA ASN A 597 -45.60 2.37 21.62
C ASN A 597 -45.46 2.40 20.11
N ASP A 598 -44.84 1.40 19.51
CA ASP A 598 -44.72 1.37 18.07
C ASP A 598 -45.55 0.27 17.39
N ARG A 599 -46.73 0.02 17.98
CA ARG A 599 -47.74 -0.87 17.38
C ARG A 599 -47.16 -2.17 16.77
N GLN A 600 -47.48 -2.45 15.52
CA GLN A 600 -47.10 -3.73 14.98
C GLN A 600 -45.69 -3.78 14.45
N PHE A 601 -44.87 -2.73 14.69
CA PHE A 601 -43.48 -2.79 14.23
C PHE A 601 -42.65 -3.85 14.96
N CYS A 602 -43.20 -4.48 16.01
CA CYS A 602 -42.47 -5.55 16.65
C CYS A 602 -42.64 -6.88 15.89
N MET A 603 -43.46 -6.92 14.84
CA MET A 603 -43.67 -8.21 14.12
C MET A 603 -43.06 -8.10 12.74
N ASN A 604 -41.85 -8.61 12.61
CA ASN A 604 -41.15 -8.43 11.29
C ASN A 604 -40.60 -9.79 10.81
N GLY A 605 -41.12 -10.90 11.38
CA GLY A 605 -40.45 -12.19 11.15
C GLY A 605 -40.90 -13.00 9.96
N LEU A 606 -39.99 -13.86 9.53
CA LEU A 606 -40.31 -14.87 8.52
C LEU A 606 -41.30 -15.90 9.09
N VAL A 607 -41.29 -16.07 10.42
CA VAL A 607 -42.19 -16.99 11.04
C VAL A 607 -42.95 -16.25 12.08
N PHE A 608 -44.15 -16.76 12.31
CA PHE A 608 -45.05 -16.25 13.40
C PHE A 608 -44.37 -16.57 14.76
N ALA A 609 -44.80 -15.95 15.86
CA ALA A 609 -44.17 -16.23 17.16
C ALA A 609 -44.23 -17.71 17.54
N ASP A 610 -45.22 -18.51 17.08
CA ASP A 610 -45.18 -19.93 17.43
C ASP A 610 -44.47 -20.79 16.44
N ARG A 611 -43.70 -20.14 15.57
CA ARG A 611 -42.83 -20.76 14.61
C ARG A 611 -43.53 -21.27 13.37
N THR A 612 -44.83 -20.95 13.22
CA THR A 612 -45.51 -21.33 11.98
C THR A 612 -44.93 -20.41 10.92
N PRO A 613 -44.65 -20.91 9.72
CA PRO A 613 -44.12 -19.98 8.71
C PRO A 613 -45.11 -18.97 8.18
N HIS A 614 -44.55 -17.82 7.83
CA HIS A 614 -45.29 -16.90 6.99
C HIS A 614 -44.94 -17.35 5.56
N PRO A 615 -45.76 -16.93 4.59
CA PRO A 615 -45.49 -17.32 3.20
C PRO A 615 -44.13 -16.81 2.72
N ALA A 616 -43.63 -15.72 3.28
CA ALA A 616 -42.35 -15.24 2.77
C ALA A 616 -41.18 -16.25 2.98
N LEU A 617 -41.31 -17.13 3.97
CA LEU A 617 -40.23 -18.09 4.26
C LEU A 617 -39.89 -18.94 3.07
N THR A 618 -40.92 -19.39 2.30
CA THR A 618 -40.60 -20.26 1.13
C THR A 618 -39.90 -19.44 0.06
N GLU A 619 -40.17 -18.12 -0.03
CA GLU A 619 -39.45 -17.33 -1.01
C GLU A 619 -37.98 -17.23 -0.59
N ALA A 620 -37.77 -17.09 0.73
CA ALA A 620 -36.33 -17.02 1.13
C ALA A 620 -35.65 -18.38 0.84
N LYS A 621 -36.35 -19.47 1.17
CA LYS A 621 -35.79 -20.82 0.95
C LYS A 621 -35.34 -20.98 -0.47
N HIS A 622 -36.23 -20.62 -1.39
CA HIS A 622 -35.93 -20.83 -2.77
C HIS A 622 -34.78 -19.94 -3.27
N GLN A 623 -34.80 -18.67 -2.88
CA GLN A 623 -33.75 -17.80 -3.41
C GLN A 623 -32.38 -18.17 -2.82
N GLN A 624 -32.42 -18.77 -1.63
CA GLN A 624 -31.17 -19.18 -0.90
C GLN A 624 -30.74 -20.60 -1.25
N GLN A 625 -31.33 -21.21 -2.26
CA GLN A 625 -30.93 -22.58 -2.68
C GLN A 625 -29.42 -22.66 -2.93
N PHE A 626 -28.85 -23.88 -2.73
CA PHE A 626 -27.42 -24.15 -2.90
C PHE A 626 -27.14 -24.81 -4.22
N PHE A 627 -28.19 -25.03 -5.03
CA PHE A 627 -27.99 -25.57 -6.38
C PHE A 627 -28.64 -24.65 -7.37
N GLN A 628 -27.96 -24.31 -8.48
CA GLN A 628 -28.53 -23.42 -9.51
C GLN A 628 -28.68 -24.27 -10.77
N PHE A 629 -29.64 -23.92 -11.58
CA PHE A 629 -29.92 -24.77 -12.74
C PHE A 629 -30.05 -23.97 -14.00
N ARG A 630 -29.70 -24.62 -15.09
CA ARG A 630 -29.96 -24.04 -16.41
C ARG A 630 -30.50 -25.14 -17.32
N LEU A 631 -31.35 -24.81 -18.32
CA LEU A 631 -31.86 -25.91 -19.15
C LEU A 631 -31.55 -25.58 -20.62
N SER A 632 -30.97 -26.53 -21.37
CA SER A 632 -30.69 -26.26 -22.82
C SER A 632 -31.08 -27.48 -23.57
N GLY A 633 -32.23 -27.36 -24.22
CA GLY A 633 -32.78 -28.49 -24.84
C GLY A 633 -33.46 -29.30 -23.78
N GLN A 634 -32.96 -30.50 -23.66
CA GLN A 634 -33.37 -31.50 -22.69
C GLN A 634 -32.21 -31.80 -21.70
N THR A 635 -31.19 -30.95 -21.74
CA THR A 635 -30.09 -31.05 -20.80
C THR A 635 -30.28 -30.03 -19.68
N ILE A 636 -30.27 -30.59 -18.47
CA ILE A 636 -30.30 -29.79 -17.25
C ILE A 636 -28.86 -29.74 -16.75
N GLU A 637 -28.39 -28.52 -16.50
CA GLU A 637 -27.06 -28.27 -15.91
C GLU A 637 -27.29 -27.84 -14.45
N VAL A 638 -26.76 -28.61 -13.51
CA VAL A 638 -26.89 -28.28 -12.12
C VAL A 638 -25.54 -27.73 -11.62
N THR A 639 -25.52 -26.58 -11.02
CA THR A 639 -24.27 -26.04 -10.50
C THR A 639 -24.37 -26.01 -8.97
N SER A 640 -23.32 -26.50 -8.28
CA SER A 640 -23.33 -26.46 -6.80
C SER A 640 -22.74 -25.16 -6.25
N GLU A 641 -23.42 -24.58 -5.29
CA GLU A 641 -22.88 -23.42 -4.64
C GLU A 641 -22.28 -23.84 -3.32
N TYR A 642 -22.20 -25.12 -3.01
CA TYR A 642 -21.47 -25.51 -1.79
C TYR A 642 -20.00 -25.25 -2.02
N LEU A 643 -19.30 -24.88 -0.95
CA LEU A 643 -17.85 -24.61 -1.03
C LEU A 643 -17.01 -25.81 -0.66
N PHE A 644 -17.55 -26.67 0.21
CA PHE A 644 -16.71 -27.72 0.71
C PHE A 644 -17.31 -29.09 0.53
N ARG A 645 -18.61 -29.29 0.43
CA ARG A 645 -19.14 -30.66 0.36
C ARG A 645 -19.56 -31.03 -1.03
N HIS A 646 -19.47 -32.34 -1.31
CA HIS A 646 -19.97 -32.87 -2.54
C HIS A 646 -21.46 -33.15 -2.30
N SER A 647 -22.27 -33.37 -3.36
CA SER A 647 -23.71 -33.57 -3.15
C SER A 647 -23.99 -35.02 -2.81
N ASP A 648 -23.50 -35.44 -1.65
CA ASP A 648 -23.58 -36.87 -1.28
C ASP A 648 -24.85 -37.23 -0.56
N ASN A 649 -25.87 -36.39 -0.58
CA ASN A 649 -27.14 -36.76 0.01
C ASN A 649 -28.19 -36.05 -0.83
N GLU A 650 -28.10 -36.29 -2.11
CA GLU A 650 -28.99 -35.57 -2.97
C GLU A 650 -29.26 -36.34 -4.23
N LEU A 651 -30.53 -36.28 -4.64
CA LEU A 651 -30.91 -36.76 -5.93
C LEU A 651 -31.81 -35.73 -6.63
N LEU A 652 -31.85 -35.79 -7.94
CA LEU A 652 -32.67 -34.86 -8.69
C LEU A 652 -33.95 -35.54 -9.18
N HIS A 653 -35.11 -34.98 -8.81
CA HIS A 653 -36.37 -35.57 -9.23
C HIS A 653 -36.84 -34.63 -10.29
N TRP A 654 -37.31 -35.15 -11.44
CA TRP A 654 -37.85 -34.31 -12.53
C TRP A 654 -39.26 -34.77 -12.97
N MET A 655 -40.12 -33.85 -13.36
CA MET A 655 -41.48 -34.20 -13.70
C MET A 655 -41.93 -33.25 -14.78
N VAL A 656 -42.60 -33.81 -15.80
CA VAL A 656 -43.15 -32.96 -16.85
C VAL A 656 -44.64 -33.09 -16.82
N ALA A 657 -45.39 -31.98 -16.89
CA ALA A 657 -46.84 -32.10 -16.81
C ALA A 657 -47.44 -31.16 -17.85
N LEU A 658 -48.62 -31.51 -18.35
CA LEU A 658 -49.30 -30.67 -19.31
C LEU A 658 -50.43 -30.04 -18.59
N ASP A 659 -50.27 -28.71 -18.37
CA ASP A 659 -51.29 -27.99 -17.64
C ASP A 659 -51.64 -28.77 -16.42
N GLY A 660 -50.64 -29.17 -15.65
CA GLY A 660 -50.99 -29.86 -14.42
C GLY A 660 -51.22 -31.34 -14.56
N LYS A 661 -51.37 -31.87 -15.77
CA LYS A 661 -51.55 -33.31 -15.87
C LYS A 661 -50.23 -33.97 -16.07
N PRO A 662 -49.88 -34.85 -15.19
CA PRO A 662 -48.58 -35.48 -15.25
C PRO A 662 -48.37 -36.32 -16.46
N LEU A 663 -47.21 -36.20 -17.05
CA LEU A 663 -46.89 -36.91 -18.24
C LEU A 663 -45.78 -37.91 -18.11
N ALA A 664 -44.74 -37.47 -17.42
CA ALA A 664 -43.53 -38.29 -17.27
C ALA A 664 -42.66 -37.74 -16.15
N SER A 665 -41.81 -38.57 -15.59
CA SER A 665 -40.98 -38.11 -14.52
C SER A 665 -39.95 -39.11 -14.23
N GLY A 666 -38.89 -38.66 -13.58
CA GLY A 666 -37.79 -39.55 -13.23
C GLY A 666 -36.97 -38.98 -12.11
N GLU A 667 -35.92 -39.72 -11.81
CA GLU A 667 -34.96 -39.32 -10.77
C GLU A 667 -33.59 -39.66 -11.27
N VAL A 668 -32.61 -38.85 -10.92
CA VAL A 668 -31.20 -38.97 -11.32
C VAL A 668 -30.39 -38.69 -10.10
N PRO A 669 -29.42 -39.51 -9.85
CA PRO A 669 -28.55 -39.21 -8.71
C PRO A 669 -27.69 -37.91 -9.05
N LEU A 670 -27.44 -37.07 -8.05
CA LEU A 670 -26.67 -35.85 -8.22
C LEU A 670 -25.31 -36.11 -7.61
N ASP A 671 -24.29 -35.85 -8.40
CA ASP A 671 -22.92 -36.03 -7.97
C ASP A 671 -22.12 -34.81 -8.39
N VAL A 672 -22.29 -33.68 -7.70
CA VAL A 672 -21.59 -32.46 -8.17
C VAL A 672 -20.60 -32.08 -7.09
N ALA A 673 -19.43 -31.75 -7.46
CA ALA A 673 -18.48 -31.35 -6.47
C ALA A 673 -18.78 -29.91 -6.07
N PRO A 674 -18.22 -29.42 -4.92
CA PRO A 674 -18.48 -28.02 -4.51
C PRO A 674 -18.03 -27.13 -5.69
N GLN A 675 -18.85 -26.13 -6.01
CA GLN A 675 -18.65 -25.19 -7.13
C GLN A 675 -18.63 -25.89 -8.45
N GLY A 676 -18.93 -27.19 -8.50
CA GLY A 676 -18.86 -27.94 -9.74
C GLY A 676 -20.20 -27.90 -10.46
N LYS A 677 -20.27 -28.58 -11.58
CA LYS A 677 -21.45 -28.70 -12.41
C LYS A 677 -21.66 -30.14 -12.84
N GLN A 678 -22.90 -30.49 -13.12
CA GLN A 678 -23.27 -31.77 -13.65
C GLN A 678 -24.29 -31.52 -14.74
N LEU A 679 -24.10 -32.22 -15.85
CA LEU A 679 -25.05 -32.16 -16.98
C LEU A 679 -25.92 -33.40 -16.95
N ILE A 680 -27.22 -33.20 -17.04
CA ILE A 680 -28.15 -34.30 -16.99
C ILE A 680 -29.04 -34.24 -18.19
N GLU A 681 -28.99 -35.28 -19.04
CA GLU A 681 -29.81 -35.29 -20.23
C GLU A 681 -31.12 -36.02 -19.94
N LEU A 682 -32.20 -35.30 -20.03
CA LEU A 682 -33.50 -35.88 -19.78
C LEU A 682 -33.89 -36.84 -20.90
N PRO A 683 -34.64 -37.87 -20.52
CA PRO A 683 -35.23 -38.87 -21.40
C PRO A 683 -36.02 -38.22 -22.53
N GLU A 684 -36.15 -38.90 -23.70
CA GLU A 684 -36.89 -38.33 -24.84
C GLU A 684 -38.31 -38.06 -24.38
N LEU A 685 -38.77 -36.84 -24.67
CA LEU A 685 -40.08 -36.47 -24.17
C LEU A 685 -41.19 -36.28 -25.14
N PRO A 686 -42.26 -36.91 -24.69
CA PRO A 686 -43.58 -37.00 -25.26
C PRO A 686 -44.12 -35.72 -25.81
N GLN A 687 -44.71 -35.90 -26.97
CA GLN A 687 -45.37 -34.81 -27.62
C GLN A 687 -46.87 -35.05 -27.53
N PRO A 688 -47.51 -34.12 -26.86
CA PRO A 688 -48.92 -34.22 -26.68
C PRO A 688 -49.90 -33.94 -27.84
N GLU A 689 -49.64 -33.00 -28.75
CA GLU A 689 -50.63 -32.83 -29.82
C GLU A 689 -51.95 -32.23 -29.31
N SER A 690 -52.29 -32.54 -28.01
CA SER A 690 -53.41 -32.03 -27.16
C SER A 690 -52.99 -30.64 -26.63
N ALA A 691 -53.83 -29.64 -26.69
CA ALA A 691 -53.44 -28.29 -26.31
C ALA A 691 -52.94 -28.12 -24.89
N GLY A 692 -52.05 -27.11 -24.66
CA GLY A 692 -51.66 -26.76 -23.32
C GLY A 692 -50.19 -26.47 -23.29
N GLN A 693 -49.75 -26.11 -22.11
CA GLN A 693 -48.32 -25.82 -21.96
C GLN A 693 -47.69 -26.96 -21.15
N LEU A 694 -46.55 -27.48 -21.67
CA LEU A 694 -45.77 -28.47 -20.91
C LEU A 694 -44.85 -27.69 -19.97
N TRP A 695 -44.80 -28.14 -18.72
CA TRP A 695 -43.92 -27.50 -17.76
C TRP A 695 -43.00 -28.57 -17.16
N LEU A 696 -41.72 -28.22 -17.00
CA LEU A 696 -40.75 -29.12 -16.35
C LEU A 696 -40.48 -28.62 -14.93
N THR A 697 -40.59 -29.51 -13.95
CA THR A 697 -40.27 -29.12 -12.60
C THR A 697 -39.19 -30.04 -12.11
N VAL A 698 -38.10 -29.45 -11.54
CA VAL A 698 -37.08 -30.32 -10.91
C VAL A 698 -36.97 -29.97 -9.45
N ARG A 699 -36.63 -30.96 -8.68
CA ARG A 699 -36.47 -30.76 -7.23
C ARG A 699 -35.24 -31.53 -6.78
N VAL A 700 -34.49 -30.97 -5.80
CA VAL A 700 -33.36 -31.72 -5.25
C VAL A 700 -33.91 -32.32 -3.98
N VAL A 701 -33.75 -33.66 -3.80
CA VAL A 701 -34.31 -34.32 -2.62
C VAL A 701 -33.19 -35.00 -1.89
N GLN A 702 -33.20 -34.90 -0.55
CA GLN A 702 -32.20 -35.57 0.28
C GLN A 702 -32.82 -36.87 0.76
N PRO A 703 -32.26 -37.93 0.24
CA PRO A 703 -32.86 -39.20 0.55
C PRO A 703 -32.66 -39.62 1.99
N ASN A 704 -31.52 -39.24 2.57
CA ASN A 704 -31.23 -39.70 3.93
C ASN A 704 -31.49 -38.60 4.96
N ALA A 705 -31.97 -38.99 6.14
CA ALA A 705 -32.17 -38.02 7.19
C ALA A 705 -30.81 -37.52 7.67
N THR A 706 -30.80 -36.31 8.26
CA THR A 706 -29.57 -35.68 8.78
C THR A 706 -29.85 -35.22 10.17
N ALA A 707 -28.88 -34.53 10.77
CA ALA A 707 -29.17 -34.03 12.07
C ALA A 707 -30.21 -32.96 12.02
N TRP A 708 -30.39 -32.37 10.85
CA TRP A 708 -31.25 -31.20 10.80
C TRP A 708 -32.43 -31.37 9.83
N SER A 709 -32.59 -32.56 9.22
CA SER A 709 -33.72 -32.70 8.26
C SER A 709 -34.10 -34.17 8.17
N GLU A 710 -35.34 -34.40 7.73
CA GLU A 710 -35.88 -35.79 7.61
C GLU A 710 -35.60 -36.35 6.24
N ALA A 711 -35.69 -37.70 6.15
CA ALA A 711 -35.47 -38.25 4.85
C ALA A 711 -36.52 -37.69 3.85
N GLY A 712 -36.11 -37.40 2.60
CA GLY A 712 -37.00 -36.89 1.61
C GLY A 712 -37.10 -35.36 1.63
N HIS A 713 -36.38 -34.67 2.51
CA HIS A 713 -36.44 -33.22 2.55
C HIS A 713 -36.11 -32.63 1.18
N ILE A 714 -36.87 -31.64 0.72
CA ILE A 714 -36.58 -31.02 -0.58
C ILE A 714 -35.80 -29.74 -0.30
N SER A 715 -34.64 -29.60 -0.95
CA SER A 715 -33.78 -28.45 -0.62
C SER A 715 -33.76 -27.45 -1.73
N ALA A 716 -34.23 -27.81 -2.92
CA ALA A 716 -34.13 -26.84 -4.02
C ALA A 716 -35.14 -27.27 -5.10
N TRP A 717 -35.59 -26.28 -5.90
CA TRP A 717 -36.46 -26.64 -7.03
C TRP A 717 -36.36 -25.57 -8.08
N GLN A 718 -36.87 -25.86 -9.25
CA GLN A 718 -36.90 -24.85 -10.29
C GLN A 718 -37.85 -25.37 -11.41
N GLN A 719 -38.50 -24.46 -12.14
CA GLN A 719 -39.36 -24.92 -13.23
C GLN A 719 -39.02 -24.15 -14.48
N TRP A 720 -39.38 -24.77 -15.57
CA TRP A 720 -39.29 -24.07 -16.90
C TRP A 720 -40.52 -24.46 -17.73
N ARG A 721 -40.94 -23.52 -18.62
CA ARG A 721 -41.91 -23.81 -19.64
C ARG A 721 -41.18 -24.61 -20.76
N LEU A 722 -41.77 -25.72 -21.20
CA LEU A 722 -41.23 -26.51 -22.35
C LEU A 722 -42.13 -26.20 -23.56
N ALA A 723 -42.44 -27.19 -24.41
CA ALA A 723 -43.24 -26.78 -25.55
C ALA A 723 -44.66 -26.42 -25.21
N GLU A 724 -45.23 -25.48 -26.00
CA GLU A 724 -46.62 -25.09 -25.75
C GLU A 724 -47.41 -25.41 -27.04
N ASN A 725 -48.62 -25.99 -26.90
CA ASN A 725 -49.50 -26.25 -28.06
C ASN A 725 -50.72 -25.39 -27.85
N LEU A 726 -50.75 -24.27 -28.59
CA LEU A 726 -51.88 -23.35 -28.39
C LEU A 726 -53.17 -24.00 -28.96
N SER A 727 -54.31 -23.85 -28.30
CA SER A 727 -55.50 -24.42 -28.85
C SER A 727 -56.04 -23.66 -30.03
N VAL A 728 -56.29 -24.40 -31.13
CA VAL A 728 -56.90 -23.83 -32.36
C VAL A 728 -58.26 -24.48 -32.68
N THR A 729 -58.72 -25.36 -31.81
CA THR A 729 -59.96 -26.04 -32.11
C THR A 729 -61.12 -25.31 -31.54
N LEU A 730 -62.10 -25.12 -32.42
CA LEU A 730 -63.35 -24.48 -32.07
C LEU A 730 -64.33 -25.30 -31.22
N PRO A 731 -64.95 -24.61 -30.31
CA PRO A 731 -65.98 -25.20 -29.48
C PRO A 731 -67.16 -25.48 -30.42
N ALA A 732 -67.76 -26.68 -30.33
CA ALA A 732 -68.86 -27.09 -31.20
C ALA A 732 -70.13 -26.24 -31.05
N ALA A 733 -71.02 -26.28 -32.04
CA ALA A 733 -72.22 -25.49 -31.93
C ALA A 733 -73.13 -25.93 -30.79
N SER A 734 -73.55 -24.91 -30.06
CA SER A 734 -74.47 -25.00 -28.94
C SER A 734 -75.88 -25.22 -29.53
N HIS A 735 -76.61 -26.10 -28.90
CA HIS A 735 -77.95 -26.44 -29.31
C HIS A 735 -78.88 -25.48 -28.60
N ALA A 736 -78.49 -24.18 -28.70
CA ALA A 736 -79.18 -23.12 -28.00
C ALA A 736 -78.74 -21.65 -28.19
N ILE A 737 -79.69 -20.75 -27.85
CA ILE A 737 -79.43 -19.32 -27.92
C ILE A 737 -80.01 -18.62 -26.70
N PRO A 738 -79.23 -17.80 -26.02
CA PRO A 738 -79.76 -17.22 -24.78
C PRO A 738 -80.83 -16.21 -25.10
N HIS A 739 -81.81 -16.02 -24.21
CA HIS A 739 -82.86 -15.00 -24.47
C HIS A 739 -82.69 -13.80 -23.55
N LEU A 740 -82.99 -12.63 -24.10
CA LEU A 740 -82.92 -11.37 -23.35
C LEU A 740 -84.29 -10.86 -23.09
N THR A 741 -84.49 -10.37 -21.92
CA THR A 741 -85.72 -9.71 -21.50
C THR A 741 -85.32 -8.38 -20.91
N THR A 742 -85.93 -7.31 -21.30
CA THR A 742 -85.53 -6.02 -20.85
C THR A 742 -86.61 -5.33 -20.09
N SER A 743 -86.22 -4.43 -19.21
CA SER A 743 -87.14 -3.50 -18.47
C SER A 743 -86.34 -2.21 -18.25
N GLU A 744 -86.94 -1.18 -17.75
CA GLU A 744 -86.17 0.02 -17.57
C GLU A 744 -84.99 -0.16 -16.65
N MET A 745 -85.14 -1.04 -15.66
CA MET A 745 -84.12 -1.22 -14.62
C MET A 745 -83.20 -2.40 -14.82
N ASP A 746 -83.54 -3.34 -15.74
CA ASP A 746 -82.66 -4.50 -15.85
C ASP A 746 -82.56 -5.06 -17.22
N PHE A 747 -81.47 -5.77 -17.46
CA PHE A 747 -81.31 -6.64 -18.63
C PHE A 747 -81.17 -8.06 -18.05
N CYS A 748 -82.10 -8.98 -18.38
CA CYS A 748 -82.06 -10.35 -17.87
C CYS A 748 -81.81 -11.30 -19.06
N ILE A 749 -80.91 -12.25 -18.86
CA ILE A 749 -80.60 -13.17 -19.88
C ILE A 749 -80.84 -14.55 -19.30
N GLU A 750 -81.46 -15.41 -20.12
CA GLU A 750 -81.75 -16.78 -19.68
C GLU A 750 -81.26 -17.78 -20.67
N LEU A 751 -80.65 -18.84 -20.14
CA LEU A 751 -80.24 -19.90 -21.01
C LEU A 751 -80.31 -21.19 -20.22
N GLY A 752 -81.24 -22.04 -20.59
CA GLY A 752 -81.41 -23.28 -19.89
C GLY A 752 -81.64 -23.03 -18.41
N ASN A 753 -80.88 -23.71 -17.59
CA ASN A 753 -81.12 -23.53 -16.19
C ASN A 753 -80.38 -22.33 -15.66
N LYS A 754 -79.88 -21.50 -16.55
CA LYS A 754 -79.10 -20.40 -16.03
C LYS A 754 -79.73 -19.05 -16.35
N ARG A 755 -79.51 -18.10 -15.43
CA ARG A 755 -80.02 -16.73 -15.65
C ARG A 755 -79.00 -15.69 -15.15
N TRP A 756 -78.93 -14.53 -15.80
CA TRP A 756 -78.01 -13.44 -15.43
C TRP A 756 -78.83 -12.18 -15.35
N GLN A 757 -78.63 -11.33 -14.37
CA GLN A 757 -79.37 -10.08 -14.31
C GLN A 757 -78.41 -8.91 -14.19
N PHE A 758 -78.49 -7.98 -15.14
CA PHE A 758 -77.64 -6.79 -15.13
C PHE A 758 -78.47 -5.59 -14.77
N ASN A 759 -78.08 -4.90 -13.71
CA ASN A 759 -78.82 -3.69 -13.30
C ASN A 759 -78.51 -2.50 -14.20
N ARG A 760 -79.52 -1.86 -14.81
CA ARG A 760 -79.26 -0.77 -15.70
C ARG A 760 -79.01 0.54 -15.04
N GLN A 761 -79.31 0.64 -13.74
CA GLN A 761 -78.98 1.84 -13.06
C GLN A 761 -77.50 1.79 -12.60
N SER A 762 -77.03 0.63 -12.11
CA SER A 762 -75.67 0.58 -11.67
C SER A 762 -74.73 0.16 -12.79
N GLY A 763 -75.22 -0.61 -13.77
CA GLY A 763 -74.33 -1.06 -14.85
C GLY A 763 -73.53 -2.31 -14.45
N PHE A 764 -73.93 -2.98 -13.37
CA PHE A 764 -73.25 -4.23 -13.01
C PHE A 764 -74.12 -5.48 -13.00
N LEU A 765 -73.44 -6.65 -13.07
CA LEU A 765 -74.11 -7.94 -12.91
C LEU A 765 -74.47 -8.01 -11.48
N SER A 766 -75.78 -7.95 -11.23
CA SER A 766 -76.28 -7.97 -9.87
C SER A 766 -76.69 -9.32 -9.38
N GLN A 767 -77.00 -10.29 -10.25
CA GLN A 767 -77.36 -11.60 -9.71
C GLN A 767 -77.23 -12.62 -10.79
N MET A 768 -77.00 -13.89 -10.37
CA MET A 768 -76.92 -15.00 -11.31
C MET A 768 -77.59 -16.14 -10.65
N TRP A 769 -78.27 -16.98 -11.45
CA TRP A 769 -78.93 -18.13 -10.90
C TRP A 769 -78.46 -19.35 -11.61
N ILE A 770 -78.23 -20.44 -10.86
CA ILE A 770 -77.90 -21.72 -11.46
C ILE A 770 -78.97 -22.62 -10.95
N GLY A 771 -79.69 -23.16 -11.89
CA GLY A 771 -80.81 -23.85 -11.41
C GLY A 771 -81.61 -22.65 -10.94
N ASP A 772 -82.11 -22.78 -9.77
CA ASP A 772 -82.88 -21.62 -9.40
C ASP A 772 -82.23 -21.02 -8.19
N LYS A 773 -80.93 -21.34 -7.95
CA LYS A 773 -80.28 -20.78 -6.74
C LYS A 773 -79.48 -19.51 -7.08
N LYS A 774 -79.73 -18.45 -6.33
CA LYS A 774 -78.98 -17.20 -6.43
C LYS A 774 -77.52 -17.48 -6.11
N GLN A 775 -76.63 -16.87 -6.88
CA GLN A 775 -75.21 -17.09 -6.72
C GLN A 775 -74.46 -15.95 -6.09
N LEU A 776 -75.02 -14.72 -6.07
CA LEU A 776 -74.25 -13.58 -5.59
C LEU A 776 -74.94 -12.92 -4.41
N LEU A 777 -74.12 -12.43 -3.45
CA LEU A 777 -74.60 -11.65 -2.27
C LEU A 777 -74.32 -10.20 -2.53
N THR A 778 -73.27 -9.88 -3.30
CA THR A 778 -73.02 -8.50 -3.69
C THR A 778 -72.70 -8.55 -5.19
N PRO A 779 -73.07 -7.53 -5.98
CA PRO A 779 -72.78 -7.50 -7.44
C PRO A 779 -71.32 -7.56 -7.78
N LEU A 780 -71.07 -7.91 -9.03
CA LEU A 780 -69.71 -7.98 -9.51
C LEU A 780 -69.24 -6.58 -9.94
N ARG A 781 -68.26 -5.98 -9.24
CA ARG A 781 -67.90 -4.61 -9.55
C ARG A 781 -66.37 -4.45 -9.64
N ASP A 782 -65.91 -3.47 -10.37
CA ASP A 782 -64.46 -3.27 -10.46
C ASP A 782 -63.99 -2.90 -9.07
N GLN A 783 -62.69 -3.19 -8.87
CA GLN A 783 -62.00 -2.86 -7.60
C GLN A 783 -60.58 -2.39 -7.96
N PHE A 784 -60.20 -1.21 -7.40
CA PHE A 784 -58.87 -0.58 -7.71
C PHE A 784 -58.03 -0.43 -6.47
N THR A 785 -58.55 -0.89 -5.30
CA THR A 785 -57.82 -0.72 -4.03
C THR A 785 -57.61 -2.04 -3.34
N ARG A 786 -56.74 -2.00 -2.36
CA ARG A 786 -56.54 -3.18 -1.49
C ARG A 786 -56.51 -2.76 -0.03
N ALA A 787 -56.84 -3.68 0.88
CA ALA A 787 -56.72 -3.41 2.30
C ALA A 787 -55.23 -3.28 2.50
N PRO A 788 -54.75 -2.13 2.93
CA PRO A 788 -53.31 -1.82 2.88
C PRO A 788 -52.45 -2.72 3.68
N LEU A 789 -51.31 -3.06 3.04
CA LEU A 789 -50.31 -3.93 3.70
C LEU A 789 -49.48 -3.08 4.66
N ASP A 790 -48.79 -3.73 5.59
CA ASP A 790 -47.88 -2.92 6.43
C ASP A 790 -46.98 -2.02 5.59
N ASN A 791 -46.44 -2.52 4.44
CA ASN A 791 -45.53 -1.71 3.60
C ASN A 791 -46.29 -0.59 2.89
N ASP A 792 -47.63 -0.72 2.74
CA ASP A 792 -48.34 0.39 2.13
C ASP A 792 -48.55 1.50 3.15
N ILE A 793 -48.65 1.14 4.41
CA ILE A 793 -48.91 2.12 5.47
C ILE A 793 -47.60 2.78 6.00
N GLY A 794 -46.55 1.99 6.05
CA GLY A 794 -45.27 2.46 6.59
C GLY A 794 -45.49 3.01 7.99
N VAL A 795 -44.90 4.20 8.25
CA VAL A 795 -45.04 4.80 9.60
C VAL A 795 -46.29 5.69 9.72
N SER A 796 -47.11 5.73 8.68
CA SER A 796 -48.26 6.61 8.77
C SER A 796 -49.21 6.17 9.84
N GLU A 797 -49.76 7.18 10.48
CA GLU A 797 -50.69 7.05 11.59
C GLU A 797 -51.78 8.14 11.53
N ALA A 798 -52.89 7.90 12.18
CA ALA A 798 -53.94 8.90 12.15
C ALA A 798 -53.45 10.23 12.75
N THR A 799 -52.74 10.11 13.82
CA THR A 799 -52.16 11.20 14.58
C THR A 799 -50.97 11.83 13.87
N ARG A 800 -50.46 11.21 12.80
CA ARG A 800 -49.26 11.72 12.20
C ARG A 800 -49.13 11.08 10.83
N ILE A 801 -49.85 11.69 9.93
CA ILE A 801 -49.89 11.15 8.59
C ILE A 801 -48.58 11.25 7.89
N ASP A 802 -48.19 10.22 7.15
CA ASP A 802 -47.02 10.34 6.28
C ASP A 802 -47.57 10.40 4.87
N PRO A 803 -47.60 11.56 4.33
CA PRO A 803 -48.25 11.70 3.06
C PRO A 803 -47.56 10.98 1.91
N ASN A 804 -46.38 10.51 2.13
CA ASN A 804 -45.70 9.88 1.04
C ASN A 804 -45.98 8.39 1.01
N ALA A 805 -46.54 7.84 2.08
CA ALA A 805 -46.83 6.39 2.07
C ALA A 805 -47.91 6.07 1.04
N TRP A 806 -47.81 4.91 0.40
CA TRP A 806 -48.78 4.53 -0.64
C TRP A 806 -50.22 4.71 -0.13
N VAL A 807 -50.51 4.19 1.09
CA VAL A 807 -51.88 4.26 1.60
C VAL A 807 -52.39 5.69 1.59
N GLU A 808 -51.53 6.63 1.97
CA GLU A 808 -51.94 8.03 2.09
C GLU A 808 -52.08 8.64 0.72
N ARG A 809 -51.27 8.20 -0.22
CA ARG A 809 -51.43 8.72 -1.54
C ARG A 809 -52.79 8.25 -2.12
N TRP A 810 -53.11 6.98 -1.95
CA TRP A 810 -54.36 6.45 -2.40
C TRP A 810 -55.51 7.17 -1.70
N LYS A 811 -55.41 7.29 -0.38
CA LYS A 811 -56.51 7.99 0.35
C LYS A 811 -56.71 9.40 -0.13
N ALA A 812 -55.65 10.17 -0.21
CA ALA A 812 -55.77 11.56 -0.62
C ALA A 812 -56.30 11.71 -2.02
N ALA A 813 -55.97 10.78 -2.94
CA ALA A 813 -56.48 10.89 -4.31
C ALA A 813 -57.97 10.42 -4.39
N GLY A 814 -58.51 9.87 -3.31
CA GLY A 814 -59.90 9.41 -3.28
C GLY A 814 -60.12 8.01 -3.78
N HIS A 815 -59.07 7.21 -3.95
CA HIS A 815 -59.31 5.86 -4.44
C HIS A 815 -60.25 5.03 -3.57
N TYR A 816 -60.15 5.22 -2.27
CA TYR A 816 -60.98 4.43 -1.43
C TYR A 816 -62.38 5.00 -1.36
N GLN A 817 -62.56 6.24 -1.76
CA GLN A 817 -63.93 6.69 -1.69
C GLN A 817 -64.63 6.93 -3.01
N ALA A 818 -63.95 6.74 -4.14
CA ALA A 818 -64.54 7.05 -5.46
C ALA A 818 -65.77 6.18 -5.76
N GLU A 819 -66.75 6.78 -6.39
CA GLU A 819 -67.99 6.12 -6.75
C GLU A 819 -68.08 6.01 -8.25
N ALA A 820 -68.48 4.81 -8.63
CA ALA A 820 -68.68 4.50 -10.02
C ALA A 820 -69.83 5.30 -10.58
N ALA A 821 -69.65 6.04 -11.64
CA ALA A 821 -70.74 6.73 -12.30
C ALA A 821 -70.94 5.95 -13.58
N LEU A 822 -72.17 5.58 -13.95
CA LEU A 822 -72.42 4.81 -15.17
C LEU A 822 -72.42 5.69 -16.36
N LEU A 823 -71.70 5.32 -17.40
CA LEU A 823 -71.68 6.14 -18.57
C LEU A 823 -72.47 5.48 -19.66
N GLN A 824 -72.53 4.13 -19.65
CA GLN A 824 -73.20 3.42 -20.74
C GLN A 824 -73.54 2.04 -20.35
N CYS A 825 -74.70 1.52 -20.75
CA CYS A 825 -75.08 0.14 -20.44
C CYS A 825 -76.03 -0.23 -21.56
N THR A 826 -75.59 -1.11 -22.43
CA THR A 826 -76.46 -1.51 -23.52
C THR A 826 -76.50 -3.05 -23.64
N ALA A 827 -77.50 -3.54 -24.35
CA ALA A 827 -77.63 -4.97 -24.53
C ALA A 827 -77.93 -5.19 -25.99
N ASP A 828 -77.34 -6.18 -26.61
CA ASP A 828 -77.57 -6.52 -28.01
C ASP A 828 -77.69 -7.99 -28.17
N THR A 829 -78.48 -8.34 -29.15
CA THR A 829 -78.65 -9.75 -29.46
C THR A 829 -77.75 -10.12 -30.62
N LEU A 830 -77.03 -11.22 -30.46
CA LEU A 830 -76.16 -11.61 -31.52
C LEU A 830 -76.72 -12.89 -32.14
N ALA A 831 -76.00 -13.47 -33.11
CA ALA A 831 -76.45 -14.70 -33.70
C ALA A 831 -76.73 -15.75 -32.68
N ASP A 832 -75.74 -15.99 -31.81
CA ASP A 832 -75.78 -17.07 -30.85
C ASP A 832 -75.49 -16.62 -29.41
N ALA A 833 -75.74 -15.32 -29.10
CA ALA A 833 -75.39 -14.81 -27.78
C ALA A 833 -76.07 -13.51 -27.47
N VAL A 834 -75.95 -13.11 -26.19
CA VAL A 834 -76.45 -11.80 -25.85
C VAL A 834 -75.19 -11.02 -25.42
N LEU A 835 -75.05 -9.78 -25.86
CA LEU A 835 -73.87 -9.00 -25.50
C LEU A 835 -74.28 -7.78 -24.66
N ILE A 836 -73.67 -7.61 -23.46
CA ILE A 836 -73.97 -6.45 -22.65
C ILE A 836 -72.72 -5.62 -22.66
N THR A 837 -72.81 -4.31 -22.93
CA THR A 837 -71.63 -3.47 -22.97
C THR A 837 -71.82 -2.40 -21.91
N THR A 838 -70.78 -2.13 -21.09
CA THR A 838 -70.89 -1.07 -20.09
C THR A 838 -69.63 -0.19 -20.06
N ALA A 839 -69.78 1.01 -19.53
CA ALA A 839 -68.67 1.89 -19.28
C ALA A 839 -69.00 2.63 -17.99
N HIS A 840 -68.00 2.78 -17.13
CA HIS A 840 -68.17 3.50 -15.88
C HIS A 840 -66.98 4.38 -15.66
N ALA A 841 -67.20 5.48 -14.96
CA ALA A 841 -66.07 6.35 -14.56
C ALA A 841 -66.02 6.44 -13.04
N TRP A 842 -64.82 6.43 -12.44
CA TRP A 842 -64.69 6.61 -10.98
C TRP A 842 -64.14 7.94 -10.77
N GLN A 843 -64.81 8.81 -10.00
CA GLN A 843 -64.35 10.18 -9.83
C GLN A 843 -64.22 10.63 -8.40
N HIS A 844 -63.45 11.68 -8.25
CA HIS A 844 -63.31 12.16 -6.94
C HIS A 844 -63.15 13.64 -6.98
N GLN A 845 -64.15 14.24 -6.31
CA GLN A 845 -64.09 15.66 -6.25
C GLN A 845 -63.84 16.28 -7.60
N GLY A 846 -64.52 15.73 -8.63
CA GLY A 846 -64.37 16.29 -9.99
C GLY A 846 -63.35 15.65 -10.95
N LYS A 847 -62.49 14.83 -10.37
CA LYS A 847 -61.42 14.25 -11.11
C LYS A 847 -61.78 12.84 -11.46
N THR A 848 -61.59 12.52 -12.77
CA THR A 848 -61.87 11.14 -13.21
C THR A 848 -60.59 10.33 -12.94
N LEU A 849 -60.63 9.39 -12.00
CA LEU A 849 -59.47 8.55 -11.66
C LEU A 849 -59.35 7.39 -12.63
N PHE A 850 -60.44 6.62 -12.88
CA PHE A 850 -60.35 5.43 -13.71
C PHE A 850 -61.61 5.32 -14.57
N ILE A 851 -61.44 4.74 -15.76
CA ILE A 851 -62.57 4.45 -16.65
C ILE A 851 -62.54 2.97 -16.91
N SER A 852 -63.71 2.27 -16.73
CA SER A 852 -63.79 0.80 -16.94
C SER A 852 -64.80 0.52 -18.07
N ARG A 853 -64.34 -0.08 -19.17
CA ARG A 853 -65.22 -0.39 -20.30
C ARG A 853 -65.25 -1.87 -20.41
N LYS A 854 -66.44 -2.49 -20.45
CA LYS A 854 -66.46 -3.93 -20.55
C LYS A 854 -67.48 -4.43 -21.51
N THR A 855 -67.33 -5.71 -21.86
CA THR A 855 -68.40 -6.38 -22.58
C THR A 855 -68.58 -7.69 -21.85
N TYR A 856 -69.84 -8.19 -21.82
CA TYR A 856 -70.13 -9.49 -21.29
C TYR A 856 -70.83 -10.21 -22.44
N ARG A 857 -70.29 -11.33 -22.85
CA ARG A 857 -70.93 -12.10 -23.96
C ARG A 857 -71.38 -13.46 -23.43
N ILE A 858 -72.68 -13.67 -23.43
CA ILE A 858 -73.21 -14.90 -22.88
C ILE A 858 -73.71 -15.69 -24.05
N ASP A 859 -73.11 -16.88 -24.27
CA ASP A 859 -73.45 -17.67 -25.46
C ASP A 859 -74.35 -18.86 -25.20
N GLY A 860 -74.63 -19.60 -26.25
CA GLY A 860 -75.55 -20.75 -26.01
C GLY A 860 -74.91 -21.89 -25.23
N SER A 861 -73.61 -21.80 -24.94
CA SER A 861 -73.05 -22.87 -24.14
C SER A 861 -73.18 -22.51 -22.70
N GLY A 862 -73.67 -21.33 -22.45
CA GLY A 862 -73.78 -20.93 -21.04
C GLY A 862 -72.52 -20.28 -20.46
N GLN A 863 -71.55 -19.97 -21.28
CA GLN A 863 -70.35 -19.32 -20.71
C GLN A 863 -70.54 -17.84 -20.80
N MET A 864 -69.93 -17.12 -19.88
CA MET A 864 -70.00 -15.66 -19.96
C MET A 864 -68.55 -15.14 -20.08
N ALA A 865 -68.27 -14.54 -21.20
CA ALA A 865 -66.97 -14.00 -21.48
C ALA A 865 -66.97 -12.55 -21.15
N ILE A 866 -66.07 -12.15 -20.24
CA ILE A 866 -66.00 -10.78 -19.78
C ILE A 866 -64.75 -10.14 -20.29
N THR A 867 -64.85 -9.06 -21.03
CA THR A 867 -63.63 -8.33 -21.48
C THR A 867 -63.56 -7.01 -20.76
N VAL A 868 -62.43 -6.65 -20.09
CA VAL A 868 -62.34 -5.39 -19.33
C VAL A 868 -61.17 -4.58 -19.85
N ASP A 869 -61.40 -3.29 -20.13
CA ASP A 869 -60.35 -2.36 -20.59
C ASP A 869 -60.46 -1.17 -19.69
N VAL A 870 -59.40 -0.89 -18.91
CA VAL A 870 -59.42 0.22 -17.95
C VAL A 870 -58.40 1.26 -18.31
N GLU A 871 -58.79 2.50 -18.11
CA GLU A 871 -57.90 3.68 -18.22
C GLU A 871 -57.73 4.25 -16.83
N VAL A 872 -56.46 4.56 -16.53
CA VAL A 872 -56.08 5.14 -15.25
C VAL A 872 -55.41 6.48 -15.53
N ALA A 873 -55.99 7.56 -14.94
CA ALA A 873 -55.44 8.90 -15.15
C ALA A 873 -53.92 8.88 -14.81
N SER A 874 -53.06 9.43 -15.71
CA SER A 874 -51.60 9.32 -15.47
C SER A 874 -51.14 10.08 -14.24
N ASP A 875 -51.93 11.06 -13.82
CA ASP A 875 -51.56 11.85 -12.66
C ASP A 875 -52.15 11.35 -11.32
N THR A 876 -52.89 10.25 -11.27
CA THR A 876 -53.35 9.79 -9.96
C THR A 876 -52.30 8.75 -9.51
N PRO A 877 -52.07 8.54 -8.25
CA PRO A 877 -51.09 7.52 -7.81
C PRO A 877 -51.46 6.17 -8.37
N HIS A 878 -50.48 5.37 -8.78
CA HIS A 878 -50.75 4.10 -9.39
C HIS A 878 -51.53 3.26 -8.42
N PRO A 879 -52.60 2.59 -8.92
CA PRO A 879 -53.48 1.89 -8.02
C PRO A 879 -52.97 0.56 -7.59
N ALA A 880 -53.50 0.13 -6.44
CA ALA A 880 -53.10 -1.15 -5.84
C ALA A 880 -53.43 -2.36 -6.72
N ARG A 881 -54.53 -2.31 -7.45
CA ARG A 881 -54.93 -3.46 -8.24
C ARG A 881 -55.89 -3.00 -9.32
N ILE A 882 -56.10 -3.82 -10.35
CA ILE A 882 -57.11 -3.55 -11.40
C ILE A 882 -57.86 -4.84 -11.58
N GLY A 883 -59.07 -4.92 -11.00
CA GLY A 883 -59.74 -6.25 -10.97
C GLY A 883 -61.24 -6.10 -10.69
N LEU A 884 -61.82 -7.22 -10.42
CA LEU A 884 -63.26 -7.28 -10.11
C LEU A 884 -63.38 -7.98 -8.79
N ASN A 885 -64.50 -7.73 -8.15
CA ASN A 885 -64.78 -8.44 -6.98
C ASN A 885 -66.26 -8.66 -6.74
N CYS A 886 -66.56 -9.68 -5.97
CA CYS A 886 -67.97 -9.94 -5.66
C CYS A 886 -68.02 -10.85 -4.40
N GLN A 887 -69.16 -10.90 -3.73
CA GLN A 887 -69.34 -11.80 -2.62
C GLN A 887 -70.22 -12.94 -3.16
N LEU A 888 -69.70 -14.13 -3.26
CA LEU A 888 -70.46 -15.25 -3.74
C LEU A 888 -71.36 -15.77 -2.60
N ALA A 889 -72.53 -16.35 -2.95
CA ALA A 889 -73.41 -16.90 -1.91
C ALA A 889 -72.89 -18.22 -1.30
N GLN A 890 -72.17 -18.94 -2.05
CA GLN A 890 -71.64 -20.22 -1.77
C GLN A 890 -70.44 -20.19 -0.83
N VAL A 891 -70.35 -21.14 0.07
CA VAL A 891 -69.18 -21.34 0.88
C VAL A 891 -68.80 -22.76 0.55
N ALA A 892 -67.64 -23.05 -0.01
CA ALA A 892 -67.28 -24.41 -0.38
C ALA A 892 -66.03 -24.81 0.37
N GLU A 893 -65.84 -26.09 0.48
CA GLU A 893 -64.73 -26.58 1.23
C GLU A 893 -63.34 -26.38 0.56
N ARG A 894 -63.28 -26.49 -0.74
CA ARG A 894 -61.95 -26.47 -1.33
C ARG A 894 -61.87 -25.44 -2.40
N VAL A 895 -60.61 -25.10 -2.75
CA VAL A 895 -60.36 -24.18 -3.82
C VAL A 895 -59.29 -24.87 -4.71
N ASN A 896 -59.57 -25.01 -5.99
CA ASN A 896 -58.72 -25.73 -6.90
C ASN A 896 -58.37 -24.79 -8.05
N TRP A 897 -57.05 -24.66 -8.31
CA TRP A 897 -56.64 -23.75 -9.38
C TRP A 897 -55.46 -24.24 -10.13
N LEU A 898 -55.37 -23.76 -11.39
CA LEU A 898 -54.23 -24.05 -12.24
C LEU A 898 -53.45 -22.74 -12.30
N GLY A 899 -52.31 -22.67 -11.63
CA GLY A 899 -51.65 -21.39 -11.59
C GLY A 899 -50.52 -21.50 -10.54
N LEU A 900 -49.94 -20.33 -10.13
CA LEU A 900 -48.81 -20.41 -9.17
C LEU A 900 -49.22 -20.77 -7.75
N GLY A 901 -48.45 -21.68 -7.11
CA GLY A 901 -48.84 -22.01 -5.74
C GLY A 901 -47.87 -23.04 -5.20
N PRO A 902 -48.23 -23.69 -4.12
CA PRO A 902 -49.55 -23.56 -3.52
C PRO A 902 -49.73 -22.36 -2.57
N GLN A 903 -48.62 -21.77 -2.06
CA GLN A 903 -48.77 -20.69 -1.06
C GLN A 903 -49.03 -19.32 -1.70
N GLU A 904 -49.48 -18.39 -0.88
CA GLU A 904 -49.69 -17.03 -1.24
C GLU A 904 -48.48 -16.51 -2.02
N ASN A 905 -48.76 -15.77 -3.12
CA ASN A 905 -47.65 -15.23 -3.89
C ASN A 905 -48.08 -13.97 -4.55
N TYR A 906 -47.20 -12.96 -4.67
CA TYR A 906 -47.53 -11.65 -5.22
C TYR A 906 -46.53 -11.35 -6.30
N PRO A 907 -46.78 -10.33 -7.17
CA PRO A 907 -45.93 -10.16 -8.35
C PRO A 907 -44.43 -10.08 -8.10
N ASP A 908 -44.09 -9.42 -7.01
CA ASP A 908 -42.67 -9.24 -6.63
C ASP A 908 -42.23 -10.29 -5.61
N ARG A 909 -43.11 -11.30 -5.36
CA ARG A 909 -42.73 -12.38 -4.43
C ARG A 909 -43.43 -13.65 -4.94
N LEU A 910 -43.04 -14.10 -6.14
CA LEU A 910 -43.64 -15.30 -6.64
C LEU A 910 -42.60 -16.26 -7.19
N THR A 911 -41.29 -16.02 -6.96
CA THR A 911 -40.34 -16.95 -7.58
C THR A 911 -40.40 -18.33 -7.04
N ALA A 912 -40.75 -18.46 -5.77
CA ALA A 912 -40.78 -19.80 -5.12
C ALA A 912 -42.03 -20.58 -5.55
N ALA A 913 -43.08 -19.87 -6.00
CA ALA A 913 -44.33 -20.61 -6.36
C ALA A 913 -44.12 -21.38 -7.63
N CYS A 914 -44.86 -22.46 -7.80
CA CYS A 914 -44.71 -23.23 -9.04
C CYS A 914 -46.07 -23.33 -9.71
N PHE A 915 -46.06 -23.40 -11.03
CA PHE A 915 -47.33 -23.50 -11.78
C PHE A 915 -47.69 -24.97 -11.78
N ASP A 916 -48.88 -25.25 -11.32
CA ASP A 916 -49.34 -26.60 -11.32
C ASP A 916 -50.84 -26.56 -11.00
N ARG A 917 -51.44 -27.75 -10.82
CA ARG A 917 -52.83 -27.80 -10.40
C ARG A 917 -52.79 -27.92 -8.90
N TRP A 918 -53.33 -26.95 -8.16
CA TRP A 918 -53.31 -27.03 -6.68
C TRP A 918 -54.73 -27.15 -6.15
N ASP A 919 -54.88 -27.73 -4.97
CA ASP A 919 -56.20 -27.93 -4.39
C ASP A 919 -56.05 -27.92 -2.88
N LEU A 920 -56.59 -26.89 -2.25
CA LEU A 920 -56.41 -26.67 -0.83
C LEU A 920 -57.75 -26.38 -0.18
N PRO A 921 -57.80 -26.54 1.15
CA PRO A 921 -58.99 -26.15 1.90
C PRO A 921 -59.14 -24.65 1.82
N LEU A 922 -60.39 -24.14 1.79
CA LEU A 922 -60.59 -22.72 1.70
C LEU A 922 -59.73 -21.92 2.75
N SER A 923 -59.66 -22.44 3.96
CA SER A 923 -58.94 -21.64 4.96
C SER A 923 -57.49 -21.47 4.63
N ASP A 924 -56.91 -22.35 3.85
CA ASP A 924 -55.48 -22.15 3.48
C ASP A 924 -55.29 -21.03 2.48
N MET A 925 -56.39 -20.49 1.96
CA MET A 925 -56.38 -19.43 0.94
C MET A 925 -56.40 -18.06 1.62
N TYR A 926 -56.33 -18.12 2.97
CA TYR A 926 -56.24 -16.89 3.76
C TYR A 926 -54.92 -16.99 4.56
N THR A 927 -54.16 -15.87 4.60
CA THR A 927 -52.93 -15.89 5.44
C THR A 927 -53.24 -15.06 6.68
N PRO A 928 -53.10 -15.62 7.91
CA PRO A 928 -53.52 -14.95 9.11
C PRO A 928 -52.44 -14.05 9.68
N TYR A 929 -52.05 -13.06 8.88
CA TYR A 929 -51.13 -12.03 9.40
C TYR A 929 -51.75 -11.40 10.62
N VAL A 930 -50.93 -11.17 11.65
CA VAL A 930 -51.47 -10.64 12.92
C VAL A 930 -52.18 -9.31 12.72
N PHE A 931 -51.54 -8.43 11.90
CA PHE A 931 -52.17 -7.16 11.52
C PHE A 931 -52.81 -7.48 10.15
N PRO A 932 -54.14 -7.60 10.06
CA PRO A 932 -54.78 -8.00 8.81
C PRO A 932 -54.59 -7.04 7.64
N SER A 933 -54.43 -7.58 6.47
CA SER A 933 -54.32 -6.76 5.27
C SER A 933 -54.74 -7.62 4.06
N GLU A 934 -54.64 -7.06 2.85
CA GLU A 934 -54.78 -7.88 1.65
C GLU A 934 -53.84 -9.08 1.83
N ASN A 935 -54.30 -10.27 1.49
CA ASN A 935 -53.47 -11.43 1.71
C ASN A 935 -54.02 -12.59 0.91
N GLY A 936 -53.25 -13.66 0.71
CA GLY A 936 -53.74 -14.86 0.07
C GLY A 936 -53.70 -14.83 -1.45
N LEU A 937 -53.25 -13.73 -2.04
CA LEU A 937 -53.25 -13.77 -3.49
C LEU A 937 -52.41 -14.93 -4.03
N ARG A 938 -52.82 -15.42 -5.21
CA ARG A 938 -52.06 -16.38 -6.00
C ARG A 938 -52.02 -15.76 -7.39
N CYS A 939 -50.85 -15.74 -8.04
CA CYS A 939 -50.75 -15.10 -9.32
C CYS A 939 -50.65 -16.10 -10.43
N GLY A 940 -50.62 -15.57 -11.65
CA GLY A 940 -50.41 -16.47 -12.82
C GLY A 940 -51.40 -17.60 -12.97
N THR A 941 -52.64 -17.31 -12.61
CA THR A 941 -53.65 -18.36 -12.63
C THR A 941 -54.42 -18.39 -13.93
N ARG A 942 -54.58 -19.60 -14.45
CA ARG A 942 -55.29 -19.74 -15.71
C ARG A 942 -56.68 -20.34 -15.54
N GLU A 943 -56.93 -20.98 -14.42
CA GLU A 943 -58.23 -21.53 -14.19
C GLU A 943 -58.42 -21.58 -12.71
N LEU A 944 -59.61 -21.21 -12.27
CA LEU A 944 -59.95 -21.24 -10.82
C LEU A 944 -61.31 -21.99 -10.66
N ASN A 945 -61.42 -22.89 -9.68
CA ASN A 945 -62.68 -23.63 -9.48
C ASN A 945 -63.10 -23.51 -8.06
N TYR A 946 -64.37 -23.15 -7.84
CA TYR A 946 -64.90 -22.99 -6.48
C TYR A 946 -66.38 -23.32 -6.50
N GLY A 947 -66.74 -24.41 -5.83
CA GLY A 947 -68.14 -24.81 -5.86
C GLY A 947 -68.46 -25.14 -7.29
N PRO A 948 -69.56 -24.57 -7.80
CA PRO A 948 -69.97 -24.85 -9.17
C PRO A 948 -69.29 -23.97 -10.17
N HIS A 949 -68.54 -22.98 -9.73
CA HIS A 949 -67.98 -22.03 -10.68
C HIS A 949 -66.58 -22.36 -11.19
N GLN A 950 -66.33 -21.93 -12.41
CA GLN A 950 -64.98 -22.01 -12.93
C GLN A 950 -64.72 -20.67 -13.61
N TRP A 951 -63.55 -20.07 -13.38
CA TRP A 951 -63.18 -18.81 -14.08
C TRP A 951 -61.85 -19.13 -14.81
N ARG A 952 -61.78 -18.78 -16.07
CA ARG A 952 -60.57 -19.03 -16.84
C ARG A 952 -60.08 -17.76 -17.42
N GLY A 953 -58.75 -17.63 -17.50
CA GLY A 953 -58.16 -16.37 -18.08
C GLY A 953 -56.66 -16.36 -17.77
N ASP A 954 -56.17 -15.22 -17.34
CA ASP A 954 -54.75 -15.10 -16.94
C ASP A 954 -54.75 -14.01 -15.90
N PHE A 955 -55.00 -14.39 -14.66
CA PHE A 955 -55.26 -13.39 -13.62
C PHE A 955 -54.63 -13.79 -12.30
N GLN A 956 -54.81 -12.92 -11.33
CA GLN A 956 -54.36 -13.18 -9.97
C GLN A 956 -55.62 -13.18 -9.12
N PHE A 957 -55.69 -13.97 -8.02
CA PHE A 957 -56.96 -13.89 -7.26
C PHE A 957 -56.69 -14.15 -5.80
N ASN A 958 -57.66 -13.77 -5.00
CA ASN A 958 -57.73 -14.25 -3.63
C ASN A 958 -59.21 -14.60 -3.32
N ILE A 959 -59.43 -15.46 -2.31
CA ILE A 959 -60.77 -15.88 -2.06
C ILE A 959 -60.83 -16.26 -0.60
N SER A 960 -61.82 -15.73 0.12
CA SER A 960 -61.83 -15.94 1.55
C SER A 960 -63.13 -15.42 2.10
N ARG A 961 -63.27 -15.65 3.38
CA ARG A 961 -64.49 -15.22 4.07
C ARG A 961 -64.41 -13.80 4.56
N TYR A 962 -63.40 -13.01 4.16
CA TYR A 962 -63.25 -11.67 4.70
C TYR A 962 -63.15 -10.63 3.62
N SER A 963 -64.01 -9.60 3.70
CA SER A 963 -63.98 -8.58 2.68
C SER A 963 -62.73 -7.71 2.83
N GLN A 964 -62.29 -7.08 1.72
CA GLN A 964 -61.25 -6.10 1.78
C GLN A 964 -61.62 -5.02 2.76
N GLN A 965 -62.89 -4.64 2.83
CA GLN A 965 -63.24 -3.63 3.78
C GLN A 965 -63.04 -4.10 5.21
N GLN A 966 -63.45 -5.32 5.51
CA GLN A 966 -63.27 -5.78 6.86
C GLN A 966 -61.78 -5.86 7.18
N LEU A 967 -60.97 -6.38 6.26
CA LEU A 967 -59.52 -6.45 6.55
C LEU A 967 -58.92 -5.06 6.79
N MET A 968 -59.36 -4.04 6.08
CA MET A 968 -58.78 -2.75 6.29
C MET A 968 -59.29 -2.08 7.53
N GLU A 969 -60.43 -2.54 8.03
CA GLU A 969 -60.92 -1.89 9.24
C GLU A 969 -60.53 -2.63 10.50
N THR A 970 -59.89 -3.78 10.39
CA THR A 970 -59.58 -4.57 11.58
C THR A 970 -58.06 -4.62 11.84
N SER A 971 -57.67 -4.34 13.09
CA SER A 971 -56.24 -4.24 13.42
C SER A 971 -55.65 -5.50 13.98
N HIS A 972 -56.47 -6.49 14.35
CA HIS A 972 -55.93 -7.72 14.91
C HIS A 972 -56.68 -8.86 14.32
N ARG A 973 -55.97 -9.92 13.92
CA ARG A 973 -56.58 -11.06 13.28
C ARG A 973 -57.63 -11.75 14.16
N HIS A 974 -57.50 -11.71 15.49
CA HIS A 974 -58.50 -12.47 16.23
C HIS A 974 -59.87 -11.78 16.25
N LEU A 975 -59.93 -10.53 15.77
CA LEU A 975 -61.21 -9.79 15.77
C LEU A 975 -61.94 -9.95 14.43
N LEU A 976 -61.33 -10.61 13.47
CA LEU A 976 -62.03 -10.76 12.19
C LEU A 976 -63.17 -11.81 12.36
N HIS A 977 -64.24 -11.71 11.57
CA HIS A 977 -65.35 -12.66 11.63
C HIS A 977 -65.75 -13.03 10.20
N ALA A 978 -65.95 -14.31 9.99
CA ALA A 978 -66.28 -14.73 8.65
C ALA A 978 -67.58 -14.08 8.22
N GLU A 979 -67.62 -13.57 7.01
CA GLU A 979 -68.83 -12.95 6.46
C GLU A 979 -69.65 -14.06 5.82
N GLU A 980 -70.87 -13.68 5.42
CA GLU A 980 -71.69 -14.69 4.78
C GLU A 980 -71.06 -14.99 3.39
N GLY A 981 -71.14 -16.22 2.93
CA GLY A 981 -70.57 -16.44 1.59
C GLY A 981 -69.06 -16.26 1.53
N THR A 982 -68.56 -16.08 0.32
CA THR A 982 -67.14 -16.04 0.11
C THR A 982 -66.80 -14.84 -0.76
N TRP A 983 -65.81 -14.00 -0.34
CA TRP A 983 -65.41 -12.87 -1.14
C TRP A 983 -64.33 -13.29 -2.12
N LEU A 984 -64.57 -12.96 -3.38
CA LEU A 984 -63.64 -13.32 -4.40
C LEU A 984 -63.12 -12.06 -5.02
N ASN A 985 -61.80 -11.91 -5.12
CA ASN A 985 -61.16 -10.75 -5.79
C ASN A 985 -60.40 -11.38 -6.94
N ILE A 986 -60.69 -10.98 -8.19
CA ILE A 986 -59.98 -11.57 -9.32
C ILE A 986 -59.43 -10.40 -10.04
N ASP A 987 -58.08 -10.36 -10.06
CA ASP A 987 -57.35 -9.24 -10.58
C ASP A 987 -56.77 -9.50 -11.94
N GLY A 988 -56.92 -8.55 -12.82
CA GLY A 988 -56.13 -8.60 -14.07
C GLY A 988 -54.66 -8.23 -13.71
N PHE A 989 -54.50 -7.26 -12.82
CA PHE A 989 -53.17 -6.73 -12.44
C PHE A 989 -53.16 -6.39 -10.97
N HIS A 990 -52.02 -6.62 -10.31
CA HIS A 990 -51.97 -6.33 -8.87
C HIS A 990 -50.57 -5.72 -8.64
N MET A 991 -50.49 -4.71 -7.82
CA MET A 991 -49.21 -4.04 -7.53
C MET A 991 -48.38 -4.89 -6.64
N GLY A 992 -47.05 -4.65 -6.77
CA GLY A 992 -46.11 -5.38 -5.91
C GLY A 992 -46.40 -5.07 -4.45
N ILE A 993 -45.81 -5.89 -3.55
CA ILE A 993 -46.03 -5.62 -2.10
C ILE A 993 -44.80 -4.88 -1.48
N GLY A 994 -43.62 -4.89 -2.15
CA GLY A 994 -42.49 -4.19 -1.54
C GLY A 994 -41.91 -4.95 -0.35
N GLY A 995 -41.04 -4.20 0.41
CA GLY A 995 -40.46 -4.82 1.59
C GLY A 995 -38.97 -4.50 1.80
N ASP A 996 -38.30 -3.83 0.86
CA ASP A 996 -36.89 -3.45 1.11
C ASP A 996 -36.82 -2.79 2.46
N ASP A 997 -37.87 -2.04 2.81
CA ASP A 997 -38.03 -1.55 4.18
C ASP A 997 -39.55 -1.37 4.35
N SER A 998 -39.97 -1.03 5.58
CA SER A 998 -41.41 -0.86 5.84
C SER A 998 -41.68 0.57 6.37
N TRP A 999 -40.86 1.54 5.91
CA TRP A 999 -41.18 2.87 6.38
C TRP A 999 -41.05 3.85 5.29
N SER A 1000 -40.74 3.44 4.07
CA SER A 1000 -40.76 4.36 2.88
C SER A 1000 -41.23 3.52 1.70
N PRO A 1001 -41.87 4.09 0.69
CA PRO A 1001 -42.34 3.28 -0.42
C PRO A 1001 -41.20 2.45 -0.99
N SER A 1002 -41.46 1.15 -1.18
CA SER A 1002 -40.39 0.26 -1.59
C SER A 1002 -40.75 -0.61 -2.78
N VAL A 1003 -41.97 -0.41 -3.36
CA VAL A 1003 -42.35 -1.22 -4.53
C VAL A 1003 -41.58 -0.67 -5.75
N SER A 1004 -40.81 -1.56 -6.39
CA SER A 1004 -40.02 -1.18 -7.52
C SER A 1004 -40.86 -0.74 -8.69
N ALA A 1005 -40.35 0.19 -9.47
CA ALA A 1005 -41.13 0.71 -10.56
C ALA A 1005 -41.75 -0.32 -11.50
N GLU A 1006 -41.04 -1.37 -11.77
CA GLU A 1006 -41.57 -2.33 -12.66
C GLU A 1006 -42.79 -3.13 -12.13
N PHE A 1007 -43.04 -2.95 -10.84
CA PHE A 1007 -44.17 -3.61 -10.20
C PHE A 1007 -45.28 -2.62 -9.80
N GLN A 1008 -45.19 -1.40 -10.31
CA GLN A 1008 -46.24 -0.44 -10.10
C GLN A 1008 -47.11 -0.45 -11.31
N LEU A 1009 -48.43 -0.21 -11.12
CA LEU A 1009 -49.37 -0.30 -12.25
C LEU A 1009 -49.43 1.06 -12.92
N SER A 1010 -48.41 1.39 -13.70
CA SER A 1010 -48.35 2.73 -14.27
C SER A 1010 -48.58 2.73 -15.78
N ALA A 1011 -49.10 1.62 -16.38
CA ALA A 1011 -49.21 1.60 -17.85
C ALA A 1011 -50.28 2.53 -18.43
N GLY A 1012 -51.21 3.00 -17.55
CA GLY A 1012 -52.25 3.92 -18.08
C GLY A 1012 -53.49 3.19 -18.65
N ARG A 1013 -53.26 2.16 -19.50
CA ARG A 1013 -54.32 1.37 -20.07
C ARG A 1013 -54.06 -0.08 -19.74
N TYR A 1014 -55.09 -0.80 -19.33
CA TYR A 1014 -54.95 -2.19 -18.96
C TYR A 1014 -56.10 -3.00 -19.57
N HIS A 1015 -55.79 -4.22 -19.99
CA HIS A 1015 -56.77 -5.09 -20.56
C HIS A 1015 -56.68 -6.45 -19.90
N TYR A 1016 -57.86 -7.02 -19.52
CA TYR A 1016 -57.88 -8.39 -19.05
C TYR A 1016 -59.19 -9.03 -19.51
N GLN A 1017 -59.25 -10.37 -19.52
CA GLN A 1017 -60.43 -11.08 -20.00
C GLN A 1017 -60.59 -12.35 -19.22
N LEU A 1018 -61.84 -12.65 -18.86
CA LEU A 1018 -62.18 -13.80 -18.07
C LEU A 1018 -63.35 -14.52 -18.70
N VAL A 1019 -63.41 -15.85 -18.59
CA VAL A 1019 -64.64 -16.59 -18.93
C VAL A 1019 -65.16 -17.16 -17.62
N TRP A 1020 -66.46 -16.94 -17.25
CA TRP A 1020 -67.03 -17.47 -16.05
C TRP A 1020 -67.99 -18.50 -16.53
N CYS A 1021 -67.82 -19.75 -16.14
CA CYS A 1021 -68.75 -20.81 -16.54
C CYS A 1021 -69.02 -21.76 -15.37
N GLN A 1022 -69.94 -22.73 -15.54
CA GLN A 1022 -70.31 -23.67 -14.46
C GLN A 1022 -69.62 -24.96 -14.81
N LYS A 1023 -68.87 -25.54 -13.88
CA LYS A 1023 -68.12 -26.73 -14.22
C LYS A 1023 -67.24 -26.30 -15.39
N ARG B 13 17.77 -5.96 -51.18
CA ARG B 13 17.46 -6.21 -49.77
C ARG B 13 16.03 -6.47 -49.33
N ARG B 14 15.00 -6.25 -50.08
CA ARG B 14 13.63 -6.54 -49.61
C ARG B 14 13.37 -6.07 -48.16
N ASP B 15 13.62 -4.78 -48.01
CA ASP B 15 13.48 -4.22 -46.68
C ASP B 15 12.05 -4.26 -46.17
N TRP B 16 11.10 -4.39 -47.10
CA TRP B 16 9.69 -4.43 -46.77
C TRP B 16 9.23 -5.81 -46.34
N GLU B 17 10.16 -6.75 -46.15
CA GLU B 17 9.81 -8.07 -45.56
C GLU B 17 10.79 -8.32 -44.42
N ASN B 18 11.01 -7.31 -43.56
CA ASN B 18 11.96 -7.41 -42.45
C ASN B 18 11.55 -6.43 -41.40
N PRO B 19 10.96 -6.92 -40.32
CA PRO B 19 10.53 -6.00 -39.27
C PRO B 19 11.72 -5.35 -38.54
N GLY B 20 12.96 -5.83 -38.83
CA GLY B 20 14.16 -5.28 -38.21
C GLY B 20 14.49 -4.00 -38.93
N VAL B 21 13.90 -3.74 -40.10
CA VAL B 21 14.24 -2.51 -40.89
C VAL B 21 12.99 -1.76 -41.10
N THR B 22 12.78 -0.72 -40.31
CA THR B 22 11.55 0.01 -40.43
C THR B 22 11.80 1.33 -41.06
N GLN B 23 13.05 1.60 -41.35
CA GLN B 23 13.39 2.86 -41.99
C GLN B 23 14.87 2.79 -42.29
N LEU B 24 15.31 3.65 -43.23
CA LEU B 24 16.75 3.84 -43.50
C LEU B 24 16.91 5.33 -43.75
N ASN B 25 17.89 5.93 -43.08
CA ASN B 25 18.24 7.36 -43.26
C ASN B 25 17.11 8.33 -42.82
N ARG B 26 16.11 7.85 -42.06
CA ARG B 26 15.03 8.73 -41.63
C ARG B 26 15.50 9.61 -40.43
N LEU B 27 15.10 10.88 -40.40
CA LEU B 27 15.49 11.77 -39.33
C LEU B 27 14.63 11.51 -38.10
N ALA B 28 15.10 11.96 -36.99
CA ALA B 28 14.35 11.83 -35.76
C ALA B 28 12.98 12.53 -35.78
N ALA B 29 12.02 11.98 -35.02
CA ALA B 29 10.71 12.59 -34.88
C ALA B 29 10.75 13.72 -33.89
N HIS B 30 9.76 14.65 -34.01
CA HIS B 30 9.78 15.88 -33.16
C HIS B 30 8.40 16.54 -33.35
N PRO B 31 8.10 17.55 -32.54
CA PRO B 31 6.86 18.22 -32.63
C PRO B 31 6.84 19.07 -33.87
N PRO B 32 5.62 19.53 -34.19
CA PRO B 32 5.46 20.31 -35.47
C PRO B 32 6.40 21.50 -35.53
N PHE B 33 7.13 21.62 -36.68
CA PHE B 33 8.07 22.73 -36.85
C PHE B 33 7.67 23.49 -38.09
N ALA B 34 8.14 24.74 -38.11
CA ALA B 34 7.92 25.64 -39.28
C ALA B 34 9.18 26.49 -39.54
N SER B 35 10.20 26.44 -38.66
CA SER B 35 11.42 27.27 -38.84
C SER B 35 11.12 28.73 -39.23
N TRP B 36 10.32 29.39 -38.43
CA TRP B 36 10.10 30.79 -38.70
C TRP B 36 11.43 31.49 -38.47
N ARG B 37 11.64 32.58 -39.19
CA ARG B 37 12.83 33.42 -38.97
C ARG B 37 12.38 34.83 -38.55
N ASN B 38 11.17 34.92 -37.99
CA ASN B 38 10.62 36.15 -37.42
C ASN B 38 9.72 35.68 -36.24
N SER B 39 9.99 36.17 -35.05
CA SER B 39 9.26 35.69 -33.90
C SER B 39 7.82 36.05 -33.87
N GLU B 40 7.44 37.17 -34.47
CA GLU B 40 6.03 37.55 -34.45
C GLU B 40 5.21 36.64 -35.33
N GLU B 41 5.80 36.19 -36.46
CA GLU B 41 5.06 35.23 -37.33
C GLU B 41 4.88 33.91 -36.55
N ALA B 42 5.92 33.52 -35.78
CA ALA B 42 5.75 32.30 -34.95
C ALA B 42 4.68 32.54 -33.87
N ARG B 43 4.62 33.73 -33.27
CA ARG B 43 3.64 33.96 -32.28
C ARG B 43 2.25 33.83 -32.85
N THR B 44 2.02 34.35 -34.05
CA THR B 44 0.67 34.40 -34.67
C THR B 44 0.33 33.17 -35.52
N ASP B 45 1.25 32.18 -35.58
CA ASP B 45 1.00 30.93 -36.28
C ASP B 45 0.71 31.15 -37.76
N ARG B 46 1.38 32.17 -38.31
CA ARG B 46 1.24 32.42 -39.73
C ARG B 46 2.09 31.55 -40.58
N PRO B 47 1.67 31.40 -41.81
CA PRO B 47 2.36 30.44 -42.70
C PRO B 47 3.80 30.84 -42.82
N SER B 48 4.75 29.89 -42.82
CA SER B 48 6.15 30.24 -42.82
C SER B 48 6.78 30.03 -44.18
N GLN B 49 7.59 30.96 -44.55
CA GLN B 49 8.22 30.82 -45.82
C GLN B 49 9.20 29.67 -45.85
N GLN B 50 9.59 29.14 -44.69
CA GLN B 50 10.53 28.02 -44.69
C GLN B 50 9.79 26.69 -44.66
N LEU B 51 8.46 26.67 -44.78
CA LEU B 51 7.78 25.40 -44.81
C LEU B 51 6.96 25.40 -46.06
N ARG B 52 7.37 24.65 -47.07
CA ARG B 52 6.62 24.65 -48.33
C ARG B 52 5.79 23.40 -48.52
N SER B 53 4.61 23.54 -49.13
CA SER B 53 3.84 22.32 -49.45
C SER B 53 4.21 21.80 -50.82
N LEU B 54 4.40 20.50 -50.97
CA LEU B 54 4.64 19.97 -52.29
C LEU B 54 3.33 19.30 -52.78
N ASN B 55 2.19 19.58 -52.12
CA ASN B 55 0.90 18.93 -52.54
C ASN B 55 0.56 19.50 -53.90
N GLY B 56 -0.17 18.74 -54.70
CA GLY B 56 -0.65 19.23 -56.01
C GLY B 56 -0.50 18.14 -57.03
N GLU B 57 -0.16 18.55 -58.29
CA GLU B 57 -0.06 17.56 -59.32
C GLU B 57 1.30 16.87 -59.36
N TRP B 58 1.26 15.54 -59.23
CA TRP B 58 2.44 14.66 -59.31
C TRP B 58 2.24 13.73 -60.53
N ARG B 59 3.26 12.95 -60.82
CA ARG B 59 3.18 11.92 -61.85
C ARG B 59 3.07 10.56 -61.15
N PHE B 60 2.26 9.69 -61.70
CA PHE B 60 2.05 8.40 -61.05
C PHE B 60 1.88 7.30 -62.07
N ALA B 61 2.42 6.14 -61.74
CA ALA B 61 2.24 4.91 -62.52
C ALA B 61 2.11 3.79 -61.54
N TRP B 62 1.19 2.86 -61.84
CA TRP B 62 0.97 1.70 -61.00
C TRP B 62 1.72 0.49 -61.59
N PHE B 63 2.29 -0.36 -60.74
CA PHE B 63 2.90 -1.60 -61.18
C PHE B 63 2.41 -2.74 -60.29
N PRO B 64 2.43 -3.97 -60.78
CA PRO B 64 1.92 -5.07 -59.97
C PRO B 64 2.86 -5.58 -58.90
N ALA B 65 4.13 -5.19 -58.99
CA ALA B 65 5.15 -5.61 -58.07
C ALA B 65 6.35 -4.69 -58.26
N PRO B 66 7.18 -4.58 -57.22
CA PRO B 66 8.31 -3.69 -57.33
C PRO B 66 9.29 -4.18 -58.40
N GLU B 67 9.30 -5.52 -58.65
CA GLU B 67 10.21 -6.00 -59.68
C GLU B 67 9.87 -5.49 -61.06
N ALA B 68 8.67 -4.99 -61.21
CA ALA B 68 8.22 -4.57 -62.54
C ALA B 68 8.49 -3.12 -62.82
N VAL B 69 9.07 -2.42 -61.85
CA VAL B 69 9.30 -1.01 -62.05
C VAL B 69 10.54 -0.78 -62.92
N PRO B 70 10.48 -0.02 -64.01
CA PRO B 70 11.69 0.14 -64.86
C PRO B 70 12.75 1.00 -64.23
N GLU B 71 14.03 0.64 -64.35
CA GLU B 71 15.11 1.50 -63.80
C GLU B 71 15.11 2.90 -64.39
N SER B 72 14.62 3.01 -65.65
CA SER B 72 14.54 4.33 -66.27
C SER B 72 13.77 5.32 -65.43
N TRP B 73 12.79 4.81 -64.68
CA TRP B 73 11.95 5.70 -63.84
C TRP B 73 12.74 6.56 -62.82
N LEU B 74 13.87 6.04 -62.35
CA LEU B 74 14.67 6.79 -61.37
C LEU B 74 15.19 8.08 -61.90
N GLU B 75 15.48 8.04 -63.14
CA GLU B 75 16.08 9.16 -63.85
C GLU B 75 15.09 9.97 -64.65
N CYS B 76 14.05 9.34 -65.17
CA CYS B 76 13.19 10.16 -65.92
C CYS B 76 11.75 9.68 -65.99
N ASP B 77 10.88 10.67 -66.19
CA ASP B 77 9.45 10.45 -66.20
C ASP B 77 9.03 9.33 -67.14
N LEU B 78 8.18 8.44 -66.68
CA LEU B 78 7.67 7.41 -67.57
C LEU B 78 6.53 8.04 -68.36
N PRO B 79 6.62 7.89 -69.68
CA PRO B 79 5.61 8.44 -70.54
C PRO B 79 4.23 7.86 -70.29
N GLU B 80 4.20 6.62 -69.79
CA GLU B 80 2.95 5.96 -69.47
C GLU B 80 2.33 6.53 -68.22
N ALA B 81 3.08 7.28 -67.46
CA ALA B 81 2.49 7.77 -66.23
C ALA B 81 1.34 8.71 -66.46
N ASP B 82 0.52 8.91 -65.45
CA ASP B 82 -0.56 9.90 -65.51
C ASP B 82 -0.23 11.06 -64.55
N THR B 83 -0.91 12.17 -64.68
CA THR B 83 -0.77 13.28 -63.72
C THR B 83 -1.92 13.20 -62.74
N VAL B 84 -1.67 13.07 -61.44
CA VAL B 84 -2.74 12.88 -60.44
C VAL B 84 -2.52 13.86 -59.26
N VAL B 85 -3.53 14.05 -58.44
CA VAL B 85 -3.35 14.88 -57.28
C VAL B 85 -2.86 14.04 -56.14
N VAL B 86 -1.95 14.69 -55.36
CA VAL B 86 -1.35 14.12 -54.15
C VAL B 86 -1.61 15.20 -53.10
N PRO B 87 -2.04 14.88 -51.85
CA PRO B 87 -2.21 13.51 -51.39
C PRO B 87 -3.43 12.83 -52.01
N SER B 88 -3.33 11.48 -52.06
CA SER B 88 -4.42 10.65 -52.55
C SER B 88 -4.11 9.21 -52.18
N ASN B 89 -5.16 8.34 -52.26
CA ASN B 89 -5.01 6.88 -52.16
C ASN B 89 -5.26 6.42 -53.59
N TRP B 90 -4.35 5.57 -54.09
CA TRP B 90 -4.45 5.25 -55.51
C TRP B 90 -5.66 4.44 -55.86
N GLN B 91 -6.30 3.79 -54.86
CA GLN B 91 -7.54 3.09 -55.14
C GLN B 91 -8.67 4.09 -55.53
N MET B 92 -8.64 5.35 -54.96
CA MET B 92 -9.68 6.30 -55.20
C MET B 92 -9.55 6.88 -56.59
N HIS B 93 -8.43 6.57 -57.28
CA HIS B 93 -8.19 7.02 -58.69
C HIS B 93 -8.50 5.85 -59.66
N GLY B 94 -8.84 4.65 -59.09
CA GLY B 94 -9.23 3.49 -59.84
C GLY B 94 -8.10 2.58 -60.25
N TYR B 95 -6.89 2.80 -59.76
CA TYR B 95 -5.76 1.95 -60.17
C TYR B 95 -5.83 0.54 -59.73
N ASP B 96 -6.41 0.34 -58.54
CA ASP B 96 -6.65 -1.02 -58.04
C ASP B 96 -7.78 -0.89 -57.01
N ALA B 97 -8.28 -1.99 -56.48
CA ALA B 97 -9.47 -1.89 -55.64
C ALA B 97 -9.11 -1.78 -54.18
N PRO B 98 -9.86 -0.97 -53.50
CA PRO B 98 -9.69 -0.90 -52.06
C PRO B 98 -10.32 -2.20 -51.50
N ILE B 99 -9.86 -2.74 -50.34
CA ILE B 99 -10.41 -3.97 -49.82
C ILE B 99 -11.04 -3.73 -48.45
N TYR B 100 -12.28 -4.21 -48.20
CA TYR B 100 -12.80 -4.04 -46.83
C TYR B 100 -12.83 -5.39 -46.12
N THR B 101 -11.85 -5.62 -45.26
CA THR B 101 -11.85 -6.79 -44.43
C THR B 101 -11.71 -6.23 -42.98
N ASN B 102 -12.37 -6.89 -42.03
CA ASN B 102 -12.36 -6.49 -40.64
C ASN B 102 -11.15 -7.12 -39.92
N VAL B 103 -11.25 -8.39 -39.54
CA VAL B 103 -10.22 -9.00 -38.75
C VAL B 103 -9.23 -9.76 -39.62
N THR B 104 -9.75 -10.58 -40.55
CA THR B 104 -8.85 -11.39 -41.39
C THR B 104 -7.86 -10.49 -42.18
N TYR B 105 -6.58 -10.80 -42.10
CA TYR B 105 -5.65 -9.97 -42.88
C TYR B 105 -5.98 -10.07 -44.36
N PRO B 106 -5.66 -9.01 -45.08
CA PRO B 106 -5.92 -8.98 -46.53
C PRO B 106 -4.86 -9.69 -47.26
N ILE B 107 -3.83 -10.17 -46.58
CA ILE B 107 -2.79 -10.97 -47.22
C ILE B 107 -2.63 -12.26 -46.40
N THR B 108 -1.99 -13.29 -47.02
CA THR B 108 -1.76 -14.53 -46.27
C THR B 108 -0.92 -14.24 -45.04
N VAL B 109 -1.25 -14.87 -43.90
CA VAL B 109 -0.54 -14.61 -42.66
C VAL B 109 0.73 -15.44 -42.64
N ASN B 110 1.85 -14.83 -42.96
CA ASN B 110 3.14 -15.59 -43.00
C ASN B 110 4.24 -14.59 -42.74
N PRO B 111 4.24 -13.99 -41.55
CA PRO B 111 5.15 -12.90 -41.25
C PRO B 111 6.57 -13.36 -41.33
N PRO B 112 7.49 -12.52 -41.78
CA PRO B 112 7.23 -11.13 -42.14
C PRO B 112 7.04 -10.94 -43.65
N PHE B 113 6.70 -12.02 -44.37
CA PHE B 113 6.58 -11.91 -45.82
C PHE B 113 5.24 -11.37 -46.28
N VAL B 114 5.29 -10.81 -47.49
CA VAL B 114 4.09 -10.28 -48.14
C VAL B 114 3.94 -10.87 -49.53
N PRO B 115 2.80 -10.74 -50.19
CA PRO B 115 2.64 -11.39 -51.49
C PRO B 115 3.67 -10.91 -52.48
N THR B 116 4.03 -11.78 -53.42
CA THR B 116 4.94 -11.36 -54.47
C THR B 116 4.27 -10.38 -55.38
N GLU B 117 2.96 -10.59 -55.61
CA GLU B 117 2.19 -9.60 -56.34
C GLU B 117 1.80 -8.52 -55.31
N ASN B 118 2.56 -7.42 -55.31
CA ASN B 118 2.46 -6.37 -54.33
C ASN B 118 2.33 -5.01 -55.04
N PRO B 119 1.10 -4.53 -55.19
CA PRO B 119 0.87 -3.31 -55.90
C PRO B 119 1.82 -2.22 -55.45
N THR B 120 2.42 -1.61 -56.46
CA THR B 120 3.47 -0.61 -56.23
C THR B 120 3.11 0.65 -56.95
N GLY B 121 3.04 1.74 -56.21
CA GLY B 121 2.67 3.04 -56.78
C GLY B 121 3.94 3.88 -56.99
N CYS B 122 4.26 4.28 -58.23
CA CYS B 122 5.49 5.02 -58.47
C CYS B 122 5.11 6.46 -58.64
N TYR B 123 5.40 7.24 -57.64
CA TYR B 123 5.05 8.64 -57.78
C TYR B 123 6.30 9.46 -58.02
N SER B 124 6.16 10.58 -58.73
CA SER B 124 7.34 11.46 -58.96
C SER B 124 6.92 12.89 -59.14
N LEU B 125 7.84 13.81 -58.90
CA LEU B 125 7.51 15.17 -58.97
C LEU B 125 8.72 15.93 -59.41
N THR B 126 8.56 16.79 -60.42
CA THR B 126 9.63 17.72 -60.82
C THR B 126 9.33 19.07 -60.23
N PHE B 127 10.30 19.63 -59.50
CA PHE B 127 9.98 20.88 -58.80
C PHE B 127 11.20 21.74 -58.63
N ASN B 128 10.94 22.99 -58.28
CA ASN B 128 12.02 23.93 -58.11
C ASN B 128 12.51 24.01 -56.71
N VAL B 129 13.81 24.27 -56.58
CA VAL B 129 14.39 24.55 -55.29
C VAL B 129 15.21 25.80 -55.44
N ASP B 130 14.97 26.79 -54.58
CA ASP B 130 15.74 28.07 -54.57
C ASP B 130 17.15 27.88 -54.01
N GLU B 131 18.15 28.53 -54.65
CA GLU B 131 19.51 28.41 -54.16
C GLU B 131 19.63 28.94 -52.72
N SER B 132 18.73 29.84 -52.32
CA SER B 132 18.83 30.28 -50.94
C SER B 132 18.69 29.15 -49.96
N TRP B 133 17.92 28.07 -50.34
CA TRP B 133 17.70 26.92 -49.41
C TRP B 133 18.93 25.98 -49.36
N LEU B 134 19.77 26.11 -50.37
CA LEU B 134 20.90 25.21 -50.47
C LEU B 134 22.20 25.86 -50.13
N GLN B 135 22.28 27.16 -50.23
CA GLN B 135 23.52 27.77 -49.92
C GLN B 135 23.87 27.71 -48.45
N GLU B 136 22.87 27.53 -47.61
CA GLU B 136 23.15 27.41 -46.20
C GLU B 136 21.97 26.57 -45.64
N GLY B 137 22.15 26.04 -44.44
CA GLY B 137 21.04 25.31 -43.80
C GLY B 137 20.78 23.93 -44.35
N GLN B 138 19.68 23.36 -43.83
CA GLN B 138 19.30 22.01 -44.14
C GLN B 138 17.93 22.00 -44.78
N THR B 139 17.81 21.31 -45.90
CA THR B 139 16.51 21.20 -46.52
C THR B 139 16.04 19.75 -46.35
N ARG B 140 14.92 19.56 -45.65
CA ARG B 140 14.44 18.18 -45.55
C ARG B 140 13.05 18.04 -46.21
N ILE B 141 12.68 16.81 -46.57
CA ILE B 141 11.32 16.59 -47.09
C ILE B 141 10.58 15.77 -46.04
N ILE B 142 9.30 16.05 -45.91
CA ILE B 142 8.47 15.43 -44.91
C ILE B 142 7.25 14.80 -45.59
N PHE B 143 7.14 13.47 -45.41
CA PHE B 143 5.96 12.72 -45.90
C PHE B 143 5.08 12.44 -44.71
N ASP B 144 3.97 13.19 -44.53
CA ASP B 144 3.16 12.98 -43.35
C ASP B 144 2.50 11.63 -43.34
N GLY B 145 2.29 11.02 -44.52
CA GLY B 145 1.55 9.72 -44.52
C GLY B 145 1.78 8.98 -45.82
N VAL B 146 2.44 7.81 -45.70
CA VAL B 146 2.72 6.96 -46.89
C VAL B 146 2.33 5.54 -46.50
N ASN B 147 1.33 4.96 -47.24
CA ASN B 147 0.74 3.65 -46.87
C ASN B 147 1.12 2.60 -47.94
N SER B 148 1.99 1.60 -47.62
CA SER B 148 2.41 1.27 -46.25
C SER B 148 3.92 1.44 -46.01
N ALA B 149 4.73 1.47 -47.12
CA ALA B 149 6.18 1.59 -46.98
C ALA B 149 6.70 2.20 -48.27
N PHE B 150 7.85 2.82 -48.22
CA PHE B 150 8.33 3.41 -49.46
C PHE B 150 9.85 3.67 -49.48
N HIS B 151 10.40 3.64 -50.72
CA HIS B 151 11.76 4.03 -50.99
C HIS B 151 11.71 5.37 -51.63
N LEU B 152 12.74 6.23 -51.38
CA LEU B 152 12.77 7.59 -51.92
C LEU B 152 14.11 7.81 -52.61
N TRP B 153 14.02 8.41 -53.81
CA TRP B 153 15.18 8.84 -54.57
C TRP B 153 15.01 10.30 -54.88
N CYS B 154 16.13 11.01 -55.03
CA CYS B 154 16.12 12.42 -55.37
C CYS B 154 17.22 12.60 -56.46
N ASN B 155 16.75 13.07 -57.64
CA ASN B 155 17.61 13.29 -58.79
C ASN B 155 18.34 11.99 -59.12
N GLY B 156 17.59 10.90 -59.00
CA GLY B 156 18.12 9.58 -59.36
C GLY B 156 18.96 8.86 -58.32
N ARG B 157 19.23 9.53 -57.21
CA ARG B 157 20.04 8.93 -56.17
C ARG B 157 19.19 8.54 -54.93
N TRP B 158 19.46 7.34 -54.40
CA TRP B 158 18.65 6.81 -53.30
C TRP B 158 18.89 7.55 -52.04
N VAL B 159 17.76 7.93 -51.41
CA VAL B 159 17.82 8.66 -50.15
C VAL B 159 17.54 7.82 -48.93
N GLY B 160 16.42 7.06 -48.97
CA GLY B 160 16.05 6.38 -47.70
C GLY B 160 14.76 5.63 -47.89
N TYR B 161 14.26 5.11 -46.73
CA TYR B 161 13.12 4.21 -46.70
C TYR B 161 12.33 4.47 -45.42
N GLY B 162 11.02 4.25 -45.47
CA GLY B 162 10.23 4.42 -44.25
C GLY B 162 9.04 3.49 -44.20
N GLN B 163 8.59 3.18 -42.97
CA GLN B 163 7.37 2.43 -42.66
C GLN B 163 6.61 3.20 -41.57
N ASP B 164 5.41 2.65 -41.25
CA ASP B 164 4.37 3.25 -40.33
C ASP B 164 3.59 4.22 -41.19
N SER B 165 2.42 3.80 -41.67
CA SER B 165 1.68 4.65 -42.58
C SER B 165 1.06 5.84 -41.94
N ARG B 166 1.18 6.02 -40.60
CA ARG B 166 0.38 7.08 -39.92
C ARG B 166 1.16 8.15 -39.18
N LEU B 167 2.52 8.13 -39.37
CA LEU B 167 3.37 9.17 -38.81
C LEU B 167 4.27 9.68 -39.91
N PRO B 168 4.73 10.94 -39.78
CA PRO B 168 5.57 11.52 -40.82
C PRO B 168 6.95 10.88 -40.86
N SER B 169 7.44 10.71 -42.08
CA SER B 169 8.80 10.20 -42.33
C SER B 169 9.55 11.38 -43.01
N GLU B 170 10.71 11.79 -42.46
CA GLU B 170 11.49 12.95 -42.91
C GLU B 170 12.87 12.56 -43.30
N PHE B 171 13.36 13.15 -44.37
CA PHE B 171 14.72 12.83 -44.84
C PHE B 171 15.45 14.13 -45.25
N ASP B 172 16.74 14.17 -44.92
CA ASP B 172 17.55 15.32 -45.28
C ASP B 172 17.93 15.24 -46.74
N LEU B 173 17.50 16.21 -47.53
CA LEU B 173 17.79 16.25 -48.97
C LEU B 173 18.89 17.26 -49.32
N SER B 174 19.47 17.89 -48.33
CA SER B 174 20.45 18.95 -48.57
C SER B 174 21.49 18.57 -49.58
N ALA B 175 22.08 17.39 -49.42
CA ALA B 175 23.19 16.97 -50.36
C ALA B 175 22.68 16.44 -51.70
N PHE B 176 21.37 16.25 -51.91
CA PHE B 176 20.84 15.67 -53.10
C PHE B 176 20.24 16.70 -54.06
N LEU B 177 19.91 17.87 -53.56
CA LEU B 177 19.27 18.85 -54.44
C LEU B 177 20.23 19.81 -55.15
N ARG B 178 19.77 20.47 -56.20
CA ARG B 178 20.58 21.51 -56.86
C ARG B 178 19.61 22.66 -57.10
N ALA B 179 20.15 23.87 -57.23
CA ALA B 179 19.29 25.02 -57.48
C ALA B 179 18.56 24.81 -58.82
N GLY B 180 17.32 25.18 -58.85
CA GLY B 180 16.49 24.96 -60.08
C GLY B 180 15.60 23.70 -59.99
N GLU B 181 15.47 23.02 -61.13
CA GLU B 181 14.62 21.86 -61.23
C GLU B 181 15.20 20.60 -60.64
N ASN B 182 14.38 19.92 -59.85
CA ASN B 182 14.80 18.66 -59.23
C ASN B 182 13.62 17.66 -59.43
N ARG B 183 13.97 16.37 -59.28
CA ARG B 183 12.95 15.36 -59.42
C ARG B 183 13.01 14.39 -58.24
N LEU B 184 11.86 14.19 -57.61
CA LEU B 184 11.77 13.15 -56.57
C LEU B 184 11.13 11.91 -57.24
N ALA B 185 11.51 10.71 -56.75
CA ALA B 185 10.85 9.48 -57.15
C ALA B 185 10.52 8.67 -55.88
N VAL B 186 9.23 8.30 -55.71
CA VAL B 186 8.87 7.60 -54.49
C VAL B 186 8.19 6.30 -54.88
N MET B 187 8.74 5.17 -54.46
CA MET B 187 8.13 3.88 -54.79
C MET B 187 7.40 3.43 -53.55
N VAL B 188 6.10 3.38 -53.64
CA VAL B 188 5.22 3.05 -52.49
C VAL B 188 4.74 1.61 -52.63
N LEU B 189 5.02 0.76 -51.62
CA LEU B 189 4.56 -0.63 -51.64
C LEU B 189 3.25 -0.72 -50.91
N ARG B 190 2.22 -1.41 -51.47
CA ARG B 190 0.97 -1.56 -50.75
C ARG B 190 1.19 -2.36 -49.49
N TRP B 191 1.90 -3.47 -49.64
CA TRP B 191 2.11 -4.38 -48.51
C TRP B 191 3.55 -4.43 -48.07
N SER B 192 3.73 -4.56 -46.76
CA SER B 192 5.08 -4.61 -46.17
C SER B 192 5.02 -5.27 -44.81
N ASP B 193 6.17 -5.55 -44.15
CA ASP B 193 6.04 -6.15 -42.85
C ASP B 193 5.25 -5.19 -41.95
N GLY B 194 5.20 -3.90 -42.29
CA GLY B 194 4.41 -2.97 -41.46
C GLY B 194 2.93 -3.30 -41.52
N SER B 195 2.45 -3.93 -42.59
CA SER B 195 1.04 -4.28 -42.74
C SER B 195 0.64 -5.23 -41.59
N TYR B 196 1.58 -6.02 -41.03
CA TYR B 196 1.18 -6.92 -39.94
C TYR B 196 0.76 -6.19 -38.71
N LEU B 197 1.18 -4.94 -38.66
CA LEU B 197 0.81 -4.07 -37.51
C LEU B 197 -0.31 -3.05 -37.87
N GLU B 198 -0.92 -3.24 -39.07
CA GLU B 198 -1.95 -2.28 -39.52
C GLU B 198 -3.22 -3.04 -39.97
N ASP B 199 -3.72 -3.86 -39.03
CA ASP B 199 -4.89 -4.66 -39.38
C ASP B 199 -6.16 -4.05 -38.78
N GLN B 200 -6.24 -2.73 -38.79
CA GLN B 200 -7.47 -2.11 -38.34
C GLN B 200 -8.65 -2.42 -39.30
N ASP B 201 -9.87 -2.45 -38.67
CA ASP B 201 -11.15 -2.69 -39.35
C ASP B 201 -11.54 -1.49 -40.13
N MET B 202 -11.05 -1.41 -41.37
CA MET B 202 -11.35 -0.25 -42.25
C MET B 202 -10.93 -0.67 -43.65
N TRP B 203 -11.21 0.18 -44.60
CA TRP B 203 -10.70 -0.09 -45.96
C TRP B 203 -9.22 -0.14 -45.96
N ARG B 204 -8.71 -1.10 -46.76
CA ARG B 204 -7.30 -1.25 -46.92
C ARG B 204 -6.95 -0.59 -48.28
N MET B 205 -6.26 0.56 -48.14
CA MET B 205 -5.86 1.41 -49.26
C MET B 205 -4.33 1.63 -49.26
N SER B 206 -3.80 2.46 -50.16
CA SER B 206 -2.36 2.71 -50.15
C SER B 206 -2.10 4.00 -50.87
N GLY B 207 -0.88 4.47 -50.72
CA GLY B 207 -0.51 5.68 -51.47
C GLY B 207 0.12 6.79 -50.59
N ILE B 208 0.40 7.95 -51.19
CA ILE B 208 0.89 9.10 -50.44
C ILE B 208 -0.35 9.93 -50.12
N PHE B 209 -0.94 9.64 -48.92
CA PHE B 209 -2.27 10.10 -48.60
C PHE B 209 -2.38 11.22 -47.57
N ARG B 210 -1.22 11.71 -47.10
CA ARG B 210 -1.19 12.92 -46.30
C ARG B 210 -0.16 13.84 -46.96
N ASP B 211 -0.06 15.06 -46.42
CA ASP B 211 0.79 16.10 -47.01
C ASP B 211 2.25 15.71 -47.23
N VAL B 212 2.84 16.37 -48.26
CA VAL B 212 4.27 16.25 -48.54
C VAL B 212 4.77 17.70 -48.48
N SER B 213 5.87 17.91 -47.72
CA SER B 213 6.35 19.27 -47.58
C SER B 213 7.84 19.29 -47.56
N LEU B 214 8.36 20.50 -47.79
CA LEU B 214 9.84 20.81 -47.70
C LEU B 214 10.05 21.82 -46.56
N LEU B 215 10.98 21.49 -45.69
CA LEU B 215 11.27 22.37 -44.56
C LEU B 215 12.73 22.74 -44.54
N HIS B 216 12.98 24.03 -44.44
CA HIS B 216 14.33 24.52 -44.34
C HIS B 216 14.63 24.87 -42.92
N LYS B 217 15.71 24.35 -42.37
CA LYS B 217 16.10 24.71 -41.00
C LYS B 217 17.54 25.19 -41.09
N PRO B 218 17.95 26.06 -40.16
CA PRO B 218 19.37 26.49 -40.16
C PRO B 218 20.22 25.35 -39.66
N THR B 219 21.52 25.35 -39.92
CA THR B 219 22.38 24.25 -39.43
C THR B 219 22.39 24.21 -37.94
N THR B 220 22.39 25.37 -37.31
CA THR B 220 22.28 25.48 -35.85
C THR B 220 20.81 25.73 -35.61
N GLN B 221 20.16 24.69 -34.99
CA GLN B 221 18.71 24.71 -34.94
C GLN B 221 18.12 24.11 -33.68
N ILE B 222 16.83 24.46 -33.48
CA ILE B 222 16.02 23.79 -32.43
C ILE B 222 15.63 22.42 -33.03
N SER B 223 16.08 21.36 -32.36
CA SER B 223 15.79 20.00 -32.87
C SER B 223 14.65 19.31 -32.10
N ASP B 224 14.24 19.86 -30.92
CA ASP B 224 13.11 19.28 -30.24
C ASP B 224 12.79 20.27 -29.13
N PHE B 225 11.56 20.24 -28.59
CA PHE B 225 11.22 21.03 -27.41
C PHE B 225 10.01 20.38 -26.79
N HIS B 226 9.98 20.40 -25.45
CA HIS B 226 8.87 19.75 -24.70
C HIS B 226 8.30 20.77 -23.78
N VAL B 227 7.00 20.91 -23.73
CA VAL B 227 6.40 21.91 -22.81
C VAL B 227 5.58 21.21 -21.74
N ALA B 228 5.83 21.51 -20.50
CA ALA B 228 5.09 20.90 -19.38
C ALA B 228 4.47 22.00 -18.51
N THR B 229 3.34 21.73 -17.84
CA THR B 229 2.68 22.73 -17.01
C THR B 229 2.31 22.01 -15.77
N ARG B 230 2.86 22.46 -14.63
CA ARG B 230 2.57 21.84 -13.31
C ARG B 230 1.89 22.91 -12.44
N PHE B 231 1.10 22.47 -11.44
CA PHE B 231 0.32 23.42 -10.73
C PHE B 231 0.40 23.23 -9.24
N ASN B 232 -0.05 24.30 -8.54
CA ASN B 232 -0.19 24.16 -7.07
C ASN B 232 -1.54 23.47 -6.77
N ASP B 233 -1.85 23.30 -5.48
CA ASP B 233 -3.05 22.60 -5.12
C ASP B 233 -4.34 23.20 -5.58
N ASP B 234 -4.48 24.49 -5.78
CA ASP B 234 -5.78 24.89 -6.22
C ASP B 234 -5.74 25.47 -7.63
N PHE B 235 -4.64 25.21 -8.34
CA PHE B 235 -4.50 25.66 -9.74
C PHE B 235 -4.41 27.17 -9.85
N SER B 236 -4.06 27.84 -8.78
CA SER B 236 -3.98 29.31 -8.81
C SER B 236 -2.59 29.81 -9.23
N ARG B 237 -1.64 28.86 -9.27
CA ARG B 237 -0.27 29.11 -9.73
C ARG B 237 0.21 27.93 -10.58
N ALA B 238 0.96 28.24 -11.60
CA ALA B 238 1.55 27.22 -12.48
C ALA B 238 2.98 27.59 -12.81
N VAL B 239 3.71 26.54 -13.15
CA VAL B 239 5.06 26.66 -13.67
C VAL B 239 5.01 26.04 -15.06
N LEU B 240 5.34 26.81 -16.10
CA LEU B 240 5.56 26.29 -17.46
C LEU B 240 7.03 25.92 -17.59
N GLU B 241 7.37 24.69 -17.93
CA GLU B 241 8.78 24.32 -18.09
C GLU B 241 8.99 23.87 -19.52
N ALA B 242 9.93 24.47 -20.23
CA ALA B 242 10.16 24.14 -21.62
C ALA B 242 11.56 23.61 -21.79
N GLU B 243 11.73 22.34 -22.09
CA GLU B 243 13.06 21.79 -22.35
C GLU B 243 13.33 21.96 -23.85
N VAL B 244 14.49 22.56 -24.21
CA VAL B 244 14.77 22.80 -25.65
C VAL B 244 16.07 22.11 -26.00
N GLN B 245 16.12 21.43 -27.12
CA GLN B 245 17.34 20.75 -27.52
C GLN B 245 17.79 21.39 -28.83
N MET B 246 19.11 21.40 -29.06
CA MET B 246 19.58 21.94 -30.34
C MET B 246 20.43 20.90 -31.03
N CYS B 247 20.63 21.16 -32.32
CA CYS B 247 21.60 20.44 -33.18
C CYS B 247 22.43 21.58 -33.83
N GLY B 248 23.70 21.27 -34.16
CA GLY B 248 24.53 22.29 -34.70
C GLY B 248 25.73 22.47 -33.77
N GLU B 249 26.61 23.41 -34.10
CA GLU B 249 27.77 23.58 -33.25
C GLU B 249 27.44 24.43 -32.06
N LEU B 250 27.79 23.95 -30.88
CA LEU B 250 27.46 24.77 -29.70
C LEU B 250 28.43 25.92 -29.63
N ARG B 251 27.97 27.06 -29.18
CA ARG B 251 28.82 28.26 -29.03
C ARG B 251 28.35 28.99 -27.84
N ASP B 252 29.29 29.60 -27.12
CA ASP B 252 28.86 30.24 -25.90
C ASP B 252 27.90 31.40 -26.12
N TYR B 253 27.88 31.96 -27.34
CA TYR B 253 26.98 33.09 -27.53
C TYR B 253 25.53 32.65 -27.88
N LEU B 254 25.30 31.36 -28.01
CA LEU B 254 23.92 30.93 -28.31
C LEU B 254 23.00 31.05 -27.09
N ARG B 255 21.73 31.35 -27.40
CA ARG B 255 20.76 31.52 -26.33
C ARG B 255 19.41 30.94 -26.77
N VAL B 256 18.60 30.62 -25.74
CA VAL B 256 17.21 30.28 -26.03
C VAL B 256 16.37 31.23 -25.20
N THR B 257 15.36 31.85 -25.82
CA THR B 257 14.36 32.59 -25.04
C THR B 257 13.04 31.86 -25.25
N VAL B 258 12.30 31.62 -24.15
CA VAL B 258 10.96 31.08 -24.33
C VAL B 258 10.05 32.13 -23.77
N SER B 259 9.07 32.55 -24.59
CA SER B 259 8.15 33.56 -24.08
C SER B 259 6.72 33.01 -24.16
N LEU B 260 5.83 33.46 -23.26
CA LEU B 260 4.48 32.91 -23.21
C LEU B 260 3.54 34.09 -23.38
N TRP B 261 2.57 33.93 -24.32
CA TRP B 261 1.66 35.01 -24.64
C TRP B 261 0.25 34.61 -24.41
N GLN B 262 -0.57 35.57 -23.96
CA GLN B 262 -2.04 35.38 -23.84
C GLN B 262 -2.59 36.42 -24.77
N GLY B 263 -2.92 36.00 -25.97
CA GLY B 263 -3.30 36.94 -26.96
C GLY B 263 -2.10 37.79 -27.19
N GLU B 264 -2.25 39.09 -27.09
CA GLU B 264 -1.16 40.03 -27.35
C GLU B 264 -0.33 40.46 -26.13
N THR B 265 -0.70 39.96 -24.99
CA THR B 265 0.01 40.26 -23.79
C THR B 265 1.11 39.26 -23.60
N GLN B 266 2.30 39.71 -23.29
CA GLN B 266 3.34 38.78 -22.95
C GLN B 266 3.23 38.46 -21.49
N VAL B 267 2.96 37.23 -21.16
CA VAL B 267 2.77 36.84 -19.75
C VAL B 267 4.08 36.60 -19.02
N ALA B 268 5.10 36.03 -19.72
CA ALA B 268 6.33 35.68 -19.08
C ALA B 268 7.38 35.41 -20.17
N SER B 269 8.66 35.53 -19.82
CA SER B 269 9.68 35.30 -20.81
C SER B 269 10.94 35.00 -20.05
N GLY B 270 11.78 34.08 -20.51
CA GLY B 270 13.01 33.68 -19.80
C GLY B 270 14.05 33.36 -20.88
N THR B 271 15.34 33.66 -20.56
CA THR B 271 16.39 33.40 -21.53
C THR B 271 17.53 32.70 -20.82
N ALA B 272 18.26 31.81 -21.54
CA ALA B 272 19.41 31.11 -20.99
C ALA B 272 20.23 30.59 -22.13
N PRO B 273 21.52 30.44 -21.82
CA PRO B 273 22.46 29.78 -22.75
C PRO B 273 22.20 28.27 -22.59
N PHE B 274 22.72 27.53 -23.52
CA PHE B 274 22.58 26.06 -23.47
C PHE B 274 23.41 25.51 -22.31
N GLY B 275 23.00 24.38 -21.76
CA GLY B 275 23.81 23.72 -20.73
C GLY B 275 22.85 23.29 -19.70
N GLY B 276 22.46 21.98 -19.75
CA GLY B 276 21.48 21.54 -18.74
C GLY B 276 22.16 21.14 -17.39
N GLU B 277 21.33 20.86 -16.36
CA GLU B 277 21.83 20.42 -15.06
C GLU B 277 22.54 19.04 -15.16
N ILE B 278 23.38 18.78 -14.16
CA ILE B 278 24.03 17.50 -14.14
C ILE B 278 22.95 16.39 -14.09
N ILE B 279 23.12 15.33 -14.87
CA ILE B 279 22.18 14.19 -14.92
C ILE B 279 22.86 12.99 -14.19
N ASP B 280 24.16 12.73 -14.47
CA ASP B 280 24.84 11.55 -13.88
C ASP B 280 26.33 11.80 -13.75
N GLU B 281 27.08 10.73 -13.50
CA GLU B 281 28.51 10.90 -13.25
C GLU B 281 29.24 11.51 -14.44
N ARG B 282 28.66 11.49 -15.66
CA ARG B 282 29.35 12.03 -16.80
C ARG B 282 28.96 13.49 -17.10
N GLY B 283 28.05 14.06 -16.32
CA GLY B 283 27.69 15.46 -16.55
C GLY B 283 26.25 15.61 -16.93
N GLY B 284 26.00 16.60 -17.81
CA GLY B 284 24.61 16.89 -18.23
C GLY B 284 24.59 17.09 -19.74
N TYR B 285 23.47 17.53 -20.28
CA TYR B 285 23.34 17.72 -21.71
C TYR B 285 23.76 19.14 -22.08
N ALA B 286 24.97 19.26 -22.70
CA ALA B 286 25.46 20.59 -23.04
C ALA B 286 24.59 21.20 -24.18
N ASP B 287 23.81 20.38 -24.88
CA ASP B 287 23.04 20.77 -26.06
C ASP B 287 21.58 20.97 -25.73
N ARG B 288 21.28 21.13 -24.43
CA ARG B 288 19.86 21.33 -24.08
C ARG B 288 19.80 22.41 -23.02
N VAL B 289 18.58 22.94 -22.82
CA VAL B 289 18.37 23.86 -21.70
C VAL B 289 16.89 23.83 -21.37
N THR B 290 16.58 24.02 -20.07
CA THR B 290 15.23 24.04 -19.58
C THR B 290 14.88 25.44 -19.05
N LEU B 291 13.86 26.10 -19.64
CA LEU B 291 13.44 27.39 -19.15
C LEU B 291 12.21 27.16 -18.27
N ARG B 292 12.12 27.89 -17.14
CA ARG B 292 10.97 27.73 -16.26
C ARG B 292 10.28 29.07 -16.10
N LEU B 293 8.98 29.18 -16.40
CA LEU B 293 8.25 30.44 -16.34
C LEU B 293 7.13 30.33 -15.30
N ASN B 294 7.02 31.29 -14.38
CA ASN B 294 5.93 31.28 -13.43
C ASN B 294 4.73 31.97 -14.00
N VAL B 295 3.58 31.34 -13.81
CA VAL B 295 2.35 31.90 -14.28
C VAL B 295 1.37 31.93 -13.15
N GLU B 296 0.92 33.13 -12.75
CA GLU B 296 -0.07 33.31 -11.68
C GLU B 296 -1.46 33.25 -12.25
N ASN B 297 -2.39 32.57 -11.56
CA ASN B 297 -3.79 32.55 -12.04
C ASN B 297 -3.96 32.22 -13.52
N PRO B 298 -3.35 31.12 -13.95
CA PRO B 298 -3.44 30.80 -15.37
C PRO B 298 -4.87 30.53 -15.76
N LYS B 299 -5.26 30.84 -17.00
CA LYS B 299 -6.55 30.47 -17.52
C LYS B 299 -6.38 29.02 -17.93
N LEU B 300 -7.23 28.16 -17.36
CA LEU B 300 -7.03 26.74 -17.58
C LEU B 300 -7.70 26.25 -18.84
N TRP B 301 -7.13 25.20 -19.46
CA TRP B 301 -7.74 24.65 -20.66
C TRP B 301 -8.63 23.45 -20.28
N SER B 302 -9.77 23.32 -20.98
CA SER B 302 -10.62 22.15 -20.90
C SER B 302 -11.44 22.12 -22.16
N ALA B 303 -12.19 21.07 -22.34
CA ALA B 303 -13.08 21.03 -23.50
C ALA B 303 -14.20 22.04 -23.32
N GLU B 304 -14.56 22.37 -22.06
CA GLU B 304 -15.63 23.34 -21.82
C GLU B 304 -15.18 24.77 -22.20
N ILE B 305 -13.94 25.10 -21.81
CA ILE B 305 -13.39 26.43 -22.15
C ILE B 305 -11.95 26.17 -22.55
N PRO B 306 -11.71 26.09 -23.85
CA PRO B 306 -10.37 25.74 -24.31
C PRO B 306 -9.44 26.93 -24.31
N ASN B 307 -9.19 27.52 -23.13
CA ASN B 307 -8.23 28.65 -23.04
C ASN B 307 -6.85 28.23 -23.51
N LEU B 308 -6.24 29.03 -24.43
CA LEU B 308 -4.87 28.69 -24.86
C LEU B 308 -3.98 29.91 -24.71
N TYR B 309 -2.67 29.63 -24.54
CA TYR B 309 -1.62 30.62 -24.55
C TYR B 309 -0.77 30.21 -25.74
N ARG B 310 0.20 31.04 -26.10
CA ARG B 310 1.12 30.68 -27.18
C ARG B 310 2.52 30.71 -26.56
N ALA B 311 3.29 29.64 -26.77
CA ALA B 311 4.72 29.56 -26.36
C ALA B 311 5.57 29.71 -27.63
N VAL B 312 6.50 30.65 -27.59
CA VAL B 312 7.39 30.88 -28.71
C VAL B 312 8.81 30.58 -28.18
N VAL B 313 9.50 29.72 -28.91
CA VAL B 313 10.86 29.32 -28.54
C VAL B 313 11.79 29.94 -29.57
N GLU B 314 12.64 30.87 -29.11
CA GLU B 314 13.57 31.51 -30.06
C GLU B 314 14.98 31.04 -29.82
N LEU B 315 15.67 30.66 -30.89
CA LEU B 315 17.09 30.30 -30.81
C LEU B 315 17.81 31.51 -31.37
N HIS B 316 18.72 32.14 -30.59
CA HIS B 316 19.32 33.39 -31.09
C HIS B 316 20.70 33.55 -30.54
N THR B 317 21.39 34.64 -30.95
CA THR B 317 22.72 34.90 -30.33
C THR B 317 22.55 35.96 -29.25
N ALA B 318 23.57 36.02 -28.40
CA ALA B 318 23.57 36.94 -27.28
C ALA B 318 23.36 38.39 -27.66
N ASP B 319 23.77 38.74 -28.86
CA ASP B 319 23.59 40.11 -29.27
C ASP B 319 22.20 40.38 -29.70
N GLY B 320 21.39 39.34 -29.74
CA GLY B 320 20.01 39.55 -30.11
C GLY B 320 19.64 39.04 -31.50
N THR B 321 20.57 38.53 -32.28
CA THR B 321 20.16 38.11 -33.62
C THR B 321 19.40 36.81 -33.62
N LEU B 322 18.20 36.80 -34.20
CA LEU B 322 17.40 35.55 -34.24
C LEU B 322 17.98 34.61 -35.23
N ILE B 323 18.08 33.27 -34.82
CA ILE B 323 18.51 32.21 -35.73
C ILE B 323 17.23 31.55 -36.29
N GLU B 324 16.32 31.12 -35.41
CA GLU B 324 15.00 30.66 -35.87
C GLU B 324 14.10 30.62 -34.66
N ALA B 325 12.79 30.44 -34.95
CA ALA B 325 11.83 30.34 -33.86
C ALA B 325 10.84 29.20 -34.18
N GLU B 326 10.44 28.44 -33.13
CA GLU B 326 9.41 27.40 -33.19
C GLU B 326 8.39 27.81 -32.16
N ALA B 327 7.21 27.22 -32.19
CA ALA B 327 6.12 27.67 -31.29
C ALA B 327 5.03 26.63 -31.17
N CYS B 328 4.23 26.79 -30.14
CA CYS B 328 3.06 25.89 -30.05
C CYS B 328 1.97 26.53 -29.22
N ASP B 329 0.77 26.02 -29.35
CA ASP B 329 -0.28 26.45 -28.48
C ASP B 329 -0.12 25.70 -27.17
N VAL B 330 -0.38 26.37 -26.06
CA VAL B 330 -0.24 25.74 -24.77
C VAL B 330 -1.56 25.81 -24.04
N GLY B 331 -1.95 24.68 -23.51
CA GLY B 331 -3.16 24.70 -22.67
C GLY B 331 -2.79 24.27 -21.26
N PHE B 332 -3.10 25.12 -20.26
CA PHE B 332 -2.70 24.77 -18.88
C PHE B 332 -3.73 23.83 -18.37
N ARG B 333 -3.32 22.57 -18.21
CA ARG B 333 -4.27 21.61 -17.60
C ARG B 333 -3.46 20.46 -17.07
N GLU B 334 -4.00 19.85 -16.00
CA GLU B 334 -3.35 18.68 -15.38
C GLU B 334 -4.30 17.49 -15.54
N VAL B 335 -3.76 16.37 -15.91
CA VAL B 335 -4.52 15.13 -16.02
C VAL B 335 -3.91 14.13 -15.07
N ARG B 336 -4.76 13.60 -14.20
CA ARG B 336 -4.20 12.59 -13.31
C ARG B 336 -5.24 11.61 -12.84
N ILE B 337 -4.84 10.43 -12.43
CA ILE B 337 -5.82 9.52 -11.84
C ILE B 337 -5.58 9.46 -10.35
N GLU B 338 -6.64 9.69 -9.55
CA GLU B 338 -6.44 9.67 -8.12
C GLU B 338 -7.60 9.02 -7.47
N ASN B 339 -7.28 8.11 -6.58
CA ASN B 339 -8.31 7.42 -5.82
C ASN B 339 -9.33 6.74 -6.75
N GLY B 340 -8.82 6.30 -7.92
CA GLY B 340 -9.72 5.57 -8.87
C GLY B 340 -10.44 6.44 -9.87
N LEU B 341 -10.24 7.74 -9.83
CA LEU B 341 -10.93 8.64 -10.78
C LEU B 341 -9.96 9.43 -11.63
N LEU B 342 -10.34 9.54 -12.92
CA LEU B 342 -9.59 10.35 -13.88
C LEU B 342 -10.01 11.80 -13.69
N LEU B 343 -9.02 12.66 -13.30
CA LEU B 343 -9.34 14.06 -13.04
C LEU B 343 -8.68 14.95 -14.06
N LEU B 344 -9.36 16.01 -14.37
CA LEU B 344 -8.83 17.05 -15.23
C LEU B 344 -8.91 18.35 -14.43
N ASN B 345 -7.74 19.01 -14.17
CA ASN B 345 -7.78 20.21 -13.33
C ASN B 345 -8.47 19.89 -12.01
N GLY B 346 -8.22 18.68 -11.51
CA GLY B 346 -8.72 18.30 -10.20
C GLY B 346 -10.17 17.83 -10.15
N LYS B 347 -10.92 17.80 -11.28
CA LYS B 347 -12.36 17.45 -11.26
C LYS B 347 -12.53 16.19 -12.10
N PRO B 348 -13.41 15.29 -11.68
CA PRO B 348 -13.59 14.03 -12.44
C PRO B 348 -14.34 14.21 -13.76
N LEU B 349 -13.72 13.70 -14.83
CA LEU B 349 -14.31 13.83 -16.15
C LEU B 349 -15.46 12.85 -16.35
N LEU B 350 -16.39 13.23 -17.25
CA LEU B 350 -17.39 12.31 -17.73
C LEU B 350 -17.23 12.36 -19.25
N ILE B 351 -16.60 11.34 -19.79
CA ILE B 351 -16.22 11.34 -21.19
C ILE B 351 -17.44 11.01 -22.05
N ARG B 352 -17.81 12.01 -22.87
CA ARG B 352 -18.92 11.89 -23.85
C ARG B 352 -18.19 11.75 -25.17
N GLY B 353 -17.66 10.52 -25.39
CA GLY B 353 -16.68 10.35 -26.50
C GLY B 353 -17.20 9.64 -27.68
N VAL B 354 -16.40 9.72 -28.74
CA VAL B 354 -16.73 8.95 -29.88
C VAL B 354 -15.40 8.52 -30.57
N ASN B 355 -15.34 7.32 -31.16
CA ASN B 355 -14.17 6.91 -31.97
C ASN B 355 -14.39 7.51 -33.39
N ARG B 356 -13.32 8.01 -33.97
CA ARG B 356 -13.47 8.57 -35.30
C ARG B 356 -12.29 8.14 -36.17
N HIS B 357 -12.64 7.38 -37.23
CA HIS B 357 -11.67 7.07 -38.30
C HIS B 357 -11.51 8.27 -39.24
N GLU B 358 -10.38 8.28 -39.91
CA GLU B 358 -10.18 9.33 -40.94
C GLU B 358 -10.77 8.78 -42.26
N HIS B 359 -11.99 9.19 -42.62
CA HIS B 359 -12.60 8.60 -43.82
C HIS B 359 -13.40 9.64 -44.59
N HIS B 360 -13.27 9.66 -45.92
CA HIS B 360 -14.08 10.56 -46.75
C HIS B 360 -14.62 9.67 -47.89
N PRO B 361 -15.89 9.79 -48.24
CA PRO B 361 -16.49 8.85 -49.22
C PRO B 361 -15.93 9.00 -50.64
N LEU B 362 -15.36 10.20 -50.92
CA LEU B 362 -14.77 10.40 -52.25
C LEU B 362 -13.26 10.29 -52.22
N HIS B 363 -12.67 10.85 -51.14
CA HIS B 363 -11.20 10.89 -51.12
C HIS B 363 -10.52 9.75 -50.35
N GLY B 364 -11.37 8.85 -49.78
CA GLY B 364 -10.74 7.71 -49.06
C GLY B 364 -10.18 8.13 -47.69
N GLN B 365 -8.87 7.98 -47.52
CA GLN B 365 -8.28 8.25 -46.22
C GLN B 365 -7.51 9.54 -46.16
N VAL B 366 -7.68 10.39 -47.20
CA VAL B 366 -7.11 11.69 -47.21
C VAL B 366 -8.08 12.61 -46.46
N MET B 367 -7.54 13.38 -45.54
CA MET B 367 -8.25 14.35 -44.69
C MET B 367 -8.00 15.77 -45.06
N ASP B 368 -9.03 16.59 -44.96
CA ASP B 368 -8.93 17.99 -45.31
C ASP B 368 -9.53 18.73 -44.16
N GLU B 369 -9.16 20.01 -44.10
CA GLU B 369 -9.56 20.82 -42.99
C GLU B 369 -11.05 20.99 -42.92
N GLN B 370 -11.66 21.19 -44.06
CA GLN B 370 -13.08 21.41 -44.05
C GLN B 370 -13.85 20.20 -43.43
N THR B 371 -13.49 18.98 -43.80
CA THR B 371 -14.20 17.83 -43.24
C THR B 371 -13.90 17.72 -41.76
N MET B 372 -12.61 18.02 -41.39
CA MET B 372 -12.29 17.93 -39.96
C MET B 372 -13.14 18.88 -39.14
N VAL B 373 -13.20 20.13 -39.61
CA VAL B 373 -14.02 21.17 -38.94
C VAL B 373 -15.51 20.76 -38.90
N GLN B 374 -16.00 20.22 -40.04
CA GLN B 374 -17.37 19.76 -40.07
C GLN B 374 -17.65 18.72 -38.99
N ASP B 375 -16.67 17.77 -38.87
CA ASP B 375 -16.84 16.75 -37.88
C ASP B 375 -16.86 17.34 -36.46
N ILE B 376 -15.86 18.18 -36.16
CA ILE B 376 -15.76 18.77 -34.83
C ILE B 376 -16.99 19.57 -34.47
N LEU B 377 -17.46 20.34 -35.40
CA LEU B 377 -18.68 21.11 -35.06
C LEU B 377 -19.90 20.17 -34.76
N LEU B 378 -20.11 19.15 -35.61
CA LEU B 378 -21.26 18.26 -35.40
C LEU B 378 -21.07 17.53 -34.06
N MET B 379 -19.80 17.16 -33.77
CA MET B 379 -19.58 16.49 -32.48
C MET B 379 -20.00 17.35 -31.28
N LYS B 380 -19.47 18.57 -31.24
CA LYS B 380 -19.76 19.48 -30.13
C LYS B 380 -21.25 19.85 -30.06
N GLN B 381 -21.85 20.05 -31.24
CA GLN B 381 -23.27 20.36 -31.34
C GLN B 381 -24.11 19.21 -30.81
N ASN B 382 -23.49 18.00 -30.85
CA ASN B 382 -24.20 16.81 -30.36
C ASN B 382 -23.71 16.35 -28.94
N ASN B 383 -23.12 17.29 -28.19
CA ASN B 383 -22.74 17.05 -26.81
C ASN B 383 -21.63 16.03 -26.62
N PHE B 384 -20.77 15.91 -27.61
CA PHE B 384 -19.57 15.08 -27.43
C PHE B 384 -18.46 16.02 -26.91
N ASN B 385 -17.60 15.51 -26.02
CA ASN B 385 -16.49 16.31 -25.52
C ASN B 385 -15.19 15.54 -25.72
N ALA B 386 -15.18 14.40 -26.42
CA ALA B 386 -13.90 13.70 -26.53
C ALA B 386 -13.91 12.84 -27.77
N VAL B 387 -12.70 12.55 -28.22
CA VAL B 387 -12.60 11.69 -29.41
C VAL B 387 -11.38 10.74 -29.25
N ARG B 388 -11.54 9.46 -29.69
CA ARG B 388 -10.44 8.52 -29.68
C ARG B 388 -9.99 8.39 -31.16
N CYS B 389 -8.68 8.51 -31.38
CA CYS B 389 -8.10 8.39 -32.72
C CYS B 389 -8.01 6.90 -33.08
N SER B 390 -9.18 6.26 -33.35
CA SER B 390 -9.21 4.86 -33.72
C SER B 390 -8.59 4.74 -35.08
N HIS B 391 -7.47 4.02 -35.30
CA HIS B 391 -6.61 3.45 -34.27
C HIS B 391 -5.21 3.74 -34.79
N TYR B 392 -4.87 5.01 -34.78
CA TYR B 392 -3.55 5.41 -35.27
C TYR B 392 -3.43 6.93 -35.08
N PRO B 393 -2.21 7.44 -35.13
CA PRO B 393 -2.06 8.87 -35.02
C PRO B 393 -2.75 9.54 -36.23
N ASN B 394 -3.41 10.66 -35.97
CA ASN B 394 -4.14 11.37 -37.01
C ASN B 394 -3.30 12.41 -37.75
N HIS B 395 -3.89 12.89 -38.84
CA HIS B 395 -3.28 14.01 -39.59
C HIS B 395 -3.01 15.10 -38.55
N PRO B 396 -1.86 15.80 -38.67
CA PRO B 396 -1.45 16.79 -37.64
C PRO B 396 -2.45 17.87 -37.37
N LEU B 397 -3.20 18.29 -38.36
CA LEU B 397 -4.14 19.39 -38.10
C LEU B 397 -5.23 19.02 -37.11
N TRP B 398 -5.54 17.74 -37.04
CA TRP B 398 -6.62 17.32 -36.16
C TRP B 398 -6.38 17.79 -34.74
N TYR B 399 -5.14 17.64 -34.27
CA TYR B 399 -4.81 17.99 -32.88
C TYR B 399 -4.88 19.51 -32.66
N THR B 400 -4.46 20.26 -33.64
CA THR B 400 -4.59 21.74 -33.55
C THR B 400 -6.05 22.11 -33.38
N LEU B 401 -6.97 21.49 -34.19
CA LEU B 401 -8.40 21.81 -34.07
C LEU B 401 -8.98 21.40 -32.71
N CYS B 402 -8.52 20.22 -32.23
CA CYS B 402 -9.06 19.78 -30.94
C CYS B 402 -8.56 20.70 -29.82
N ASP B 403 -7.30 21.15 -29.96
CA ASP B 403 -6.77 22.10 -28.96
C ASP B 403 -7.59 23.39 -28.94
N ARG B 404 -7.98 23.84 -30.13
CA ARG B 404 -8.62 25.16 -30.17
C ARG B 404 -10.11 25.12 -30.02
N TYR B 405 -10.78 24.06 -30.51
CA TYR B 405 -12.22 24.02 -30.31
C TYR B 405 -12.55 23.38 -29.00
N GLY B 406 -11.67 22.52 -28.52
CA GLY B 406 -11.90 21.94 -27.22
C GLY B 406 -12.53 20.56 -27.30
N LEU B 407 -11.67 19.52 -27.43
CA LEU B 407 -12.12 18.14 -27.30
C LEU B 407 -10.97 17.40 -26.62
N TYR B 408 -11.32 16.49 -25.72
CA TYR B 408 -10.30 15.63 -25.09
C TYR B 408 -9.93 14.57 -26.11
N VAL B 409 -8.66 14.23 -26.27
CA VAL B 409 -8.25 13.27 -27.27
C VAL B 409 -7.45 12.10 -26.66
N VAL B 410 -7.80 10.87 -27.15
CA VAL B 410 -6.98 9.70 -26.84
C VAL B 410 -6.14 9.53 -28.13
N ASP B 411 -4.80 9.74 -28.03
CA ASP B 411 -3.90 9.57 -29.21
C ASP B 411 -3.38 8.10 -29.17
N GLU B 412 -3.52 7.37 -30.29
CA GLU B 412 -3.31 5.92 -30.28
C GLU B 412 -2.30 5.48 -31.28
N ALA B 413 -1.33 4.65 -30.83
CA ALA B 413 -0.27 4.20 -31.74
C ALA B 413 -0.86 3.31 -32.83
N ASN B 414 -0.20 3.37 -34.03
CA ASN B 414 -0.68 2.61 -35.18
C ASN B 414 -0.19 1.21 -35.03
N ILE B 415 -0.82 0.45 -34.09
CA ILE B 415 -0.42 -0.96 -33.95
C ILE B 415 -1.73 -1.75 -33.78
N GLU B 416 -2.09 -2.61 -34.76
CA GLU B 416 -3.28 -3.48 -34.57
C GLU B 416 -2.94 -4.78 -35.32
N THR B 417 -2.94 -5.93 -34.61
CA THR B 417 -2.60 -7.20 -35.20
C THR B 417 -3.76 -8.18 -34.97
N HIS B 418 -5.00 -7.67 -35.11
CA HIS B 418 -6.16 -8.44 -34.75
C HIS B 418 -6.22 -9.83 -35.36
N GLY B 419 -5.76 -9.94 -36.59
CA GLY B 419 -5.89 -11.14 -37.38
C GLY B 419 -4.91 -12.23 -37.01
N MET B 420 -3.99 -11.98 -36.07
CA MET B 420 -3.06 -13.05 -35.70
C MET B 420 -3.82 -14.05 -34.82
N VAL B 421 -3.26 -15.27 -34.71
CA VAL B 421 -3.83 -16.29 -33.83
C VAL B 421 -2.69 -16.84 -33.00
N PRO B 422 -2.72 -16.71 -31.69
CA PRO B 422 -3.67 -15.93 -30.96
C PRO B 422 -3.35 -14.43 -31.22
N MET B 423 -4.21 -13.50 -30.71
CA MET B 423 -4.06 -12.11 -31.08
C MET B 423 -2.74 -11.49 -30.66
N ASN B 424 -2.09 -12.01 -29.61
CA ASN B 424 -0.80 -11.42 -29.18
C ASN B 424 0.48 -12.14 -29.79
N ARG B 425 0.32 -12.92 -30.88
CA ARG B 425 1.43 -13.71 -31.37
C ARG B 425 2.66 -12.80 -31.64
N LEU B 426 2.40 -11.59 -32.24
CA LEU B 426 3.54 -10.67 -32.53
C LEU B 426 3.88 -9.75 -31.33
N THR B 427 2.84 -9.29 -30.58
CA THR B 427 3.14 -8.37 -29.51
C THR B 427 3.77 -9.01 -28.31
N ASP B 428 3.73 -10.33 -28.24
CA ASP B 428 4.50 -11.01 -27.15
C ASP B 428 5.89 -11.49 -27.66
N ASP B 429 6.23 -11.18 -28.90
CA ASP B 429 7.46 -11.65 -29.53
C ASP B 429 8.49 -10.53 -29.49
N PRO B 430 9.64 -10.69 -28.87
CA PRO B 430 10.58 -9.60 -28.75
C PRO B 430 11.16 -9.20 -30.05
N ARG B 431 11.10 -10.08 -31.07
CA ARG B 431 11.60 -9.63 -32.35
C ARG B 431 10.75 -8.52 -32.99
N TRP B 432 9.50 -8.34 -32.53
CA TRP B 432 8.64 -7.27 -33.04
C TRP B 432 8.62 -6.10 -32.08
N LEU B 433 9.42 -6.18 -30.99
CA LEU B 433 9.47 -5.06 -30.07
C LEU B 433 10.02 -3.77 -30.74
N PRO B 434 11.04 -3.86 -31.60
CA PRO B 434 11.55 -2.64 -32.22
C PRO B 434 10.54 -1.95 -33.08
N ALA B 435 9.88 -2.66 -33.97
CA ALA B 435 8.88 -2.08 -34.85
C ALA B 435 7.74 -1.50 -34.03
N MET B 436 7.30 -2.26 -33.02
CA MET B 436 6.22 -1.66 -32.24
C MET B 436 6.73 -0.45 -31.54
N SER B 437 7.95 -0.52 -30.99
CA SER B 437 8.36 0.64 -30.20
C SER B 437 8.31 1.91 -31.03
N GLU B 438 8.76 1.86 -32.27
CA GLU B 438 8.74 3.11 -33.05
C GLU B 438 7.34 3.69 -33.24
N ARG B 439 6.33 2.82 -33.31
CA ARG B 439 4.97 3.30 -33.53
C ARG B 439 4.50 4.03 -32.30
N VAL B 440 5.01 3.65 -31.11
CA VAL B 440 4.64 4.35 -29.89
C VAL B 440 5.54 5.56 -29.67
N THR B 441 6.82 5.37 -29.69
CA THR B 441 7.70 6.50 -29.33
C THR B 441 7.59 7.63 -30.29
N ARG B 442 7.53 7.37 -31.61
CA ARG B 442 7.47 8.50 -32.55
C ARG B 442 6.13 9.25 -32.44
N MET B 443 5.06 8.61 -31.98
CA MET B 443 3.79 9.31 -31.79
C MET B 443 3.94 10.26 -30.61
N VAL B 444 4.54 9.76 -29.50
CA VAL B 444 4.72 10.64 -28.34
C VAL B 444 5.60 11.82 -28.68
N GLN B 445 6.70 11.55 -29.41
CA GLN B 445 7.62 12.66 -29.80
C GLN B 445 6.96 13.70 -30.65
N ARG B 446 5.95 13.31 -31.41
CA ARG B 446 5.24 14.25 -32.27
C ARG B 446 4.18 15.05 -31.56
N ASP B 447 3.41 14.37 -30.67
CA ASP B 447 2.17 15.00 -30.18
C ASP B 447 2.14 15.41 -28.75
N ARG B 448 3.29 15.20 -28.06
CA ARG B 448 3.29 15.42 -26.63
C ARG B 448 3.04 16.85 -26.17
N ASN B 449 3.09 17.83 -27.10
CA ASN B 449 2.86 19.23 -26.63
C ASN B 449 1.43 19.64 -26.87
N HIS B 450 0.57 18.74 -27.36
CA HIS B 450 -0.82 19.19 -27.58
C HIS B 450 -1.62 19.04 -26.30
N PRO B 451 -2.25 20.12 -25.84
CA PRO B 451 -3.05 19.99 -24.64
C PRO B 451 -4.28 19.08 -24.83
N SER B 452 -4.84 19.05 -26.02
CA SER B 452 -6.03 18.21 -26.27
C SER B 452 -5.74 16.72 -26.04
N VAL B 453 -4.50 16.26 -26.20
CA VAL B 453 -4.22 14.84 -25.92
C VAL B 453 -4.13 14.69 -24.42
N ILE B 454 -5.05 13.91 -23.84
CA ILE B 454 -5.04 13.67 -22.42
C ILE B 454 -4.69 12.26 -22.07
N ILE B 455 -4.73 11.30 -23.00
CA ILE B 455 -4.43 9.91 -22.68
C ILE B 455 -3.70 9.34 -23.88
N TRP B 456 -2.69 8.48 -23.62
CA TRP B 456 -2.00 7.77 -24.71
C TRP B 456 -2.56 6.37 -24.79
N SER B 457 -2.67 5.83 -25.99
CA SER B 457 -3.10 4.45 -26.12
C SER B 457 -2.07 3.67 -26.87
N LEU B 458 -1.84 2.41 -26.43
CA LEU B 458 -0.79 1.56 -27.10
C LEU B 458 -1.18 0.88 -28.41
N GLY B 459 -2.39 1.21 -28.89
CA GLY B 459 -2.87 0.62 -30.14
C GLY B 459 -4.17 -0.05 -29.86
N ASN B 460 -4.47 -1.07 -30.67
CA ASN B 460 -5.79 -1.68 -30.61
C ASN B 460 -5.76 -3.16 -31.02
N GLU B 461 -6.59 -3.94 -30.31
CA GLU B 461 -6.77 -5.35 -30.74
C GLU B 461 -5.52 -6.05 -31.19
N SER B 462 -4.56 -6.11 -30.25
CA SER B 462 -3.28 -6.84 -30.53
C SER B 462 -2.98 -7.77 -29.35
N GLY B 463 -4.05 -8.26 -28.71
CA GLY B 463 -3.87 -9.10 -27.52
C GLY B 463 -3.07 -8.32 -26.44
N HIS B 464 -2.48 -9.07 -25.47
CA HIS B 464 -1.60 -8.39 -24.53
C HIS B 464 -0.35 -9.17 -24.58
N GLY B 465 0.73 -8.50 -24.95
CA GLY B 465 2.06 -9.15 -24.99
C GLY B 465 3.04 -8.39 -24.13
N ALA B 466 4.22 -8.98 -23.89
CA ALA B 466 5.24 -8.28 -23.08
C ALA B 466 5.68 -7.00 -23.72
N ASN B 467 5.61 -6.89 -25.07
CA ASN B 467 6.02 -5.64 -25.70
C ASN B 467 5.14 -4.49 -25.23
N HIS B 468 3.85 -4.80 -25.01
CA HIS B 468 2.96 -3.76 -24.50
C HIS B 468 3.42 -3.31 -23.15
N ASP B 469 3.83 -4.23 -22.28
CA ASP B 469 4.22 -3.82 -20.93
C ASP B 469 5.47 -2.95 -20.96
N ALA B 470 6.39 -3.31 -21.85
CA ALA B 470 7.62 -2.53 -22.00
C ALA B 470 7.27 -1.13 -22.46
N LEU B 471 6.37 -1.01 -23.48
CA LEU B 471 6.05 0.34 -24.02
C LEU B 471 5.15 1.16 -23.09
N TYR B 472 4.31 0.46 -22.33
CA TYR B 472 3.54 1.15 -21.29
C TYR B 472 4.55 1.86 -20.39
N ARG B 473 5.54 1.13 -19.88
CA ARG B 473 6.48 1.75 -18.97
C ARG B 473 7.32 2.82 -19.64
N TRP B 474 7.67 2.64 -20.90
CA TRP B 474 8.45 3.71 -21.54
C TRP B 474 7.63 5.03 -21.43
N ILE B 475 6.35 4.94 -21.78
CA ILE B 475 5.57 6.19 -21.79
C ILE B 475 5.45 6.74 -20.43
N LYS B 476 5.16 5.90 -19.49
CA LYS B 476 5.05 6.39 -18.14
C LYS B 476 6.30 7.09 -17.69
N SER B 477 7.43 6.62 -18.16
CA SER B 477 8.65 7.23 -17.74
C SER B 477 8.92 8.49 -18.47
N VAL B 478 8.68 8.58 -19.77
CA VAL B 478 8.97 9.83 -20.46
C VAL B 478 7.92 10.91 -20.27
N ASP B 479 6.66 10.56 -20.13
CA ASP B 479 5.64 11.61 -20.03
C ASP B 479 4.67 11.22 -18.92
N PRO B 480 4.98 11.62 -17.71
CA PRO B 480 4.09 11.33 -16.59
C PRO B 480 2.82 12.12 -16.59
N SER B 481 2.70 13.01 -17.51
CA SER B 481 1.55 13.88 -17.48
C SER B 481 0.22 13.31 -17.98
N ARG B 482 0.24 12.13 -18.59
CA ARG B 482 -0.98 11.63 -19.19
C ARG B 482 -1.05 10.12 -18.87
N PRO B 483 -2.20 9.67 -18.51
CA PRO B 483 -2.36 8.22 -18.29
C PRO B 483 -2.12 7.44 -19.60
N VAL B 484 -1.83 6.11 -19.45
CA VAL B 484 -1.70 5.27 -20.63
C VAL B 484 -2.80 4.22 -20.58
N GLN B 485 -3.52 4.00 -21.69
CA GLN B 485 -4.50 2.94 -21.70
C GLN B 485 -4.25 1.99 -22.80
N TYR B 486 -4.86 0.78 -22.68
CA TYR B 486 -4.78 -0.22 -23.76
C TYR B 486 -5.78 -1.33 -23.42
N GLU B 487 -6.66 -1.67 -24.38
CA GLU B 487 -7.73 -2.65 -24.10
C GLU B 487 -7.35 -4.13 -24.33
N GLY B 488 -6.32 -4.43 -25.11
CA GLY B 488 -6.09 -5.82 -25.47
C GLY B 488 -5.79 -6.71 -24.31
N GLY B 489 -6.17 -8.00 -24.50
CA GLY B 489 -5.85 -8.97 -23.45
C GLY B 489 -6.81 -8.89 -22.30
N GLY B 490 -8.02 -8.31 -22.50
CA GLY B 490 -8.94 -8.37 -21.37
C GLY B 490 -9.27 -7.03 -20.75
N ALA B 491 -8.72 -5.95 -21.30
CA ALA B 491 -9.10 -4.58 -20.92
C ALA B 491 -8.69 -4.08 -19.56
N ASP B 492 -8.09 -4.94 -18.75
CA ASP B 492 -7.72 -4.59 -17.39
C ASP B 492 -6.29 -5.13 -17.05
N THR B 493 -5.46 -5.26 -18.08
CA THR B 493 -4.13 -5.82 -17.85
C THR B 493 -3.19 -4.84 -17.15
N THR B 494 -1.95 -5.27 -16.98
CA THR B 494 -0.93 -4.42 -16.39
C THR B 494 -0.43 -3.36 -17.35
N ALA B 495 -0.95 -3.33 -18.57
CA ALA B 495 -0.53 -2.32 -19.51
C ALA B 495 -1.57 -1.20 -19.63
N THR B 496 -2.48 -1.08 -18.64
CA THR B 496 -3.40 0.02 -18.80
C THR B 496 -3.74 0.67 -17.46
N ASP B 497 -3.84 2.02 -17.43
CA ASP B 497 -4.19 2.69 -16.19
C ASP B 497 -5.71 2.84 -16.05
N ILE B 498 -6.44 2.52 -17.13
CA ILE B 498 -7.90 2.66 -17.11
C ILE B 498 -8.51 1.32 -17.59
N ILE B 499 -9.54 0.83 -16.87
CA ILE B 499 -10.21 -0.39 -17.40
C ILE B 499 -10.97 0.11 -18.63
N CYS B 500 -10.65 -0.40 -19.81
CA CYS B 500 -11.19 0.25 -21.03
C CYS B 500 -11.76 -0.76 -22.02
N PRO B 501 -12.78 -1.48 -21.63
CA PRO B 501 -13.33 -2.51 -22.46
C PRO B 501 -14.02 -1.98 -23.69
N MET B 502 -14.25 -2.94 -24.63
CA MET B 502 -15.04 -2.63 -25.78
C MET B 502 -16.28 -3.52 -25.75
N TYR B 503 -17.41 -2.82 -25.79
CA TYR B 503 -18.70 -3.50 -25.88
C TYR B 503 -19.08 -4.28 -24.68
N ALA B 504 -18.47 -3.93 -23.54
CA ALA B 504 -18.97 -4.57 -22.33
C ALA B 504 -20.37 -3.93 -22.05
N ARG B 505 -21.31 -4.75 -21.61
CA ARG B 505 -22.68 -4.30 -21.40
C ARG B 505 -22.85 -3.71 -19.97
N VAL B 506 -23.98 -3.03 -19.76
CA VAL B 506 -24.16 -2.36 -18.50
C VAL B 506 -24.40 -3.29 -17.33
N ASP B 507 -25.35 -4.24 -17.51
CA ASP B 507 -25.71 -5.14 -16.46
C ASP B 507 -25.37 -6.57 -16.78
N GLU B 508 -25.20 -6.89 -18.06
CA GLU B 508 -25.03 -8.30 -18.39
C GLU B 508 -23.58 -8.68 -18.58
N ASP B 509 -23.18 -9.76 -17.88
CA ASP B 509 -21.84 -10.29 -18.01
C ASP B 509 -21.70 -11.17 -19.25
N GLN B 510 -20.53 -11.18 -19.89
CA GLN B 510 -20.26 -12.07 -21.01
C GLN B 510 -18.95 -12.74 -20.67
N PRO B 511 -19.04 -13.83 -19.94
CA PRO B 511 -17.86 -14.41 -19.39
C PRO B 511 -16.98 -15.21 -20.33
N PHE B 512 -16.51 -14.64 -21.43
CA PHE B 512 -15.65 -15.39 -22.34
C PHE B 512 -14.40 -15.90 -21.60
N PRO B 513 -13.90 -17.07 -22.01
CA PRO B 513 -12.70 -17.55 -21.35
C PRO B 513 -11.55 -16.64 -21.68
N ALA B 514 -10.72 -16.52 -20.63
CA ALA B 514 -9.49 -15.74 -20.64
C ALA B 514 -9.73 -14.23 -20.76
N VAL B 515 -10.69 -13.76 -21.56
CA VAL B 515 -10.85 -12.35 -21.68
C VAL B 515 -12.29 -12.02 -21.54
N PRO B 516 -12.87 -12.30 -20.36
CA PRO B 516 -14.31 -12.03 -20.16
C PRO B 516 -14.62 -10.55 -20.34
N LYS B 517 -15.86 -10.27 -20.72
CA LYS B 517 -16.32 -8.90 -20.81
C LYS B 517 -17.38 -8.74 -19.69
N TRP B 518 -17.00 -8.34 -18.48
CA TRP B 518 -17.97 -8.23 -17.41
C TRP B 518 -18.90 -7.05 -17.62
N SER B 519 -20.08 -7.09 -16.97
CA SER B 519 -20.94 -5.94 -16.86
C SER B 519 -19.98 -4.84 -16.32
N ILE B 520 -20.16 -3.59 -16.80
CA ILE B 520 -19.25 -2.56 -16.34
C ILE B 520 -19.43 -2.24 -14.86
N LYS B 521 -20.62 -2.32 -14.38
CA LYS B 521 -20.91 -2.07 -12.95
C LYS B 521 -20.21 -3.11 -12.08
N LYS B 522 -20.23 -4.35 -12.51
CA LYS B 522 -19.57 -5.38 -11.77
C LYS B 522 -18.07 -5.30 -11.91
N TRP B 523 -17.57 -4.90 -13.11
CA TRP B 523 -16.16 -4.94 -13.32
C TRP B 523 -15.44 -4.05 -12.33
N LEU B 524 -16.00 -2.87 -12.04
CA LEU B 524 -15.36 -1.93 -11.18
C LEU B 524 -15.06 -2.51 -9.82
N SER B 525 -15.90 -3.41 -9.33
CA SER B 525 -15.74 -3.90 -7.99
C SER B 525 -15.15 -5.26 -7.86
N LEU B 526 -14.58 -5.82 -8.93
CA LEU B 526 -13.95 -7.11 -8.78
C LEU B 526 -12.93 -7.01 -7.70
N PRO B 527 -12.69 -8.13 -7.02
CA PRO B 527 -11.68 -8.11 -5.93
C PRO B 527 -10.35 -7.47 -6.30
N GLY B 528 -9.96 -6.50 -5.48
CA GLY B 528 -8.71 -5.84 -5.69
C GLY B 528 -8.75 -4.74 -6.73
N GLU B 529 -9.83 -4.59 -7.49
CA GLU B 529 -9.82 -3.56 -8.58
C GLU B 529 -10.08 -2.15 -8.10
N THR B 530 -9.31 -1.18 -8.58
CA THR B 530 -9.54 0.16 -8.12
C THR B 530 -9.56 1.19 -9.23
N ARG B 531 -9.28 0.82 -10.47
CA ARG B 531 -9.13 1.84 -11.50
C ARG B 531 -10.44 2.38 -12.01
N PRO B 532 -10.38 3.51 -12.72
CA PRO B 532 -11.59 4.06 -13.38
C PRO B 532 -11.87 3.21 -14.61
N LEU B 533 -13.13 3.20 -15.08
CA LEU B 533 -13.48 2.42 -16.23
C LEU B 533 -14.08 3.40 -17.27
N ILE B 534 -13.51 3.44 -18.47
CA ILE B 534 -14.02 4.29 -19.57
C ILE B 534 -13.97 3.38 -20.77
N LEU B 535 -15.18 3.11 -21.38
CA LEU B 535 -15.15 2.12 -22.47
C LEU B 535 -14.38 2.69 -23.69
N CYS B 536 -13.45 1.94 -24.25
CA CYS B 536 -12.81 2.52 -25.42
C CYS B 536 -13.75 2.44 -26.63
N GLN B 537 -14.72 1.55 -26.62
CA GLN B 537 -15.72 1.45 -27.71
C GLN B 537 -16.98 0.92 -27.11
N TYR B 538 -18.11 1.56 -27.37
CA TYR B 538 -19.38 1.01 -26.87
C TYR B 538 -20.51 1.54 -27.77
N ALA B 539 -21.64 0.83 -27.68
CA ALA B 539 -22.82 1.10 -28.53
C ALA B 539 -22.55 1.21 -30.03
C ALA B 539 -22.19 0.63 -29.88
N HIS B 540 -22.43 0.05 -30.62
N HIS B 540 -22.87 0.30 -30.89
CA HIS B 540 -22.09 -0.09 -32.05
C HIS B 540 -23.16 0.39 -33.03
N ALA B 541 -22.94 1.57 -33.62
CA ALA B 541 -24.07 2.23 -34.34
C ALA B 541 -24.23 1.80 -35.80
N MET B 542 -24.24 0.49 -36.00
CA MET B 542 -24.35 -0.04 -37.36
C MET B 542 -25.78 -0.13 -37.78
N GLY B 543 -26.16 0.59 -38.79
CA GLY B 543 -27.55 0.48 -39.22
C GLY B 543 -28.47 1.08 -38.19
N ASN B 544 -29.65 0.47 -38.06
CA ASN B 544 -30.67 0.98 -37.10
C ASN B 544 -30.31 0.46 -35.73
N SER B 545 -29.57 1.31 -35.00
CA SER B 545 -28.96 0.84 -33.77
C SER B 545 -28.97 1.86 -32.66
N LEU B 546 -28.16 1.66 -31.61
CA LEU B 546 -28.18 2.53 -30.46
C LEU B 546 -29.28 2.18 -29.50
N GLY B 547 -29.87 1.00 -29.70
CA GLY B 547 -30.86 0.53 -28.75
C GLY B 547 -30.15 0.32 -27.43
N GLY B 548 -30.74 0.86 -26.32
CA GLY B 548 -30.11 0.69 -24.99
C GLY B 548 -29.06 1.74 -24.64
N PHE B 549 -28.94 2.75 -25.49
CA PHE B 549 -27.93 3.76 -25.21
C PHE B 549 -28.16 4.43 -23.86
N ALA B 550 -29.40 4.67 -23.52
CA ALA B 550 -29.66 5.35 -22.26
C ALA B 550 -29.24 4.53 -21.05
N LYS B 551 -29.17 3.22 -21.22
CA LYS B 551 -28.83 2.45 -20.07
C LYS B 551 -27.39 2.76 -19.68
N TYR B 552 -26.54 3.00 -20.68
CA TYR B 552 -25.12 3.33 -20.37
C TYR B 552 -25.02 4.63 -19.62
N TRP B 553 -25.75 5.65 -20.09
CA TRP B 553 -25.68 6.95 -19.46
C TRP B 553 -26.26 6.98 -18.05
N GLN B 554 -27.30 6.20 -17.77
CA GLN B 554 -27.82 6.18 -16.40
C GLN B 554 -26.74 5.59 -15.51
N ALA B 555 -25.99 4.56 -15.98
CA ALA B 555 -24.99 3.97 -15.14
C ALA B 555 -23.80 4.88 -14.94
N PHE B 556 -23.34 5.54 -16.04
CA PHE B 556 -22.19 6.49 -15.93
C PHE B 556 -22.58 7.58 -14.90
N ARG B 557 -23.84 8.04 -14.89
CA ARG B 557 -24.13 9.10 -13.95
C ARG B 557 -24.24 8.56 -12.52
N GLN B 558 -24.70 7.30 -12.36
CA GLN B 558 -24.81 6.84 -10.98
C GLN B 558 -23.50 6.38 -10.34
N TYR B 559 -22.52 5.89 -11.15
CA TYR B 559 -21.29 5.31 -10.56
C TYR B 559 -20.13 6.21 -10.80
N PRO B 560 -19.53 6.78 -9.75
CA PRO B 560 -18.45 7.70 -9.92
C PRO B 560 -17.34 7.18 -10.84
N ARG B 561 -16.91 5.92 -10.61
CA ARG B 561 -15.81 5.32 -11.39
C ARG B 561 -16.15 4.89 -12.79
N LEU B 562 -17.45 4.95 -13.15
CA LEU B 562 -17.80 4.74 -14.55
C LEU B 562 -17.71 6.18 -15.13
N GLN B 563 -16.66 6.45 -15.88
CA GLN B 563 -16.41 7.82 -16.40
C GLN B 563 -16.67 7.96 -17.86
N GLY B 564 -17.56 7.10 -18.41
CA GLY B 564 -18.07 7.27 -19.81
C GLY B 564 -17.42 6.34 -20.82
N GLY B 565 -17.31 6.85 -22.05
CA GLY B 565 -16.83 5.97 -23.10
C GLY B 565 -16.76 6.67 -24.44
N PHE B 566 -16.28 5.88 -25.38
CA PHE B 566 -16.22 6.39 -26.80
C PHE B 566 -17.15 5.57 -27.67
N VAL B 567 -18.27 6.11 -28.19
CA VAL B 567 -19.17 5.35 -29.02
C VAL B 567 -18.43 4.83 -30.27
N TRP B 568 -18.88 3.62 -30.72
CA TRP B 568 -18.32 3.12 -31.94
C TRP B 568 -19.41 3.19 -33.06
N ASP B 569 -19.29 4.10 -34.07
CA ASP B 569 -18.20 5.10 -34.24
C ASP B 569 -18.81 6.35 -34.89
N TRP B 570 -17.96 7.28 -35.28
CA TRP B 570 -18.50 8.52 -35.80
C TRP B 570 -19.16 8.44 -37.14
N VAL B 571 -18.42 7.98 -38.15
CA VAL B 571 -18.89 8.06 -39.53
C VAL B 571 -18.78 6.78 -40.32
N ASP B 572 -19.86 6.44 -41.00
CA ASP B 572 -19.84 5.24 -41.86
C ASP B 572 -18.67 5.24 -42.85
N GLN B 573 -17.99 4.10 -43.03
CA GLN B 573 -16.91 4.08 -44.02
C GLN B 573 -17.47 3.58 -45.33
N SER B 574 -18.48 4.26 -45.88
CA SER B 574 -18.98 3.84 -47.20
C SER B 574 -18.18 4.67 -48.22
N LEU B 575 -18.06 4.16 -49.46
CA LEU B 575 -17.33 4.86 -50.54
C LEU B 575 -18.33 5.09 -51.68
N ILE B 576 -18.13 6.15 -52.42
CA ILE B 576 -19.01 6.38 -53.52
C ILE B 576 -18.61 5.62 -54.79
N LYS B 577 -19.57 4.97 -55.45
CA LYS B 577 -19.43 4.33 -56.78
C LYS B 577 -20.51 4.97 -57.65
N TYR B 578 -20.32 4.81 -58.99
CA TYR B 578 -21.25 5.47 -59.93
C TYR B 578 -21.91 4.46 -60.76
N ASP B 579 -23.19 4.60 -60.98
CA ASP B 579 -23.88 3.58 -61.79
C ASP B 579 -23.72 3.85 -63.31
N GLU B 580 -24.47 3.10 -64.14
CA GLU B 580 -24.43 3.28 -65.60
C GLU B 580 -24.69 4.71 -66.08
N ASN B 581 -25.61 5.37 -65.42
CA ASN B 581 -25.91 6.74 -65.80
C ASN B 581 -25.08 7.73 -65.07
N GLY B 582 -24.03 7.29 -64.39
CA GLY B 582 -23.22 8.26 -63.71
C GLY B 582 -23.75 8.70 -62.37
N ASN B 583 -24.80 8.10 -61.87
CA ASN B 583 -25.28 8.55 -60.58
C ASN B 583 -24.55 7.83 -59.44
N PRO B 584 -24.27 8.59 -58.39
CA PRO B 584 -23.47 8.03 -57.30
C PRO B 584 -24.29 7.16 -56.38
N TRP B 585 -23.61 6.22 -55.76
CA TRP B 585 -24.28 5.42 -54.74
C TRP B 585 -23.23 4.98 -53.73
N SER B 586 -23.75 4.64 -52.54
CA SER B 586 -22.88 4.26 -51.40
C SER B 586 -22.61 2.78 -51.37
N ALA B 587 -21.29 2.47 -51.39
CA ALA B 587 -20.79 1.09 -51.47
C ALA B 587 -20.10 0.64 -50.18
N TYR B 588 -20.13 -0.66 -49.99
CA TYR B 588 -19.49 -1.25 -48.81
C TYR B 588 -18.64 -2.44 -49.18
N GLY B 589 -18.27 -3.28 -48.21
CA GLY B 589 -17.34 -4.36 -48.48
C GLY B 589 -17.83 -5.26 -49.59
N GLY B 590 -16.97 -5.66 -50.51
CA GLY B 590 -17.30 -6.55 -51.62
C GLY B 590 -17.69 -5.77 -52.88
N ASP B 591 -18.07 -4.50 -52.73
CA ASP B 591 -18.53 -3.75 -53.90
C ASP B 591 -17.45 -3.34 -54.88
N PHE B 592 -16.21 -3.68 -54.60
CA PHE B 592 -15.14 -3.36 -55.57
C PHE B 592 -14.52 -4.70 -55.99
N GLY B 593 -15.25 -5.80 -55.80
CA GLY B 593 -14.68 -7.08 -56.20
C GLY B 593 -13.69 -7.61 -55.17
N ASP B 594 -13.59 -6.87 -54.06
CA ASP B 594 -12.69 -7.30 -52.97
C ASP B 594 -13.23 -8.55 -52.25
N THR B 595 -12.42 -9.58 -52.13
CA THR B 595 -12.84 -10.74 -51.47
C THR B 595 -11.61 -11.50 -50.92
N PRO B 596 -11.69 -12.04 -49.72
CA PRO B 596 -12.85 -11.98 -48.86
C PRO B 596 -13.10 -10.55 -48.40
N ASN B 597 -14.30 -10.30 -47.90
CA ASN B 597 -14.63 -8.97 -47.39
C ASN B 597 -15.63 -9.15 -46.23
N ASP B 598 -15.88 -8.06 -45.52
CA ASP B 598 -16.86 -8.11 -44.44
C ASP B 598 -18.07 -7.19 -44.69
N ARG B 599 -18.45 -7.08 -45.94
CA ARG B 599 -19.70 -6.46 -46.32
C ARG B 599 -20.02 -5.18 -45.62
N GLN B 600 -21.23 -5.08 -45.00
CA GLN B 600 -21.59 -3.79 -44.43
C GLN B 600 -21.00 -3.49 -43.05
N PHE B 601 -20.07 -4.30 -42.51
CA PHE B 601 -19.53 -4.00 -41.16
C PHE B 601 -18.61 -2.82 -41.17
N CYS B 602 -18.34 -2.19 -42.32
CA CYS B 602 -17.55 -0.96 -42.39
C CYS B 602 -18.41 0.28 -42.13
N MET B 603 -19.73 0.09 -42.03
CA MET B 603 -20.66 1.23 -41.77
C MET B 603 -21.24 1.11 -40.35
N ASN B 604 -20.59 1.81 -39.38
CA ASN B 604 -21.02 1.75 -37.98
C ASN B 604 -21.18 3.15 -37.43
N GLY B 605 -21.37 4.16 -38.30
CA GLY B 605 -21.35 5.50 -37.78
C GLY B 605 -22.68 6.12 -37.35
N LEU B 606 -22.53 7.12 -36.47
CA LEU B 606 -23.66 7.95 -36.05
C LEU B 606 -24.07 8.84 -37.21
N VAL B 607 -23.13 9.11 -38.12
CA VAL B 607 -23.44 9.88 -39.32
C VAL B 607 -23.12 9.05 -40.59
N PHE B 608 -23.85 9.34 -41.69
CA PHE B 608 -23.51 8.74 -42.98
C PHE B 608 -22.17 9.37 -43.39
N ALA B 609 -21.54 8.77 -44.41
CA ALA B 609 -20.31 9.23 -44.91
C ALA B 609 -20.28 10.70 -45.34
N ASP B 610 -21.42 11.20 -45.81
CA ASP B 610 -21.45 12.58 -46.20
C ASP B 610 -21.78 13.50 -45.03
N ARG B 611 -21.78 12.96 -43.81
CA ARG B 611 -22.01 13.75 -42.60
C ARG B 611 -23.47 14.03 -42.26
N THR B 612 -24.43 13.53 -43.06
CA THR B 612 -25.86 13.62 -42.70
C THR B 612 -26.03 12.75 -41.48
N PRO B 613 -26.79 13.17 -40.50
CA PRO B 613 -26.88 12.29 -39.33
C PRO B 613 -27.79 11.13 -39.53
N HIS B 614 -27.47 9.99 -38.86
CA HIS B 614 -28.41 8.90 -38.73
C HIS B 614 -29.30 9.32 -37.54
N PRO B 615 -30.49 8.71 -37.42
CA PRO B 615 -31.39 9.10 -36.29
C PRO B 615 -30.71 8.85 -34.91
N ALA B 616 -29.80 7.87 -34.82
CA ALA B 616 -29.16 7.58 -33.55
C ALA B 616 -28.39 8.80 -33.00
N LEU B 617 -27.93 9.74 -33.85
CA LEU B 617 -27.18 10.84 -33.29
C LEU B 617 -28.01 11.66 -32.29
N THR B 618 -29.31 11.84 -32.54
CA THR B 618 -30.08 12.62 -31.60
C THR B 618 -30.20 11.91 -30.27
N GLU B 619 -30.21 10.59 -30.27
CA GLU B 619 -30.30 9.89 -29.00
C GLU B 619 -29.01 10.15 -28.23
N ALA B 620 -27.89 10.13 -28.92
CA ALA B 620 -26.58 10.39 -28.24
C ALA B 620 -26.58 11.83 -27.68
N LYS B 621 -27.00 12.80 -28.52
CA LYS B 621 -27.03 14.20 -28.02
C LYS B 621 -27.85 14.33 -26.74
N HIS B 622 -29.02 13.72 -26.68
CA HIS B 622 -29.88 13.86 -25.52
C HIS B 622 -29.27 13.17 -24.33
N GLN B 623 -28.76 11.97 -24.52
CA GLN B 623 -28.27 11.29 -23.30
C GLN B 623 -26.97 11.91 -22.81
N GLN B 624 -26.25 12.58 -23.68
CA GLN B 624 -24.99 13.24 -23.29
C GLN B 624 -25.20 14.72 -22.88
N GLN B 625 -26.45 15.15 -22.66
CA GLN B 625 -26.73 16.53 -22.25
C GLN B 625 -25.93 16.89 -20.99
N PHE B 626 -25.62 18.19 -20.81
CA PHE B 626 -24.82 18.69 -19.68
C PHE B 626 -25.68 19.29 -18.55
N PHE B 627 -27.02 19.28 -18.76
CA PHE B 627 -27.94 19.74 -17.76
C PHE B 627 -28.93 18.59 -17.52
N GLN B 628 -29.20 18.32 -16.22
CA GLN B 628 -30.14 17.29 -15.79
C GLN B 628 -31.33 18.02 -15.14
N PHE B 629 -32.52 17.41 -15.23
CA PHE B 629 -33.68 18.14 -14.70
C PHE B 629 -34.55 17.32 -13.82
N ARG B 630 -35.24 17.96 -12.86
CA ARG B 630 -36.23 17.16 -12.09
C ARG B 630 -37.40 18.08 -11.94
N LEU B 631 -38.61 17.50 -11.80
CA LEU B 631 -39.76 18.37 -11.64
C LEU B 631 -40.47 18.02 -10.33
N SER B 632 -40.87 19.03 -9.60
CA SER B 632 -41.68 18.80 -8.39
C SER B 632 -42.63 19.96 -8.29
N GLY B 633 -43.83 19.59 -8.63
CA GLY B 633 -44.88 20.52 -8.72
C GLY B 633 -44.66 21.56 -9.77
N GLN B 634 -44.45 22.75 -9.31
CA GLN B 634 -44.30 23.78 -10.27
C GLN B 634 -42.84 24.01 -10.36
N THR B 635 -42.10 23.21 -9.58
CA THR B 635 -40.69 23.45 -9.58
C THR B 635 -39.86 22.54 -10.51
N ILE B 636 -39.07 23.25 -11.34
CA ILE B 636 -38.08 22.54 -12.18
C ILE B 636 -36.72 22.81 -11.55
N GLU B 637 -35.95 21.78 -11.29
CA GLU B 637 -34.58 21.92 -10.73
C GLU B 637 -33.62 21.51 -11.82
N VAL B 638 -32.79 22.46 -12.18
CA VAL B 638 -31.82 22.24 -13.27
C VAL B 638 -30.46 22.01 -12.60
N THR B 639 -29.74 20.95 -12.95
CA THR B 639 -28.44 20.71 -12.34
C THR B 639 -27.42 20.74 -13.45
N SER B 640 -26.33 21.39 -13.22
CA SER B 640 -25.28 21.49 -14.23
C SER B 640 -24.27 20.39 -14.10
N GLU B 641 -23.94 19.74 -15.24
CA GLU B 641 -22.88 18.76 -15.14
C GLU B 641 -21.55 19.32 -15.68
N TYR B 642 -21.49 20.64 -15.98
CA TYR B 642 -20.21 21.24 -16.33
C TYR B 642 -19.34 21.23 -15.11
N LEU B 643 -18.03 21.10 -15.31
CA LEU B 643 -17.09 21.04 -14.18
C LEU B 643 -16.41 22.42 -13.92
N PHE B 644 -16.39 23.26 -14.98
CA PHE B 644 -15.61 24.47 -14.98
C PHE B 644 -16.43 25.69 -15.35
N ARG B 645 -17.29 25.64 -16.31
CA ARG B 645 -17.97 26.87 -16.66
C ARG B 645 -19.35 27.05 -16.04
N HIS B 646 -19.72 28.33 -15.82
CA HIS B 646 -21.11 28.71 -15.41
C HIS B 646 -21.96 28.73 -16.70
N SER B 647 -23.28 28.64 -16.54
CA SER B 647 -24.15 28.57 -17.69
C SER B 647 -24.33 29.98 -18.24
N ASP B 648 -23.26 30.54 -18.76
CA ASP B 648 -23.36 31.91 -19.26
C ASP B 648 -23.76 32.12 -20.70
N ASN B 649 -24.35 31.11 -21.32
CA ASN B 649 -24.81 31.29 -22.67
C ASN B 649 -25.97 30.28 -22.77
N GLU B 650 -26.90 30.46 -21.82
CA GLU B 650 -28.02 29.53 -21.81
C GLU B 650 -29.24 30.17 -21.18
N LEU B 651 -30.39 29.83 -21.76
CA LEU B 651 -31.65 30.19 -21.12
C LEU B 651 -32.58 28.96 -21.23
N LEU B 652 -33.54 28.88 -20.28
CA LEU B 652 -34.49 27.78 -20.30
C LEU B 652 -35.78 28.20 -20.88
N HIS B 653 -36.19 27.49 -21.91
CA HIS B 653 -37.50 27.72 -22.54
C HIS B 653 -38.46 26.61 -22.06
N TRP B 654 -39.69 26.94 -21.67
CA TRP B 654 -40.61 25.93 -21.25
C TRP B 654 -41.92 26.10 -22.00
N MET B 655 -42.64 24.99 -22.18
CA MET B 655 -43.87 25.02 -22.93
C MET B 655 -44.79 23.92 -22.46
N VAL B 656 -46.06 24.28 -22.23
CA VAL B 656 -47.07 23.34 -21.79
C VAL B 656 -48.11 23.22 -22.93
N ALA B 657 -48.42 22.00 -23.36
CA ALA B 657 -49.34 21.78 -24.44
C ALA B 657 -50.27 20.65 -24.09
N LEU B 658 -51.53 20.73 -24.55
CA LEU B 658 -52.51 19.70 -24.26
C LEU B 658 -52.60 18.92 -25.51
N ASP B 659 -52.15 17.66 -25.49
CA ASP B 659 -52.26 16.93 -26.74
C ASP B 659 -51.73 17.70 -27.93
N GLY B 660 -50.55 18.30 -27.80
CA GLY B 660 -50.04 18.99 -28.96
C GLY B 660 -50.49 20.42 -29.09
N LYS B 661 -51.54 20.89 -28.42
CA LYS B 661 -51.98 22.26 -28.55
C LYS B 661 -51.39 23.07 -27.47
N PRO B 662 -50.59 24.03 -27.85
CA PRO B 662 -49.91 24.86 -26.87
C PRO B 662 -50.85 25.64 -25.98
N LEU B 663 -50.54 25.68 -24.70
CA LEU B 663 -51.35 26.40 -23.75
C LEU B 663 -50.56 27.52 -23.11
N ALA B 664 -49.26 27.32 -22.86
CA ALA B 664 -48.46 28.32 -22.22
C ALA B 664 -46.97 28.03 -22.38
N SER B 665 -46.16 29.09 -22.28
CA SER B 665 -44.75 28.93 -22.47
C SER B 665 -44.09 30.12 -21.93
N GLY B 666 -42.78 30.06 -21.76
CA GLY B 666 -42.01 31.18 -21.20
C GLY B 666 -40.52 30.89 -21.36
N GLU B 667 -39.72 31.84 -20.93
CA GLU B 667 -38.29 31.69 -20.89
C GLU B 667 -37.73 32.31 -19.63
N VAL B 668 -36.70 31.69 -19.10
CA VAL B 668 -36.11 32.08 -17.83
C VAL B 668 -34.60 31.94 -17.99
N PRO B 669 -33.88 32.91 -17.56
CA PRO B 669 -32.44 32.87 -17.71
C PRO B 669 -31.83 31.79 -16.84
N LEU B 670 -30.77 31.10 -17.33
CA LEU B 670 -30.15 30.02 -16.51
C LEU B 670 -28.88 30.56 -15.88
N ASP B 671 -28.69 30.38 -14.59
CA ASP B 671 -27.47 30.89 -14.05
C ASP B 671 -27.02 29.81 -13.13
N VAL B 672 -26.47 28.73 -13.67
CA VAL B 672 -26.10 27.65 -12.77
C VAL B 672 -24.57 27.51 -12.77
N ALA B 673 -23.98 27.40 -11.60
CA ALA B 673 -22.51 27.27 -11.53
C ALA B 673 -22.22 25.79 -11.90
N PRO B 674 -20.95 25.46 -12.19
CA PRO B 674 -20.60 24.04 -12.45
C PRO B 674 -20.94 23.16 -11.27
N GLN B 675 -21.69 22.07 -11.57
CA GLN B 675 -22.19 21.09 -10.60
C GLN B 675 -23.23 21.70 -9.74
N GLY B 676 -23.67 22.91 -10.01
CA GLY B 676 -24.68 23.52 -9.13
C GLY B 676 -26.11 23.21 -9.59
N LYS B 677 -27.03 23.78 -8.87
CA LYS B 677 -28.46 23.60 -9.15
C LYS B 677 -29.14 24.99 -9.24
N GLN B 678 -30.23 25.10 -10.00
CA GLN B 678 -31.02 26.29 -10.03
C GLN B 678 -32.50 25.86 -9.94
N LEU B 679 -33.31 26.49 -9.07
CA LEU B 679 -34.76 26.16 -8.99
C LEU B 679 -35.52 27.22 -9.75
N ILE B 680 -36.45 26.74 -10.60
CA ILE B 680 -37.31 27.61 -11.40
C ILE B 680 -38.76 27.28 -11.14
N GLU B 681 -39.46 28.27 -10.65
CA GLU B 681 -40.86 28.01 -10.37
C GLU B 681 -41.71 28.34 -11.55
N LEU B 682 -42.47 27.39 -12.03
CA LEU B 682 -43.31 27.74 -13.14
C LEU B 682 -44.51 28.51 -12.56
N PRO B 683 -45.17 29.35 -13.35
CA PRO B 683 -46.34 30.09 -12.89
C PRO B 683 -47.56 29.20 -12.80
N GLU B 684 -48.52 29.59 -11.96
CA GLU B 684 -49.73 28.79 -11.82
C GLU B 684 -50.36 28.54 -13.18
N LEU B 685 -50.77 27.31 -13.39
CA LEU B 685 -51.37 27.04 -14.68
C LEU B 685 -52.86 26.82 -14.76
N PRO B 686 -53.47 27.78 -15.44
CA PRO B 686 -54.88 27.73 -15.67
C PRO B 686 -55.24 26.33 -16.14
N GLN B 687 -56.40 25.88 -15.69
CA GLN B 687 -56.90 24.59 -16.07
C GLN B 687 -57.34 24.57 -17.53
N PRO B 688 -57.04 23.47 -18.18
CA PRO B 688 -57.46 23.33 -19.55
C PRO B 688 -58.96 23.02 -19.62
N GLU B 689 -59.53 23.52 -20.71
CA GLU B 689 -60.93 23.31 -21.00
C GLU B 689 -61.05 22.27 -22.10
N SER B 690 -60.80 20.99 -21.73
CA SER B 690 -60.86 19.85 -22.64
C SER B 690 -60.13 18.60 -22.09
N ALA B 691 -60.57 17.46 -22.51
CA ALA B 691 -59.93 16.21 -22.09
C ALA B 691 -58.56 16.19 -22.74
N GLY B 692 -57.62 15.37 -22.24
CA GLY B 692 -56.34 15.26 -22.91
C GLY B 692 -55.27 15.24 -21.81
N GLN B 693 -54.03 15.03 -22.27
CA GLN B 693 -52.85 14.96 -21.37
C GLN B 693 -52.04 16.21 -21.58
N LEU B 694 -51.76 16.91 -20.51
CA LEU B 694 -50.87 18.09 -20.59
C LEU B 694 -49.43 17.57 -20.51
N TRP B 695 -48.58 18.13 -21.35
CA TRP B 695 -47.17 17.77 -21.37
C TRP B 695 -46.33 19.03 -21.19
N LEU B 696 -45.29 18.93 -20.37
CA LEU B 696 -44.36 20.05 -20.19
C LEU B 696 -43.07 19.68 -20.90
N THR B 697 -42.61 20.57 -21.77
CA THR B 697 -41.30 20.42 -22.46
C THR B 697 -40.40 21.54 -22.06
N VAL B 698 -39.18 21.26 -21.73
CA VAL B 698 -38.20 22.34 -21.44
C VAL B 698 -37.03 22.15 -22.43
N ARG B 699 -36.40 23.20 -22.86
CA ARG B 699 -35.27 23.12 -23.75
C ARG B 699 -34.25 24.18 -23.21
N VAL B 700 -32.97 23.87 -23.33
CA VAL B 700 -31.92 24.82 -23.00
C VAL B 700 -31.42 25.33 -24.34
N VAL B 701 -31.50 26.68 -24.51
CA VAL B 701 -31.14 27.35 -25.74
C VAL B 701 -29.95 28.27 -25.46
N GLN B 702 -28.98 28.32 -26.40
CA GLN B 702 -27.82 29.22 -26.25
C GLN B 702 -28.10 30.44 -27.13
N PRO B 703 -28.36 31.59 -26.50
CA PRO B 703 -28.77 32.69 -27.30
C PRO B 703 -27.66 33.20 -28.15
N ASN B 704 -26.41 33.03 -27.76
CA ASN B 704 -25.35 33.64 -28.56
C ASN B 704 -24.56 32.63 -29.34
N ALA B 705 -24.10 33.02 -30.51
CA ALA B 705 -23.25 32.11 -31.32
C ALA B 705 -21.95 31.81 -30.62
N THR B 706 -21.26 30.68 -30.94
CA THR B 706 -19.99 30.39 -30.29
C THR B 706 -19.09 30.01 -31.42
N ALA B 707 -17.85 29.61 -31.09
CA ALA B 707 -17.01 29.13 -32.17
C ALA B 707 -17.55 27.85 -32.79
N TRP B 708 -18.46 27.13 -32.10
CA TRP B 708 -18.89 25.82 -32.61
C TRP B 708 -20.40 25.69 -32.79
N SER B 709 -21.14 26.80 -32.58
CA SER B 709 -22.62 26.69 -32.72
C SER B 709 -23.21 28.07 -33.05
N GLU B 710 -24.39 28.04 -33.62
CA GLU B 710 -25.07 29.25 -34.05
C GLU B 710 -25.97 29.74 -32.92
N ALA B 711 -26.37 31.02 -32.98
CA ALA B 711 -27.27 31.53 -31.97
C ALA B 711 -28.53 30.73 -32.03
N GLY B 712 -29.14 30.41 -30.91
CA GLY B 712 -30.38 29.65 -30.93
C GLY B 712 -30.18 28.12 -30.77
N HIS B 713 -28.90 27.66 -30.79
CA HIS B 713 -28.62 26.23 -30.64
C HIS B 713 -29.28 25.64 -29.40
N ILE B 714 -29.96 24.52 -29.59
CA ILE B 714 -30.58 23.81 -28.47
C ILE B 714 -29.63 22.74 -27.96
N SER B 715 -29.28 22.83 -26.67
CA SER B 715 -28.27 21.87 -26.14
C SER B 715 -28.87 20.81 -25.22
N ALA B 716 -30.14 20.96 -24.79
CA ALA B 716 -30.65 19.98 -23.91
C ALA B 716 -32.15 20.10 -23.88
N TRP B 717 -32.84 18.98 -23.55
CA TRP B 717 -34.31 19.08 -23.43
C TRP B 717 -34.82 17.93 -22.55
N GLN B 718 -36.06 18.06 -22.10
CA GLN B 718 -36.71 17.03 -21.29
C GLN B 718 -38.24 17.27 -21.29
N GLN B 719 -39.02 16.18 -21.12
CA GLN B 719 -40.46 16.36 -21.05
C GLN B 719 -40.96 15.62 -19.85
N TRP B 720 -42.15 16.03 -19.41
CA TRP B 720 -42.87 15.34 -18.32
C TRP B 720 -44.37 15.37 -18.64
N ARG B 721 -45.09 14.36 -18.21
CA ARG B 721 -46.51 14.45 -18.31
C ARG B 721 -46.97 15.28 -17.07
N LEU B 722 -47.93 16.19 -17.25
CA LEU B 722 -48.51 16.92 -16.12
C LEU B 722 -49.93 16.35 -15.93
N ALA B 723 -50.92 17.19 -15.61
CA ALA B 723 -52.26 16.61 -15.39
C ALA B 723 -52.86 15.95 -16.59
N GLU B 724 -53.72 14.96 -16.37
CA GLU B 724 -54.43 14.36 -17.50
C GLU B 724 -55.90 14.40 -17.13
N ASN B 725 -56.72 14.73 -18.12
CA ASN B 725 -58.15 14.73 -17.89
C ASN B 725 -58.76 13.71 -18.81
N LEU B 726 -59.16 12.53 -18.27
CA LEU B 726 -59.68 11.49 -19.16
C LEU B 726 -61.07 11.89 -19.69
N SER B 727 -61.34 11.56 -20.94
CA SER B 727 -62.63 11.87 -21.51
C SER B 727 -63.70 10.94 -20.97
N VAL B 728 -64.80 11.57 -20.41
CA VAL B 728 -65.92 10.79 -19.90
C VAL B 728 -67.18 11.15 -20.67
N THR B 729 -66.98 11.90 -21.72
CA THR B 729 -68.05 12.41 -22.54
C THR B 729 -68.49 11.43 -23.54
N LEU B 730 -69.72 11.01 -23.33
CA LEU B 730 -70.45 10.12 -24.18
C LEU B 730 -70.46 10.84 -25.56
N PRO B 731 -69.99 10.18 -26.63
CA PRO B 731 -69.86 10.77 -27.96
C PRO B 731 -70.89 11.79 -28.48
N ALA B 732 -71.93 11.24 -29.12
CA ALA B 732 -73.00 11.95 -29.81
C ALA B 732 -73.63 10.98 -30.80
N ALA B 733 -74.93 10.70 -30.60
CA ALA B 733 -75.72 9.76 -31.42
C ALA B 733 -75.78 10.01 -32.93
N SER B 734 -75.45 8.90 -33.57
CA SER B 734 -75.31 8.82 -34.99
C SER B 734 -76.55 9.11 -35.79
N HIS B 735 -76.26 9.85 -36.83
CA HIS B 735 -77.21 10.28 -37.81
C HIS B 735 -77.68 9.10 -38.68
N ALA B 736 -76.89 7.99 -38.78
CA ALA B 736 -77.26 6.81 -39.56
C ALA B 736 -76.73 5.49 -38.97
N ILE B 737 -77.22 4.32 -39.39
CA ILE B 737 -76.79 3.02 -38.87
C ILE B 737 -76.14 2.28 -40.05
N PRO B 738 -74.92 1.72 -39.91
CA PRO B 738 -74.33 1.08 -41.09
C PRO B 738 -75.14 -0.18 -41.44
N HIS B 739 -75.09 -0.57 -42.71
CA HIS B 739 -75.82 -1.76 -43.15
C HIS B 739 -74.84 -2.91 -43.44
N LEU B 740 -75.21 -4.13 -43.05
CA LEU B 740 -74.42 -5.32 -43.37
C LEU B 740 -75.06 -6.05 -44.57
N THR B 741 -74.25 -6.33 -45.61
CA THR B 741 -74.65 -7.13 -46.75
C THR B 741 -73.87 -8.42 -46.69
N THR B 742 -74.55 -9.55 -46.55
CA THR B 742 -73.82 -10.79 -46.47
C THR B 742 -73.91 -11.58 -47.75
N SER B 743 -72.80 -12.14 -48.21
CA SER B 743 -72.80 -12.94 -49.43
C SER B 743 -72.00 -14.17 -49.14
N GLU B 744 -71.96 -15.13 -50.01
CA GLU B 744 -71.22 -16.31 -49.62
C GLU B 744 -69.74 -16.02 -49.42
N MET B 745 -69.27 -15.16 -50.28
CA MET B 745 -67.89 -14.80 -50.28
C MET B 745 -67.45 -13.66 -49.32
N ASP B 746 -68.34 -12.74 -48.98
CA ASP B 746 -67.94 -11.56 -48.23
C ASP B 746 -68.98 -11.05 -47.26
N PHE B 747 -68.50 -10.25 -46.30
CA PHE B 747 -69.32 -9.42 -45.43
C PHE B 747 -68.94 -7.97 -45.84
N CYS B 748 -69.92 -7.17 -46.33
CA CYS B 748 -69.73 -5.78 -46.73
C CYS B 748 -70.51 -4.91 -45.82
N ILE B 749 -69.97 -3.75 -45.53
CA ILE B 749 -70.67 -2.87 -44.64
C ILE B 749 -70.76 -1.61 -45.41
N GLU B 750 -71.92 -0.93 -45.40
CA GLU B 750 -72.00 0.36 -46.10
C GLU B 750 -72.50 1.39 -45.13
N LEU B 751 -71.90 2.56 -45.27
CA LEU B 751 -72.31 3.73 -44.44
C LEU B 751 -72.11 4.98 -45.24
N GLY B 752 -73.20 5.68 -45.69
CA GLY B 752 -72.94 6.90 -46.46
C GLY B 752 -72.23 6.56 -47.72
N ASN B 753 -71.21 7.33 -48.06
CA ASN B 753 -70.51 6.97 -49.23
C ASN B 753 -69.34 6.06 -48.93
N LYS B 754 -69.33 5.39 -47.80
CA LYS B 754 -68.19 4.51 -47.55
C LYS B 754 -68.65 3.05 -47.54
N ARG B 755 -67.69 2.14 -47.90
CA ARG B 755 -67.95 0.68 -47.89
C ARG B 755 -66.69 -0.04 -47.39
N TRP B 756 -66.90 -1.15 -46.67
CA TRP B 756 -65.81 -1.98 -46.20
C TRP B 756 -66.18 -3.40 -46.65
N GLN B 757 -65.17 -4.19 -47.07
CA GLN B 757 -65.38 -5.54 -47.48
C GLN B 757 -64.47 -6.48 -46.76
N PHE B 758 -65.08 -7.43 -46.10
CA PHE B 758 -64.34 -8.49 -45.41
C PHE B 758 -64.49 -9.78 -46.17
N ASN B 759 -63.40 -10.29 -46.70
CA ASN B 759 -63.50 -11.57 -47.41
C ASN B 759 -63.69 -12.75 -46.44
N ARG B 760 -64.73 -13.58 -46.66
CA ARG B 760 -65.07 -14.66 -45.72
C ARG B 760 -64.12 -15.87 -45.74
N GLN B 761 -63.34 -16.00 -46.82
CA GLN B 761 -62.39 -17.14 -46.86
C GLN B 761 -61.03 -16.73 -46.24
N SER B 762 -60.69 -15.48 -46.43
CA SER B 762 -59.40 -15.00 -45.83
C SER B 762 -59.60 -14.49 -44.39
N GLY B 763 -60.77 -13.87 -44.11
CA GLY B 763 -61.00 -13.40 -42.78
C GLY B 763 -60.34 -12.02 -42.62
N PHE B 764 -59.97 -11.35 -43.66
CA PHE B 764 -59.41 -9.98 -43.54
C PHE B 764 -60.22 -8.93 -44.31
N LEU B 765 -60.01 -7.69 -43.87
CA LEU B 765 -60.54 -6.52 -44.56
C LEU B 765 -59.81 -6.43 -45.85
N SER B 766 -60.49 -6.80 -46.93
CA SER B 766 -59.74 -6.77 -48.20
C SER B 766 -59.84 -5.50 -49.04
N GLN B 767 -60.87 -4.66 -48.80
CA GLN B 767 -61.05 -3.46 -49.57
C GLN B 767 -61.90 -2.44 -48.81
N MET B 768 -61.67 -1.17 -49.06
CA MET B 768 -62.44 -0.16 -48.39
C MET B 768 -62.60 0.87 -49.46
N TRP B 769 -63.81 1.45 -49.60
CA TRP B 769 -63.97 2.50 -50.63
C TRP B 769 -64.47 3.81 -50.02
N ILE B 770 -63.96 4.89 -50.59
CA ILE B 770 -64.51 6.21 -50.32
C ILE B 770 -65.22 6.60 -51.62
N GLY B 771 -66.56 6.60 -51.71
CA GLY B 771 -67.19 6.78 -53.02
C GLY B 771 -66.86 5.55 -53.86
N ASP B 772 -66.41 5.79 -55.03
CA ASP B 772 -66.07 4.66 -55.81
C ASP B 772 -64.58 4.40 -55.80
N LYS B 773 -63.84 5.04 -54.86
CA LYS B 773 -62.35 4.89 -54.86
C LYS B 773 -61.86 3.86 -53.87
N LYS B 774 -61.17 2.83 -54.41
CA LYS B 774 -60.58 1.79 -53.59
C LYS B 774 -59.42 2.40 -52.78
N GLN B 775 -59.31 2.04 -51.48
CA GLN B 775 -58.29 2.60 -50.60
C GLN B 775 -57.17 1.61 -50.30
N LEU B 776 -57.35 0.34 -50.63
CA LEU B 776 -56.29 -0.63 -50.36
C LEU B 776 -55.76 -1.28 -51.63
N LEU B 777 -54.46 -1.60 -51.63
CA LEU B 777 -53.84 -2.39 -52.70
C LEU B 777 -53.61 -3.77 -52.16
N THR B 778 -53.45 -3.93 -50.83
CA THR B 778 -53.27 -5.25 -50.26
C THR B 778 -54.12 -5.28 -49.05
N PRO B 779 -54.69 -6.36 -48.67
CA PRO B 779 -55.52 -6.41 -47.49
C PRO B 779 -54.77 -6.06 -46.19
N LEU B 780 -55.56 -5.70 -45.18
CA LEU B 780 -55.07 -5.38 -43.85
C LEU B 780 -54.86 -6.74 -43.15
N ARG B 781 -53.57 -7.08 -42.88
CA ARG B 781 -53.27 -8.38 -42.28
C ARG B 781 -52.30 -8.24 -41.08
N ASP B 782 -52.35 -9.20 -40.18
CA ASP B 782 -51.40 -9.14 -39.08
C ASP B 782 -50.01 -9.32 -39.65
N GLN B 783 -49.01 -8.79 -38.91
CA GLN B 783 -47.61 -8.92 -39.30
C GLN B 783 -46.79 -9.08 -38.04
N PHE B 784 -45.99 -10.17 -38.03
CA PHE B 784 -45.20 -10.53 -36.82
C PHE B 784 -43.72 -10.47 -37.10
N THR B 785 -43.31 -10.00 -38.26
CA THR B 785 -41.89 -9.96 -38.63
C THR B 785 -41.48 -8.60 -39.09
N ARG B 786 -40.15 -8.39 -39.08
CA ARG B 786 -39.61 -7.15 -39.64
C ARG B 786 -38.51 -7.48 -40.61
N ALA B 787 -38.23 -6.58 -41.57
CA ALA B 787 -37.08 -6.72 -42.46
C ALA B 787 -35.89 -6.54 -41.49
N PRO B 788 -35.04 -7.54 -41.42
CA PRO B 788 -34.07 -7.64 -40.35
C PRO B 788 -33.08 -6.50 -40.33
N LEU B 789 -32.82 -5.98 -39.11
CA LEU B 789 -31.84 -4.95 -38.96
C LEU B 789 -30.46 -5.59 -39.00
N ASP B 790 -29.38 -4.75 -39.14
CA ASP B 790 -28.01 -5.30 -39.02
C ASP B 790 -27.88 -6.02 -37.68
N ASN B 791 -28.48 -5.48 -36.59
CA ASN B 791 -28.31 -6.14 -35.28
C ASN B 791 -29.07 -7.45 -35.26
N ASP B 792 -30.15 -7.59 -36.08
CA ASP B 792 -30.86 -8.90 -36.05
C ASP B 792 -30.08 -9.96 -36.78
N ILE B 793 -29.31 -9.52 -37.78
CA ILE B 793 -28.52 -10.45 -38.64
C ILE B 793 -27.22 -10.81 -37.98
N GLY B 794 -26.53 -9.81 -37.40
CA GLY B 794 -25.23 -10.12 -36.78
C GLY B 794 -24.22 -10.57 -37.84
N VAL B 795 -23.44 -11.65 -37.53
CA VAL B 795 -22.51 -12.11 -38.53
C VAL B 795 -23.10 -13.21 -39.37
N SER B 796 -24.38 -13.51 -39.20
CA SER B 796 -24.94 -14.58 -40.00
C SER B 796 -24.87 -14.27 -41.47
N GLU B 797 -24.60 -15.33 -42.24
CA GLU B 797 -24.50 -15.20 -43.73
C GLU B 797 -25.08 -16.48 -44.38
N ALA B 798 -25.54 -16.37 -45.59
CA ALA B 798 -26.07 -17.57 -46.24
C ALA B 798 -25.06 -18.68 -46.25
N THR B 799 -23.88 -18.27 -46.49
CA THR B 799 -22.74 -19.15 -46.59
C THR B 799 -22.38 -19.70 -45.22
N ARG B 800 -22.85 -19.09 -44.15
CA ARG B 800 -22.43 -19.52 -42.85
C ARG B 800 -23.32 -18.86 -41.80
N ILE B 801 -24.44 -19.54 -41.70
CA ILE B 801 -25.48 -19.17 -40.78
C ILE B 801 -25.02 -19.09 -39.30
N ASP B 802 -25.47 -18.11 -38.52
CA ASP B 802 -25.23 -18.11 -37.11
C ASP B 802 -26.58 -18.41 -36.53
N PRO B 803 -26.83 -19.62 -36.13
CA PRO B 803 -28.13 -19.96 -35.64
C PRO B 803 -28.59 -19.21 -34.43
N ASN B 804 -27.69 -18.54 -33.69
CA ASN B 804 -28.12 -17.80 -32.53
C ASN B 804 -28.62 -16.38 -32.90
N ALA B 805 -28.32 -15.85 -34.09
CA ALA B 805 -28.76 -14.51 -34.41
C ALA B 805 -30.31 -14.46 -34.46
N TRP B 806 -30.91 -13.33 -34.06
CA TRP B 806 -32.36 -13.24 -34.13
C TRP B 806 -32.94 -13.58 -35.50
N VAL B 807 -32.36 -13.10 -36.58
CA VAL B 807 -33.00 -13.35 -37.86
C VAL B 807 -33.06 -14.88 -38.10
N GLU B 808 -32.00 -15.61 -37.68
CA GLU B 808 -31.98 -17.08 -37.91
C GLU B 808 -32.92 -17.82 -36.97
N ARG B 809 -33.11 -17.30 -35.78
CA ARG B 809 -34.10 -17.88 -34.85
C ARG B 809 -35.51 -17.72 -35.48
N TRP B 810 -35.77 -16.53 -36.02
CA TRP B 810 -37.11 -16.31 -36.64
C TRP B 810 -37.28 -17.13 -37.93
N LYS B 811 -36.22 -17.18 -38.76
CA LYS B 811 -36.33 -18.00 -39.95
C LYS B 811 -36.61 -19.43 -39.62
N ALA B 812 -35.79 -19.97 -38.77
CA ALA B 812 -35.88 -21.38 -38.39
C ALA B 812 -37.21 -21.73 -37.79
N ALA B 813 -37.85 -20.77 -37.12
CA ALA B 813 -39.12 -21.03 -36.46
C ALA B 813 -40.29 -20.95 -37.44
N GLY B 814 -39.95 -20.43 -38.59
CA GLY B 814 -40.94 -20.24 -39.67
C GLY B 814 -41.68 -18.90 -39.60
N HIS B 815 -41.17 -17.93 -38.81
CA HIS B 815 -41.88 -16.69 -38.74
C HIS B 815 -42.06 -16.03 -40.09
N TYR B 816 -41.10 -16.16 -40.97
CA TYR B 816 -41.22 -15.48 -42.26
C TYR B 816 -42.00 -16.33 -43.26
N GLN B 817 -42.19 -17.57 -42.98
CA GLN B 817 -42.93 -18.40 -43.93
C GLN B 817 -44.37 -18.69 -43.52
N ALA B 818 -44.75 -18.47 -42.25
CA ALA B 818 -46.09 -18.78 -41.71
C ALA B 818 -47.25 -18.11 -42.45
N GLU B 819 -48.25 -18.91 -42.60
CA GLU B 819 -49.40 -18.43 -43.34
C GLU B 819 -50.63 -18.49 -42.42
N ALA B 820 -51.39 -17.40 -42.50
CA ALA B 820 -52.63 -17.26 -41.74
C ALA B 820 -53.63 -18.32 -42.17
N ALA B 821 -54.18 -19.07 -41.24
CA ALA B 821 -55.21 -20.04 -41.51
C ALA B 821 -56.45 -19.52 -40.81
N LEU B 822 -57.62 -19.45 -41.45
CA LEU B 822 -58.78 -18.87 -40.76
C LEU B 822 -59.39 -19.83 -39.83
N LEU B 823 -59.80 -19.38 -38.63
CA LEU B 823 -60.47 -20.22 -37.66
C LEU B 823 -61.88 -19.76 -37.55
N GLN B 824 -62.12 -18.45 -37.73
CA GLN B 824 -63.50 -17.94 -37.58
C GLN B 824 -63.70 -16.63 -38.27
N CYS B 825 -64.87 -16.35 -38.83
CA CYS B 825 -65.16 -15.04 -39.38
C CYS B 825 -66.67 -14.85 -39.31
N THR B 826 -67.17 -14.09 -38.36
CA THR B 826 -68.62 -13.95 -38.27
C THR B 826 -68.98 -12.49 -38.32
N ALA B 827 -70.26 -12.22 -38.57
CA ALA B 827 -70.78 -10.85 -38.63
C ALA B 827 -72.09 -10.76 -37.84
N ASP B 828 -72.21 -9.71 -37.08
CA ASP B 828 -73.42 -9.50 -36.32
C ASP B 828 -73.84 -8.07 -36.46
N THR B 829 -75.14 -7.86 -36.30
CA THR B 829 -75.58 -6.51 -36.33
C THR B 829 -75.90 -6.10 -34.88
N LEU B 830 -75.48 -4.92 -34.47
CA LEU B 830 -75.82 -4.44 -33.13
C LEU B 830 -76.76 -3.26 -33.33
N ALA B 831 -77.29 -2.67 -32.26
CA ALA B 831 -78.25 -1.57 -32.46
C ALA B 831 -77.79 -0.43 -33.43
N ASP B 832 -76.52 -0.03 -33.32
CA ASP B 832 -75.96 1.08 -34.08
C ASP B 832 -74.68 0.76 -34.81
N ALA B 833 -74.40 -0.51 -35.05
CA ALA B 833 -73.13 -0.80 -35.67
C ALA B 833 -73.14 -2.23 -36.18
N VAL B 834 -72.10 -2.56 -36.96
CA VAL B 834 -72.00 -3.92 -37.39
C VAL B 834 -70.67 -4.38 -36.79
N LEU B 835 -70.65 -5.63 -36.34
CA LEU B 835 -69.49 -6.22 -35.67
C LEU B 835 -68.99 -7.39 -36.45
N ILE B 836 -67.71 -7.37 -36.90
CA ILE B 836 -67.09 -8.52 -37.59
C ILE B 836 -66.16 -9.19 -36.62
N THR B 837 -66.22 -10.46 -36.41
CA THR B 837 -65.34 -11.16 -35.48
C THR B 837 -64.47 -12.14 -36.27
N THR B 838 -63.13 -12.17 -36.04
CA THR B 838 -62.29 -13.14 -36.81
C THR B 838 -61.27 -13.78 -35.92
N ALA B 839 -60.80 -14.92 -36.33
CA ALA B 839 -59.73 -15.59 -35.57
C ALA B 839 -58.86 -16.27 -36.59
N HIS B 840 -57.54 -16.17 -36.43
CA HIS B 840 -56.61 -16.81 -37.39
C HIS B 840 -55.49 -17.45 -36.58
N ALA B 841 -54.89 -18.47 -37.14
CA ALA B 841 -53.76 -19.12 -36.54
C ALA B 841 -52.67 -19.06 -37.58
N TRP B 842 -51.44 -18.84 -37.09
CA TRP B 842 -50.29 -18.89 -38.01
C TRP B 842 -49.46 -20.06 -37.68
N GLN B 843 -49.18 -20.92 -38.66
CA GLN B 843 -48.57 -22.14 -38.31
C GLN B 843 -47.40 -22.46 -39.22
N HIS B 844 -46.57 -23.35 -38.64
CA HIS B 844 -45.37 -23.79 -39.32
C HIS B 844 -45.03 -25.19 -38.92
N GLN B 845 -44.87 -26.07 -39.94
CA GLN B 845 -44.58 -27.47 -39.74
C GLN B 845 -45.48 -28.00 -38.72
N GLY B 846 -46.75 -27.59 -38.83
CA GLY B 846 -47.74 -28.07 -37.90
C GLY B 846 -47.72 -27.51 -36.47
N LYS B 847 -46.95 -26.48 -36.23
CA LYS B 847 -47.00 -25.92 -34.89
C LYS B 847 -47.70 -24.59 -35.03
N THR B 848 -48.52 -24.24 -34.01
CA THR B 848 -49.15 -22.95 -34.11
C THR B 848 -48.17 -21.93 -33.48
N LEU B 849 -47.78 -20.92 -34.26
CA LEU B 849 -46.88 -19.91 -33.73
C LEU B 849 -47.63 -18.80 -33.09
N PHE B 850 -48.64 -18.28 -33.80
CA PHE B 850 -49.42 -17.13 -33.25
C PHE B 850 -50.94 -17.34 -33.54
N ILE B 851 -51.79 -16.79 -32.67
CA ILE B 851 -53.24 -16.80 -32.86
C ILE B 851 -53.66 -15.34 -32.75
N SER B 852 -54.42 -14.80 -33.72
CA SER B 852 -54.85 -13.44 -33.66
C SER B 852 -56.36 -13.46 -33.61
N ARG B 853 -56.97 -12.85 -32.62
CA ARG B 853 -58.41 -12.73 -32.53
C ARG B 853 -58.76 -11.25 -32.60
N LYS B 854 -59.73 -10.92 -33.45
CA LYS B 854 -60.12 -9.52 -33.59
C LYS B 854 -61.60 -9.30 -33.69
N THR B 855 -61.98 -8.06 -33.42
CA THR B 855 -63.32 -7.55 -33.71
C THR B 855 -63.11 -6.24 -34.45
N TYR B 856 -64.03 -5.99 -35.37
CA TYR B 856 -64.06 -4.75 -36.07
C TYR B 856 -65.45 -4.22 -35.79
N ARG B 857 -65.59 -3.04 -35.24
CA ARG B 857 -66.91 -2.60 -34.96
C ARG B 857 -67.11 -1.31 -35.73
N ILE B 858 -68.04 -1.26 -36.72
CA ILE B 858 -68.19 -0.05 -37.55
C ILE B 858 -69.48 0.63 -37.16
N ASP B 859 -69.38 1.87 -36.74
CA ASP B 859 -70.57 2.48 -36.29
C ASP B 859 -71.09 3.59 -37.22
N GLY B 860 -72.19 4.16 -36.72
CA GLY B 860 -72.92 5.21 -37.41
C GLY B 860 -72.09 6.43 -37.69
N SER B 861 -71.01 6.58 -36.95
CA SER B 861 -70.11 7.67 -37.19
C SER B 861 -69.14 7.34 -38.30
N GLY B 862 -69.14 6.11 -38.80
CA GLY B 862 -68.15 5.84 -39.82
C GLY B 862 -66.77 5.42 -39.22
N GLN B 863 -66.63 5.39 -37.92
CA GLN B 863 -65.37 4.94 -37.33
C GLN B 863 -65.29 3.43 -37.28
N MET B 864 -64.14 2.86 -37.60
CA MET B 864 -64.06 1.41 -37.51
C MET B 864 -63.14 1.12 -36.32
N ALA B 865 -63.64 0.54 -35.22
CA ALA B 865 -62.77 0.24 -34.06
C ALA B 865 -62.30 -1.20 -34.17
N ILE B 866 -60.97 -1.37 -34.09
CA ILE B 866 -60.36 -2.67 -34.24
C ILE B 866 -59.74 -3.08 -32.96
N THR B 867 -60.16 -4.24 -32.45
CA THR B 867 -59.52 -4.76 -31.25
C THR B 867 -58.75 -5.98 -31.62
N VAL B 868 -57.48 -6.08 -31.18
CA VAL B 868 -56.65 -7.21 -31.52
C VAL B 868 -56.14 -7.89 -30.25
N ASP B 869 -56.32 -9.20 -30.15
CA ASP B 869 -55.78 -9.94 -29.02
C ASP B 869 -54.95 -11.09 -29.60
N VAL B 870 -53.66 -11.12 -29.33
CA VAL B 870 -52.81 -12.10 -29.95
C VAL B 870 -52.20 -13.03 -28.89
N GLU B 871 -52.07 -14.32 -29.23
CA GLU B 871 -51.38 -15.24 -28.43
C GLU B 871 -50.14 -15.67 -29.20
N VAL B 872 -48.95 -15.76 -28.48
CA VAL B 872 -47.69 -16.18 -29.10
C VAL B 872 -47.19 -17.38 -28.32
N ALA B 873 -46.98 -18.48 -29.03
CA ALA B 873 -46.55 -19.69 -28.31
C ALA B 873 -45.32 -19.39 -27.52
N SER B 874 -45.29 -19.92 -26.31
CA SER B 874 -44.13 -19.58 -25.45
C SER B 874 -42.80 -20.08 -25.92
N ASP B 875 -42.85 -21.14 -26.71
CA ASP B 875 -41.62 -21.71 -27.13
C ASP B 875 -41.17 -21.23 -28.46
N THR B 876 -41.85 -20.29 -29.06
CA THR B 876 -41.33 -19.80 -30.35
C THR B 876 -40.44 -18.58 -30.02
N PRO B 877 -39.40 -18.27 -30.76
CA PRO B 877 -38.58 -17.06 -30.47
C PRO B 877 -39.53 -15.86 -30.43
N HIS B 878 -39.27 -14.95 -29.49
CA HIS B 878 -40.13 -13.79 -29.36
C HIS B 878 -40.12 -13.01 -30.70
N PRO B 879 -41.31 -12.62 -31.18
CA PRO B 879 -41.38 -12.02 -32.50
C PRO B 879 -40.88 -10.58 -32.57
N ALA B 880 -40.52 -10.15 -33.78
CA ALA B 880 -40.05 -8.81 -33.99
C ALA B 880 -41.11 -7.78 -33.75
N ARG B 881 -42.33 -8.07 -34.03
CA ARG B 881 -43.42 -7.08 -33.81
C ARG B 881 -44.75 -7.81 -33.74
N ILE B 882 -45.78 -7.09 -33.28
CA ILE B 882 -47.16 -7.65 -33.25
C ILE B 882 -47.99 -6.46 -33.75
N GLY B 883 -48.37 -6.50 -35.05
CA GLY B 883 -49.08 -5.33 -35.61
C GLY B 883 -49.88 -5.76 -36.80
N LEU B 884 -50.34 -4.74 -37.52
CA LEU B 884 -51.05 -4.97 -38.75
C LEU B 884 -50.34 -4.24 -39.87
N ASN B 885 -50.62 -4.66 -41.09
CA ASN B 885 -50.06 -3.93 -42.20
C ASN B 885 -50.93 -3.94 -43.41
N CYS B 886 -50.73 -2.93 -44.24
CA CYS B 886 -51.49 -2.95 -45.46
C CYS B 886 -50.75 -2.05 -46.45
N GLN B 887 -51.12 -2.20 -47.75
CA GLN B 887 -50.59 -1.31 -48.77
C GLN B 887 -51.72 -0.38 -49.16
N LEU B 888 -51.65 0.88 -48.82
CA LEU B 888 -52.69 1.85 -49.14
C LEU B 888 -52.63 2.20 -50.62
N ALA B 889 -53.78 2.49 -51.24
CA ALA B 889 -53.74 2.79 -52.67
C ALA B 889 -53.18 4.16 -52.96
N GLN B 890 -53.39 5.06 -52.09
CA GLN B 890 -52.91 6.32 -52.45
C GLN B 890 -51.62 6.78 -51.81
N VAL B 891 -51.06 7.79 -52.42
CA VAL B 891 -49.90 8.43 -51.87
C VAL B 891 -50.25 9.86 -51.51
N ALA B 892 -49.79 10.37 -50.38
CA ALA B 892 -49.99 11.73 -49.92
C ALA B 892 -48.61 12.37 -49.59
N GLU B 893 -48.57 13.68 -49.65
CA GLU B 893 -47.37 14.47 -49.48
C GLU B 893 -46.91 14.45 -48.02
N ARG B 894 -47.82 14.54 -47.06
CA ARG B 894 -47.36 14.69 -45.68
C ARG B 894 -47.85 13.62 -44.75
N VAL B 895 -47.17 13.52 -43.62
CA VAL B 895 -47.55 12.60 -42.54
C VAL B 895 -47.64 13.42 -41.26
N ASN B 896 -48.79 13.33 -40.57
CA ASN B 896 -48.99 14.13 -39.39
C ASN B 896 -49.38 13.22 -38.25
N TRP B 897 -48.69 13.32 -37.12
CA TRP B 897 -49.06 12.42 -36.03
C TRP B 897 -48.84 13.11 -34.69
N LEU B 898 -49.56 12.57 -33.72
CA LEU B 898 -49.47 13.05 -32.33
C LEU B 898 -48.81 11.89 -31.61
N GLY B 899 -47.53 12.05 -31.34
CA GLY B 899 -46.79 10.89 -30.76
C GLY B 899 -45.33 11.31 -30.61
N LEU B 900 -44.43 10.32 -30.45
CA LEU B 900 -43.02 10.65 -30.29
C LEU B 900 -42.33 10.98 -31.62
N GLY B 901 -41.51 12.04 -31.59
CA GLY B 901 -40.79 12.38 -32.80
C GLY B 901 -39.92 13.64 -32.59
N PRO B 902 -39.50 14.30 -33.68
CA PRO B 902 -39.93 14.00 -35.02
C PRO B 902 -39.19 12.87 -35.74
N GLN B 903 -38.01 12.52 -35.26
CA GLN B 903 -37.20 11.49 -35.92
C GLN B 903 -37.58 10.09 -35.53
N GLU B 904 -37.12 9.18 -36.35
CA GLU B 904 -37.27 7.73 -36.13
C GLU B 904 -36.93 7.39 -34.65
N ASN B 905 -37.78 6.55 -34.06
CA ASN B 905 -37.46 6.13 -32.68
C ASN B 905 -38.05 4.74 -32.45
N TYR B 906 -37.35 3.93 -31.61
CA TYR B 906 -37.75 2.58 -31.37
C TYR B 906 -37.82 2.38 -29.86
N PRO B 907 -38.36 1.24 -29.38
CA PRO B 907 -38.61 1.13 -27.95
C PRO B 907 -37.40 1.36 -27.07
N ASP B 908 -36.26 0.81 -27.49
CA ASP B 908 -35.04 0.95 -26.70
C ASP B 908 -34.19 2.15 -27.17
N ARG B 909 -34.73 2.98 -28.05
CA ARG B 909 -34.06 4.17 -28.57
C ARG B 909 -35.13 5.22 -28.84
N LEU B 910 -35.78 5.68 -27.76
CA LEU B 910 -36.78 6.71 -27.94
C LEU B 910 -36.65 7.80 -26.88
N THR B 911 -35.58 7.84 -26.09
CA THR B 911 -35.52 8.87 -25.08
C THR B 911 -35.42 10.29 -25.61
N ALA B 912 -34.77 10.47 -26.75
CA ALA B 912 -34.58 11.81 -27.29
C ALA B 912 -35.84 12.33 -27.92
N ALA B 913 -36.74 11.42 -28.37
CA ALA B 913 -37.96 11.87 -29.08
C ALA B 913 -38.90 12.56 -28.09
N CYS B 914 -39.70 13.50 -28.60
CA CYS B 914 -40.62 14.18 -27.72
C CYS B 914 -42.06 13.93 -28.22
N PHE B 915 -43.00 13.96 -27.25
CA PHE B 915 -44.41 13.74 -27.55
C PHE B 915 -44.96 15.09 -27.95
N ASP B 916 -45.45 15.16 -29.17
CA ASP B 916 -46.01 16.43 -29.67
C ASP B 916 -46.77 16.13 -30.98
N ARG B 917 -47.17 17.22 -31.68
CA ARG B 917 -47.81 17.02 -32.95
C ARG B 917 -46.79 17.33 -34.02
N TRP B 918 -46.45 16.34 -34.78
CA TRP B 918 -45.42 16.48 -35.78
C TRP B 918 -46.00 16.37 -37.18
N ASP B 919 -45.35 16.99 -38.15
CA ASP B 919 -45.85 16.94 -39.51
C ASP B 919 -44.63 16.99 -40.43
N LEU B 920 -44.38 15.91 -41.21
CA LEU B 920 -43.23 15.83 -42.10
C LEU B 920 -43.65 15.35 -43.43
N PRO B 921 -42.84 15.66 -44.41
CA PRO B 921 -43.04 15.13 -45.74
C PRO B 921 -42.91 13.60 -45.66
N LEU B 922 -43.59 12.86 -46.51
CA LEU B 922 -43.51 11.41 -46.42
C LEU B 922 -42.10 10.90 -46.51
N SER B 923 -41.27 11.44 -47.37
CA SER B 923 -39.92 10.81 -47.46
C SER B 923 -39.11 10.89 -46.18
N ASP B 924 -39.39 11.86 -45.29
CA ASP B 924 -38.70 11.98 -44.00
C ASP B 924 -39.10 10.86 -43.09
N MET B 925 -40.15 10.11 -43.50
CA MET B 925 -40.61 8.97 -42.70
C MET B 925 -39.87 7.70 -43.07
N TYR B 926 -38.91 7.82 -43.97
CA TYR B 926 -38.09 6.66 -44.35
C TYR B 926 -36.63 7.08 -44.03
N THR B 927 -35.86 6.16 -43.37
CA THR B 927 -34.46 6.44 -43.06
C THR B 927 -33.60 5.63 -44.01
N PRO B 928 -32.81 6.33 -44.82
CA PRO B 928 -32.08 5.65 -45.88
C PRO B 928 -30.80 4.96 -45.43
N TYR B 929 -30.94 4.01 -44.55
CA TYR B 929 -29.75 3.25 -44.15
C TYR B 929 -29.18 2.60 -45.41
N VAL B 930 -27.86 2.59 -45.57
CA VAL B 930 -27.28 2.06 -46.82
C VAL B 930 -27.62 0.60 -47.01
N PHE B 931 -27.59 -0.20 -45.92
CA PHE B 931 -28.07 -1.55 -45.99
C PHE B 931 -29.54 -1.44 -45.51
N PRO B 932 -30.51 -1.60 -46.38
CA PRO B 932 -31.91 -1.38 -45.96
C PRO B 932 -32.44 -2.41 -44.96
N SER B 933 -33.37 -1.93 -44.09
CA SER B 933 -33.99 -2.81 -43.11
C SER B 933 -35.26 -2.09 -42.63
N GLU B 934 -35.94 -2.70 -41.67
CA GLU B 934 -37.01 -2.00 -40.97
C GLU B 934 -36.42 -0.67 -40.55
N ASN B 935 -37.20 0.39 -40.81
CA ASN B 935 -36.73 1.69 -40.48
C ASN B 935 -37.91 2.66 -40.34
N GLY B 936 -37.68 3.84 -39.75
CA GLY B 936 -38.67 4.88 -39.75
C GLY B 936 -39.74 4.76 -38.69
N LEU B 937 -39.71 3.74 -37.85
CA LEU B 937 -40.81 3.68 -36.86
C LEU B 937 -40.79 4.99 -36.00
N ARG B 938 -41.99 5.33 -35.47
CA ARG B 938 -42.23 6.36 -34.45
C ARG B 938 -43.09 5.62 -33.43
N CYS B 939 -42.77 5.73 -32.12
CA CYS B 939 -43.52 5.01 -31.11
C CYS B 939 -44.41 5.99 -30.34
N GLY B 940 -45.12 5.43 -29.39
CA GLY B 940 -45.96 6.25 -28.51
C GLY B 940 -46.96 7.18 -29.27
N THR B 941 -47.51 6.68 -30.37
CA THR B 941 -48.36 7.53 -31.19
C THR B 941 -49.83 7.28 -30.88
N ARG B 942 -50.51 8.40 -30.67
CA ARG B 942 -51.91 8.32 -30.29
C ARG B 942 -52.85 8.62 -31.49
N GLU B 943 -52.33 9.30 -32.48
CA GLU B 943 -53.10 9.67 -33.67
C GLU B 943 -52.15 9.81 -34.86
N LEU B 944 -52.57 9.21 -36.00
CA LEU B 944 -51.77 9.30 -37.22
C LEU B 944 -52.69 9.74 -38.34
N ASN B 945 -52.25 10.70 -39.15
CA ASN B 945 -53.09 11.16 -40.25
C ASN B 945 -52.32 11.02 -41.57
N TYR B 946 -52.97 10.49 -42.58
CA TYR B 946 -52.31 10.38 -43.87
C TYR B 946 -53.42 10.42 -44.96
N GLY B 947 -53.35 11.44 -45.81
CA GLY B 947 -54.45 11.56 -46.78
C GLY B 947 -55.76 11.83 -46.05
N PRO B 948 -56.82 11.16 -46.41
CA PRO B 948 -58.07 11.40 -45.73
C PRO B 948 -58.16 10.42 -44.57
N HIS B 949 -57.15 9.56 -44.34
CA HIS B 949 -57.28 8.61 -43.24
C HIS B 949 -56.73 9.07 -41.89
N GLN B 950 -57.36 8.57 -40.80
CA GLN B 950 -56.84 8.87 -39.49
C GLN B 950 -56.91 7.57 -38.68
N TRP B 951 -55.79 7.26 -37.94
CA TRP B 951 -55.79 6.09 -37.05
C TRP B 951 -55.54 6.61 -35.65
N ARG B 952 -56.37 6.15 -34.68
CA ARG B 952 -56.17 6.58 -33.27
C ARG B 952 -56.01 5.34 -32.38
N GLY B 953 -55.16 5.46 -31.35
CA GLY B 953 -54.94 4.28 -30.46
C GLY B 953 -53.66 4.59 -29.60
N ASP B 954 -52.79 3.61 -29.41
CA ASP B 954 -51.57 3.85 -28.70
C ASP B 954 -50.65 2.84 -29.33
N PHE B 955 -50.01 3.28 -30.40
CA PHE B 955 -49.27 2.34 -31.24
C PHE B 955 -47.94 2.93 -31.75
N GLN B 956 -47.23 2.04 -32.47
CA GLN B 956 -45.97 2.46 -33.09
C GLN B 956 -46.24 2.31 -34.59
N PHE B 957 -45.67 3.13 -35.43
CA PHE B 957 -45.96 2.94 -36.85
C PHE B 957 -44.78 3.30 -37.73
N ASN B 958 -44.80 2.83 -39.00
CA ASN B 958 -43.93 3.37 -39.99
C ASN B 958 -44.74 3.39 -41.28
N ILE B 959 -44.36 4.26 -42.19
CA ILE B 959 -45.14 4.48 -43.41
C ILE B 959 -44.16 4.93 -44.50
N SER B 960 -44.22 4.26 -45.63
CA SER B 960 -43.25 4.53 -46.68
C SER B 960 -43.70 3.85 -47.98
N ARG B 961 -42.92 4.12 -49.08
CA ARG B 961 -43.21 3.48 -50.33
C ARG B 961 -42.51 2.14 -50.46
N TYR B 962 -41.93 1.54 -49.39
CA TYR B 962 -41.21 0.30 -49.59
C TYR B 962 -41.76 -0.76 -48.66
N SER B 963 -42.12 -1.91 -49.20
CA SER B 963 -42.66 -2.97 -48.38
C SER B 963 -41.54 -3.57 -47.46
N GLN B 964 -41.93 -4.29 -46.39
CA GLN B 964 -40.89 -4.95 -45.60
C GLN B 964 -40.21 -6.00 -46.46
N GLN B 965 -41.03 -6.63 -47.33
CA GLN B 965 -40.48 -7.64 -48.22
C GLN B 965 -39.34 -7.04 -49.07
N GLN B 966 -39.60 -5.89 -49.68
CA GLN B 966 -38.57 -5.30 -50.52
C GLN B 966 -37.31 -4.95 -49.71
N LEU B 967 -37.57 -4.41 -48.51
CA LEU B 967 -36.41 -3.97 -47.69
C LEU B 967 -35.54 -5.19 -47.33
N MET B 968 -36.23 -6.29 -47.07
CA MET B 968 -35.45 -7.44 -46.67
C MET B 968 -34.79 -8.12 -47.80
N GLU B 969 -35.28 -7.90 -49.01
CA GLU B 969 -34.64 -8.56 -50.17
C GLU B 969 -33.62 -7.66 -50.82
N THR B 970 -33.43 -6.46 -50.32
CA THR B 970 -32.52 -5.51 -51.03
C THR B 970 -31.36 -5.13 -50.10
N SER B 971 -30.15 -5.25 -50.66
CA SER B 971 -28.94 -5.05 -49.84
C SER B 971 -28.33 -3.69 -49.95
N HIS B 972 -28.79 -2.84 -50.86
CA HIS B 972 -28.22 -1.50 -51.02
C HIS B 972 -29.38 -0.53 -51.29
N ARG B 973 -29.39 0.58 -50.55
CA ARG B 973 -30.49 1.50 -50.67
C ARG B 973 -30.74 2.01 -52.12
N HIS B 974 -29.68 2.11 -52.92
CA HIS B 974 -29.87 2.69 -54.24
C HIS B 974 -30.65 1.80 -55.16
N LEU B 975 -30.81 0.58 -54.77
CA LEU B 975 -31.56 -0.30 -55.61
C LEU B 975 -33.01 -0.39 -55.19
N LEU B 976 -33.43 0.29 -54.16
CA LEU B 976 -34.83 0.25 -53.81
C LEU B 976 -35.67 1.06 -54.82
N HIS B 977 -36.91 0.64 -55.06
CA HIS B 977 -37.85 1.38 -55.90
C HIS B 977 -39.20 1.55 -55.18
N ALA B 978 -39.75 2.75 -55.32
CA ALA B 978 -41.01 3.02 -54.69
C ALA B 978 -42.05 2.11 -55.24
N GLU B 979 -42.83 1.49 -54.39
CA GLU B 979 -43.90 0.63 -54.86
C GLU B 979 -45.15 1.44 -55.06
N GLU B 980 -46.18 0.82 -55.64
CA GLU B 980 -47.39 1.65 -55.84
C GLU B 980 -48.00 1.96 -54.49
N GLY B 981 -48.59 3.12 -54.33
CA GLY B 981 -49.28 3.34 -53.01
C GLY B 981 -48.29 3.53 -51.85
N THR B 982 -48.77 3.27 -50.64
CA THR B 982 -48.01 3.52 -49.46
C THR B 982 -48.14 2.34 -48.50
N TRP B 983 -47.00 1.76 -48.06
CA TRP B 983 -47.07 0.68 -47.11
C TRP B 983 -47.13 1.25 -45.69
N LEU B 984 -48.10 0.75 -44.95
CA LEU B 984 -48.32 1.18 -43.59
C LEU B 984 -48.18 0.04 -42.65
N ASN B 985 -47.27 0.17 -41.65
CA ASN B 985 -47.15 -0.86 -40.65
C ASN B 985 -47.59 -0.20 -39.37
N ILE B 986 -48.60 -0.70 -38.74
CA ILE B 986 -49.05 -0.13 -37.46
C ILE B 986 -48.98 -1.23 -36.41
N ASP B 987 -48.08 -1.02 -35.43
CA ASP B 987 -47.80 -2.05 -34.42
C ASP B 987 -48.40 -1.75 -33.11
N GLY B 988 -49.06 -2.81 -32.51
CA GLY B 988 -49.39 -2.56 -31.10
C GLY B 988 -48.06 -2.64 -30.27
N PHE B 989 -47.07 -3.47 -30.72
CA PHE B 989 -45.85 -3.75 -29.96
C PHE B 989 -44.73 -3.98 -30.95
N HIS B 990 -43.47 -3.56 -30.61
CA HIS B 990 -42.39 -3.75 -31.52
C HIS B 990 -41.16 -4.08 -30.68
N MET B 991 -40.36 -5.03 -31.14
CA MET B 991 -39.17 -5.41 -30.35
C MET B 991 -38.13 -4.30 -30.36
N GLY B 992 -37.29 -4.25 -29.32
CA GLY B 992 -36.16 -3.32 -29.33
C GLY B 992 -35.19 -3.65 -30.50
N ILE B 993 -34.32 -2.69 -30.78
CA ILE B 993 -33.37 -2.87 -31.89
C ILE B 993 -31.96 -3.30 -31.41
N GLY B 994 -31.68 -3.10 -30.10
CA GLY B 994 -30.39 -3.50 -29.58
C GLY B 994 -29.26 -2.64 -30.16
N GLY B 995 -28.04 -3.19 -30.07
CA GLY B 995 -26.84 -2.49 -30.59
C GLY B 995 -25.63 -2.46 -29.60
N ASP B 996 -25.73 -3.05 -28.36
CA ASP B 996 -24.54 -3.08 -27.49
C ASP B 996 -23.39 -3.63 -28.31
N ASP B 997 -23.70 -4.58 -29.20
CA ASP B 997 -22.77 -4.97 -30.25
C ASP B 997 -23.64 -5.42 -31.46
N SER B 998 -23.04 -5.71 -32.62
CA SER B 998 -23.81 -6.15 -33.78
C SER B 998 -23.32 -7.50 -34.24
N TRP B 999 -22.91 -8.34 -33.29
CA TRP B 999 -22.50 -9.68 -33.68
C TRP B 999 -23.11 -10.73 -32.70
N SER B 1000 -23.90 -10.33 -31.70
CA SER B 1000 -24.53 -11.31 -30.86
C SER B 1000 -25.81 -10.63 -30.46
N PRO B 1001 -26.85 -11.40 -30.12
CA PRO B 1001 -28.12 -10.80 -29.75
C PRO B 1001 -27.93 -9.81 -28.61
N SER B 1002 -28.46 -8.59 -28.79
CA SER B 1002 -28.19 -7.57 -27.78
C SER B 1002 -29.44 -6.82 -27.40
N VAL B 1003 -30.65 -7.34 -27.74
CA VAL B 1003 -31.86 -6.67 -27.30
C VAL B 1003 -32.08 -7.13 -25.87
N SER B 1004 -32.19 -6.19 -24.95
CA SER B 1004 -32.40 -6.51 -23.52
C SER B 1004 -33.74 -7.18 -23.26
N ALA B 1005 -33.83 -8.04 -22.25
CA ALA B 1005 -35.08 -8.77 -22.02
C ALA B 1005 -36.29 -7.94 -21.93
N GLU B 1006 -36.12 -6.78 -21.36
CA GLU B 1006 -37.28 -5.92 -21.15
C GLU B 1006 -37.83 -5.33 -22.43
N PHE B 1007 -37.06 -5.50 -23.50
CA PHE B 1007 -37.55 -5.03 -24.80
C PHE B 1007 -37.87 -6.19 -25.75
N GLN B 1008 -37.89 -7.40 -25.27
CA GLN B 1008 -38.30 -8.53 -26.11
C GLN B 1008 -39.83 -8.79 -25.89
N LEU B 1009 -40.53 -9.25 -26.95
CA LEU B 1009 -42.01 -9.45 -26.84
C LEU B 1009 -42.29 -10.85 -26.33
N SER B 1010 -42.09 -10.97 -25.02
CA SER B 1010 -42.21 -12.28 -24.39
C SER B 1010 -43.45 -12.49 -23.55
N ALA B 1011 -44.39 -11.55 -23.52
CA ALA B 1011 -45.53 -11.67 -22.62
C ALA B 1011 -46.51 -12.75 -22.97
N GLY B 1012 -46.47 -13.31 -24.18
CA GLY B 1012 -47.34 -14.42 -24.46
C GLY B 1012 -48.70 -13.98 -24.98
N ARG B 1013 -49.38 -13.09 -24.34
CA ARG B 1013 -50.67 -12.59 -24.81
C ARG B 1013 -50.54 -11.08 -24.89
N TYR B 1014 -50.97 -10.48 -25.98
CA TYR B 1014 -50.89 -9.04 -26.27
C TYR B 1014 -52.22 -8.51 -26.75
N HIS B 1015 -52.53 -7.26 -26.34
CA HIS B 1015 -53.78 -6.65 -26.70
C HIS B 1015 -53.47 -5.28 -27.21
N TYR B 1016 -54.11 -4.89 -28.31
CA TYR B 1016 -54.03 -3.50 -28.80
C TYR B 1016 -55.35 -3.13 -29.49
N GLN B 1017 -55.62 -1.83 -29.61
CA GLN B 1017 -56.86 -1.44 -30.25
C GLN B 1017 -56.63 -0.15 -30.97
N LEU B 1018 -57.29 -0.05 -32.10
CA LEU B 1018 -57.11 1.12 -32.99
C LEU B 1018 -58.46 1.50 -33.56
N VAL B 1019 -58.60 2.76 -33.89
CA VAL B 1019 -59.79 3.23 -34.60
C VAL B 1019 -59.30 3.80 -35.92
N TRP B 1020 -59.88 3.32 -37.05
CA TRP B 1020 -59.56 3.87 -38.33
C TRP B 1020 -60.78 4.65 -38.79
N CYS B 1021 -60.58 5.93 -39.06
CA CYS B 1021 -61.70 6.70 -39.54
C CYS B 1021 -61.25 7.64 -40.64
N GLN B 1022 -62.19 8.35 -41.27
CA GLN B 1022 -61.80 9.26 -42.34
C GLN B 1022 -61.86 10.68 -41.86
N LYS B 1023 -61.00 11.46 -42.52
CA LYS B 1023 -60.82 12.89 -42.43
C LYS B 1023 -61.39 13.37 -43.75
N ARG C 13 25.86 -0.80 -47.86
CA ARG C 13 24.87 -0.51 -46.86
C ARG C 13 25.47 -0.12 -45.56
N ARG C 14 26.72 -0.41 -45.38
CA ARG C 14 27.40 -0.05 -44.11
C ARG C 14 26.52 -0.34 -42.92
N ASP C 15 26.14 -1.60 -42.83
CA ASP C 15 25.26 -1.96 -41.73
C ASP C 15 25.88 -1.75 -40.35
N TRP C 16 27.21 -1.73 -40.30
CA TRP C 16 27.97 -1.56 -39.06
C TRP C 16 28.03 -0.12 -38.60
N GLU C 17 27.29 0.78 -39.27
CA GLU C 17 27.19 2.18 -38.84
C GLU C 17 25.73 2.56 -38.78
N ASN C 18 24.91 1.66 -38.29
CA ASN C 18 23.42 1.83 -38.25
C ASN C 18 22.83 0.97 -37.11
N PRO C 19 22.47 1.63 -35.99
CA PRO C 19 21.95 0.89 -34.84
C PRO C 19 20.58 0.35 -35.12
N GLY C 20 19.97 0.78 -36.25
CA GLY C 20 18.68 0.22 -36.70
C GLY C 20 18.90 -1.17 -37.36
N VAL C 21 20.16 -1.57 -37.64
CA VAL C 21 20.38 -2.92 -38.19
C VAL C 21 21.40 -3.61 -37.28
N THR C 22 20.90 -4.53 -36.45
CA THR C 22 21.79 -5.20 -35.56
C THR C 22 22.02 -6.64 -36.01
N GLN C 23 21.29 -7.05 -37.09
CA GLN C 23 21.39 -8.42 -37.64
C GLN C 23 20.64 -8.46 -38.92
N LEU C 24 21.05 -9.41 -39.76
CA LEU C 24 20.25 -9.67 -40.95
C LEU C 24 20.22 -11.20 -41.06
N ASN C 25 19.02 -11.73 -41.21
CA ASN C 25 18.78 -13.18 -41.41
C ASN C 25 19.16 -14.06 -40.26
N ARG C 26 19.25 -13.43 -39.07
CA ARG C 26 19.63 -14.23 -37.91
C ARG C 26 18.45 -15.01 -37.35
N LEU C 27 18.70 -16.21 -36.80
CA LEU C 27 17.60 -16.98 -36.23
C LEU C 27 17.28 -16.56 -34.83
N ALA C 28 16.07 -16.87 -34.38
CA ALA C 28 15.68 -16.49 -33.03
C ALA C 28 16.61 -17.09 -31.98
N ALA C 29 16.71 -16.39 -30.83
CA ALA C 29 17.53 -16.94 -29.74
C ALA C 29 16.71 -18.00 -28.97
N HIS C 30 17.38 -18.83 -28.15
CA HIS C 30 16.73 -19.94 -27.48
C HIS C 30 17.74 -20.57 -26.56
N PRO C 31 17.27 -21.48 -25.69
CA PRO C 31 18.17 -22.04 -24.76
C PRO C 31 19.07 -23.02 -25.47
N PRO C 32 20.08 -23.49 -24.76
CA PRO C 32 21.08 -24.43 -25.38
C PRO C 32 20.42 -25.67 -26.00
N PHE C 33 20.69 -25.92 -27.29
CA PHE C 33 20.10 -27.12 -27.92
C PHE C 33 21.21 -28.04 -28.40
N ALA C 34 20.86 -29.30 -28.61
CA ALA C 34 21.82 -30.26 -29.11
C ALA C 34 21.16 -31.22 -30.07
N SER C 35 19.80 -31.15 -30.21
CA SER C 35 19.06 -32.06 -31.09
C SER C 35 19.51 -33.52 -30.92
N TRP C 36 19.41 -34.01 -29.68
CA TRP C 36 19.71 -35.42 -29.58
C TRP C 36 18.66 -36.25 -30.32
N ARG C 37 19.12 -37.43 -30.85
CA ARG C 37 18.16 -38.35 -31.49
C ARG C 37 18.11 -39.64 -30.69
N ASN C 38 18.55 -39.54 -29.42
CA ASN C 38 18.55 -40.66 -28.49
C ASN C 38 18.21 -40.03 -27.17
N SER C 39 17.16 -40.46 -26.54
CA SER C 39 16.75 -39.82 -25.32
C SER C 39 17.66 -40.06 -24.13
N GLU C 40 18.31 -41.24 -24.08
CA GLU C 40 19.18 -41.51 -22.93
C GLU C 40 20.39 -40.60 -22.99
N GLU C 41 20.90 -40.26 -24.21
CA GLU C 41 22.01 -39.31 -24.33
C GLU C 41 21.58 -37.95 -23.79
N ALA C 42 20.35 -37.58 -24.10
CA ALA C 42 19.88 -36.27 -23.62
C ALA C 42 19.79 -36.27 -22.08
N ARG C 43 19.41 -37.42 -21.50
CA ARG C 43 19.26 -37.49 -20.03
C ARG C 43 20.59 -37.27 -19.35
N THR C 44 21.63 -37.87 -19.94
CA THR C 44 22.93 -37.78 -19.28
C THR C 44 23.85 -36.68 -19.81
N ASP C 45 23.35 -35.83 -20.71
CA ASP C 45 24.11 -34.73 -21.26
C ASP C 45 25.36 -35.21 -22.02
N ARG C 46 25.23 -36.34 -22.72
CA ARG C 46 26.36 -36.89 -23.50
C ARG C 46 26.51 -36.08 -24.80
N PRO C 47 27.66 -36.13 -25.42
CA PRO C 47 27.79 -35.39 -26.70
C PRO C 47 26.75 -35.88 -27.72
N SER C 48 26.31 -34.93 -28.59
CA SER C 48 25.30 -35.27 -29.62
C SER C 48 25.93 -35.26 -30.99
N GLN C 49 25.70 -36.29 -31.79
CA GLN C 49 26.26 -36.27 -33.14
C GLN C 49 25.68 -35.17 -33.97
N GLN C 50 24.53 -34.61 -33.56
CA GLN C 50 23.88 -33.54 -34.35
C GLN C 50 24.44 -32.13 -34.00
N LEU C 51 25.38 -32.05 -33.02
CA LEU C 51 25.96 -30.76 -32.65
C LEU C 51 27.48 -30.90 -32.83
N ARG C 52 27.96 -30.33 -33.94
CA ARG C 52 29.39 -30.47 -34.31
C ARG C 52 30.15 -29.21 -34.05
N SER C 53 31.37 -29.40 -33.60
CA SER C 53 32.22 -28.23 -33.38
C SER C 53 32.98 -27.96 -34.66
N LEU C 54 33.07 -26.64 -34.99
CA LEU C 54 33.88 -26.19 -36.09
C LEU C 54 35.15 -25.50 -35.57
N ASN C 55 35.39 -25.66 -34.27
CA ASN C 55 36.62 -25.05 -33.72
C ASN C 55 37.87 -25.73 -34.29
N GLY C 56 39.02 -25.04 -34.29
CA GLY C 56 40.27 -25.66 -34.74
C GLY C 56 40.98 -24.75 -35.69
N GLU C 57 41.63 -25.30 -36.73
CA GLU C 57 42.33 -24.40 -37.61
C GLU C 57 41.50 -23.89 -38.73
N TRP C 58 41.59 -22.58 -38.79
CA TRP C 58 40.91 -21.81 -39.82
C TRP C 58 41.94 -20.97 -40.58
N ARG C 59 41.48 -20.29 -41.63
CA ARG C 59 42.30 -19.39 -42.43
C ARG C 59 41.95 -17.97 -42.02
N PHE C 60 42.97 -17.08 -41.91
CA PHE C 60 42.69 -15.73 -41.48
C PHE C 60 43.58 -14.73 -42.17
N ALA C 61 43.01 -13.58 -42.58
CA ALA C 61 43.84 -12.49 -43.11
C ALA C 61 43.35 -11.21 -42.46
N TRP C 62 44.21 -10.29 -42.16
CA TRP C 62 43.87 -9.01 -41.55
C TRP C 62 43.94 -7.89 -42.55
N PHE C 63 43.00 -6.94 -42.55
CA PHE C 63 42.99 -5.79 -43.46
C PHE C 63 42.67 -4.57 -42.64
N PRO C 64 43.03 -3.44 -43.11
CA PRO C 64 42.87 -2.24 -42.32
C PRO C 64 41.47 -1.64 -42.39
N ALA C 65 40.65 -2.09 -43.36
CA ALA C 65 39.29 -1.59 -43.51
C ALA C 65 38.58 -2.55 -44.38
N PRO C 66 37.27 -2.57 -44.28
CA PRO C 66 36.50 -3.51 -45.06
C PRO C 66 36.63 -3.23 -46.57
N GLU C 67 36.88 -1.97 -46.85
CA GLU C 67 37.10 -1.55 -48.25
C GLU C 67 38.31 -2.26 -48.85
N ALA C 68 39.19 -2.78 -48.02
CA ALA C 68 40.42 -3.35 -48.51
C ALA C 68 40.28 -4.83 -48.79
N VAL C 69 39.16 -5.40 -48.42
CA VAL C 69 39.11 -6.84 -48.62
C VAL C 69 38.86 -7.19 -50.10
N PRO C 70 39.63 -8.08 -50.67
CA PRO C 70 39.41 -8.43 -52.06
C PRO C 70 38.21 -9.33 -52.27
N GLU C 71 37.50 -9.09 -53.40
CA GLU C 71 36.32 -9.88 -53.72
C GLU C 71 36.65 -11.36 -53.95
N SER C 72 37.90 -11.61 -54.32
CA SER C 72 38.29 -12.99 -54.57
C SER C 72 38.14 -13.87 -53.35
N TRP C 73 38.28 -13.25 -52.20
CA TRP C 73 38.22 -13.96 -50.93
C TRP C 73 36.90 -14.65 -50.72
N LEU C 74 35.82 -14.10 -51.28
CA LEU C 74 34.53 -14.77 -51.11
C LEU C 74 34.50 -16.14 -51.73
N GLU C 75 35.18 -16.31 -52.82
CA GLU C 75 35.11 -17.62 -53.41
C GLU C 75 36.35 -18.49 -53.30
N CYS C 76 37.47 -17.88 -52.93
CA CYS C 76 38.69 -18.62 -52.85
C CYS C 76 39.60 -18.18 -51.71
N ASP C 77 40.31 -19.16 -51.12
CA ASP C 77 41.28 -18.81 -50.08
C ASP C 77 42.30 -17.80 -50.56
N LEU C 78 42.70 -16.82 -49.75
CA LEU C 78 43.73 -15.82 -50.09
C LEU C 78 45.03 -16.53 -49.85
N PRO C 79 45.91 -16.54 -50.82
CA PRO C 79 47.13 -17.28 -50.55
C PRO C 79 47.92 -16.70 -49.40
N GLU C 80 47.78 -15.42 -49.23
CA GLU C 80 48.49 -14.73 -48.17
C GLU C 80 47.91 -15.02 -46.79
N ALA C 81 46.75 -15.60 -46.74
CA ALA C 81 46.26 -15.79 -45.38
C ALA C 81 47.16 -16.69 -44.56
N ASP C 82 46.94 -16.70 -43.24
CA ASP C 82 47.63 -17.64 -42.37
C ASP C 82 46.64 -18.69 -41.82
N THR C 83 47.17 -19.80 -41.31
CA THR C 83 46.33 -20.78 -40.61
C THR C 83 46.41 -20.46 -39.10
N VAL C 84 45.26 -20.25 -38.45
CA VAL C 84 45.30 -19.87 -37.03
C VAL C 84 44.24 -20.66 -36.29
N VAL C 85 44.36 -20.76 -34.99
CA VAL C 85 43.30 -21.44 -34.24
C VAL C 85 42.14 -20.47 -33.96
N VAL C 86 40.92 -21.06 -34.04
CA VAL C 86 39.67 -20.36 -33.70
C VAL C 86 38.97 -21.28 -32.69
N PRO C 87 38.42 -20.73 -31.60
CA PRO C 87 38.27 -19.31 -31.30
C PRO C 87 39.58 -18.67 -30.87
N SER C 88 39.64 -17.37 -31.12
CA SER C 88 40.81 -16.56 -30.76
C SER C 88 40.47 -15.10 -30.93
N ASN C 89 41.26 -14.27 -30.24
CA ASN C 89 41.18 -12.83 -30.49
C ASN C 89 42.39 -12.48 -31.36
N TRP C 90 42.17 -11.80 -32.48
CA TRP C 90 43.32 -11.59 -33.37
C TRP C 90 44.45 -10.77 -32.83
N GLN C 91 44.20 -9.91 -31.83
CA GLN C 91 45.29 -9.19 -31.15
C GLN C 91 46.24 -10.22 -30.46
N MET C 92 45.70 -11.34 -30.00
CA MET C 92 46.54 -12.27 -29.29
C MET C 92 47.51 -13.02 -30.24
N HIS C 93 47.25 -12.90 -31.52
CA HIS C 93 48.08 -13.52 -32.56
C HIS C 93 49.01 -12.46 -33.15
N GLY C 94 48.90 -11.25 -32.64
CA GLY C 94 49.83 -10.19 -33.07
C GLY C 94 49.43 -9.41 -34.31
N TYR C 95 48.24 -9.56 -34.83
CA TYR C 95 47.86 -8.87 -36.04
C TYR C 95 47.62 -7.39 -35.81
N ASP C 96 47.17 -6.97 -34.62
CA ASP C 96 47.07 -5.55 -34.30
C ASP C 96 47.07 -5.48 -32.77
N ALA C 97 47.07 -4.28 -32.17
CA ALA C 97 47.21 -4.22 -30.73
C ALA C 97 45.90 -4.21 -30.01
N PRO C 98 45.89 -4.86 -28.88
CA PRO C 98 44.75 -4.74 -28.01
C PRO C 98 44.86 -3.35 -27.36
N ILE C 99 43.77 -2.74 -26.88
CA ILE C 99 43.82 -1.42 -26.31
C ILE C 99 43.24 -1.45 -24.92
N TYR C 100 43.88 -0.86 -23.92
CA TYR C 100 43.26 -0.85 -22.60
C TYR C 100 42.87 0.57 -22.27
N THR C 101 41.55 0.82 -22.41
CA THR C 101 40.98 2.11 -22.01
C THR C 101 39.82 1.78 -21.08
N ASN C 102 39.63 2.55 -20.00
CA ASN C 102 38.55 2.33 -19.05
C ASN C 102 37.24 3.00 -19.53
N VAL C 103 37.13 4.32 -19.36
CA VAL C 103 35.89 5.01 -19.71
C VAL C 103 35.87 5.61 -21.08
N THR C 104 36.91 6.31 -21.41
CA THR C 104 36.95 6.97 -22.75
C THR C 104 36.83 5.99 -23.86
N TYR C 105 35.91 6.22 -24.82
CA TYR C 105 35.82 5.19 -25.88
C TYR C 105 37.14 5.12 -26.68
N PRO C 106 37.43 3.97 -27.20
CA PRO C 106 38.65 3.75 -27.98
C PRO C 106 38.52 4.32 -29.39
N ILE C 107 37.34 4.83 -29.71
CA ILE C 107 37.14 5.48 -31.03
C ILE C 107 36.51 6.81 -30.78
N THR C 108 36.62 7.70 -31.77
CA THR C 108 35.96 9.01 -31.60
C THR C 108 34.46 8.89 -31.33
N VAL C 109 33.93 9.74 -30.42
CA VAL C 109 32.53 9.62 -30.11
C VAL C 109 31.72 10.34 -31.15
N ASN C 110 31.12 9.58 -32.07
CA ASN C 110 30.32 10.23 -33.13
C ASN C 110 29.30 9.21 -33.65
N PRO C 111 28.41 8.86 -32.73
CA PRO C 111 27.50 7.78 -33.04
C PRO C 111 26.66 8.14 -34.23
N PRO C 112 26.33 7.21 -35.09
CA PRO C 112 26.68 5.78 -34.91
C PRO C 112 27.87 5.41 -35.74
N PHE C 113 28.68 6.42 -36.12
CA PHE C 113 29.77 6.15 -37.00
C PHE C 113 30.98 5.60 -36.31
N VAL C 114 31.83 4.90 -37.04
CA VAL C 114 33.07 4.37 -36.55
C VAL C 114 34.21 4.80 -37.50
N PRO C 115 35.46 4.60 -37.09
CA PRO C 115 36.55 5.04 -37.94
C PRO C 115 36.55 4.41 -39.29
N THR C 116 37.04 5.16 -40.26
CA THR C 116 37.16 4.54 -41.55
C THR C 116 38.28 3.49 -41.57
N GLU C 117 39.34 3.66 -40.81
CA GLU C 117 40.38 2.62 -40.65
C GLU C 117 39.85 1.71 -39.56
N ASN C 118 39.23 0.64 -39.97
CA ASN C 118 38.48 -0.24 -39.04
C ASN C 118 39.00 -1.66 -39.30
N PRO C 119 39.89 -2.10 -38.45
CA PRO C 119 40.51 -3.41 -38.57
C PRO C 119 39.50 -4.49 -38.82
N THR C 120 39.75 -5.22 -39.92
CA THR C 120 38.86 -6.24 -40.46
C THR C 120 39.56 -7.58 -40.48
N GLY C 121 38.95 -8.58 -39.82
CA GLY C 121 39.57 -9.91 -39.82
C GLY C 121 38.72 -10.83 -40.73
N CYS C 122 39.37 -11.41 -41.72
CA CYS C 122 38.75 -12.24 -42.72
C CYS C 122 39.07 -13.69 -42.43
N TYR C 123 38.04 -14.34 -41.89
CA TYR C 123 38.19 -15.74 -41.46
C TYR C 123 37.50 -16.65 -42.45
N SER C 124 38.07 -17.80 -42.71
CA SER C 124 37.36 -18.75 -43.59
C SER C 124 37.73 -20.19 -43.20
N LEU C 125 36.88 -21.09 -43.60
CA LEU C 125 37.04 -22.48 -43.24
C LEU C 125 36.46 -23.34 -44.37
N THR C 126 37.21 -24.39 -44.78
CA THR C 126 36.73 -25.34 -45.71
C THR C 126 36.41 -26.56 -44.87
N PHE C 127 35.19 -27.06 -44.96
CA PHE C 127 34.78 -28.14 -44.08
C PHE C 127 33.79 -29.03 -44.82
N ASN C 128 33.74 -30.27 -44.33
CA ASN C 128 32.82 -31.23 -44.98
C ASN C 128 31.43 -31.27 -44.37
N VAL C 129 30.40 -31.49 -45.22
CA VAL C 129 29.07 -31.73 -44.65
C VAL C 129 28.55 -33.07 -45.26
N ASP C 130 28.11 -34.00 -44.42
CA ASP C 130 27.60 -35.29 -44.94
C ASP C 130 26.28 -35.15 -45.58
N GLU C 131 26.01 -35.91 -46.63
CA GLU C 131 24.72 -35.79 -47.32
C GLU C 131 23.53 -36.02 -46.38
N SER C 132 23.72 -36.87 -45.37
CA SER C 132 22.65 -37.13 -44.48
C SER C 132 22.11 -35.88 -43.79
N TRP C 133 22.93 -34.90 -43.59
CA TRP C 133 22.44 -33.65 -42.92
C TRP C 133 21.62 -32.79 -43.86
N LEU C 134 21.86 -33.01 -45.17
CA LEU C 134 21.22 -32.22 -46.19
C LEU C 134 20.00 -32.88 -46.87
N GLN C 135 19.87 -34.13 -46.70
CA GLN C 135 18.72 -34.79 -47.32
C GLN C 135 17.43 -34.40 -46.59
N GLU C 136 17.45 -34.11 -45.30
CA GLU C 136 16.28 -33.81 -44.53
C GLU C 136 16.72 -32.82 -43.46
N GLY C 137 15.76 -32.07 -42.97
CA GLY C 137 16.10 -31.23 -41.83
C GLY C 137 16.81 -29.94 -42.14
N GLN C 138 17.24 -29.31 -41.04
CA GLN C 138 17.85 -27.96 -41.09
C GLN C 138 19.23 -27.98 -40.54
N THR C 139 20.17 -27.37 -41.27
CA THR C 139 21.52 -27.24 -40.78
C THR C 139 21.81 -25.78 -40.51
N ARG C 140 22.07 -25.42 -39.23
CA ARG C 140 22.42 -24.04 -38.91
C ARG C 140 23.81 -23.97 -38.37
N ILE C 141 24.41 -22.78 -38.54
CA ILE C 141 25.74 -22.50 -37.93
C ILE C 141 25.53 -21.60 -36.73
N ILE C 142 26.35 -21.76 -35.70
CA ILE C 142 26.17 -20.98 -34.51
C ILE C 142 27.51 -20.39 -34.16
N PHE C 143 27.57 -19.04 -34.12
CA PHE C 143 28.80 -18.33 -33.65
C PHE C 143 28.53 -17.82 -32.23
N ASP C 144 29.13 -18.47 -31.23
CA ASP C 144 28.82 -18.08 -29.88
C ASP C 144 29.36 -16.68 -29.51
N GLY C 145 30.38 -16.19 -30.22
CA GLY C 145 30.92 -14.89 -29.83
C GLY C 145 31.78 -14.37 -30.99
N VAL C 146 31.36 -13.23 -31.54
CA VAL C 146 32.15 -12.59 -32.62
C VAL C 146 32.16 -11.11 -32.26
N ASN C 147 33.39 -10.53 -32.14
CA ASN C 147 33.55 -9.16 -31.63
C ASN C 147 34.13 -8.26 -32.73
N SER C 148 33.42 -7.24 -33.24
CA SER C 148 32.12 -6.80 -32.69
C SER C 148 30.91 -6.95 -33.62
N ALA C 149 31.18 -7.19 -34.91
CA ALA C 149 30.06 -7.37 -35.83
C ALA C 149 30.61 -8.18 -36.99
N PHE C 150 29.74 -8.83 -37.74
CA PHE C 150 30.32 -9.56 -38.92
C PHE C 150 29.27 -9.84 -40.01
N HIS C 151 29.79 -10.09 -41.24
CA HIS C 151 28.98 -10.61 -42.32
C HIS C 151 29.44 -12.06 -42.57
N LEU C 152 28.52 -12.89 -42.97
CA LEU C 152 28.84 -14.30 -43.23
C LEU C 152 28.41 -14.66 -44.65
N TRP C 153 29.29 -15.38 -45.32
CA TRP C 153 29.00 -15.93 -46.63
C TRP C 153 29.25 -17.45 -46.56
N CYS C 154 28.55 -18.24 -47.43
CA CYS C 154 28.78 -19.68 -47.45
C CYS C 154 28.80 -20.04 -48.93
N ASN C 155 29.87 -20.72 -49.30
CA ASN C 155 30.14 -21.07 -50.70
C ASN C 155 29.95 -19.85 -51.61
N GLY C 156 30.43 -18.68 -51.18
CA GLY C 156 30.40 -17.50 -52.01
C GLY C 156 29.13 -16.73 -51.92
N ARG C 157 28.13 -17.24 -51.27
CA ARG C 157 26.88 -16.48 -51.28
C ARG C 157 26.59 -15.86 -49.92
N TRP C 158 26.10 -14.64 -49.89
CA TRP C 158 25.89 -13.96 -48.63
C TRP C 158 24.75 -14.56 -47.88
N VAL C 159 24.97 -14.79 -46.56
CA VAL C 159 23.98 -15.42 -45.67
C VAL C 159 23.39 -14.40 -44.72
N GLY C 160 24.22 -13.61 -43.97
CA GLY C 160 23.57 -12.72 -43.02
C GLY C 160 24.62 -11.91 -42.26
N TYR C 161 24.17 -11.21 -41.17
CA TYR C 161 25.03 -10.27 -40.47
C TYR C 161 24.62 -10.28 -38.99
N GLY C 162 25.56 -10.00 -38.13
CA GLY C 162 25.17 -9.95 -36.72
C GLY C 162 26.02 -9.00 -35.88
N GLN C 163 25.47 -8.53 -34.73
CA GLN C 163 26.12 -7.71 -33.76
C GLN C 163 25.78 -8.31 -32.38
N ASP C 164 26.38 -7.71 -31.37
CA ASP C 164 26.35 -8.11 -29.93
C ASP C 164 27.43 -9.15 -29.78
N SER C 165 28.59 -8.71 -29.27
CA SER C 165 29.75 -9.60 -29.23
C SER C 165 29.64 -10.71 -28.19
N ARG C 166 28.62 -10.75 -27.35
CA ARG C 166 28.61 -11.67 -26.24
C ARG C 166 27.41 -12.65 -26.21
N LEU C 167 26.69 -12.73 -27.31
CA LEU C 167 25.59 -13.72 -27.46
C LEU C 167 25.76 -14.42 -28.78
N PRO C 168 25.22 -15.62 -28.82
CA PRO C 168 25.36 -16.40 -30.09
C PRO C 168 24.50 -15.83 -31.20
N SER C 169 25.08 -15.84 -32.42
CA SER C 169 24.38 -15.48 -33.67
C SER C 169 24.29 -16.76 -34.50
N GLU C 170 23.06 -17.09 -34.87
CA GLU C 170 22.81 -18.37 -35.58
C GLU C 170 22.16 -18.11 -36.98
N PHE C 171 22.60 -18.87 -37.98
CA PHE C 171 22.03 -18.70 -39.33
C PHE C 171 21.70 -20.06 -39.94
N ASP C 172 20.61 -20.10 -40.67
CA ASP C 172 20.20 -21.33 -41.32
C ASP C 172 21.06 -21.52 -42.60
N LEU C 173 21.87 -22.56 -42.66
CA LEU C 173 22.69 -22.74 -43.88
C LEU C 173 22.11 -23.78 -44.81
N SER C 174 20.90 -24.28 -44.51
CA SER C 174 20.35 -25.40 -45.27
C SER C 174 20.40 -25.22 -46.77
N ALA C 175 20.03 -24.05 -47.21
CA ALA C 175 19.97 -23.85 -48.64
C ALA C 175 21.30 -23.49 -49.26
N PHE C 176 22.36 -23.34 -48.45
CA PHE C 176 23.64 -22.87 -48.96
C PHE C 176 24.71 -23.97 -49.03
N LEU C 177 24.45 -25.11 -48.40
CA LEU C 177 25.51 -26.11 -48.37
C LEU C 177 25.29 -27.21 -49.37
N ARG C 178 26.33 -27.98 -49.62
CA ARG C 178 26.26 -29.12 -50.50
C ARG C 178 27.06 -30.24 -49.91
N ALA C 179 26.75 -31.45 -50.31
CA ALA C 179 27.47 -32.54 -49.68
C ALA C 179 28.95 -32.46 -50.00
N GLY C 180 29.75 -32.81 -49.03
CA GLY C 180 31.20 -32.75 -49.19
C GLY C 180 31.75 -31.39 -48.73
N GLU C 181 32.69 -30.89 -49.45
CA GLU C 181 33.39 -29.68 -49.04
C GLU C 181 32.58 -28.43 -49.29
N ASN C 182 32.64 -27.57 -48.30
CA ASN C 182 32.00 -26.28 -48.37
C ASN C 182 33.03 -25.24 -47.78
N ARG C 183 32.82 -23.94 -48.07
CA ARG C 183 33.71 -22.92 -47.51
C ARG C 183 32.89 -21.77 -46.94
N LEU C 184 33.18 -21.43 -45.69
CA LEU C 184 32.56 -20.30 -44.99
C LEU C 184 33.51 -19.09 -45.14
N ALA C 185 32.99 -17.89 -45.20
CA ALA C 185 33.83 -16.72 -45.18
C ALA C 185 33.15 -15.78 -44.23
N VAL C 186 33.90 -15.29 -43.22
CA VAL C 186 33.30 -14.41 -42.19
C VAL C 186 34.15 -13.14 -42.12
N MET C 187 33.55 -12.01 -42.39
CA MET C 187 34.30 -10.75 -42.34
C MET C 187 33.94 -10.08 -40.99
N VAL C 188 34.92 -9.98 -40.12
CA VAL C 188 34.67 -9.48 -38.77
C VAL C 188 35.19 -8.06 -38.64
N LEU C 189 34.29 -7.15 -38.25
CA LEU C 189 34.71 -5.76 -38.07
C LEU C 189 35.08 -5.53 -36.61
N ARG C 190 36.20 -4.84 -36.38
CA ARG C 190 36.59 -4.54 -35.01
C ARG C 190 35.58 -3.52 -34.40
N TRP C 191 35.23 -2.46 -35.15
CA TRP C 191 34.38 -1.43 -34.63
C TRP C 191 33.09 -1.39 -35.37
N SER C 192 31.99 -1.12 -34.63
CA SER C 192 30.66 -1.07 -35.27
C SER C 192 29.77 -0.22 -34.38
N ASP C 193 28.52 0.02 -34.81
CA ASP C 193 27.67 0.84 -33.92
C ASP C 193 27.42 0.05 -32.63
N GLY C 194 27.64 -1.30 -32.69
CA GLY C 194 27.48 -2.09 -31.44
C GLY C 194 28.56 -1.68 -30.44
N SER C 195 29.72 -1.13 -30.92
CA SER C 195 30.81 -0.70 -30.03
C SER C 195 30.34 0.39 -29.07
N TYR C 196 29.34 1.15 -29.49
CA TYR C 196 28.86 2.18 -28.62
C TYR C 196 28.22 1.63 -27.34
N LEU C 197 27.79 0.38 -27.45
CA LEU C 197 27.17 -0.33 -26.31
C LEU C 197 28.12 -1.27 -25.62
N GLU C 198 29.40 -1.22 -26.03
CA GLU C 198 30.39 -2.17 -25.49
C GLU C 198 31.64 -1.42 -24.90
N ASP C 199 31.35 -0.48 -24.04
CA ASP C 199 32.43 0.32 -23.44
C ASP C 199 32.87 -0.18 -22.06
N GLN C 200 32.88 -1.48 -21.86
CA GLN C 200 33.33 -1.95 -20.54
C GLN C 200 34.82 -1.69 -20.32
N ASP C 201 35.16 -1.53 -19.04
CA ASP C 201 36.53 -1.28 -18.59
C ASP C 201 37.32 -2.59 -18.67
N MET C 202 37.88 -2.83 -19.85
CA MET C 202 38.63 -4.08 -20.14
C MET C 202 39.42 -3.87 -21.43
N TRP C 203 40.31 -4.80 -21.74
CA TRP C 203 40.97 -4.70 -23.03
C TRP C 203 39.96 -4.78 -24.19
N ARG C 204 40.25 -3.96 -25.20
CA ARG C 204 39.42 -3.89 -26.40
C ARG C 204 40.09 -4.76 -27.48
N MET C 205 39.45 -5.91 -27.76
CA MET C 205 39.94 -6.90 -28.70
C MET C 205 38.83 -7.15 -29.76
N SER C 206 39.09 -8.16 -30.61
CA SER C 206 38.08 -8.49 -31.62
C SER C 206 38.38 -9.85 -32.17
N GLY C 207 37.41 -10.41 -32.91
CA GLY C 207 37.61 -11.73 -33.49
C GLY C 207 36.52 -12.71 -33.21
N ILE C 208 36.74 -13.93 -33.65
CA ILE C 208 35.80 -15.03 -33.41
C ILE C 208 36.33 -15.74 -32.23
N PHE C 209 35.89 -15.26 -31.05
CA PHE C 209 36.52 -15.61 -29.77
C PHE C 209 35.75 -16.57 -28.88
N ARG C 210 34.59 -17.02 -29.33
CA ARG C 210 33.83 -18.11 -28.70
C ARG C 210 33.56 -19.18 -29.76
N ASP C 211 33.04 -20.34 -29.33
CA ASP C 211 32.91 -21.48 -30.21
C ASP C 211 32.08 -21.26 -31.43
N VAL C 212 32.40 -22.06 -32.47
CA VAL C 212 31.61 -22.07 -33.69
C VAL C 212 31.14 -23.50 -33.83
N SER C 213 29.85 -23.68 -34.17
CA SER C 213 29.34 -25.06 -34.25
C SER C 213 28.31 -25.18 -35.36
N LEU C 214 27.97 -26.43 -35.68
CA LEU C 214 26.97 -26.65 -36.67
C LEU C 214 25.98 -27.54 -35.97
N LEU C 215 24.65 -27.25 -36.14
CA LEU C 215 23.59 -28.02 -35.47
C LEU C 215 22.59 -28.44 -36.47
N HIS C 216 22.30 -29.72 -36.44
CA HIS C 216 21.22 -30.23 -37.34
C HIS C 216 19.97 -30.39 -36.49
N LYS C 217 18.84 -29.87 -36.99
CA LYS C 217 17.58 -30.10 -36.30
C LYS C 217 16.61 -30.65 -37.32
N PRO C 218 15.66 -31.42 -36.90
CA PRO C 218 14.66 -31.88 -37.88
C PRO C 218 13.80 -30.70 -38.32
N THR C 219 13.07 -30.81 -39.48
CA THR C 219 12.19 -29.72 -39.92
C THR C 219 11.08 -29.52 -38.87
N THR C 220 10.56 -30.62 -38.31
CA THR C 220 9.59 -30.45 -37.25
C THR C 220 10.42 -30.54 -35.97
N GLN C 221 10.42 -29.49 -35.16
CA GLN C 221 11.42 -29.42 -34.10
C GLN C 221 10.98 -28.62 -32.91
N ILE C 222 11.71 -28.89 -31.83
CA ILE C 222 11.51 -28.11 -30.59
C ILE C 222 12.24 -26.76 -30.86
N SER C 223 11.51 -25.63 -30.83
CA SER C 223 12.19 -24.38 -31.12
C SER C 223 12.48 -23.55 -29.89
N ASP C 224 11.83 -23.87 -28.76
CA ASP C 224 12.10 -23.17 -27.52
C ASP C 224 11.44 -23.97 -26.44
N PHE C 225 11.94 -23.84 -25.22
CA PHE C 225 11.28 -24.48 -24.03
C PHE C 225 11.70 -23.70 -22.77
N HIS C 226 10.74 -23.47 -21.88
CA HIS C 226 10.96 -22.70 -20.66
C HIS C 226 10.58 -23.62 -19.49
N VAL C 227 11.42 -23.65 -18.47
CA VAL C 227 11.16 -24.48 -17.31
C VAL C 227 10.98 -23.60 -16.11
N ALA C 228 9.88 -23.82 -15.37
CA ALA C 228 9.64 -23.07 -14.14
C ALA C 228 9.38 -24.02 -13.00
N THR C 229 9.75 -23.64 -11.75
CA THR C 229 9.43 -24.46 -10.61
C THR C 229 8.75 -23.61 -9.57
N ARG C 230 7.52 -23.98 -9.15
CA ARG C 230 6.78 -23.22 -8.14
C ARG C 230 6.50 -24.12 -6.95
N PHE C 231 6.39 -23.52 -5.75
CA PHE C 231 6.39 -24.26 -4.54
C PHE C 231 5.22 -23.88 -3.64
N ASN C 232 4.96 -24.81 -2.69
CA ASN C 232 3.95 -24.50 -1.62
C ASN C 232 4.76 -23.74 -0.55
N ASP C 233 4.07 -23.41 0.51
CA ASP C 233 4.60 -22.55 1.50
C ASP C 233 5.84 -23.04 2.23
N ASP C 234 6.04 -24.34 2.37
CA ASP C 234 7.20 -24.79 3.09
C ASP C 234 8.16 -25.49 2.18
N PHE C 235 7.93 -25.43 0.87
CA PHE C 235 8.90 -26.06 -0.06
C PHE C 235 8.88 -27.55 -0.03
N SER C 236 7.83 -28.12 0.50
CA SER C 236 7.73 -29.58 0.52
C SER C 236 7.03 -30.18 -0.72
N ARG C 237 6.44 -29.33 -1.59
CA ARG C 237 5.80 -29.70 -2.83
C ARG C 237 6.11 -28.65 -3.86
N ALA C 238 6.40 -29.09 -5.08
CA ALA C 238 6.64 -28.19 -6.18
C ALA C 238 5.87 -28.65 -7.36
N VAL C 239 5.68 -27.78 -8.30
CA VAL C 239 5.13 -28.16 -9.60
C VAL C 239 6.18 -27.65 -10.56
N LEU C 240 6.67 -28.52 -11.43
CA LEU C 240 7.54 -28.15 -12.53
C LEU C 240 6.63 -27.90 -13.76
N GLU C 241 6.75 -26.73 -14.37
CA GLU C 241 5.99 -26.39 -15.53
C GLU C 241 6.93 -26.15 -16.72
N ALA C 242 6.73 -26.88 -17.82
CA ALA C 242 7.61 -26.75 -18.95
C ALA C 242 6.76 -26.35 -20.15
N GLU C 243 6.96 -25.13 -20.68
CA GLU C 243 6.25 -24.70 -21.86
C GLU C 243 7.18 -25.05 -23.03
N VAL C 244 6.63 -25.78 -24.03
CA VAL C 244 7.40 -26.23 -25.21
C VAL C 244 6.81 -25.67 -26.49
N GLN C 245 7.70 -25.10 -27.37
CA GLN C 245 7.25 -24.54 -28.62
C GLN C 245 7.83 -25.33 -29.75
N MET C 246 7.11 -25.41 -30.84
CA MET C 246 7.67 -26.14 -32.01
C MET C 246 7.61 -25.25 -33.21
N CYS C 247 8.43 -25.63 -34.18
CA CYS C 247 8.36 -25.08 -35.52
C CYS C 247 8.20 -26.28 -36.47
N GLY C 248 7.68 -26.05 -37.69
CA GLY C 248 7.52 -27.18 -38.58
C GLY C 248 6.05 -27.46 -38.74
N GLU C 249 5.65 -28.57 -39.35
CA GLU C 249 4.21 -28.72 -39.59
C GLU C 249 3.42 -29.42 -38.47
N LEU C 250 2.40 -28.74 -38.02
CA LEU C 250 1.60 -29.34 -36.95
C LEU C 250 0.83 -30.56 -37.44
N ARG C 251 0.85 -31.63 -36.69
CA ARG C 251 0.09 -32.80 -37.05
C ARG C 251 -0.51 -33.36 -35.78
N ASP C 252 -1.73 -33.97 -35.87
CA ASP C 252 -2.39 -34.45 -34.66
C ASP C 252 -1.61 -35.54 -33.99
N TYR C 253 -0.78 -36.22 -34.74
CA TYR C 253 -0.07 -37.31 -34.06
C TYR C 253 1.21 -36.87 -33.32
N LEU C 254 1.55 -35.58 -33.38
CA LEU C 254 2.73 -35.17 -32.65
C LEU C 254 2.44 -35.10 -31.18
N ARG C 255 3.49 -35.36 -30.41
CA ARG C 255 3.44 -35.30 -28.97
C ARG C 255 4.71 -34.71 -28.38
N VAL C 256 4.57 -34.18 -27.14
CA VAL C 256 5.74 -33.80 -26.36
C VAL C 256 5.64 -34.58 -25.05
N THR C 257 6.75 -35.16 -24.68
CA THR C 257 6.88 -35.76 -23.38
C THR C 257 7.95 -34.97 -22.58
N VAL C 258 7.65 -34.58 -21.33
CA VAL C 258 8.68 -33.99 -20.52
C VAL C 258 8.84 -34.94 -19.35
N SER C 259 10.08 -35.43 -19.10
CA SER C 259 10.33 -36.31 -17.96
C SER C 259 11.37 -35.64 -17.09
N LEU C 260 11.24 -35.94 -15.77
CA LEU C 260 12.14 -35.35 -14.78
C LEU C 260 12.89 -36.47 -14.07
N TRP C 261 14.20 -36.37 -13.98
CA TRP C 261 15.01 -37.41 -13.35
C TRP C 261 15.88 -36.87 -12.27
N GLN C 262 16.09 -37.68 -11.25
CA GLN C 262 17.02 -37.28 -10.17
C GLN C 262 18.05 -38.36 -10.21
N GLY C 263 19.20 -38.08 -10.77
CA GLY C 263 20.15 -39.16 -11.02
C GLY C 263 19.59 -40.13 -12.06
N GLU C 264 19.58 -41.40 -11.68
CA GLU C 264 19.06 -42.44 -12.54
C GLU C 264 17.65 -42.81 -12.25
N THR C 265 17.02 -42.09 -11.34
CA THR C 265 15.63 -42.30 -11.04
C THR C 265 14.67 -41.34 -11.74
N GLN C 266 13.66 -41.88 -12.38
CA GLN C 266 12.68 -41.02 -12.97
C GLN C 266 11.66 -40.65 -11.92
N VAL C 267 11.45 -39.33 -11.74
CA VAL C 267 10.59 -38.77 -10.73
C VAL C 267 9.26 -38.51 -11.25
N ALA C 268 9.17 -38.05 -12.49
CA ALA C 268 7.84 -37.74 -13.02
C ALA C 268 7.91 -37.69 -14.57
N SER C 269 6.75 -37.85 -15.21
CA SER C 269 6.78 -37.73 -16.64
C SER C 269 5.37 -37.36 -17.06
N GLY C 270 5.22 -36.60 -18.14
CA GLY C 270 3.91 -36.22 -18.65
C GLY C 270 4.00 -36.03 -20.17
N THR C 271 2.93 -36.36 -20.91
CA THR C 271 2.89 -36.25 -22.35
C THR C 271 1.63 -35.55 -22.77
N ALA C 272 1.73 -34.77 -23.83
CA ALA C 272 0.57 -34.08 -24.36
C ALA C 272 0.80 -33.79 -25.83
N PRO C 273 -0.30 -33.63 -26.54
CA PRO C 273 -0.21 -33.20 -27.95
C PRO C 273 -0.08 -31.69 -27.93
N PHE C 274 0.24 -31.08 -29.06
CA PHE C 274 0.34 -29.63 -29.07
C PHE C 274 -1.02 -28.98 -28.99
N GLY C 275 -1.06 -27.75 -28.50
CA GLY C 275 -2.29 -27.02 -28.43
C GLY C 275 -2.36 -26.45 -27.06
N GLY C 276 -2.05 -25.11 -26.94
CA GLY C 276 -2.10 -24.49 -25.62
C GLY C 276 -3.46 -23.93 -25.21
N GLU C 277 -3.56 -23.52 -23.95
CA GLU C 277 -4.81 -22.96 -23.50
C GLU C 277 -5.18 -21.62 -24.25
N ILE C 278 -6.48 -21.29 -24.26
CA ILE C 278 -6.94 -20.05 -24.86
C ILE C 278 -6.19 -18.86 -24.19
N ILE C 279 -5.67 -17.95 -25.00
CA ILE C 279 -4.90 -16.80 -24.50
C ILE C 279 -5.82 -15.55 -24.66
N ASP C 280 -6.54 -15.41 -25.81
CA ASP C 280 -7.35 -14.17 -26.02
C ASP C 280 -8.46 -14.51 -26.97
N GLU C 281 -9.09 -13.45 -27.52
CA GLU C 281 -10.27 -13.63 -28.38
C GLU C 281 -9.97 -14.44 -29.64
N ARG C 282 -8.67 -14.53 -30.00
CA ARG C 282 -8.31 -15.28 -31.23
C ARG C 282 -7.95 -16.74 -30.95
N GLY C 283 -7.94 -17.11 -29.68
CA GLY C 283 -7.57 -18.49 -29.38
C GLY C 283 -6.31 -18.60 -28.58
N GLY C 284 -5.56 -19.69 -28.85
CA GLY C 284 -4.33 -19.94 -28.08
C GLY C 284 -3.20 -20.26 -29.08
N TYR C 285 -2.05 -20.76 -28.56
CA TYR C 285 -0.96 -21.16 -29.43
C TYR C 285 -1.12 -22.63 -29.76
N ALA C 286 -1.40 -22.88 -31.02
CA ALA C 286 -1.58 -24.28 -31.48
C ALA C 286 -0.22 -24.99 -31.57
N ASP C 287 0.85 -24.18 -31.62
CA ASP C 287 2.22 -24.65 -31.72
C ASP C 287 2.95 -24.74 -30.40
N ARG C 288 2.25 -24.72 -29.29
CA ARG C 288 2.94 -24.84 -28.00
C ARG C 288 2.12 -25.76 -27.08
N VAL C 289 2.79 -26.26 -26.07
CA VAL C 289 2.07 -27.05 -25.06
C VAL C 289 2.83 -26.81 -23.76
N THR C 290 2.12 -26.84 -22.64
CA THR C 290 2.75 -26.73 -21.34
C THR C 290 2.48 -28.01 -20.53
N LEU C 291 3.54 -28.68 -20.12
CA LEU C 291 3.47 -29.89 -19.29
C LEU C 291 3.62 -29.47 -17.83
N ARG C 292 2.88 -30.05 -16.90
CA ARG C 292 2.93 -29.75 -15.46
C ARG C 292 3.16 -31.02 -14.69
N LEU C 293 4.27 -31.09 -13.99
CA LEU C 293 4.70 -32.29 -13.27
C LEU C 293 4.76 -32.00 -11.77
N ASN C 294 4.09 -32.80 -10.96
CA ASN C 294 4.15 -32.64 -9.49
C ASN C 294 5.36 -33.34 -8.94
N VAL C 295 6.04 -32.64 -8.00
CA VAL C 295 7.19 -33.21 -7.38
C VAL C 295 7.04 -33.07 -5.87
N GLU C 296 6.99 -34.21 -5.15
CA GLU C 296 6.80 -34.14 -3.71
C GLU C 296 8.18 -34.15 -3.07
N ASN C 297 8.36 -33.34 -2.02
CA ASN C 297 9.66 -33.28 -1.32
C ASN C 297 10.81 -33.10 -2.28
N PRO C 298 10.77 -32.14 -3.16
CA PRO C 298 11.92 -31.94 -4.04
C PRO C 298 13.22 -31.62 -3.26
N LYS C 299 14.36 -32.09 -3.80
CA LYS C 299 15.66 -31.74 -3.26
C LYS C 299 15.93 -30.36 -3.85
N LEU C 300 16.06 -29.35 -2.99
CA LEU C 300 16.16 -27.94 -3.44
C LEU C 300 17.58 -27.56 -3.82
N TRP C 301 17.67 -26.65 -4.77
CA TRP C 301 18.97 -26.19 -5.20
C TRP C 301 19.39 -24.92 -4.45
N SER C 302 20.67 -24.89 -4.10
CA SER C 302 21.28 -23.68 -3.52
C SER C 302 22.78 -23.70 -3.81
N ALA C 303 23.49 -22.61 -3.52
CA ALA C 303 24.90 -22.68 -3.71
C ALA C 303 25.48 -23.61 -2.64
N GLU C 304 24.78 -23.79 -1.51
CA GLU C 304 25.27 -24.65 -0.42
C GLU C 304 25.17 -26.09 -0.81
N ILE C 305 24.06 -26.48 -1.41
CA ILE C 305 23.86 -27.85 -1.92
C ILE C 305 23.15 -27.75 -3.28
N PRO C 306 23.95 -27.79 -4.35
CA PRO C 306 23.43 -27.62 -5.68
C PRO C 306 22.73 -28.86 -6.22
N ASN C 307 21.70 -29.31 -5.54
CA ASN C 307 20.93 -30.46 -5.98
C ASN C 307 20.31 -30.17 -7.35
N LEU C 308 20.49 -31.10 -8.29
CA LEU C 308 19.95 -30.89 -9.63
C LEU C 308 19.15 -32.07 -10.11
N TYR C 309 18.12 -31.76 -10.90
CA TYR C 309 17.37 -32.81 -11.56
C TYR C 309 17.71 -32.57 -13.08
N ARG C 310 17.25 -33.51 -13.92
CA ARG C 310 17.38 -33.39 -15.38
C ARG C 310 16.01 -33.39 -16.00
N ALA C 311 15.67 -32.33 -16.77
CA ALA C 311 14.41 -32.36 -17.54
C ALA C 311 14.76 -32.78 -18.98
N VAL C 312 14.04 -33.78 -19.50
CA VAL C 312 14.29 -34.24 -20.85
C VAL C 312 13.02 -33.95 -21.62
N VAL C 313 13.16 -33.19 -22.71
CA VAL C 313 12.00 -32.80 -23.52
C VAL C 313 12.05 -33.57 -24.82
N GLU C 314 11.07 -34.49 -25.04
CA GLU C 314 11.04 -35.29 -26.26
C GLU C 314 9.91 -34.86 -27.15
N LEU C 315 10.24 -34.69 -28.47
CA LEU C 315 9.27 -34.41 -29.53
C LEU C 315 9.17 -35.72 -30.24
N HIS C 316 7.97 -36.27 -30.32
CA HIS C 316 7.83 -37.59 -30.92
C HIS C 316 6.44 -37.78 -31.50
N THR C 317 6.20 -38.96 -32.12
CA THR C 317 4.85 -39.25 -32.61
C THR C 317 4.14 -40.13 -31.61
N ALA C 318 2.83 -40.16 -31.76
CA ALA C 318 2.04 -40.94 -30.85
C ALA C 318 2.42 -42.40 -30.93
N ASP C 319 2.81 -42.89 -32.09
CA ASP C 319 3.12 -44.30 -32.09
C ASP C 319 4.44 -44.56 -31.41
N GLY C 320 5.15 -43.53 -30.98
CA GLY C 320 6.41 -43.86 -30.31
C GLY C 320 7.69 -43.57 -31.10
N THR C 321 7.66 -42.86 -32.20
CA THR C 321 8.96 -42.62 -32.80
C THR C 321 9.53 -41.30 -32.29
N LEU C 322 10.76 -41.30 -31.85
CA LEU C 322 11.32 -40.04 -31.41
C LEU C 322 11.72 -39.23 -32.62
N ILE C 323 11.37 -37.92 -32.61
CA ILE C 323 11.80 -36.96 -33.62
C ILE C 323 13.09 -36.26 -33.14
N GLU C 324 13.10 -35.70 -31.94
CA GLU C 324 14.36 -35.23 -31.30
C GLU C 324 14.10 -34.97 -29.86
N ALA C 325 15.19 -34.79 -29.11
CA ALA C 325 15.09 -34.47 -27.67
C ALA C 325 16.05 -33.33 -27.34
N GLU C 326 15.59 -32.46 -26.41
CA GLU C 326 16.40 -31.39 -25.88
C GLU C 326 16.36 -31.62 -24.35
N ALA C 327 17.15 -30.88 -23.58
CA ALA C 327 17.11 -31.15 -22.10
C ALA C 327 17.87 -30.08 -21.34
N CYS C 328 17.66 -30.03 -20.03
CA CYS C 328 18.45 -29.13 -19.25
C CYS C 328 18.54 -29.62 -17.83
N ASP C 329 19.47 -29.02 -17.08
CA ASP C 329 19.60 -29.30 -15.66
C ASP C 329 18.60 -28.44 -14.97
N VAL C 330 17.91 -28.96 -13.97
CA VAL C 330 16.89 -28.19 -13.32
C VAL C 330 17.22 -28.09 -11.87
N GLY C 331 17.17 -26.82 -11.34
CA GLY C 331 17.40 -26.69 -9.91
C GLY C 331 16.13 -26.08 -9.29
N PHE C 332 15.54 -26.83 -8.35
CA PHE C 332 14.33 -26.40 -7.72
C PHE C 332 14.69 -25.32 -6.72
N ARG C 333 14.39 -24.08 -7.03
CA ARG C 333 14.59 -23.00 -6.09
C ARG C 333 13.67 -21.86 -6.47
N GLU C 334 13.29 -21.11 -5.42
CA GLU C 334 12.49 -19.93 -5.62
C GLU C 334 13.33 -18.69 -5.21
N VAL C 335 13.24 -17.61 -6.00
CA VAL C 335 13.95 -16.39 -5.64
C VAL C 335 12.89 -15.31 -5.56
N ARG C 336 12.85 -14.58 -4.44
CA ARG C 336 11.87 -13.51 -4.38
C ARG C 336 12.34 -12.45 -3.36
N ILE C 337 11.80 -11.26 -3.45
CA ILE C 337 12.12 -10.20 -2.51
C ILE C 337 10.86 -9.99 -1.77
N GLU C 338 10.93 -10.08 -0.45
CA GLU C 338 9.73 -9.90 0.38
C GLU C 338 10.10 -9.11 1.60
N ASN C 339 9.31 -8.06 1.85
CA ASN C 339 9.56 -7.27 3.05
C ASN C 339 10.97 -6.69 3.09
N GLY C 340 11.51 -6.46 1.90
CA GLY C 340 12.81 -5.82 1.83
C GLY C 340 13.99 -6.73 1.84
N LEU C 341 13.75 -8.04 1.77
CA LEU C 341 14.84 -8.99 1.78
C LEU C 341 14.80 -9.88 0.54
N LEU C 342 15.96 -10.18 -0.04
CA LEU C 342 16.10 -11.15 -1.12
C LEU C 342 16.19 -12.52 -0.46
N LEU C 343 15.20 -13.37 -0.81
CA LEU C 343 15.06 -14.72 -0.25
C LEU C 343 15.31 -15.76 -1.34
N LEU C 344 16.04 -16.81 -0.89
CA LEU C 344 16.25 -17.95 -1.74
C LEU C 344 15.64 -19.14 -1.01
N ASN C 345 14.59 -19.79 -1.58
CA ASN C 345 13.95 -20.85 -0.81
C ASN C 345 13.42 -20.35 0.50
N GLY C 346 12.92 -19.14 0.51
CA GLY C 346 12.30 -18.59 1.70
C GLY C 346 13.27 -18.03 2.70
N LYS C 347 14.59 -18.14 2.52
CA LYS C 347 15.63 -17.66 3.51
C LYS C 347 16.42 -16.52 2.95
N PRO C 348 16.83 -15.58 3.81
CA PRO C 348 17.56 -14.43 3.31
C PRO C 348 19.02 -14.70 2.96
N LEU C 349 19.34 -14.35 1.71
CA LEU C 349 20.74 -14.60 1.27
C LEU C 349 21.74 -13.59 1.88
N LEU C 350 22.98 -14.02 1.95
CA LEU C 350 24.10 -13.14 2.32
C LEU C 350 25.12 -13.40 1.19
N ILE C 351 25.13 -12.50 0.22
CA ILE C 351 25.91 -12.71 -0.99
C ILE C 351 27.40 -12.45 -0.74
N ARG C 352 28.19 -13.49 -0.86
CA ARG C 352 29.63 -13.41 -0.74
C ARG C 352 30.08 -13.51 -2.21
N GLY C 353 29.95 -12.34 -2.91
CA GLY C 353 30.15 -12.34 -4.35
C GLY C 353 31.46 -11.70 -4.87
N VAL C 354 31.69 -11.97 -6.19
CA VAL C 354 32.80 -11.35 -6.83
C VAL C 354 32.38 -11.12 -8.29
N ASN C 355 32.81 -9.95 -8.86
CA ASN C 355 32.63 -9.72 -10.28
C ASN C 355 33.72 -10.53 -10.99
N ARG C 356 33.45 -11.12 -12.12
CA ARG C 356 34.49 -11.89 -12.87
C ARG C 356 34.37 -11.61 -14.37
N HIS C 357 35.43 -11.04 -14.93
CA HIS C 357 35.50 -10.86 -16.35
C HIS C 357 36.01 -12.16 -16.94
N GLU C 358 35.84 -12.32 -18.27
CA GLU C 358 36.39 -13.49 -19.00
C GLU C 358 37.76 -13.05 -19.54
N HIS C 359 38.85 -13.47 -18.85
CA HIS C 359 40.17 -12.98 -19.25
C HIS C 359 41.20 -14.04 -18.99
N HIS C 360 42.07 -14.19 -19.97
CA HIS C 360 43.16 -15.21 -19.88
C HIS C 360 44.45 -14.47 -20.33
N PRO C 361 45.53 -14.56 -19.59
CA PRO C 361 46.71 -13.81 -19.95
C PRO C 361 47.36 -14.17 -21.29
N LEU C 362 47.11 -15.36 -21.79
CA LEU C 362 47.69 -15.71 -23.11
C LEU C 362 46.63 -15.69 -24.17
N HIS C 363 45.38 -16.15 -23.82
CA HIS C 363 44.33 -16.29 -24.84
C HIS C 363 43.35 -15.11 -24.91
N GLY C 364 43.61 -14.07 -24.12
CA GLY C 364 42.75 -12.86 -24.22
C GLY C 364 41.36 -13.12 -23.64
N GLN C 365 40.34 -13.07 -24.46
CA GLN C 365 38.98 -13.16 -23.93
C GLN C 365 38.32 -14.47 -24.34
N VAL C 366 39.13 -15.37 -24.85
CA VAL C 366 38.71 -16.76 -25.12
C VAL C 366 38.73 -17.54 -23.81
N MET C 367 37.63 -18.22 -23.50
CA MET C 367 37.57 -18.99 -22.25
C MET C 367 37.64 -20.43 -22.52
N ASP C 368 38.23 -21.17 -21.59
CA ASP C 368 38.33 -22.60 -21.74
C ASP C 368 37.82 -23.27 -20.47
N GLU C 369 37.37 -24.52 -20.58
CA GLU C 369 36.78 -25.19 -19.44
C GLU C 369 37.74 -25.29 -18.28
N GLN C 370 39.03 -25.57 -18.54
CA GLN C 370 39.98 -25.71 -17.42
C GLN C 370 40.06 -24.45 -16.56
N THR C 371 40.14 -23.29 -17.23
CA THR C 371 40.23 -22.01 -16.51
C THR C 371 38.93 -21.69 -15.84
N MET C 372 37.82 -21.98 -16.49
CA MET C 372 36.53 -21.76 -15.79
C MET C 372 36.46 -22.58 -14.46
N VAL C 373 36.83 -23.87 -14.56
CA VAL C 373 36.79 -24.73 -13.37
C VAL C 373 37.75 -24.26 -12.34
N GLN C 374 38.96 -23.90 -12.78
CA GLN C 374 39.94 -23.41 -11.83
C GLN C 374 39.34 -22.18 -11.06
N ASP C 375 38.67 -21.26 -11.82
CA ASP C 375 38.12 -20.10 -11.15
C ASP C 375 37.04 -20.52 -10.14
N ILE C 376 36.13 -21.44 -10.55
CA ILE C 376 35.05 -21.74 -9.65
C ILE C 376 35.56 -22.43 -8.44
N LEU C 377 36.53 -23.33 -8.63
CA LEU C 377 37.08 -24.04 -7.43
C LEU C 377 37.76 -23.04 -6.47
N LEU C 378 38.54 -22.08 -7.02
CA LEU C 378 39.20 -21.17 -6.09
C LEU C 378 38.19 -20.30 -5.39
N MET C 379 37.14 -19.93 -6.16
CA MET C 379 36.11 -19.05 -5.53
C MET C 379 35.46 -19.77 -4.33
N LYS C 380 35.01 -21.01 -4.57
CA LYS C 380 34.34 -21.74 -3.48
C LYS C 380 35.25 -22.05 -2.31
N GLN C 381 36.49 -22.35 -2.67
CA GLN C 381 37.47 -22.61 -1.64
C GLN C 381 37.73 -21.39 -0.79
N ASN C 382 37.48 -20.22 -1.39
CA ASN C 382 37.67 -18.95 -0.67
C ASN C 382 36.34 -18.33 -0.18
N ASN C 383 35.31 -19.21 -0.01
CA ASN C 383 34.10 -18.74 0.61
C ASN C 383 33.30 -17.75 -0.17
N PHE C 384 33.43 -17.82 -1.50
CA PHE C 384 32.50 -17.04 -2.33
C PHE C 384 31.35 -17.95 -2.68
N ASN C 385 30.15 -17.37 -2.76
CA ASN C 385 28.96 -18.16 -3.16
C ASN C 385 28.24 -17.53 -4.36
N ALA C 386 28.82 -16.43 -4.93
CA ALA C 386 28.05 -15.75 -6.00
C ALA C 386 29.03 -15.06 -6.93
N VAL C 387 28.56 -14.86 -8.17
CA VAL C 387 29.41 -14.22 -9.19
C VAL C 387 28.56 -13.32 -10.05
N ARG C 388 29.10 -12.14 -10.38
CA ARG C 388 28.40 -11.24 -11.28
C ARG C 388 29.11 -11.35 -12.63
N CYS C 389 28.35 -11.53 -13.71
CA CYS C 389 28.93 -11.60 -15.04
C CYS C 389 29.21 -10.15 -15.54
N SER C 390 30.26 -9.55 -14.94
CA SER C 390 30.61 -8.15 -15.38
C SER C 390 31.25 -8.20 -16.78
N HIS C 391 30.69 -7.58 -17.83
CA HIS C 391 29.39 -6.95 -17.82
C HIS C 391 28.77 -7.37 -19.11
N TYR C 392 28.49 -8.68 -19.22
CA TYR C 392 27.94 -9.21 -20.45
C TYR C 392 27.62 -10.67 -20.21
N PRO C 393 26.86 -11.26 -21.07
CA PRO C 393 26.54 -12.69 -20.94
C PRO C 393 27.84 -13.45 -21.20
N ASN C 394 28.01 -14.54 -20.42
CA ASN C 394 29.27 -15.30 -20.52
C ASN C 394 29.16 -16.44 -21.49
N HIS C 395 30.31 -17.09 -21.70
CA HIS C 395 30.38 -18.32 -22.48
C HIS C 395 29.42 -19.30 -21.84
N PRO C 396 28.72 -20.05 -22.64
CA PRO C 396 27.63 -20.87 -22.16
C PRO C 396 27.99 -21.86 -21.08
N LEU C 397 29.23 -22.37 -21.13
CA LEU C 397 29.61 -23.39 -20.19
C LEU C 397 29.64 -22.86 -18.81
N TRP C 398 29.84 -21.52 -18.69
CA TRP C 398 29.95 -20.96 -17.32
C TRP C 398 28.74 -21.26 -16.47
N TYR C 399 27.55 -21.11 -17.12
CA TYR C 399 26.30 -21.30 -16.37
C TYR C 399 26.12 -22.75 -15.98
N THR C 400 26.53 -23.65 -16.87
CA THR C 400 26.43 -25.08 -16.56
C THR C 400 27.32 -25.37 -15.33
N LEU C 401 28.54 -24.75 -15.28
CA LEU C 401 29.45 -24.99 -14.13
C LEU C 401 28.87 -24.39 -12.86
N CYS C 402 28.31 -23.18 -12.97
CA CYS C 402 27.72 -22.63 -11.74
C CYS C 402 26.50 -23.42 -11.28
N ASP C 403 25.68 -23.94 -12.22
CA ASP C 403 24.51 -24.77 -11.83
C ASP C 403 25.03 -25.97 -11.04
N ARG C 404 26.12 -26.64 -11.57
CA ARG C 404 26.54 -27.93 -10.95
C ARG C 404 27.42 -27.81 -9.76
N TYR C 405 28.27 -26.80 -9.76
CA TYR C 405 29.14 -26.56 -8.56
C TYR C 405 28.41 -25.80 -7.46
N GLY C 406 27.47 -24.96 -7.87
CA GLY C 406 26.71 -24.20 -6.93
C GLY C 406 27.30 -22.80 -6.71
N LEU C 407 26.91 -21.81 -7.57
CA LEU C 407 27.20 -20.41 -7.31
C LEU C 407 25.97 -19.66 -7.80
N TYR C 408 25.58 -18.61 -7.06
CA TYR C 408 24.48 -17.73 -7.48
C TYR C 408 25.05 -16.80 -8.55
N VAL C 409 24.29 -16.60 -9.63
CA VAL C 409 24.83 -15.73 -10.70
C VAL C 409 23.94 -14.54 -11.03
N VAL C 410 24.59 -13.38 -11.23
CA VAL C 410 23.90 -12.21 -11.78
C VAL C 410 24.23 -12.23 -13.27
N ASP C 411 23.24 -12.47 -14.14
CA ASP C 411 23.49 -12.49 -15.61
C ASP C 411 23.15 -11.08 -16.13
N GLU C 412 24.08 -10.52 -16.89
CA GLU C 412 24.06 -9.09 -17.21
C GLU C 412 24.12 -8.82 -18.69
N ALA C 413 23.20 -7.99 -19.18
CA ALA C 413 23.19 -7.70 -20.61
C ALA C 413 24.46 -6.98 -21.02
N ASN C 414 24.91 -7.22 -22.31
CA ASN C 414 26.13 -6.58 -22.86
C ASN C 414 25.77 -5.16 -23.30
N ILE C 415 25.54 -4.28 -22.29
CA ILE C 415 25.23 -2.87 -22.58
C ILE C 415 26.02 -2.01 -21.58
N GLU C 416 27.01 -1.27 -22.08
CA GLU C 416 27.74 -0.31 -21.27
C GLU C 416 28.11 0.87 -22.14
N THR C 417 27.64 2.07 -21.77
CA THR C 417 27.95 3.26 -22.61
C THR C 417 28.64 4.31 -21.73
N HIS C 418 29.57 3.84 -20.89
CA HIS C 418 30.17 4.70 -19.87
C HIS C 418 30.75 6.01 -20.44
N GLY C 419 31.36 5.94 -21.63
CA GLY C 419 32.06 7.09 -22.22
C GLY C 419 31.16 8.17 -22.75
N MET C 420 29.84 7.94 -22.81
CA MET C 420 28.96 9.01 -23.35
C MET C 420 28.91 10.18 -22.38
N VAL C 421 28.51 11.37 -22.89
CA VAL C 421 28.31 12.51 -21.99
C VAL C 421 26.93 13.06 -22.31
N PRO C 422 25.96 13.12 -21.37
CA PRO C 422 26.01 12.49 -20.07
C PRO C 422 25.96 10.95 -20.31
N MET C 423 26.13 10.18 -19.25
CA MET C 423 26.22 8.71 -19.46
C MET C 423 24.97 8.10 -20.09
N ASN C 424 23.78 8.67 -19.89
CA ASN C 424 22.57 8.09 -20.46
C ASN C 424 22.23 8.67 -21.82
N ARG C 425 23.19 9.27 -22.54
CA ARG C 425 22.80 9.90 -23.81
C ARG C 425 22.15 8.96 -24.80
N LEU C 426 22.66 7.70 -24.85
CA LEU C 426 22.09 6.70 -25.76
C LEU C 426 20.95 5.99 -25.08
N THR C 427 21.05 5.67 -23.78
CA THR C 427 19.98 4.84 -23.14
C THR C 427 18.73 5.62 -22.91
N ASP C 428 18.76 6.96 -23.02
CA ASP C 428 17.49 7.68 -22.94
C ASP C 428 16.94 8.01 -24.34
N ASP C 429 17.61 7.54 -25.40
CA ASP C 429 17.26 7.88 -26.79
C ASP C 429 16.47 6.70 -27.41
N PRO C 430 15.25 6.93 -27.84
CA PRO C 430 14.48 5.78 -28.30
C PRO C 430 15.07 5.18 -29.55
N ARG C 431 15.89 5.89 -30.28
CA ARG C 431 16.39 5.27 -31.45
C ARG C 431 17.35 4.17 -31.12
N TRP C 432 17.84 4.16 -29.84
CA TRP C 432 18.78 3.07 -29.44
C TRP C 432 18.02 1.98 -28.69
N LEU C 433 16.67 2.14 -28.50
CA LEU C 433 15.91 1.12 -27.78
C LEU C 433 15.97 -0.25 -28.48
N PRO C 434 15.83 -0.30 -29.83
CA PRO C 434 15.91 -1.60 -30.49
C PRO C 434 17.23 -2.33 -30.22
N ALA C 435 18.40 -1.70 -30.44
CA ALA C 435 19.65 -2.36 -30.21
C ALA C 435 19.80 -2.77 -28.76
N MET C 436 19.36 -1.89 -27.84
CA MET C 436 19.48 -2.30 -26.43
C MET C 436 18.53 -3.45 -26.17
N SER C 437 17.31 -3.36 -26.71
CA SER C 437 16.38 -4.46 -26.43
C SER C 437 16.93 -5.86 -26.76
N GLU C 438 17.60 -5.99 -27.90
CA GLU C 438 18.07 -7.30 -28.25
C GLU C 438 19.12 -7.80 -27.32
N ARG C 439 19.95 -6.89 -26.74
CA ARG C 439 20.98 -7.28 -25.78
C ARG C 439 20.35 -7.84 -24.51
N VAL C 440 19.21 -7.31 -24.13
CA VAL C 440 18.54 -7.86 -22.97
C VAL C 440 17.68 -9.07 -23.33
N THR C 441 16.82 -8.97 -24.36
CA THR C 441 15.89 -10.08 -24.60
C THR C 441 16.56 -11.34 -25.00
N ARG C 442 17.63 -11.22 -25.83
CA ARG C 442 18.32 -12.43 -26.28
C ARG C 442 19.09 -13.09 -25.17
N MET C 443 19.47 -12.34 -24.16
CA MET C 443 20.12 -12.96 -23.04
C MET C 443 19.12 -13.80 -22.24
N VAL C 444 17.95 -13.20 -21.95
CA VAL C 444 16.95 -13.92 -21.14
C VAL C 444 16.52 -15.17 -21.93
N GLN C 445 16.35 -15.02 -23.29
CA GLN C 445 15.90 -16.21 -24.05
C GLN C 445 16.92 -17.35 -23.97
N ARG C 446 18.18 -17.00 -23.87
CA ARG C 446 19.21 -18.03 -23.83
C ARG C 446 19.38 -18.63 -22.47
N ASP C 447 19.31 -17.81 -21.38
CA ASP C 447 19.76 -18.29 -20.07
C ASP C 447 18.67 -18.55 -19.01
N ARG C 448 17.41 -18.31 -19.38
CA ARG C 448 16.35 -18.37 -18.38
C ARG C 448 16.09 -19.76 -17.77
N ASN C 449 16.64 -20.84 -18.31
CA ASN C 449 16.40 -22.13 -17.63
C ASN C 449 17.52 -22.46 -16.67
N HIS C 450 18.54 -21.64 -16.48
CA HIS C 450 19.65 -22.02 -15.56
C HIS C 450 19.31 -21.68 -14.14
N PRO C 451 19.31 -22.63 -13.24
CA PRO C 451 18.98 -22.32 -11.88
C PRO C 451 20.02 -21.38 -11.26
N SER C 452 21.25 -21.48 -11.68
CA SER C 452 22.26 -20.64 -11.05
C SER C 452 21.93 -19.13 -11.26
N VAL C 453 21.30 -18.74 -12.39
CA VAL C 453 21.01 -17.32 -12.54
C VAL C 453 19.91 -17.02 -11.59
N ILE C 454 20.17 -16.11 -10.65
CA ILE C 454 19.07 -15.74 -9.73
C ILE C 454 18.59 -14.26 -9.94
N ILE C 455 19.39 -13.44 -10.64
CA ILE C 455 19.06 -12.05 -10.84
C ILE C 455 19.50 -11.67 -12.23
N TRP C 456 18.66 -10.87 -12.93
CA TRP C 456 19.07 -10.31 -14.24
C TRP C 456 19.56 -8.87 -14.03
N SER C 457 20.58 -8.46 -14.76
CA SER C 457 20.99 -7.08 -14.73
C SER C 457 20.88 -6.49 -16.14
N LEU C 458 20.46 -5.23 -16.21
CA LEU C 458 20.29 -4.52 -17.45
C LEU C 458 21.55 -3.97 -18.10
N GLY C 459 22.74 -4.28 -17.54
CA GLY C 459 23.97 -3.80 -18.10
C GLY C 459 24.72 -3.05 -17.01
N ASN C 460 25.57 -2.12 -17.43
CA ASN C 460 26.46 -1.45 -16.49
C ASN C 460 26.83 -0.06 -17.02
N GLU C 461 26.89 0.90 -16.07
CA GLU C 461 27.43 2.24 -16.35
C GLU C 461 26.92 2.79 -17.66
N SER C 462 25.59 2.93 -17.76
CA SER C 462 25.05 3.55 -18.96
C SER C 462 23.98 4.57 -18.51
N GLY C 463 24.21 5.19 -17.34
CA GLY C 463 23.28 6.19 -16.78
C GLY C 463 21.94 5.53 -16.53
N HIS C 464 20.88 6.34 -16.47
CA HIS C 464 19.54 5.77 -16.37
C HIS C 464 18.74 6.43 -17.43
N GLY C 465 18.28 5.64 -18.39
CA GLY C 465 17.46 6.22 -19.48
C GLY C 465 16.09 5.50 -19.55
N ALA C 466 15.15 6.07 -20.30
CA ALA C 466 13.89 5.45 -20.42
C ALA C 466 14.01 4.08 -21.05
N ASN C 467 15.02 3.82 -21.88
CA ASN C 467 15.12 2.48 -22.43
C ASN C 467 15.29 1.47 -21.32
N HIS C 468 16.00 1.87 -20.24
CA HIS C 468 16.15 0.93 -19.10
C HIS C 468 14.81 0.58 -18.43
N ASP C 469 13.96 1.61 -18.21
CA ASP C 469 12.69 1.33 -17.60
C ASP C 469 11.84 0.42 -18.51
N ALA C 470 11.87 0.63 -19.86
CA ALA C 470 11.08 -0.24 -20.74
C ALA C 470 11.57 -1.67 -20.59
N LEU C 471 12.94 -1.86 -20.54
CA LEU C 471 13.51 -3.20 -20.50
C LEU C 471 13.39 -3.87 -19.16
N TYR C 472 13.46 -3.05 -18.13
CA TYR C 472 13.24 -3.61 -16.83
C TYR C 472 11.82 -4.26 -16.86
N ARG C 473 10.82 -3.50 -17.36
CA ARG C 473 9.44 -4.03 -17.32
C ARG C 473 9.31 -5.23 -18.22
N TRP C 474 9.99 -5.26 -19.38
CA TRP C 474 9.87 -6.42 -20.21
C TRP C 474 10.30 -7.66 -19.43
N ILE C 475 11.46 -7.55 -18.77
CA ILE C 475 11.91 -8.77 -18.04
C ILE C 475 10.92 -9.11 -16.95
N LYS C 476 10.49 -8.14 -16.17
CA LYS C 476 9.55 -8.44 -15.08
C LYS C 476 8.32 -9.18 -15.65
N SER C 477 7.87 -8.82 -16.88
CA SER C 477 6.73 -9.51 -17.48
C SER C 477 7.06 -10.89 -17.94
N VAL C 478 8.12 -11.04 -18.66
CA VAL C 478 8.41 -12.36 -19.21
C VAL C 478 8.91 -13.36 -18.17
N ASP C 479 9.64 -12.91 -17.15
CA ASP C 479 10.17 -13.88 -16.19
C ASP C 479 10.06 -13.28 -14.81
N PRO C 480 8.97 -13.52 -14.18
CA PRO C 480 8.79 -13.02 -12.85
C PRO C 480 9.56 -13.81 -11.81
N SER C 481 10.23 -14.86 -12.23
CA SER C 481 10.91 -15.66 -11.23
C SER C 481 12.19 -15.06 -10.69
N ARG C 482 12.73 -13.99 -11.29
CA ARG C 482 14.03 -13.49 -10.80
C ARG C 482 13.94 -11.95 -10.72
N PRO C 483 14.50 -11.37 -9.67
CA PRO C 483 14.59 -9.90 -9.56
C PRO C 483 15.47 -9.32 -10.69
N VAL C 484 15.23 -8.03 -10.98
CA VAL C 484 16.02 -7.34 -11.97
C VAL C 484 16.77 -6.21 -11.24
N GLN C 485 18.06 -6.06 -11.50
CA GLN C 485 18.80 -4.94 -10.87
C GLN C 485 19.55 -4.20 -11.95
N TYR C 486 19.90 -2.97 -11.60
CA TYR C 486 20.68 -2.14 -12.53
C TYR C 486 21.21 -0.95 -11.67
N GLU C 487 22.48 -0.65 -11.77
CA GLU C 487 23.05 0.40 -10.88
C GLU C 487 23.07 1.87 -11.46
N GLY C 488 22.93 1.95 -12.83
CA GLY C 488 23.08 3.24 -13.43
C GLY C 488 22.14 4.28 -12.90
N GLY C 489 22.59 5.56 -12.98
CA GLY C 489 21.73 6.67 -12.57
C GLY C 489 21.52 6.82 -11.07
N GLY C 490 22.43 6.25 -10.25
CA GLY C 490 22.21 6.50 -8.80
C GLY C 490 21.97 5.25 -8.00
N ALA C 491 21.94 4.06 -8.66
CA ALA C 491 21.85 2.78 -7.92
C ALA C 491 20.50 2.42 -7.28
N ASP C 492 19.55 3.36 -7.30
CA ASP C 492 18.30 3.13 -6.65
C ASP C 492 17.14 3.71 -7.51
N THR C 493 17.29 3.65 -8.84
CA THR C 493 16.24 4.18 -9.69
C THR C 493 15.06 3.21 -9.83
N THR C 494 14.07 3.60 -10.63
CA THR C 494 12.94 2.79 -10.89
C THR C 494 13.26 1.62 -11.78
N ALA C 495 14.50 1.43 -12.16
CA ALA C 495 14.83 0.29 -13.03
C ALA C 495 15.56 -0.76 -12.21
N THR C 496 15.42 -0.75 -10.87
CA THR C 496 16.13 -1.78 -10.09
C THR C 496 15.32 -2.21 -8.88
N ASP C 497 15.26 -3.53 -8.66
CA ASP C 497 14.55 -4.06 -7.52
C ASP C 497 15.51 -4.11 -6.29
N ILE C 498 16.79 -3.89 -6.52
CA ILE C 498 17.77 -4.01 -5.44
C ILE C 498 18.62 -2.74 -5.46
N ILE C 499 18.86 -2.13 -4.30
CA ILE C 499 19.79 -0.93 -4.27
C ILE C 499 21.16 -1.52 -4.50
N CYS C 500 21.81 -1.21 -5.62
CA CYS C 500 23.03 -1.97 -5.98
C CYS C 500 24.24 -1.05 -6.34
N PRO C 501 24.64 -0.20 -5.38
CA PRO C 501 25.69 0.77 -5.67
C PRO C 501 27.03 0.15 -5.96
N MET C 502 27.91 0.97 -6.53
CA MET C 502 29.29 0.47 -6.69
C MET C 502 30.12 1.37 -5.82
N TYR C 503 30.93 0.75 -4.95
CA TYR C 503 31.90 1.46 -4.11
C TYR C 503 31.32 2.43 -3.08
N ALA C 504 30.05 2.24 -2.74
CA ALA C 504 29.54 3.02 -1.65
C ALA C 504 30.27 2.50 -0.40
N ARG C 505 30.61 3.44 0.48
CA ARG C 505 31.36 3.13 1.69
C ARG C 505 30.44 2.71 2.82
N VAL C 506 31.03 2.15 3.88
CA VAL C 506 30.21 1.62 4.93
C VAL C 506 29.56 2.71 5.76
N ASP C 507 30.39 3.64 6.26
CA ASP C 507 29.90 4.69 7.14
C ASP C 507 30.00 6.09 6.52
N GLU C 508 30.82 6.24 5.49
CA GLU C 508 31.05 7.56 4.90
C GLU C 508 30.19 7.84 3.73
N ASP C 509 29.44 8.96 3.77
CA ASP C 509 28.67 9.37 2.60
C ASP C 509 29.57 10.08 1.58
N GLN C 510 29.25 9.98 0.29
CA GLN C 510 29.96 10.72 -0.80
C GLN C 510 28.84 11.37 -1.62
N PRO C 511 28.41 12.53 -1.19
CA PRO C 511 27.20 13.09 -1.74
C PRO C 511 27.35 13.76 -3.07
N PHE C 512 27.85 13.04 -4.04
CA PHE C 512 27.95 13.60 -5.38
C PHE C 512 26.59 14.16 -5.87
N PRO C 513 26.60 15.26 -6.61
CA PRO C 513 25.33 15.74 -7.13
C PRO C 513 24.73 14.71 -8.09
N ALA C 514 23.39 14.64 -8.04
CA ALA C 514 22.51 13.83 -8.85
C ALA C 514 22.62 12.35 -8.57
N VAL C 515 23.80 11.88 -8.29
CA VAL C 515 24.01 10.49 -8.10
C VAL C 515 24.90 10.27 -6.91
N PRO C 516 24.39 10.68 -5.73
CA PRO C 516 25.17 10.47 -4.52
C PRO C 516 25.46 9.03 -4.24
N LYS C 517 26.55 8.77 -3.52
CA LYS C 517 26.90 7.45 -3.10
C LYS C 517 26.80 7.49 -1.57
N TRP C 518 25.61 7.18 -1.00
CA TRP C 518 25.50 7.25 0.49
C TRP C 518 26.23 6.10 1.14
N SER C 519 26.60 6.26 2.39
CA SER C 519 27.04 5.16 3.26
C SER C 519 25.93 4.09 3.05
N ILE C 520 26.29 2.82 2.98
CA ILE C 520 25.27 1.79 2.75
C ILE C 520 24.30 1.68 3.94
N LYS C 521 24.76 1.89 5.16
CA LYS C 521 23.86 1.80 6.30
C LYS C 521 22.84 2.91 6.25
N LYS C 522 23.28 4.08 5.81
CA LYS C 522 22.37 5.21 5.73
C LYS C 522 21.41 5.03 4.55
N TRP C 523 21.91 4.50 3.46
CA TRP C 523 21.09 4.40 2.24
C TRP C 523 19.86 3.60 2.52
N LEU C 524 19.98 2.49 3.25
CA LEU C 524 18.81 1.64 3.52
C LEU C 524 17.62 2.40 4.12
N SER C 525 17.92 3.37 4.94
CA SER C 525 16.85 3.97 5.66
C SER C 525 16.48 5.32 5.16
N LEU C 526 16.84 5.69 3.94
CA LEU C 526 16.43 7.04 3.48
C LEU C 526 14.92 7.03 3.44
N PRO C 527 14.34 8.20 3.54
CA PRO C 527 12.88 8.27 3.58
C PRO C 527 12.21 7.50 2.46
N GLY C 528 11.24 6.65 2.82
CA GLY C 528 10.50 5.92 1.83
C GLY C 528 11.21 4.68 1.28
N GLU C 529 12.50 4.48 1.58
CA GLU C 529 13.22 3.31 0.99
C GLU C 529 12.97 2.03 1.71
N THR C 530 12.78 0.96 0.95
CA THR C 530 12.50 -0.33 1.59
C THR C 530 13.24 -1.50 0.94
N ARG C 531 13.97 -1.28 -0.15
CA ARG C 531 14.62 -2.40 -0.87
C ARG C 531 15.86 -3.00 -0.19
N PRO C 532 16.26 -4.24 -0.55
CA PRO C 532 17.48 -4.78 -0.03
C PRO C 532 18.63 -4.02 -0.74
N LEU C 533 19.83 -4.02 -0.15
CA LEU C 533 20.97 -3.38 -0.79
C LEU C 533 22.08 -4.47 -0.89
N ILE C 534 22.58 -4.67 -2.14
CA ILE C 534 23.66 -5.64 -2.41
C ILE C 534 24.55 -4.91 -3.36
N LEU C 535 25.80 -4.57 -2.93
CA LEU C 535 26.66 -3.73 -3.82
C LEU C 535 27.02 -4.47 -5.08
N CYS C 536 26.81 -3.86 -6.24
CA CYS C 536 27.19 -4.58 -7.45
C CYS C 536 28.70 -4.65 -7.57
N GLN C 537 29.45 -3.71 -6.95
CA GLN C 537 30.92 -3.70 -6.98
C GLN C 537 31.37 -3.07 -5.68
N TYR C 538 32.29 -3.72 -4.96
CA TYR C 538 32.79 -3.03 -3.78
C TYR C 538 34.17 -3.57 -3.50
N ALA C 539 34.93 -2.86 -2.68
CA ALA C 539 36.34 -3.21 -2.40
C ALA C 539 37.25 -3.50 -3.59
C ALA C 539 36.90 -2.96 -3.85
N HIS C 540 37.68 -2.41 -4.17
N HIS C 540 38.09 -2.60 -4.00
CA HIS C 540 38.53 -2.40 -5.36
C HIS C 540 39.97 -2.99 -5.18
N ALA C 541 40.18 -4.23 -5.59
CA ALA C 541 41.38 -4.92 -5.20
C ALA C 541 42.57 -4.69 -6.13
N MET C 542 42.84 -3.42 -6.37
CA MET C 542 43.92 -3.07 -7.29
C MET C 542 45.21 -2.97 -6.50
N GLY C 543 46.15 -3.82 -6.86
CA GLY C 543 47.40 -3.68 -6.13
C GLY C 543 47.23 -4.06 -4.69
N ASN C 544 48.03 -3.43 -3.80
CA ASN C 544 48.00 -3.79 -2.37
C ASN C 544 46.76 -3.11 -1.74
N SER C 545 45.69 -3.88 -1.64
CA SER C 545 44.40 -3.24 -1.34
C SER C 545 43.53 -4.13 -0.49
N LEU C 546 42.21 -3.90 -0.48
CA LEU C 546 41.32 -4.60 0.43
C LEU C 546 41.40 -4.07 1.85
N GLY C 547 42.00 -2.88 2.06
CA GLY C 547 42.01 -2.31 3.39
C GLY C 547 40.59 -1.89 3.71
N GLY C 548 40.11 -2.21 4.88
CA GLY C 548 38.73 -1.85 5.22
C GLY C 548 37.72 -2.94 4.86
N PHE C 549 38.17 -4.13 4.33
CA PHE C 549 37.23 -5.20 3.93
C PHE C 549 36.37 -5.63 5.10
N ALA C 550 37.00 -5.81 6.26
CA ALA C 550 36.23 -6.28 7.37
C ALA C 550 35.04 -5.39 7.78
N LYS C 551 35.20 -4.08 7.53
CA LYS C 551 34.16 -3.13 7.92
C LYS C 551 32.85 -3.46 7.12
N TYR C 552 33.01 -3.87 5.85
CA TYR C 552 31.84 -4.23 5.07
C TYR C 552 31.18 -5.45 5.70
N TRP C 553 31.95 -6.50 6.02
CA TRP C 553 31.38 -7.73 6.52
C TRP C 553 30.70 -7.52 7.90
N GLN C 554 31.25 -6.62 8.73
CA GLN C 554 30.60 -6.44 9.99
C GLN C 554 29.24 -5.80 9.74
N ALA C 555 29.18 -4.85 8.79
CA ALA C 555 27.91 -4.22 8.53
C ALA C 555 26.90 -5.18 7.88
N PHE C 556 27.35 -6.02 6.90
CA PHE C 556 26.45 -6.98 6.30
C PHE C 556 25.84 -7.90 7.36
N ARG C 557 26.63 -8.32 8.36
CA ARG C 557 26.08 -9.26 9.33
C ARG C 557 25.18 -8.56 10.31
N GLN C 558 25.40 -7.27 10.57
CA GLN C 558 24.54 -6.62 11.58
C GLN C 558 23.20 -6.17 10.99
N TYR C 559 23.18 -5.77 9.70
CA TYR C 559 21.96 -5.20 9.13
C TYR C 559 21.30 -6.20 8.25
N PRO C 560 20.08 -6.61 8.55
CA PRO C 560 19.42 -7.60 7.75
C PRO C 560 19.42 -7.21 6.24
N ARG C 561 18.98 -5.97 5.95
CA ARG C 561 18.84 -5.54 4.55
C ARG C 561 20.14 -5.29 3.79
N LEU C 562 21.30 -5.30 4.51
CA LEU C 562 22.60 -5.27 3.77
C LEU C 562 22.92 -6.74 3.48
N GLN C 563 22.66 -7.16 2.25
CA GLN C 563 22.75 -8.58 1.89
C GLN C 563 24.00 -8.92 1.11
N GLY C 564 25.00 -8.08 1.26
CA GLY C 564 26.34 -8.39 0.72
C GLY C 564 26.73 -7.64 -0.49
N GLY C 565 27.48 -8.31 -1.35
CA GLY C 565 27.99 -7.59 -2.49
C GLY C 565 28.95 -8.41 -3.33
N PHE C 566 29.36 -7.81 -4.46
CA PHE C 566 30.30 -8.47 -5.38
C PHE C 566 31.60 -7.69 -5.38
N VAL C 567 32.68 -8.33 -4.89
CA VAL C 567 33.97 -7.65 -4.83
C VAL C 567 34.43 -7.27 -6.26
N TRP C 568 35.17 -6.18 -6.41
CA TRP C 568 35.73 -5.81 -7.72
C TRP C 568 37.25 -5.98 -7.66
N ASP C 569 37.83 -6.99 -8.32
CA ASP C 569 37.08 -8.03 -9.05
C ASP C 569 37.93 -9.34 -8.92
N TRP C 570 37.60 -10.38 -9.71
CA TRP C 570 38.24 -11.65 -9.50
C TRP C 570 39.73 -11.68 -9.95
N VAL C 571 40.00 -11.37 -11.23
CA VAL C 571 41.31 -11.62 -11.80
C VAL C 571 41.92 -10.42 -12.52
N ASP C 572 43.19 -10.18 -12.29
CA ASP C 572 43.85 -9.07 -13.00
C ASP C 572 43.78 -9.25 -14.52
N GLN C 573 43.45 -8.22 -15.28
CA GLN C 573 43.47 -8.33 -16.72
C GLN C 573 44.85 -7.95 -17.23
N SER C 574 45.92 -8.63 -16.76
CA SER C 574 47.24 -8.39 -17.33
C SER C 574 47.43 -9.36 -18.49
N LEU C 575 48.27 -8.96 -19.47
CA LEU C 575 48.49 -9.84 -20.63
C LEU C 575 49.97 -10.19 -20.69
N ILE C 576 50.30 -11.37 -21.18
CA ILE C 576 51.72 -11.72 -21.29
C ILE C 576 52.38 -11.18 -22.55
N LYS C 577 53.55 -10.59 -22.36
CA LYS C 577 54.46 -10.16 -23.45
C LYS C 577 55.79 -10.87 -23.20
N TYR C 578 56.64 -10.89 -24.21
CA TYR C 578 57.95 -11.55 -24.11
C TYR C 578 59.10 -10.55 -24.34
N ASP C 579 60.13 -10.57 -23.47
CA ASP C 579 61.24 -9.65 -23.64
C ASP C 579 62.20 -10.13 -24.76
N GLU C 580 63.25 -9.39 -24.95
CA GLU C 580 64.20 -9.70 -25.99
C GLU C 580 64.79 -11.11 -25.79
N ASN C 581 64.84 -11.58 -24.54
CA ASN C 581 65.36 -12.94 -24.32
C ASN C 581 64.25 -14.01 -24.45
N GLY C 582 63.03 -13.59 -24.79
CA GLY C 582 61.97 -14.59 -24.91
C GLY C 582 61.31 -14.85 -23.56
N ASN C 583 61.66 -14.09 -22.55
CA ASN C 583 61.00 -14.42 -21.28
C ASN C 583 59.71 -13.65 -21.08
N PRO C 584 58.72 -14.30 -20.52
CA PRO C 584 57.42 -13.62 -20.39
C PRO C 584 57.39 -12.58 -19.31
N TRP C 585 56.56 -11.57 -19.53
CA TRP C 585 56.33 -10.58 -18.44
C TRP C 585 54.86 -10.05 -18.51
N SER C 586 54.27 -9.63 -17.32
CA SER C 586 52.90 -9.13 -17.27
C SER C 586 52.80 -7.65 -17.62
N ALA C 587 51.94 -7.40 -18.60
CA ALA C 587 51.76 -6.07 -19.19
C ALA C 587 50.39 -5.53 -18.92
N TYR C 588 50.35 -4.22 -18.91
CA TYR C 588 49.10 -3.55 -18.68
C TYR C 588 48.87 -2.44 -19.70
N GLY C 589 47.90 -1.51 -19.42
CA GLY C 589 47.56 -0.48 -20.41
C GLY C 589 48.80 0.30 -20.89
N GLY C 590 48.84 0.53 -22.25
CA GLY C 590 49.92 1.29 -22.86
C GLY C 590 51.07 0.39 -23.28
N ASP C 591 51.16 -0.84 -22.75
CA ASP C 591 52.27 -1.75 -23.08
C ASP C 591 52.24 -2.28 -24.51
N PHE C 592 51.16 -2.05 -25.25
CA PHE C 592 51.10 -2.50 -26.63
C PHE C 592 51.14 -1.30 -27.55
N GLY C 593 51.52 -0.10 -27.07
CA GLY C 593 51.52 1.08 -27.98
C GLY C 593 50.13 1.72 -27.97
N ASP C 594 49.20 1.11 -27.18
CA ASP C 594 47.86 1.61 -27.15
C ASP C 594 47.79 2.97 -26.43
N THR C 595 47.12 3.95 -27.08
CA THR C 595 47.01 5.22 -26.48
C THR C 595 45.86 5.99 -27.09
N PRO C 596 45.07 6.71 -26.25
CA PRO C 596 45.20 6.78 -24.79
C PRO C 596 44.98 5.41 -24.17
N ASN C 597 45.43 5.27 -22.93
CA ASN C 597 45.24 4.05 -22.17
C ASN C 597 45.10 4.39 -20.71
N ASP C 598 44.61 3.49 -19.92
CA ASP C 598 44.44 3.70 -18.50
C ASP C 598 45.38 2.83 -17.67
N ARG C 599 46.54 2.55 -18.24
CA ARG C 599 47.64 1.97 -17.49
C ARG C 599 47.29 0.81 -16.63
N GLN C 600 47.66 0.82 -15.30
CA GLN C 600 47.41 -0.35 -14.49
C GLN C 600 45.95 -0.52 -13.98
N PHE C 601 45.04 0.35 -14.38
CA PHE C 601 43.66 0.19 -13.91
C PHE C 601 42.96 -1.10 -14.39
N CYS C 602 43.61 -1.83 -15.33
CA CYS C 602 43.01 -3.07 -15.77
C CYS C 602 43.34 -4.24 -14.80
N MET C 603 44.16 -3.94 -13.74
CA MET C 603 44.53 -5.04 -12.82
C MET C 603 43.90 -4.75 -11.48
N ASN C 604 42.76 -5.40 -11.21
CA ASN C 604 42.07 -5.07 -9.95
C ASN C 604 41.69 -6.36 -9.26
N GLY C 605 42.32 -7.50 -9.54
CA GLY C 605 41.76 -8.74 -9.04
C GLY C 605 42.32 -9.23 -7.72
N LEU C 606 41.55 -10.16 -7.15
CA LEU C 606 41.99 -10.87 -5.93
C LEU C 606 43.07 -11.89 -6.35
N VAL C 607 43.09 -12.24 -7.67
CA VAL C 607 44.13 -13.16 -8.12
C VAL C 607 44.84 -12.57 -9.32
N PHE C 608 46.10 -12.99 -9.47
CA PHE C 608 46.90 -12.60 -10.62
C PHE C 608 46.29 -13.31 -11.84
N ALA C 609 46.65 -12.80 -13.06
CA ALA C 609 46.09 -13.38 -14.25
C ALA C 609 46.31 -14.89 -14.36
N ASP C 610 47.41 -15.41 -13.81
CA ASP C 610 47.62 -16.86 -13.87
C ASP C 610 46.91 -17.61 -12.73
N ARG C 611 46.08 -16.86 -11.99
CA ARG C 611 45.34 -17.50 -10.92
C ARG C 611 46.07 -17.68 -9.59
N THR C 612 47.32 -17.26 -9.53
CA THR C 612 48.04 -17.22 -8.25
C THR C 612 47.31 -16.17 -7.35
N PRO C 613 47.01 -16.47 -6.09
CA PRO C 613 46.33 -15.43 -5.28
C PRO C 613 47.18 -14.25 -4.90
N HIS C 614 46.55 -13.08 -4.83
CA HIS C 614 47.18 -12.00 -4.20
C HIS C 614 46.88 -12.23 -2.69
N PRO C 615 47.61 -11.53 -1.78
CA PRO C 615 47.37 -11.73 -0.33
C PRO C 615 45.93 -11.32 0.08
N ALA C 616 45.30 -10.39 -0.66
CA ALA C 616 43.96 -9.96 -0.27
C ALA C 616 42.96 -11.11 -0.34
N LEU C 617 43.22 -12.18 -1.14
CA LEU C 617 42.24 -13.26 -1.23
C LEU C 617 42.01 -13.88 0.15
N THR C 618 43.06 -14.10 0.98
CA THR C 618 42.87 -14.69 2.29
C THR C 618 42.00 -13.83 3.19
N GLU C 619 42.13 -12.50 3.04
CA GLU C 619 41.28 -11.59 3.84
C GLU C 619 39.82 -11.80 3.46
N ALA C 620 39.55 -11.91 2.15
CA ALA C 620 38.15 -12.18 1.70
C ALA C 620 37.67 -13.53 2.22
N LYS C 621 38.53 -14.56 2.14
CA LYS C 621 38.11 -15.89 2.63
C LYS C 621 37.69 -15.82 4.11
N HIS C 622 38.51 -15.16 4.93
CA HIS C 622 38.18 -15.11 6.35
C HIS C 622 36.94 -14.36 6.65
N GLN C 623 36.83 -13.22 6.03
CA GLN C 623 35.64 -12.40 6.36
C GLN C 623 34.35 -13.02 5.85
N GLN C 624 34.47 -13.82 4.77
CA GLN C 624 33.31 -14.47 4.17
C GLN C 624 33.06 -15.86 4.80
N GLN C 625 33.72 -16.19 5.91
CA GLN C 625 33.47 -17.52 6.57
C GLN C 625 32.00 -17.71 6.84
N PHE C 626 31.59 -19.03 6.89
CA PHE C 626 30.18 -19.40 7.16
C PHE C 626 29.93 -19.84 8.58
N PHE C 627 30.97 -19.80 9.39
CA PHE C 627 30.84 -20.08 10.79
C PHE C 627 31.39 -18.89 11.58
N GLN C 628 30.65 -18.41 12.62
CA GLN C 628 31.06 -17.30 13.49
C GLN C 628 31.28 -17.88 14.86
N PHE C 629 32.17 -17.24 15.60
CA PHE C 629 32.59 -17.82 16.89
C PHE C 629 32.59 -16.83 18.00
N ARG C 630 32.29 -17.32 19.20
CA ARG C 630 32.43 -16.48 20.39
C ARG C 630 33.07 -17.38 21.46
N LEU C 631 33.84 -16.72 22.36
CA LEU C 631 34.52 -17.45 23.45
C LEU C 631 34.07 -16.85 24.79
N SER C 632 33.75 -17.71 25.74
CA SER C 632 33.39 -17.27 27.10
C SER C 632 33.93 -18.31 28.03
N GLY C 633 35.08 -17.96 28.58
CA GLY C 633 35.77 -18.93 29.39
C GLY C 633 36.48 -19.95 28.52
N GLN C 634 36.08 -21.19 28.77
CA GLN C 634 36.49 -22.40 28.12
C GLN C 634 35.44 -22.82 27.10
N THR C 635 34.46 -21.93 26.91
CA THR C 635 33.39 -22.25 26.01
C THR C 635 33.46 -21.46 24.70
N ILE C 636 33.61 -22.27 23.62
CA ILE C 636 33.53 -21.77 22.26
C ILE C 636 32.10 -21.93 21.71
N GLU C 637 31.50 -20.87 21.27
CA GLU C 637 30.19 -20.99 20.70
C GLU C 637 30.40 -20.80 19.20
N VAL C 638 29.89 -21.79 18.45
CA VAL C 638 29.98 -21.83 16.98
C VAL C 638 28.57 -21.60 16.43
N THR C 639 28.43 -20.60 15.58
CA THR C 639 27.14 -20.33 15.01
C THR C 639 27.28 -20.55 13.52
N SER C 640 26.31 -21.24 12.92
CA SER C 640 26.36 -21.47 11.47
C SER C 640 25.61 -20.37 10.73
N GLU C 641 26.22 -19.91 9.64
CA GLU C 641 25.55 -18.94 8.77
C GLU C 641 24.98 -19.63 7.53
N TYR C 642 25.10 -20.98 7.45
CA TYR C 642 24.47 -21.69 6.33
C TYR C 642 22.95 -21.58 6.53
N LEU C 643 22.22 -21.55 5.40
CA LEU C 643 20.80 -21.41 5.47
C LEU C 643 20.14 -22.75 5.35
N PHE C 644 20.82 -23.66 4.63
CA PHE C 644 20.18 -24.92 4.27
C PHE C 644 20.89 -26.17 4.76
N ARG C 645 22.20 -26.19 4.79
CA ARG C 645 22.82 -27.43 5.22
C ARG C 645 23.23 -27.51 6.69
N HIS C 646 23.38 -28.76 7.23
CA HIS C 646 23.94 -28.93 8.57
C HIS C 646 25.42 -29.08 8.34
N SER C 647 26.24 -28.94 9.36
CA SER C 647 27.67 -29.02 9.21
C SER C 647 28.13 -30.46 9.12
N ASP C 648 27.78 -31.09 8.03
CA ASP C 648 28.06 -32.49 7.93
C ASP C 648 29.32 -32.90 7.25
N ASN C 649 30.27 -31.96 7.17
CA ASN C 649 31.56 -32.26 6.62
C ASN C 649 32.50 -31.25 7.32
N GLU C 650 32.42 -31.28 8.62
CA GLU C 650 33.19 -30.30 9.37
C GLU C 650 33.56 -30.80 10.79
N LEU C 651 34.78 -30.45 11.23
CA LEU C 651 35.09 -30.69 12.63
C LEU C 651 35.85 -29.48 13.04
N LEU C 652 35.91 -29.23 14.34
CA LEU C 652 36.68 -28.08 14.84
C LEU C 652 37.99 -28.52 15.48
N HIS C 653 39.08 -27.98 14.97
CA HIS C 653 40.43 -28.22 15.48
C HIS C 653 40.80 -27.00 16.34
N TRP C 654 41.29 -27.20 17.56
CA TRP C 654 41.67 -26.10 18.43
C TRP C 654 43.09 -26.34 18.91
N MET C 655 43.76 -25.23 19.04
CA MET C 655 45.18 -25.27 19.45
C MET C 655 45.47 -24.09 20.37
N VAL C 656 46.16 -24.33 21.49
CA VAL C 656 46.56 -23.25 22.39
C VAL C 656 48.10 -23.24 22.42
N ALA C 657 48.68 -22.09 22.22
CA ALA C 657 50.10 -22.01 22.16
C ALA C 657 50.56 -20.79 22.98
N LEU C 658 51.74 -20.90 23.61
CA LEU C 658 52.32 -19.83 24.41
C LEU C 658 53.38 -19.18 23.59
N ASP C 659 53.16 -17.89 23.25
CA ASP C 659 54.16 -17.28 22.36
C ASP C 659 54.61 -18.20 21.21
N GLY C 660 53.67 -18.82 20.48
CA GLY C 660 54.06 -19.70 19.37
C GLY C 660 54.44 -21.13 19.75
N LYS C 661 54.59 -21.38 21.04
CA LYS C 661 54.97 -22.74 21.51
C LYS C 661 53.75 -23.52 21.84
N PRO C 662 53.54 -24.59 21.15
CA PRO C 662 52.32 -25.39 21.32
C PRO C 662 52.20 -26.03 22.66
N LEU C 663 51.07 -25.84 23.27
CA LEU C 663 50.77 -26.33 24.60
C LEU C 663 49.75 -27.43 24.56
N ALA C 664 48.69 -27.29 23.78
CA ALA C 664 47.67 -28.36 23.73
C ALA C 664 46.82 -28.12 22.52
N SER C 665 46.13 -29.16 22.13
CA SER C 665 45.22 -29.08 21.01
C SER C 665 44.26 -30.25 21.01
N GLY C 666 43.25 -30.14 20.19
CA GLY C 666 42.23 -31.16 20.09
C GLY C 666 41.33 -30.97 18.87
N GLU C 667 40.40 -31.87 18.77
CA GLU C 667 39.41 -31.87 17.74
C GLU C 667 38.04 -32.19 18.34
N VAL C 668 37.02 -31.60 17.80
CA VAL C 668 35.69 -31.83 18.25
C VAL C 668 34.78 -31.85 17.04
N PRO C 669 33.92 -32.82 16.94
CA PRO C 669 33.00 -32.91 15.78
C PRO C 669 32.06 -31.71 15.79
N LEU C 670 31.71 -31.13 14.62
CA LEU C 670 30.79 -30.02 14.62
C LEU C 670 29.48 -30.50 14.13
N ASP C 671 28.40 -30.23 14.88
CA ASP C 671 27.15 -30.69 14.38
C ASP C 671 26.18 -29.54 14.55
N VAL C 672 26.19 -28.60 13.60
CA VAL C 672 25.41 -27.37 13.75
C VAL C 672 24.36 -27.23 12.66
N ALA C 673 23.14 -27.04 13.08
CA ALA C 673 22.16 -26.91 12.05
C ALA C 673 22.33 -25.54 11.38
N PRO C 674 21.68 -25.34 10.19
CA PRO C 674 21.74 -24.01 9.53
C PRO C 674 21.15 -22.97 10.47
N GLN C 675 21.90 -21.89 10.70
CA GLN C 675 21.48 -20.84 11.58
C GLN C 675 21.54 -21.24 13.02
N GLY C 676 22.00 -22.40 13.38
CA GLY C 676 22.00 -22.80 14.79
C GLY C 676 23.36 -22.55 15.47
N LYS C 677 23.47 -22.98 16.71
CA LYS C 677 24.72 -22.80 17.48
C LYS C 677 25.14 -24.10 18.09
N GLN C 678 26.41 -24.23 18.43
CA GLN C 678 26.90 -25.42 19.12
C GLN C 678 27.79 -24.88 20.19
N LEU C 679 27.72 -25.40 21.41
CA LEU C 679 28.59 -24.98 22.52
C LEU C 679 29.68 -26.04 22.72
N ILE C 680 30.96 -25.65 22.74
CA ILE C 680 32.04 -26.65 22.88
C ILE C 680 32.83 -26.34 24.07
N GLU C 681 32.98 -27.30 24.95
CA GLU C 681 33.72 -26.90 26.10
C GLU C 681 35.15 -27.32 26.07
N LEU C 682 36.04 -26.42 26.19
CA LEU C 682 37.38 -26.93 26.14
C LEU C 682 37.74 -27.45 27.49
N PRO C 683 38.69 -28.36 27.45
CA PRO C 683 39.28 -29.00 28.62
C PRO C 683 40.18 -28.02 29.35
N GLU C 684 40.36 -28.26 30.66
CA GLU C 684 41.22 -27.44 31.47
C GLU C 684 42.60 -27.52 30.89
N LEU C 685 43.28 -26.39 30.93
CA LEU C 685 44.67 -26.36 30.53
C LEU C 685 45.56 -26.07 31.74
N PRO C 686 46.50 -26.99 31.91
CA PRO C 686 47.48 -26.86 32.97
C PRO C 686 48.22 -25.55 32.75
N GLN C 687 48.41 -24.76 33.82
CA GLN C 687 49.07 -23.48 33.68
C GLN C 687 50.41 -23.63 33.01
N PRO C 688 50.66 -22.76 32.01
CA PRO C 688 51.88 -22.83 31.26
C PRO C 688 53.08 -22.58 32.15
N GLU C 689 54.22 -23.16 31.76
CA GLU C 689 55.49 -23.03 32.47
C GLU C 689 55.97 -21.55 32.68
N SER C 690 56.36 -20.97 31.56
CA SER C 690 56.93 -19.63 31.43
C SER C 690 55.95 -18.46 31.37
N ALA C 691 56.50 -17.27 31.43
CA ALA C 691 55.74 -16.10 31.15
C ALA C 691 55.40 -16.00 29.62
N GLY C 692 54.37 -15.17 29.33
CA GLY C 692 54.01 -14.91 27.95
C GLY C 692 52.47 -14.88 27.77
N GLN C 693 52.10 -14.78 26.50
CA GLN C 693 50.68 -14.74 26.09
C GLN C 693 50.27 -16.07 25.49
N LEU C 694 49.17 -16.61 26.08
CA LEU C 694 48.57 -17.81 25.55
C LEU C 694 47.61 -17.38 24.46
N TRP C 695 47.61 -18.05 23.33
CA TRP C 695 46.68 -17.79 22.22
C TRP C 695 45.93 -19.05 21.86
N LEU C 696 44.63 -18.87 21.59
CA LEU C 696 43.76 -19.98 21.14
C LEU C 696 43.44 -19.74 19.68
N THR C 697 43.69 -20.75 18.84
CA THR C 697 43.34 -20.70 17.40
C THR C 697 42.41 -21.84 17.12
N VAL C 698 41.30 -21.58 16.46
CA VAL C 698 40.38 -22.67 16.10
C VAL C 698 40.25 -22.65 14.60
N ARG C 699 40.09 -23.83 14.02
CA ARG C 699 39.89 -23.92 12.61
C ARG C 699 38.76 -24.89 12.33
N VAL C 700 37.96 -24.61 11.27
CA VAL C 700 36.97 -25.59 10.85
C VAL C 700 37.62 -26.34 9.69
N VAL C 701 37.67 -27.65 9.81
CA VAL C 701 38.32 -28.47 8.80
C VAL C 701 37.28 -29.38 8.18
N GLN C 702 37.32 -29.54 6.83
CA GLN C 702 36.40 -30.50 6.20
C GLN C 702 37.13 -31.85 5.98
N PRO C 703 36.78 -32.91 6.69
CA PRO C 703 37.56 -34.12 6.56
C PRO C 703 37.38 -34.81 5.25
N ASN C 704 36.25 -34.67 4.63
CA ASN C 704 36.08 -35.37 3.37
C ASN C 704 36.11 -34.44 2.18
N ALA C 705 36.65 -34.96 1.08
CA ALA C 705 36.71 -34.22 -0.19
C ALA C 705 35.27 -33.98 -0.66
N THR C 706 35.14 -32.87 -1.47
CA THR C 706 33.87 -32.49 -2.08
C THR C 706 34.08 -32.28 -3.54
N ALA C 707 33.05 -31.92 -4.27
CA ALA C 707 33.38 -31.70 -5.65
C ALA C 707 34.27 -30.48 -5.78
N TRP C 708 34.33 -29.61 -4.76
CA TRP C 708 35.10 -28.38 -4.97
C TRP C 708 36.30 -28.22 -4.06
N SER C 709 36.52 -29.25 -3.19
CA SER C 709 37.65 -29.07 -2.23
C SER C 709 38.32 -30.46 -1.90
N GLU C 710 39.57 -30.44 -1.40
CA GLU C 710 40.28 -31.66 -1.02
C GLU C 710 39.98 -31.99 0.40
N ALA C 711 40.16 -33.26 0.81
CA ALA C 711 39.94 -33.60 2.20
C ALA C 711 40.92 -32.76 2.99
N GLY C 712 40.53 -32.30 4.19
CA GLY C 712 41.44 -31.48 4.95
C GLY C 712 41.30 -29.97 4.73
N HIS C 713 40.48 -29.54 3.79
CA HIS C 713 40.33 -28.11 3.49
C HIS C 713 39.90 -27.39 4.75
N ILE C 714 40.51 -26.21 5.00
CA ILE C 714 40.17 -25.37 6.13
C ILE C 714 39.22 -24.28 5.60
N SER C 715 38.01 -24.19 6.18
CA SER C 715 37.02 -23.26 5.70
C SER C 715 36.84 -22.05 6.58
N ALA C 716 37.37 -22.07 7.82
CA ALA C 716 37.12 -20.94 8.69
C ALA C 716 38.12 -21.02 9.83
N TRP C 717 38.48 -19.87 10.42
CA TRP C 717 39.41 -19.87 11.61
C TRP C 717 39.14 -18.64 12.44
N GLN C 718 39.65 -18.60 13.64
CA GLN C 718 39.59 -17.40 14.51
C GLN C 718 40.51 -17.66 15.68
N GLN C 719 40.99 -16.57 16.21
CA GLN C 719 41.90 -16.67 17.38
C GLN C 719 41.43 -15.75 18.49
N TRP C 720 41.92 -16.04 19.68
CA TRP C 720 41.67 -15.17 20.81
C TRP C 720 42.91 -15.19 21.73
N ARG C 721 43.12 -14.12 22.43
CA ARG C 721 44.13 -14.18 23.41
C ARG C 721 43.51 -14.85 24.63
N LEU C 722 44.25 -15.79 25.27
CA LEU C 722 43.81 -16.39 26.53
C LEU C 722 44.57 -15.69 27.69
N ALA C 723 44.95 -16.42 28.76
CA ALA C 723 45.67 -15.76 29.83
C ALA C 723 47.05 -15.27 29.38
N GLU C 724 47.52 -14.15 29.98
CA GLU C 724 48.84 -13.58 29.74
C GLU C 724 49.53 -13.54 31.10
N ASN C 725 50.81 -13.96 31.22
CA ASN C 725 51.54 -13.85 32.48
C ASN C 725 52.69 -13.01 32.13
N LEU C 726 52.63 -11.76 32.56
CA LEU C 726 53.67 -10.80 32.22
C LEU C 726 54.99 -11.19 32.93
N SER C 727 56.05 -11.03 32.21
CA SER C 727 57.37 -11.37 32.73
C SER C 727 57.82 -10.37 33.76
N VAL C 728 58.10 -10.88 34.98
CA VAL C 728 58.54 -10.00 36.12
C VAL C 728 59.94 -10.40 36.57
N THR C 729 60.57 -11.27 35.85
CA THR C 729 61.88 -11.60 36.31
C THR C 729 62.96 -10.84 35.61
N LEU C 730 63.76 -10.35 36.50
CA LEU C 730 64.99 -9.64 36.31
C LEU C 730 65.99 -10.61 35.64
N PRO C 731 66.65 -10.07 34.66
CA PRO C 731 67.63 -10.82 33.89
C PRO C 731 68.94 -11.14 34.61
N ALA C 732 69.57 -12.23 34.14
CA ALA C 732 70.87 -12.64 34.64
C ALA C 732 71.80 -11.50 34.28
N ALA C 733 72.35 -10.89 35.33
CA ALA C 733 73.23 -9.74 35.23
C ALA C 733 74.55 -9.97 34.48
N SER C 734 74.71 -9.12 33.45
CA SER C 734 75.81 -9.03 32.49
C SER C 734 77.17 -9.50 33.00
N HIS C 735 77.82 -10.39 32.25
CA HIS C 735 79.13 -10.83 32.70
C HIS C 735 80.18 -9.77 32.36
N ALA C 736 79.80 -8.78 31.50
CA ALA C 736 80.71 -7.71 31.07
C ALA C 736 80.09 -6.31 30.93
N ILE C 737 80.92 -5.32 30.70
CA ILE C 737 80.33 -4.03 30.49
C ILE C 737 80.88 -3.43 29.21
N PRO C 738 80.05 -2.85 28.34
CA PRO C 738 80.57 -2.38 27.07
C PRO C 738 81.47 -1.18 27.25
N HIS C 739 82.35 -1.02 26.25
CA HIS C 739 83.28 0.10 26.23
C HIS C 739 83.03 1.16 25.11
N LEU C 740 82.96 2.40 25.55
CA LEU C 740 82.80 3.52 24.62
C LEU C 740 84.13 4.11 24.26
N THR C 741 84.27 4.38 23.00
CA THR C 741 85.38 5.14 22.48
C THR C 741 84.81 6.36 21.76
N THR C 742 85.25 7.53 22.17
CA THR C 742 84.77 8.79 21.62
C THR C 742 85.81 9.38 20.73
N SER C 743 85.40 9.83 19.61
CA SER C 743 86.32 10.41 18.70
C SER C 743 85.57 11.60 18.11
N GLU C 744 86.28 12.47 17.42
CA GLU C 744 85.63 13.63 16.85
C GLU C 744 84.50 13.17 15.96
N MET C 745 84.77 12.18 15.10
CA MET C 745 83.82 11.63 14.12
C MET C 745 82.80 10.63 14.60
N ASP C 746 83.22 9.78 15.55
CA ASP C 746 82.30 8.74 15.92
C ASP C 746 82.27 8.43 17.37
N PHE C 747 81.19 7.77 17.76
CA PHE C 747 81.05 7.19 19.07
C PHE C 747 81.05 5.69 18.77
N CYS C 748 82.05 4.93 19.27
CA CYS C 748 82.05 3.49 19.07
C CYS C 748 81.88 2.75 20.37
N ILE C 749 81.17 1.60 20.26
CA ILE C 749 80.88 0.77 21.38
C ILE C 749 81.37 -0.60 21.05
N GLU C 750 82.11 -1.16 22.03
CA GLU C 750 82.71 -2.51 21.88
C GLU C 750 82.28 -3.42 23.04
N LEU C 751 81.97 -4.65 22.70
CA LEU C 751 81.52 -5.64 23.66
C LEU C 751 81.84 -6.93 23.01
N GLY C 752 82.86 -7.55 23.57
CA GLY C 752 83.35 -8.77 23.05
C GLY C 752 83.63 -8.70 21.58
N ASN C 753 82.85 -9.55 20.87
CA ASN C 753 82.92 -9.72 19.44
C ASN C 753 82.05 -8.66 18.79
N LYS C 754 81.46 -7.79 19.54
CA LYS C 754 80.65 -6.90 18.75
C LYS C 754 81.13 -5.48 18.81
N ARG C 755 80.72 -4.69 17.84
CA ARG C 755 81.09 -3.31 17.85
C ARG C 755 79.99 -2.51 17.20
N TRP C 756 79.63 -1.39 17.76
CA TRP C 756 78.62 -0.55 17.12
C TRP C 756 79.26 0.82 16.81
N GLN C 757 79.10 1.36 15.59
CA GLN C 757 79.61 2.69 15.27
C GLN C 757 78.54 3.75 14.97
N PHE C 758 78.50 4.79 15.76
CA PHE C 758 77.56 5.88 15.56
C PHE C 758 78.25 7.09 14.94
N ASN C 759 77.84 7.51 13.74
CA ASN C 759 78.46 8.68 13.06
C ASN C 759 78.08 9.99 13.72
N ARG C 760 79.07 10.79 14.20
CA ARG C 760 78.69 11.97 14.97
C ARG C 760 78.17 13.11 14.13
N GLN C 761 78.50 13.04 12.87
CA GLN C 761 78.04 14.11 12.01
C GLN C 761 76.62 13.81 11.52
N SER C 762 76.30 12.52 11.23
CA SER C 762 74.91 12.16 10.79
C SER C 762 73.98 11.85 11.98
N GLY C 763 74.49 11.34 13.07
CA GLY C 763 73.68 11.03 14.23
C GLY C 763 73.01 9.66 14.10
N PHE C 764 73.47 8.86 13.14
CA PHE C 764 72.94 7.50 12.95
C PHE C 764 73.99 6.41 13.20
N LEU C 765 73.44 5.23 13.46
CA LEU C 765 74.21 3.99 13.58
C LEU C 765 74.66 3.65 12.21
N SER C 766 75.94 3.95 11.90
CA SER C 766 76.36 3.73 10.51
C SER C 766 77.00 2.39 10.21
N GLN C 767 77.40 1.63 11.28
CA GLN C 767 78.01 0.33 10.99
C GLN C 767 77.97 -0.56 12.22
N MET C 768 77.87 -1.87 12.03
CA MET C 768 77.95 -2.86 13.11
C MET C 768 78.77 -4.00 12.66
N TRP C 769 79.52 -4.57 13.60
CA TRP C 769 80.36 -5.69 13.20
C TRP C 769 80.17 -6.83 14.17
N ILE C 770 80.16 -8.04 13.65
CA ILE C 770 80.19 -9.30 14.40
C ILE C 770 81.49 -9.98 13.92
N GLY C 771 82.45 -10.08 14.81
CA GLY C 771 83.73 -10.57 14.41
C GLY C 771 84.30 -9.54 13.48
N ASP C 772 84.83 -9.97 12.40
CA ASP C 772 85.34 -9.00 11.46
C ASP C 772 84.29 -8.68 10.37
N LYS C 773 83.06 -9.16 10.47
CA LYS C 773 82.09 -8.92 9.40
C LYS C 773 81.21 -7.68 9.62
N LYS C 774 81.24 -6.74 8.65
CA LYS C 774 80.38 -5.52 8.71
C LYS C 774 78.96 -5.98 8.53
N GLN C 775 77.98 -5.38 9.24
CA GLN C 775 76.63 -5.91 9.11
C GLN C 775 75.68 -5.03 8.29
N LEU C 776 76.14 -3.80 8.06
CA LEU C 776 75.29 -2.84 7.32
C LEU C 776 75.89 -2.36 5.99
N LEU C 777 75.00 -2.19 4.98
CA LEU C 777 75.37 -1.55 3.71
C LEU C 777 74.91 -0.11 3.71
N THR C 778 73.82 0.21 4.42
CA THR C 778 73.43 1.60 4.58
C THR C 778 73.08 1.75 6.06
N PRO C 779 73.32 2.88 6.62
CA PRO C 779 73.06 3.16 8.01
C PRO C 779 71.57 2.98 8.32
N LEU C 780 71.31 2.85 9.64
CA LEU C 780 69.96 2.70 10.21
C LEU C 780 69.37 4.08 10.35
N ARG C 781 68.29 4.39 9.54
CA ARG C 781 67.74 5.73 9.62
C ARG C 781 66.23 5.77 9.75
N ASP C 782 65.71 6.88 10.24
CA ASP C 782 64.26 7.03 10.29
C ASP C 782 63.66 7.01 8.88
N GLN C 783 62.39 6.47 8.77
CA GLN C 783 61.71 6.43 7.48
C GLN C 783 60.27 6.80 7.72
N PHE C 784 59.75 7.80 6.92
CA PHE C 784 58.38 8.29 7.12
C PHE C 784 57.53 8.13 5.85
N THR C 785 58.12 7.52 4.80
CA THR C 785 57.44 7.36 3.51
C THR C 785 57.39 5.89 3.07
N ARG C 786 56.51 5.63 2.08
CA ARG C 786 56.47 4.32 1.48
C ARG C 786 56.44 4.45 -0.01
N ALA C 787 56.89 3.42 -0.68
CA ALA C 787 56.77 3.41 -2.14
C ALA C 787 55.22 3.33 -2.34
N PRO C 788 54.66 4.30 -2.99
CA PRO C 788 53.20 4.47 -3.03
C PRO C 788 52.44 3.30 -3.64
N LEU C 789 51.37 2.95 -2.95
CA LEU C 789 50.50 1.90 -3.47
C LEU C 789 49.60 2.49 -4.59
N ASP C 790 48.94 1.58 -5.34
CA ASP C 790 47.97 2.06 -6.34
C ASP C 790 46.93 2.92 -5.67
N ASN C 791 46.51 2.56 -4.47
CA ASN C 791 45.53 3.38 -3.75
C ASN C 791 46.12 4.76 -3.28
N ASP C 792 47.45 4.88 -3.05
CA ASP C 792 48.02 6.16 -2.65
C ASP C 792 48.06 7.05 -3.88
N ILE C 793 48.21 6.47 -5.05
CA ILE C 793 48.40 7.24 -6.31
C ILE C 793 47.03 7.59 -6.95
N GLY C 794 46.05 6.64 -6.93
CA GLY C 794 44.72 6.96 -7.48
C GLY C 794 44.91 7.27 -8.97
N VAL C 795 44.21 8.33 -9.44
CA VAL C 795 44.27 8.68 -10.83
C VAL C 795 45.37 9.66 -11.08
N SER C 796 46.13 10.03 -10.09
CA SER C 796 47.21 10.99 -10.36
C SER C 796 48.24 10.45 -11.39
N GLU C 797 48.70 11.40 -12.20
CA GLU C 797 49.69 11.10 -13.23
C GLU C 797 50.53 12.34 -13.47
N ALA C 798 51.77 12.12 -13.91
CA ALA C 798 52.73 13.21 -14.21
C ALA C 798 52.13 14.38 -14.97
N THR C 799 51.36 14.06 -16.01
CA THR C 799 50.72 15.07 -16.84
C THR C 799 49.41 15.56 -16.30
N ARG C 800 49.01 15.00 -15.22
CA ARG C 800 47.74 15.41 -14.73
C ARG C 800 47.66 14.98 -13.26
N ILE C 801 48.24 15.81 -12.46
CA ILE C 801 48.36 15.53 -11.05
C ILE C 801 47.04 15.67 -10.36
N ASP C 802 46.76 14.78 -9.41
CA ASP C 802 45.55 14.90 -8.60
C ASP C 802 46.05 15.30 -7.21
N PRO C 803 45.98 16.55 -6.93
CA PRO C 803 46.54 17.02 -5.69
C PRO C 803 45.91 16.46 -4.46
N ASN C 804 44.76 15.81 -4.62
CA ASN C 804 44.12 15.24 -3.47
C ASN C 804 44.65 13.84 -3.13
N ALA C 805 45.29 13.16 -4.05
CA ALA C 805 45.77 11.83 -3.82
C ALA C 805 46.81 11.79 -2.71
N TRP C 806 46.86 10.74 -1.90
CA TRP C 806 47.85 10.75 -0.83
C TRP C 806 49.26 10.97 -1.37
N VAL C 807 49.61 10.32 -2.47
CA VAL C 807 50.98 10.47 -2.93
C VAL C 807 51.34 11.92 -3.22
N GLU C 808 50.37 12.65 -3.74
CA GLU C 808 50.61 14.05 -4.11
C GLU C 808 50.68 14.92 -2.88
N ARG C 809 49.87 14.61 -1.85
CA ARG C 809 49.96 15.41 -0.66
C ARG C 809 51.35 15.17 -0.03
N TRP C 810 51.80 13.93 0.05
CA TRP C 810 53.12 13.67 0.62
C TRP C 810 54.22 14.40 -0.21
N LYS C 811 54.12 14.29 -1.53
CA LYS C 811 55.14 14.86 -2.37
C LYS C 811 55.17 16.35 -2.14
N ALA C 812 53.96 16.96 -2.20
CA ALA C 812 53.93 18.40 -2.10
C ALA C 812 54.45 18.88 -0.76
N ALA C 813 54.28 18.07 0.29
CA ALA C 813 54.72 18.49 1.62
C ALA C 813 56.19 18.28 1.76
N GLY C 814 56.84 17.59 0.84
CA GLY C 814 58.27 17.40 0.92
C GLY C 814 58.66 16.12 1.62
N HIS C 815 57.65 15.26 1.92
CA HIS C 815 57.99 14.04 2.67
C HIS C 815 59.08 13.20 2.01
N TYR C 816 59.03 13.11 0.65
CA TYR C 816 59.98 12.27 -0.07
C TYR C 816 61.33 12.96 -0.20
N GLN C 817 61.32 14.28 -0.14
CA GLN C 817 62.60 14.98 -0.25
C GLN C 817 63.30 15.45 1.04
N ALA C 818 62.60 15.48 2.15
CA ALA C 818 63.13 16.00 3.40
C ALA C 818 64.47 15.42 3.82
N GLU C 819 65.34 16.31 4.31
CA GLU C 819 66.67 15.97 4.79
C GLU C 819 66.72 16.04 6.34
N ALA C 820 67.36 15.00 6.93
CA ALA C 820 67.56 14.91 8.40
C ALA C 820 68.57 15.90 8.85
N ALA C 821 68.21 16.72 9.82
CA ALA C 821 69.10 17.71 10.35
C ALA C 821 69.39 17.24 11.73
N LEU C 822 70.69 17.16 12.05
CA LEU C 822 71.07 16.67 13.35
C LEU C 822 70.95 17.76 14.34
N LEU C 823 70.23 17.45 15.40
CA LEU C 823 70.02 18.41 16.47
C LEU C 823 70.90 18.04 17.63
N GLN C 824 71.17 16.74 17.84
CA GLN C 824 71.95 16.37 19.00
C GLN C 824 72.37 14.97 18.92
N CYS C 825 73.55 14.68 19.40
CA CYS C 825 74.09 13.37 19.43
C CYS C 825 75.03 13.29 20.65
N THR C 826 74.71 12.61 21.71
CA THR C 826 75.60 12.57 22.87
C THR C 826 75.81 11.14 23.33
N ALA C 827 76.86 10.93 24.11
CA ALA C 827 77.14 9.56 24.62
C ALA C 827 77.37 9.61 26.11
N ASP C 828 76.78 8.67 26.83
CA ASP C 828 76.94 8.60 28.29
C ASP C 828 77.26 7.19 28.71
N THR C 829 78.03 7.01 29.79
CA THR C 829 78.25 5.66 30.25
C THR C 829 77.42 5.43 31.48
N LEU C 830 76.81 4.25 31.56
CA LEU C 830 76.01 3.91 32.75
C LEU C 830 76.74 2.79 33.45
N ALA C 831 76.18 2.35 34.58
CA ALA C 831 76.93 1.33 35.33
C ALA C 831 77.20 0.08 34.56
N ASP C 832 76.29 -0.22 33.63
CA ASP C 832 76.38 -1.46 32.91
C ASP C 832 76.10 -1.29 31.43
N ALA C 833 76.16 -0.09 30.90
CA ALA C 833 75.75 0.05 29.51
C ALA C 833 76.26 1.36 28.97
N VAL C 834 76.13 1.54 27.66
CA VAL C 834 76.52 2.79 27.04
C VAL C 834 75.22 3.33 26.44
N LEU C 835 74.99 4.61 26.60
CA LEU C 835 73.79 5.23 26.15
C LEU C 835 74.02 6.34 25.11
N ILE C 836 73.56 6.14 23.86
CA ILE C 836 73.68 7.18 22.81
C ILE C 836 72.31 7.87 22.63
N THR C 837 72.30 9.22 22.67
CA THR C 837 71.08 9.99 22.59
C THR C 837 71.15 10.85 21.39
N THR C 838 70.14 10.77 20.49
CA THR C 838 70.12 11.59 19.27
C THR C 838 68.83 12.32 19.07
N ALA C 839 68.86 13.37 18.28
CA ALA C 839 67.66 14.06 17.94
C ALA C 839 67.85 14.62 16.58
N HIS C 840 66.86 14.42 15.68
CA HIS C 840 66.97 14.93 14.30
C HIS C 840 65.70 15.60 13.90
N ALA C 841 65.81 16.53 12.96
CA ALA C 841 64.63 17.21 12.39
C ALA C 841 64.61 16.96 10.89
N TRP C 842 63.42 16.70 10.35
CA TRP C 842 63.28 16.61 8.90
C TRP C 842 62.55 17.81 8.48
N GLN C 843 63.13 18.53 7.53
CA GLN C 843 62.52 19.75 7.14
C GLN C 843 62.44 19.85 5.63
N HIS C 844 61.56 20.71 5.24
CA HIS C 844 61.37 20.96 3.83
C HIS C 844 60.99 22.41 3.66
N GLN C 845 61.78 23.08 2.81
CA GLN C 845 61.56 24.50 2.52
C GLN C 845 61.27 25.31 3.77
N GLY C 846 62.11 25.11 4.80
CA GLY C 846 61.91 25.86 6.00
C GLY C 846 60.94 25.25 7.03
N LYS C 847 60.24 24.19 6.69
CA LYS C 847 59.27 23.70 7.63
C LYS C 847 59.73 22.41 8.24
N THR C 848 59.51 22.34 9.54
CA THR C 848 59.93 21.13 10.25
C THR C 848 58.78 20.13 10.20
N LEU C 849 58.99 19.04 9.47
CA LEU C 849 57.89 18.03 9.30
C LEU C 849 57.83 17.08 10.47
N PHE C 850 58.98 16.55 10.85
CA PHE C 850 59.04 15.55 11.88
C PHE C 850 60.32 15.74 12.70
N ILE C 851 60.20 15.35 13.94
CA ILE C 851 61.36 15.33 14.88
C ILE C 851 61.46 13.93 15.44
N SER C 852 62.64 13.33 15.35
CA SER C 852 62.87 12.00 15.92
C SER C 852 63.89 12.09 17.07
N ARG C 853 63.50 11.67 18.26
CA ARG C 853 64.41 11.60 19.39
C ARG C 853 64.57 10.14 19.80
N LYS C 854 65.80 9.72 19.94
CA LYS C 854 66.08 8.35 20.31
C LYS C 854 67.15 8.21 21.35
N THR C 855 67.14 7.03 21.89
CA THR C 855 68.23 6.60 22.75
C THR C 855 68.52 5.19 22.35
N TYR C 856 69.76 4.86 22.38
CA TYR C 856 70.19 3.52 22.10
C TYR C 856 70.95 3.13 23.34
N ARG C 857 70.62 2.03 23.92
CA ARG C 857 71.28 1.64 25.14
C ARG C 857 71.87 0.27 24.89
N ILE C 858 73.20 0.17 24.92
CA ILE C 858 73.86 -1.11 24.66
C ILE C 858 74.40 -1.66 25.96
N ASP C 859 73.97 -2.85 26.34
CA ASP C 859 74.40 -3.33 27.61
C ASP C 859 75.37 -4.49 27.47
N GLY C 860 75.77 -4.97 28.66
CA GLY C 860 76.73 -6.08 28.85
C GLY C 860 76.26 -7.38 28.22
N SER C 861 74.94 -7.50 28.06
CA SER C 861 74.36 -8.65 27.41
C SER C 861 74.55 -8.50 25.89
N GLY C 862 74.89 -7.32 25.38
CA GLY C 862 75.11 -7.31 23.96
C GLY C 862 73.86 -6.88 23.23
N GLN C 863 72.84 -6.56 24.04
CA GLN C 863 71.59 -6.08 23.40
C GLN C 863 71.59 -4.61 23.19
N MET C 864 71.07 -4.17 22.04
CA MET C 864 70.93 -2.74 21.83
C MET C 864 69.46 -2.37 21.86
N ALA C 865 69.08 -1.64 22.88
CA ALA C 865 67.66 -1.24 22.98
C ALA C 865 67.49 0.13 22.35
N ILE C 866 66.60 0.25 21.34
CA ILE C 866 66.41 1.57 20.72
C ILE C 866 65.03 2.10 21.11
N THR C 867 65.00 3.27 21.72
CA THR C 867 63.74 3.90 22.07
C THR C 867 63.55 5.07 21.09
N VAL C 868 62.35 5.19 20.48
CA VAL C 868 62.12 6.27 19.51
C VAL C 868 60.84 7.03 19.86
N ASP C 869 60.94 8.35 19.91
CA ASP C 869 59.80 9.21 20.15
C ASP C 869 59.80 10.23 19.00
N VAL C 870 58.73 10.22 18.20
CA VAL C 870 58.58 11.04 17.00
C VAL C 870 57.49 12.05 17.17
N GLU C 871 57.75 13.28 16.71
CA GLU C 871 56.71 14.31 16.65
C GLU C 871 56.46 14.63 15.21
N VAL C 872 55.17 14.70 14.84
CA VAL C 872 54.78 14.94 13.48
C VAL C 872 53.93 16.22 13.49
N ALA C 873 54.37 17.22 12.71
CA ALA C 873 53.64 18.48 12.67
C ALA C 873 52.16 18.19 12.31
N SER C 874 51.29 18.78 13.12
CA SER C 874 49.85 18.58 12.95
C SER C 874 49.36 19.00 11.56
N ASP C 875 49.99 19.96 10.92
CA ASP C 875 49.54 20.43 9.62
C ASP C 875 50.20 19.76 8.42
N THR C 876 51.05 18.77 8.68
CA THR C 876 51.60 18.12 7.49
C THR C 876 50.68 16.92 7.21
N PRO C 877 50.54 16.48 5.96
CA PRO C 877 49.74 15.28 5.69
C PRO C 877 50.23 14.13 6.56
N HIS C 878 49.28 13.34 7.09
CA HIS C 878 49.70 12.22 7.94
C HIS C 878 50.65 11.32 7.14
N PRO C 879 51.78 10.91 7.77
CA PRO C 879 52.77 10.18 7.01
C PRO C 879 52.39 8.70 6.79
N ALA C 880 53.00 8.09 5.77
CA ALA C 880 52.70 6.70 5.46
C ALA C 880 53.14 5.73 6.51
N ARG C 881 54.22 6.06 7.16
CA ARG C 881 54.77 5.18 8.19
C ARG C 881 55.64 5.96 9.17
N ILE C 882 55.92 5.29 10.33
CA ILE C 882 56.87 5.89 11.27
C ILE C 882 57.81 4.76 11.66
N GLY C 883 59.02 4.68 11.07
CA GLY C 883 59.85 3.51 11.41
C GLY C 883 61.32 3.79 11.12
N LEU C 884 62.07 2.70 11.02
CA LEU C 884 63.49 2.83 10.67
C LEU C 884 63.75 1.96 9.49
N ASN C 885 64.84 2.22 8.79
CA ASN C 885 65.22 1.27 7.78
C ASN C 885 66.72 1.15 7.61
N CYS C 886 67.12 0.07 6.99
CA CYS C 886 68.53 -0.15 6.72
C CYS C 886 68.74 -1.22 5.70
N GLN C 887 69.87 -1.22 5.07
CA GLN C 887 70.19 -2.25 4.14
C GLN C 887 71.23 -3.15 4.82
N LEU C 888 70.85 -4.38 5.11
CA LEU C 888 71.71 -5.31 5.79
C LEU C 888 72.65 -5.87 4.78
N ALA C 889 73.89 -6.16 5.22
CA ALA C 889 74.88 -6.76 4.31
C ALA C 889 74.62 -8.19 3.86
N GLN C 890 73.93 -8.90 4.66
CA GLN C 890 73.62 -10.26 4.47
C GLN C 890 72.38 -10.58 3.64
N VAL C 891 72.42 -11.71 2.96
CA VAL C 891 71.27 -12.29 2.28
C VAL C 891 71.08 -13.67 2.90
N ALA C 892 70.03 -13.91 3.70
CA ALA C 892 69.83 -15.22 4.31
C ALA C 892 68.67 -15.96 3.66
N GLU C 893 68.61 -17.28 3.83
CA GLU C 893 67.52 -18.02 3.20
C GLU C 893 66.11 -17.89 3.82
N ARG C 894 66.05 -17.83 5.17
CA ARG C 894 64.76 -17.86 5.84
C ARG C 894 64.48 -16.59 6.61
N VAL C 895 63.14 -16.35 6.83
CA VAL C 895 62.65 -15.26 7.67
C VAL C 895 61.74 -15.89 8.71
N ASN C 896 62.07 -15.65 9.96
CA ASN C 896 61.30 -16.31 10.98
C ASN C 896 60.79 -15.25 11.93
N TRP C 897 59.46 -15.27 12.24
CA TRP C 897 58.95 -14.25 13.12
C TRP C 897 57.82 -14.76 14.00
N LEU C 898 57.62 -14.05 15.11
CA LEU C 898 56.51 -14.26 16.02
C LEU C 898 55.66 -13.02 15.83
N GLY C 899 54.52 -13.25 15.15
CA GLY C 899 53.68 -12.08 14.80
C GLY C 899 52.58 -12.52 13.87
N LEU C 900 51.90 -11.55 13.22
CA LEU C 900 50.77 -11.95 12.39
C LEU C 900 51.24 -12.48 11.04
N GLY C 901 50.56 -13.53 10.59
CA GLY C 901 51.01 -14.11 9.30
C GLY C 901 50.18 -15.36 8.96
N PRO C 902 50.67 -16.17 8.00
CA PRO C 902 51.96 -15.97 7.38
C PRO C 902 52.02 -14.95 6.23
N GLN C 903 50.87 -14.58 5.67
CA GLN C 903 50.90 -13.74 4.48
C GLN C 903 51.00 -12.28 4.82
N GLU C 904 51.32 -11.49 3.81
CA GLU C 904 51.35 -10.02 3.92
C GLU C 904 50.07 -9.53 4.59
N ASN C 905 50.22 -8.61 5.49
CA ASN C 905 49.10 -8.02 6.20
C ASN C 905 49.39 -6.60 6.60
N TYR C 906 48.36 -5.75 6.56
CA TYR C 906 48.48 -4.32 6.85
C TYR C 906 47.42 -3.96 7.86
N PRO C 907 47.56 -2.82 8.46
CA PRO C 907 46.67 -2.48 9.59
C PRO C 907 45.16 -2.65 9.39
N ASP C 908 44.75 -2.19 8.21
CA ASP C 908 43.35 -2.24 7.82
C ASP C 908 43.08 -3.54 6.99
N ARG C 909 44.07 -4.48 6.94
CA ARG C 909 43.84 -5.73 6.25
C ARG C 909 44.66 -6.76 6.98
N LEU C 910 44.29 -7.00 8.22
CA LEU C 910 45.05 -8.02 8.96
C LEU C 910 44.14 -9.00 9.69
N THR C 911 42.87 -8.98 9.45
CA THR C 911 42.05 -9.88 10.22
C THR C 911 42.30 -11.35 9.94
N ALA C 912 42.63 -11.69 8.69
CA ALA C 912 42.84 -13.10 8.32
C ALA C 912 44.13 -13.63 8.89
N ALA C 913 45.07 -12.72 9.17
CA ALA C 913 46.39 -13.19 9.68
C ALA C 913 46.23 -13.73 11.12
N CYS C 914 47.13 -14.70 11.45
CA CYS C 914 47.06 -15.22 12.78
C CYS C 914 48.43 -14.99 13.45
N PHE C 915 48.35 -14.77 14.77
CA PHE C 915 49.55 -14.59 15.60
C PHE C 915 50.10 -15.97 15.93
N ASP C 916 51.34 -16.19 15.49
CA ASP C 916 51.98 -17.49 15.69
C ASP C 916 53.48 -17.35 15.28
N ARG C 917 54.21 -18.47 15.32
CA ARG C 917 55.58 -18.45 14.89
C ARG C 917 55.60 -18.92 13.46
N TRP C 918 56.05 -18.05 12.57
CA TRP C 918 56.07 -18.36 11.13
C TRP C 918 57.51 -18.36 10.62
N ASP C 919 57.72 -19.15 9.57
CA ASP C 919 59.06 -19.24 8.99
C ASP C 919 58.91 -19.53 7.50
N LEU C 920 59.38 -18.56 6.73
CA LEU C 920 59.21 -18.65 5.27
C LEU C 920 60.53 -18.36 4.57
N PRO C 921 60.70 -18.82 3.32
CA PRO C 921 61.84 -18.41 2.58
C PRO C 921 61.73 -16.91 2.35
N LEU C 922 62.85 -16.23 2.24
CA LEU C 922 62.87 -14.78 2.04
C LEU C 922 62.02 -14.36 0.89
N SER C 923 62.05 -15.08 -0.20
CA SER C 923 61.23 -14.52 -1.30
C SER C 923 59.74 -14.46 -1.07
N ASP C 924 59.21 -15.25 -0.11
CA ASP C 924 57.78 -15.20 0.20
C ASP C 924 57.46 -13.96 0.96
N MET C 925 58.50 -13.24 1.35
CA MET C 925 58.30 -12.02 2.08
C MET C 925 58.14 -10.81 1.16
N TYR C 926 58.09 -11.08 -0.15
CA TYR C 926 57.92 -9.99 -1.14
C TYR C 926 56.68 -10.41 -1.92
N THR C 927 55.72 -9.48 -2.17
CA THR C 927 54.53 -9.83 -2.92
C THR C 927 54.77 -9.21 -4.27
N PRO C 928 54.78 -10.00 -5.33
CA PRO C 928 55.13 -9.47 -6.68
C PRO C 928 53.98 -8.79 -7.39
N TYR C 929 53.43 -7.73 -6.78
CA TYR C 929 52.40 -6.98 -7.51
C TYR C 929 52.97 -6.54 -8.87
N VAL C 930 52.13 -6.59 -9.92
CA VAL C 930 52.62 -6.24 -11.24
C VAL C 930 53.18 -4.81 -11.30
N PHE C 931 52.42 -3.90 -10.67
CA PHE C 931 52.89 -2.51 -10.54
C PHE C 931 53.51 -2.54 -9.15
N PRO C 932 54.81 -2.37 -9.03
CA PRO C 932 55.47 -2.49 -7.73
C PRO C 932 55.18 -1.36 -6.78
N SER C 933 55.11 -1.70 -5.50
CA SER C 933 54.89 -0.70 -4.45
C SER C 933 55.33 -1.30 -3.10
N GLU C 934 55.13 -0.50 -2.04
CA GLU C 934 55.37 -1.05 -0.71
C GLU C 934 54.59 -2.31 -0.67
N ASN C 935 55.15 -3.39 -0.10
CA ASN C 935 54.51 -4.69 -0.10
C ASN C 935 55.17 -5.59 0.95
N GLY C 936 54.49 -6.67 1.31
CA GLY C 936 55.18 -7.63 2.17
C GLY C 936 55.16 -7.32 3.65
N LEU C 937 54.47 -6.25 4.07
CA LEU C 937 54.43 -5.97 5.50
C LEU C 937 53.77 -7.12 6.26
N ARG C 938 54.24 -7.33 7.52
CA ARG C 938 53.62 -8.20 8.48
C ARG C 938 53.48 -7.37 9.73
N CYS C 939 52.28 -7.36 10.32
CA CYS C 939 52.03 -6.53 11.46
C CYS C 939 52.05 -7.30 12.78
N GLY C 940 51.88 -6.60 13.89
CA GLY C 940 51.76 -7.26 15.22
C GLY C 940 52.93 -8.21 15.57
N THR C 941 54.15 -7.80 15.12
CA THR C 941 55.33 -8.69 15.32
C THR C 941 56.09 -8.31 16.58
N ARG C 942 56.35 -9.33 17.36
CA ARG C 942 57.05 -9.15 18.64
C ARG C 942 58.48 -9.66 18.53
N GLU C 943 58.81 -10.51 17.51
CA GLU C 943 60.17 -10.99 17.34
C GLU C 943 60.38 -11.29 15.88
N LEU C 944 61.56 -10.89 15.36
CA LEU C 944 61.86 -11.13 13.95
C LEU C 944 63.28 -11.67 13.93
N ASN C 945 63.55 -12.72 13.18
CA ASN C 945 64.85 -13.31 13.10
C ASN C 945 65.28 -13.37 11.65
N TYR C 946 66.55 -12.96 11.37
CA TYR C 946 67.10 -13.02 10.02
C TYR C 946 68.62 -13.07 10.11
N GLY C 947 69.13 -14.18 9.58
CA GLY C 947 70.57 -14.40 9.66
C GLY C 947 70.89 -14.46 11.15
N PRO C 948 71.92 -13.77 11.62
CA PRO C 948 72.27 -13.82 13.02
C PRO C 948 71.52 -12.80 13.84
N HIS C 949 70.61 -12.03 13.22
CA HIS C 949 69.97 -10.95 13.92
C HIS C 949 68.64 -11.27 14.48
N GLN C 950 68.33 -10.66 15.57
CA GLN C 950 67.00 -10.81 16.14
C GLN C 950 66.54 -9.41 16.53
N TRP C 951 65.29 -9.00 16.24
CA TRP C 951 64.77 -7.72 16.75
C TRP C 951 63.53 -8.07 17.52
N ARG C 952 63.32 -7.41 18.67
CA ARG C 952 62.16 -7.69 19.51
C ARG C 952 61.44 -6.41 19.82
N GLY C 953 60.13 -6.49 19.96
CA GLY C 953 59.39 -5.25 20.30
C GLY C 953 57.93 -5.46 19.96
N ASP C 954 57.28 -4.46 19.30
CA ASP C 954 55.84 -4.62 18.91
C ASP C 954 55.75 -3.75 17.65
N PHE C 955 56.10 -4.36 16.51
CA PHE C 955 56.26 -3.53 15.33
C PHE C 955 55.69 -4.21 14.08
N GLN C 956 55.79 -3.49 12.97
CA GLN C 956 55.38 -4.05 11.71
C GLN C 956 56.67 -4.09 10.91
N PHE C 957 56.82 -5.02 9.98
CA PHE C 957 58.08 -4.97 9.19
C PHE C 957 57.86 -5.50 7.77
N ASN C 958 58.81 -5.20 6.90
CA ASN C 958 58.98 -5.87 5.63
C ASN C 958 60.47 -6.10 5.40
N ILE C 959 60.79 -7.06 4.59
CA ILE C 959 62.17 -7.43 4.36
C ILE C 959 62.26 -8.05 2.96
N SER C 960 63.21 -7.56 2.20
CA SER C 960 63.30 -8.02 0.85
C SER C 960 64.56 -7.49 0.21
N ARG C 961 64.77 -7.85 -1.07
CA ARG C 961 65.94 -7.34 -1.75
C ARG C 961 65.68 -6.12 -2.53
N TYR C 962 64.53 -5.46 -2.33
CA TYR C 962 64.25 -4.26 -3.12
C TYR C 962 64.08 -3.09 -2.20
N SER C 963 64.78 -2.00 -2.44
CA SER C 963 64.59 -0.84 -1.59
C SER C 963 63.24 -0.13 -1.90
N GLN C 964 62.75 0.67 -0.93
CA GLN C 964 61.55 1.48 -1.25
C GLN C 964 61.79 2.39 -2.46
N GLN C 965 62.99 2.91 -2.55
CA GLN C 965 63.26 3.79 -3.67
C GLN C 965 63.13 3.05 -4.98
N GLN C 966 63.64 1.87 -5.06
CA GLN C 966 63.55 1.12 -6.30
C GLN C 966 62.08 0.82 -6.61
N LEU C 967 61.31 0.38 -5.57
CA LEU C 967 59.89 0.07 -5.81
C LEU C 967 59.15 1.31 -6.30
N MET C 968 59.46 2.47 -5.77
CA MET C 968 58.75 3.65 -6.21
C MET C 968 59.18 4.10 -7.59
N GLU C 969 60.36 3.70 -8.07
CA GLU C 969 60.81 4.17 -9.36
C GLU C 969 60.48 3.18 -10.46
N THR C 970 59.99 2.03 -10.12
CA THR C 970 59.79 0.99 -11.10
C THR C 970 58.28 0.75 -11.32
N SER C 971 57.91 0.68 -12.57
CA SER C 971 56.45 0.49 -12.87
C SER C 971 56.02 -0.88 -13.23
N HIS C 972 56.95 -1.81 -13.44
CA HIS C 972 56.66 -3.19 -13.80
C HIS C 972 57.56 -4.11 -13.03
N ARG C 973 56.95 -5.13 -12.40
CA ARG C 973 57.73 -6.03 -11.58
C ARG C 973 58.86 -6.68 -12.31
N HIS C 974 58.74 -6.91 -13.62
CA HIS C 974 59.77 -7.65 -14.33
C HIS C 974 61.05 -6.83 -14.42
N LEU C 975 60.94 -5.53 -14.13
CA LEU C 975 62.13 -4.75 -14.25
C LEU C 975 62.91 -4.60 -12.95
N LEU C 976 62.36 -5.15 -11.89
CA LEU C 976 63.03 -5.01 -10.62
C LEU C 976 64.31 -5.89 -10.61
N HIS C 977 65.34 -5.45 -9.85
CA HIS C 977 66.56 -6.23 -9.72
C HIS C 977 66.94 -6.26 -8.26
N ALA C 978 67.27 -7.44 -7.78
CA ALA C 978 67.65 -7.58 -6.39
C ALA C 978 68.88 -6.71 -6.06
N GLU C 979 68.84 -5.99 -4.96
CA GLU C 979 69.93 -5.16 -4.58
C GLU C 979 70.86 -5.97 -3.71
N GLU C 980 72.07 -5.41 -3.45
CA GLU C 980 73.04 -6.18 -2.64
C GLU C 980 72.43 -6.26 -1.24
N GLY C 981 72.64 -7.35 -0.60
CA GLY C 981 72.12 -7.24 0.78
C GLY C 981 70.59 -7.31 0.89
N THR C 982 70.06 -6.89 2.06
CA THR C 982 68.64 -7.08 2.32
C THR C 982 68.10 -5.85 2.95
N TRP C 983 67.06 -5.27 2.34
CA TRP C 983 66.46 -4.06 2.89
C TRP C 983 65.43 -4.43 3.95
N LEU C 984 65.61 -3.83 5.11
CA LEU C 984 64.72 -4.09 6.20
C LEU C 984 63.99 -2.84 6.54
N ASN C 985 62.64 -2.89 6.59
CA ASN C 985 61.90 -1.71 7.07
C ASN C 985 61.17 -2.18 8.30
N ILE C 986 61.45 -1.55 9.45
CA ILE C 986 60.81 -1.89 10.74
C ILE C 986 60.06 -0.67 11.25
N ASP C 987 58.72 -0.81 11.28
CA ASP C 987 57.87 0.33 11.62
C ASP C 987 57.29 0.19 12.98
N GLY C 988 57.31 1.28 13.68
CA GLY C 988 56.55 1.29 14.90
C GLY C 988 55.07 1.41 14.52
N PHE C 989 54.80 2.23 13.48
CA PHE C 989 53.42 2.54 12.98
C PHE C 989 53.38 2.59 11.46
N HIS C 990 52.25 2.09 10.88
CA HIS C 990 52.15 2.08 9.42
C HIS C 990 50.73 2.51 9.08
N MET C 991 50.59 3.37 8.10
CA MET C 991 49.24 3.78 7.72
C MET C 991 48.45 2.63 7.03
N GLY C 992 47.11 2.67 7.06
CA GLY C 992 46.31 1.66 6.30
C GLY C 992 46.57 1.79 4.78
N ILE C 993 46.11 0.80 4.05
CA ILE C 993 46.28 0.82 2.60
C ILE C 993 45.03 1.23 1.85
N GLY C 994 43.88 1.17 2.53
CA GLY C 994 42.64 1.60 1.84
C GLY C 994 42.22 0.64 0.75
N GLY C 995 41.27 1.10 -0.10
CA GLY C 995 40.79 0.17 -1.12
C GLY C 995 39.27 0.29 -1.34
N ASP C 996 38.52 1.12 -0.56
CA ASP C 996 37.09 1.20 -0.90
C ASP C 996 36.96 1.55 -2.35
N ASP C 997 37.90 2.37 -2.85
CA ASP C 997 38.02 2.59 -4.31
C ASP C 997 39.48 2.92 -4.56
N SER C 998 39.90 3.05 -5.83
CA SER C 998 41.34 3.34 -6.10
C SER C 998 41.43 4.69 -6.85
N TRP C 999 40.51 5.63 -6.56
CA TRP C 999 40.60 6.89 -7.31
C TRP C 999 40.40 8.06 -6.39
N SER C 1000 40.09 7.83 -5.12
CA SER C 1000 39.94 8.88 -4.12
C SER C 1000 40.44 8.34 -2.77
N PRO C 1001 41.02 9.19 -1.91
CA PRO C 1001 41.60 8.70 -0.68
C PRO C 1001 40.57 7.86 0.03
N SER C 1002 41.02 6.68 0.46
CA SER C 1002 40.09 5.77 1.06
C SER C 1002 40.53 5.18 2.35
N VAL C 1003 41.63 5.65 2.92
CA VAL C 1003 42.12 5.13 4.21
C VAL C 1003 41.33 5.79 5.31
N SER C 1004 40.62 4.97 6.07
CA SER C 1004 39.72 5.51 7.08
C SER C 1004 40.52 6.23 8.16
N ALA C 1005 39.90 7.25 8.81
CA ALA C 1005 40.62 8.04 9.82
C ALA C 1005 41.34 7.25 10.91
N GLU C 1006 40.71 6.12 11.32
CA GLU C 1006 41.29 5.35 12.37
C GLU C 1006 42.55 4.66 11.97
N PHE C 1007 42.85 4.66 10.67
CA PHE C 1007 44.10 4.00 10.24
C PHE C 1007 45.12 5.00 9.71
N GLN C 1008 44.84 6.30 9.90
CA GLN C 1008 45.77 7.38 9.50
C GLN C 1008 46.65 7.72 10.71
N LEU C 1009 47.92 8.06 10.43
CA LEU C 1009 48.84 8.31 11.54
C LEU C 1009 48.75 9.78 11.96
N SER C 1010 47.69 10.11 12.69
CA SER C 1010 47.42 11.50 13.03
C SER C 1010 47.64 11.81 14.50
N ALA C 1011 48.20 10.92 15.25
CA ALA C 1011 48.29 11.21 16.68
C ALA C 1011 49.27 12.31 17.06
N GLY C 1012 50.16 12.71 16.17
CA GLY C 1012 51.05 13.84 16.56
C GLY C 1012 52.32 13.39 17.20
N ARG C 1013 52.23 12.54 18.19
CA ARG C 1013 53.43 12.04 18.88
C ARG C 1013 53.33 10.53 18.94
N TYR C 1014 54.43 9.84 18.61
CA TYR C 1014 54.47 8.42 18.54
C TYR C 1014 55.64 7.86 19.28
N HIS C 1015 55.46 6.69 19.90
CA HIS C 1015 56.57 6.09 20.61
C HIS C 1015 56.66 4.67 20.24
N TYR C 1016 57.88 4.19 20.07
CA TYR C 1016 58.08 2.77 19.86
C TYR C 1016 59.45 2.38 20.37
N GLN C 1017 59.65 1.11 20.60
CA GLN C 1017 60.92 0.58 21.09
C GLN C 1017 61.24 -0.78 20.51
N LEU C 1018 62.49 -0.92 20.11
CA LEU C 1018 63.04 -2.13 19.51
C LEU C 1018 64.28 -2.52 20.29
N VAL C 1019 64.47 -3.83 20.38
CA VAL C 1019 65.70 -4.36 20.92
C VAL C 1019 66.34 -5.16 19.74
N TRP C 1020 67.62 -4.88 19.44
CA TRP C 1020 68.34 -5.58 18.39
C TRP C 1020 69.44 -6.33 19.02
N CYS C 1021 69.48 -7.60 18.77
CA CYS C 1021 70.51 -8.39 19.36
C CYS C 1021 70.92 -9.51 18.47
N GLN C 1022 71.84 -10.39 18.90
CA GLN C 1022 72.23 -11.48 18.02
C GLN C 1022 71.44 -12.76 18.36
N LYS C 1023 71.54 -13.80 17.57
CA LYS C 1023 70.87 -15.03 18.03
C LYS C 1023 71.72 -16.23 17.70
N ARG D 13 -17.81 2.74 51.64
CA ARG D 13 -17.00 1.99 50.65
C ARG D 13 -15.52 2.46 50.57
N ARG D 14 -14.72 1.57 50.16
CA ARG D 14 -13.31 1.90 50.05
C ARG D 14 -13.06 2.17 48.61
N ASP D 15 -13.52 3.32 48.16
CA ASP D 15 -13.42 3.62 46.75
C ASP D 15 -12.00 3.64 46.20
N TRP D 16 -11.04 3.79 47.11
CA TRP D 16 -9.59 3.86 46.82
C TRP D 16 -9.01 2.46 46.70
N GLU D 17 -9.83 1.45 46.75
CA GLU D 17 -9.36 0.09 46.46
C GLU D 17 -10.25 -0.57 45.41
N ASN D 18 -10.60 0.18 44.36
CA ASN D 18 -11.46 -0.25 43.33
C ASN D 18 -11.19 0.60 42.11
N PRO D 19 -10.55 -0.03 41.12
CA PRO D 19 -10.20 0.67 39.86
C PRO D 19 -11.42 0.94 39.00
N GLY D 20 -12.55 0.43 39.40
CA GLY D 20 -13.82 0.68 38.69
C GLY D 20 -14.44 2.03 39.09
N VAL D 21 -13.94 2.57 40.23
CA VAL D 21 -14.37 3.88 40.70
C VAL D 21 -13.16 4.79 40.71
N THR D 22 -13.05 5.65 39.74
CA THR D 22 -11.94 6.59 39.69
C THR D 22 -12.37 8.00 40.06
N GLN D 23 -13.70 8.21 40.30
CA GLN D 23 -14.25 9.50 40.67
C GLN D 23 -15.68 9.33 40.98
N LEU D 24 -16.22 10.28 41.76
CA LEU D 24 -17.66 10.30 41.99
C LEU D 24 -18.02 11.75 41.90
N ASN D 25 -19.03 12.06 41.09
CA ASN D 25 -19.57 13.40 40.93
C ASN D 25 -18.59 14.37 40.32
N ARG D 26 -17.57 13.87 39.60
CA ARG D 26 -16.63 14.82 39.06
C ARG D 26 -17.10 15.38 37.75
N LEU D 27 -16.83 16.66 37.53
CA LEU D 27 -17.25 17.26 36.26
C LEU D 27 -16.34 16.83 35.09
N ALA D 28 -16.88 17.02 33.90
CA ALA D 28 -16.10 16.65 32.67
C ALA D 28 -14.88 17.50 32.55
N ALA D 29 -13.81 16.98 31.89
CA ALA D 29 -12.57 17.71 31.69
C ALA D 29 -12.73 18.61 30.48
N HIS D 30 -11.85 19.61 30.37
CA HIS D 30 -12.04 20.63 29.32
C HIS D 30 -10.78 21.51 29.32
N PRO D 31 -10.60 22.39 28.32
CA PRO D 31 -9.42 23.23 28.23
C PRO D 31 -9.51 24.30 29.30
N PRO D 32 -8.42 24.99 29.60
CA PRO D 32 -8.45 25.98 30.69
C PRO D 32 -9.52 27.06 30.46
N PHE D 33 -10.31 27.30 31.50
CA PHE D 33 -11.36 28.29 31.46
C PHE D 33 -11.13 29.36 32.52
N ALA D 34 -11.71 30.55 32.25
CA ALA D 34 -11.66 31.66 33.17
C ALA D 34 -13.04 32.33 33.29
N SER D 35 -14.07 31.92 32.48
CA SER D 35 -15.38 32.58 32.53
C SER D 35 -15.24 34.11 32.45
N TRP D 36 -14.49 34.61 31.49
CA TRP D 36 -14.40 36.04 31.39
C TRP D 36 -15.82 36.60 31.03
N ARG D 37 -16.14 37.75 31.59
CA ARG D 37 -17.44 38.34 31.29
C ARG D 37 -17.23 39.62 30.57
N ASN D 38 -16.01 39.81 30.05
CA ASN D 38 -15.65 41.00 29.23
C ASN D 38 -14.70 40.54 28.13
N SER D 39 -15.09 40.72 26.87
CA SER D 39 -14.25 40.18 25.80
C SER D 39 -12.86 40.69 25.71
N GLU D 40 -12.66 41.94 26.03
CA GLU D 40 -11.34 42.57 25.92
C GLU D 40 -10.41 42.00 26.99
N GLU D 41 -10.95 41.71 28.19
CA GLU D 41 -10.11 41.07 29.19
C GLU D 41 -9.72 39.65 28.72
N ALA D 42 -10.68 38.94 28.10
CA ALA D 42 -10.36 37.63 27.57
C ALA D 42 -9.30 37.76 26.47
N ARG D 43 -9.42 38.78 25.61
CA ARG D 43 -8.45 38.92 24.53
C ARG D 43 -7.02 39.11 25.15
N THR D 44 -6.92 39.93 26.19
CA THR D 44 -5.59 40.30 26.75
C THR D 44 -5.13 39.36 27.81
N ASP D 45 -5.87 38.31 28.06
CA ASP D 45 -5.40 37.35 29.03
C ASP D 45 -5.28 37.88 30.44
N ARG D 46 -6.08 38.92 30.75
CA ARG D 46 -6.08 39.49 32.10
C ARG D 46 -6.92 38.67 33.04
N PRO D 47 -6.81 38.96 34.32
CA PRO D 47 -7.52 38.16 35.31
C PRO D 47 -9.01 38.27 35.15
N SER D 48 -9.70 37.17 35.57
CA SER D 48 -11.16 37.15 35.54
C SER D 48 -11.65 37.19 36.99
N GLN D 49 -12.61 38.06 37.31
CA GLN D 49 -13.11 38.00 38.66
C GLN D 49 -13.94 36.80 38.92
N GLN D 50 -14.26 36.01 37.88
CA GLN D 50 -15.04 34.77 38.09
C GLN D 50 -14.14 33.54 38.39
N LEU D 51 -12.80 33.77 38.43
CA LEU D 51 -11.86 32.69 38.71
C LEU D 51 -10.98 33.19 39.88
N ARG D 52 -11.07 32.54 41.03
CA ARG D 52 -10.36 32.96 42.22
C ARG D 52 -9.45 31.82 42.66
N SER D 53 -8.27 32.17 43.19
CA SER D 53 -7.44 31.11 43.73
C SER D 53 -7.73 30.91 45.21
N LEU D 54 -7.73 29.67 45.65
CA LEU D 54 -7.84 29.42 47.09
C LEU D 54 -6.46 28.99 47.67
N ASN D 55 -5.36 29.20 46.94
CA ASN D 55 -4.04 28.88 47.44
C ASN D 55 -3.73 29.79 48.66
N GLY D 56 -2.95 29.27 49.61
CA GLY D 56 -2.56 30.08 50.75
C GLY D 56 -2.60 29.24 51.97
N GLU D 57 -3.00 29.86 53.10
CA GLU D 57 -3.02 29.03 54.33
C GLU D 57 -4.30 28.23 54.57
N TRP D 58 -4.14 26.91 54.73
CA TRP D 58 -5.21 25.98 55.02
C TRP D 58 -4.96 25.31 56.37
N ARG D 59 -5.88 24.56 56.87
CA ARG D 59 -5.62 23.85 58.10
C ARG D 59 -5.38 22.41 57.73
N PHE D 60 -4.47 21.72 58.42
CA PHE D 60 -4.13 20.34 58.04
C PHE D 60 -3.86 19.49 59.22
N ALA D 61 -4.25 18.24 59.14
CA ALA D 61 -3.94 17.25 60.18
C ALA D 61 -3.59 15.99 59.46
N TRP D 62 -2.60 15.22 59.99
CA TRP D 62 -2.21 13.98 59.41
C TRP D 62 -2.71 12.79 60.22
N PHE D 63 -3.18 11.72 59.58
CA PHE D 63 -3.63 10.50 60.26
C PHE D 63 -2.98 9.28 59.60
N PRO D 64 -2.79 8.20 60.35
CA PRO D 64 -2.13 7.03 59.83
C PRO D 64 -2.97 6.19 58.85
N ALA D 65 -4.32 6.42 58.88
CA ALA D 65 -5.28 5.71 58.04
C ALA D 65 -6.57 6.48 58.03
N PRO D 66 -7.41 6.25 57.03
CA PRO D 66 -8.69 6.96 56.96
C PRO D 66 -9.62 6.57 58.09
N GLU D 67 -9.47 5.35 58.59
CA GLU D 67 -10.22 4.93 59.74
C GLU D 67 -9.96 5.82 60.92
N ALA D 68 -8.82 6.53 61.04
CA ALA D 68 -8.50 7.34 62.21
C ALA D 68 -9.07 8.75 62.19
N VAL D 69 -9.66 9.19 61.07
CA VAL D 69 -10.15 10.55 61.03
C VAL D 69 -11.48 10.64 61.78
N PRO D 70 -11.55 11.55 62.70
CA PRO D 70 -12.78 11.74 63.48
C PRO D 70 -13.82 12.54 62.70
N GLU D 71 -15.03 12.03 62.93
CA GLU D 71 -16.18 12.54 62.26
C GLU D 71 -16.38 13.97 62.51
N SER D 72 -15.90 14.39 63.67
CA SER D 72 -16.05 15.78 63.97
C SER D 72 -15.37 16.71 62.97
N TRP D 73 -14.34 16.17 62.32
CA TRP D 73 -13.59 16.95 61.34
C TRP D 73 -14.42 17.55 60.22
N LEU D 74 -15.48 16.81 59.92
CA LEU D 74 -16.39 17.24 58.84
C LEU D 74 -17.12 18.54 59.13
N GLU D 75 -17.45 18.68 60.42
CA GLU D 75 -18.21 19.84 60.89
C GLU D 75 -17.32 20.95 61.43
N CYS D 76 -16.18 20.65 62.08
CA CYS D 76 -15.39 21.78 62.53
C CYS D 76 -13.92 21.48 62.65
N ASP D 77 -13.15 22.57 62.58
CA ASP D 77 -11.73 22.48 62.68
C ASP D 77 -11.17 21.66 63.82
N LEU D 78 -10.17 20.85 63.56
CA LEU D 78 -9.55 20.07 64.61
C LEU D 78 -8.61 21.02 65.33
N PRO D 79 -8.70 21.13 66.63
CA PRO D 79 -7.81 22.01 67.32
C PRO D 79 -6.38 21.49 67.22
N GLU D 80 -6.21 20.16 67.04
CA GLU D 80 -4.84 19.71 66.86
C GLU D 80 -4.29 19.99 65.46
N ALA D 81 -5.05 20.46 64.53
CA ALA D 81 -4.45 20.72 63.24
C ALA D 81 -3.49 21.88 63.24
N ASP D 82 -2.66 21.94 62.21
CA ASP D 82 -1.74 23.06 62.01
C ASP D 82 -2.19 23.90 60.80
N THR D 83 -1.69 25.09 60.72
CA THR D 83 -1.94 25.92 59.56
C THR D 83 -0.73 25.75 58.63
N VAL D 84 -0.97 25.32 57.37
CA VAL D 84 0.09 25.05 56.40
C VAL D 84 -0.25 25.71 55.07
N VAL D 85 0.78 25.95 54.28
CA VAL D 85 0.61 26.44 52.95
C VAL D 85 0.15 25.31 51.99
N VAL D 86 -0.83 25.68 51.15
CA VAL D 86 -1.31 24.79 50.09
C VAL D 86 -1.15 25.63 48.81
N PRO D 87 -0.59 25.14 47.72
CA PRO D 87 -0.20 23.77 47.54
C PRO D 87 1.09 23.40 48.25
N SER D 88 1.10 22.07 48.56
CA SER D 88 2.24 21.46 49.20
C SER D 88 2.15 19.97 49.13
N ASN D 89 3.31 19.30 49.38
CA ASN D 89 3.34 17.85 49.57
C ASN D 89 3.53 17.70 51.09
N TRP D 90 2.78 16.87 51.77
CA TRP D 90 2.94 16.91 53.23
C TRP D 90 4.24 16.34 53.75
N GLN D 91 4.92 15.55 52.91
CA GLN D 91 6.25 15.10 53.31
C GLN D 91 7.24 16.27 53.47
N MET D 92 7.01 17.36 52.69
CA MET D 92 7.91 18.50 52.71
C MET D 92 7.73 19.31 53.95
N HIS D 93 6.64 19.06 54.64
CA HIS D 93 6.33 19.70 55.88
C HIS D 93 6.74 18.75 57.01
N GLY D 94 7.28 17.58 56.67
CA GLY D 94 7.73 16.71 57.74
C GLY D 94 6.69 15.83 58.37
N TYR D 95 5.46 15.72 57.84
CA TYR D 95 4.50 14.85 58.52
C TYR D 95 4.76 13.37 58.36
N ASP D 96 5.39 12.95 57.25
CA ASP D 96 5.81 11.55 57.05
C ASP D 96 6.95 11.63 56.00
N ALA D 97 7.55 10.49 55.69
CA ALA D 97 8.72 10.55 54.86
C ALA D 97 8.38 10.33 53.39
N PRO D 98 9.10 11.05 52.52
CA PRO D 98 8.97 10.79 51.06
C PRO D 98 9.77 9.53 50.82
N ILE D 99 9.40 8.73 49.84
CA ILE D 99 10.08 7.48 49.56
C ILE D 99 10.69 7.52 48.15
N TYR D 100 11.96 7.15 48.01
CA TYR D 100 12.49 7.08 46.67
C TYR D 100 12.68 5.62 46.24
N THR D 101 11.75 5.11 45.43
CA THR D 101 11.92 3.79 44.83
C THR D 101 11.78 3.96 43.29
N ASN D 102 12.50 3.19 42.51
CA ASN D 102 12.48 3.30 41.07
C ASN D 102 11.40 2.42 40.49
N VAL D 103 11.70 1.13 40.37
CA VAL D 103 10.75 0.20 39.75
C VAL D 103 9.81 -0.45 40.77
N THR D 104 10.43 -1.08 41.79
CA THR D 104 9.60 -1.82 42.73
C THR D 104 8.55 -0.91 43.39
N TYR D 105 7.25 -1.30 43.37
CA TYR D 105 6.24 -0.43 43.95
C TYR D 105 6.55 -0.19 45.43
N PRO D 106 6.13 0.97 45.94
CA PRO D 106 6.35 1.33 47.31
C PRO D 106 5.35 0.63 48.20
N ILE D 107 4.40 -0.09 47.62
CA ILE D 107 3.45 -0.86 48.37
C ILE D 107 3.51 -2.26 47.90
N THR D 108 2.98 -3.13 48.73
CA THR D 108 2.92 -4.54 48.33
C THR D 108 2.09 -4.67 47.07
N VAL D 109 2.53 -5.46 46.07
CA VAL D 109 1.81 -5.55 44.85
C VAL D 109 0.65 -6.52 45.02
N ASN D 110 -0.54 -5.99 45.18
CA ASN D 110 -1.72 -6.86 45.37
C ASN D 110 -2.96 -6.10 44.92
N PRO D 111 -3.03 -5.78 43.64
CA PRO D 111 -4.11 -4.92 43.12
C PRO D 111 -5.42 -5.54 43.37
N PRO D 112 -6.41 -4.75 43.72
CA PRO D 112 -6.34 -3.35 43.75
C PRO D 112 -6.14 -2.85 45.16
N PHE D 113 -5.73 -3.66 46.08
CA PHE D 113 -5.61 -3.22 47.44
C PHE D 113 -4.36 -2.38 47.74
N VAL D 114 -4.50 -1.63 48.83
CA VAL D 114 -3.41 -0.81 49.31
C VAL D 114 -3.23 -1.10 50.80
N PRO D 115 -2.13 -0.61 51.39
CA PRO D 115 -1.90 -0.91 52.81
C PRO D 115 -3.02 -0.39 53.73
N THR D 116 -3.25 -1.13 54.83
CA THR D 116 -4.25 -0.60 55.76
C THR D 116 -3.73 0.67 56.45
N GLU D 117 -2.40 0.73 56.65
CA GLU D 117 -1.77 1.94 57.15
C GLU D 117 -1.52 2.82 55.92
N ASN D 118 -2.44 3.74 55.73
CA ASN D 118 -2.44 4.56 54.53
C ASN D 118 -2.47 5.98 54.97
N PRO D 119 -1.34 6.67 54.96
CA PRO D 119 -1.28 8.02 55.42
C PRO D 119 -2.36 8.84 54.78
N THR D 120 -3.08 9.56 55.67
CA THR D 120 -4.23 10.38 55.28
C THR D 120 -4.00 11.84 55.72
N GLY D 121 -4.16 12.78 54.75
CA GLY D 121 -3.96 14.19 54.95
C GLY D 121 -5.35 14.88 54.94
N CYS D 122 -5.74 15.47 56.08
CA CYS D 122 -7.05 16.13 56.22
C CYS D 122 -6.86 17.59 56.13
N TYR D 123 -7.29 18.16 54.99
CA TYR D 123 -7.07 19.55 54.75
C TYR D 123 -8.41 20.26 54.86
N SER D 124 -8.45 21.52 55.33
CA SER D 124 -9.73 22.23 55.36
C SER D 124 -9.51 23.71 55.20
N LEU D 125 -10.54 24.44 54.84
CA LEU D 125 -10.37 25.85 54.69
C LEU D 125 -11.74 26.49 54.94
N THR D 126 -11.80 27.63 55.59
CA THR D 126 -13.05 28.34 55.68
C THR D 126 -13.02 29.42 54.62
N PHE D 127 -14.11 29.65 53.88
CA PHE D 127 -14.04 30.70 52.88
C PHE D 127 -15.40 31.30 52.67
N ASN D 128 -15.51 32.34 51.87
CA ASN D 128 -16.89 32.72 51.51
C ASN D 128 -16.93 33.18 50.08
N VAL D 129 -18.12 33.43 49.52
CA VAL D 129 -18.21 33.83 48.14
C VAL D 129 -19.01 35.09 47.93
N ASP D 130 -18.79 35.68 46.76
CA ASP D 130 -19.54 36.90 46.44
C ASP D 130 -21.04 36.59 46.52
N GLU D 131 -21.79 37.57 46.99
CA GLU D 131 -23.24 37.40 47.08
C GLU D 131 -23.82 36.95 45.78
N SER D 132 -23.30 37.50 44.70
CA SER D 132 -23.88 37.15 43.41
C SER D 132 -23.74 35.67 43.03
N TRP D 133 -22.71 35.01 43.59
CA TRP D 133 -22.52 33.60 43.33
C TRP D 133 -23.50 32.77 44.08
N LEU D 134 -24.06 33.30 45.15
CA LEU D 134 -25.13 32.61 45.91
C LEU D 134 -26.43 32.88 45.19
N GLN D 135 -26.52 33.98 44.48
CA GLN D 135 -27.71 34.25 43.72
C GLN D 135 -27.91 33.28 42.55
N GLU D 136 -26.90 33.18 41.69
CA GLU D 136 -27.09 32.37 40.51
C GLU D 136 -25.83 31.77 39.91
N GLY D 137 -25.95 30.95 38.89
CA GLY D 137 -24.73 30.50 38.22
C GLY D 137 -24.14 29.26 38.88
N GLN D 138 -23.15 28.70 38.24
CA GLN D 138 -22.57 27.50 38.74
C GLN D 138 -21.19 27.80 39.35
N THR D 139 -20.91 27.42 40.60
CA THR D 139 -19.64 27.63 41.22
C THR D 139 -19.01 26.30 41.39
N ARG D 140 -17.89 26.10 40.74
CA ARG D 140 -17.22 24.80 40.91
C ARG D 140 -15.89 25.02 41.61
N ILE D 141 -15.32 23.92 42.20
CA ILE D 141 -14.00 24.02 42.77
C ILE D 141 -13.14 23.13 41.89
N ILE D 142 -11.91 23.57 41.66
CA ILE D 142 -10.95 22.87 40.81
C ILE D 142 -9.73 22.57 41.62
N PHE D 143 -9.37 21.28 41.71
CA PHE D 143 -8.13 20.85 42.36
C PHE D 143 -7.25 20.42 41.22
N ASP D 144 -6.20 21.24 40.90
CA ASP D 144 -5.32 20.90 39.76
C ASP D 144 -4.47 19.69 40.05
N GLY D 145 -4.26 19.32 41.32
CA GLY D 145 -3.44 18.13 41.51
C GLY D 145 -3.57 17.68 42.95
N VAL D 146 -4.07 16.46 43.15
CA VAL D 146 -4.18 15.89 44.53
C VAL D 146 -3.60 14.50 44.42
N ASN D 147 -2.63 14.18 45.27
CA ASN D 147 -1.95 12.87 45.16
C ASN D 147 -2.19 11.99 46.42
N SER D 148 -2.79 10.80 46.29
CA SER D 148 -3.22 10.14 45.04
C SER D 148 -4.72 10.14 44.81
N ALA D 149 -5.56 10.34 45.88
CA ALA D 149 -7.00 10.23 45.67
C ALA D 149 -7.65 10.99 46.81
N PHE D 150 -8.88 11.45 46.68
CA PHE D 150 -9.43 12.22 47.76
C PHE D 150 -10.94 12.26 47.72
N HIS D 151 -11.50 12.47 48.96
CA HIS D 151 -12.92 12.74 49.16
C HIS D 151 -12.99 14.21 49.54
N LEU D 152 -14.09 14.85 49.11
CA LEU D 152 -14.34 16.26 49.34
C LEU D 152 -15.73 16.43 50.01
N TRP D 153 -15.76 17.28 51.04
CA TRP D 153 -17.03 17.67 51.69
C TRP D 153 -17.12 19.16 51.68
N CYS D 154 -18.35 19.74 51.67
CA CYS D 154 -18.43 21.19 51.80
C CYS D 154 -19.59 21.44 52.81
N ASN D 155 -19.34 22.26 53.82
CA ASN D 155 -20.28 22.54 54.93
C ASN D 155 -20.79 21.24 55.50
N GLY D 156 -19.91 20.26 55.64
CA GLY D 156 -20.20 18.99 56.24
C GLY D 156 -20.84 17.98 55.31
N ARG D 157 -21.19 18.36 54.07
CA ARG D 157 -21.93 17.46 53.23
C ARG D 157 -20.99 16.87 52.15
N TRP D 158 -21.07 15.62 51.90
CA TRP D 158 -20.19 14.98 50.94
C TRP D 158 -20.50 15.44 49.51
N VAL D 159 -19.41 15.79 48.79
CA VAL D 159 -19.50 16.25 47.42
C VAL D 159 -19.04 15.22 46.43
N GLY D 160 -17.85 14.68 46.55
CA GLY D 160 -17.37 13.76 45.51
C GLY D 160 -16.02 13.20 45.84
N TYR D 161 -15.49 12.46 44.86
CA TYR D 161 -14.20 11.77 45.03
C TYR D 161 -13.44 11.84 43.71
N GLY D 162 -12.11 11.81 43.78
CA GLY D 162 -11.36 11.81 42.52
C GLY D 162 -10.02 11.07 42.66
N GLN D 163 -9.49 10.57 41.55
CA GLN D 163 -8.17 9.90 41.36
C GLN D 163 -7.48 10.54 40.10
N ASP D 164 -6.24 10.13 39.85
CA ASP D 164 -5.32 10.68 38.87
C ASP D 164 -4.63 11.87 39.47
N SER D 165 -3.42 11.69 40.02
CA SER D 165 -2.73 12.76 40.73
C SER D 165 -2.30 13.92 39.90
N ARG D 166 -2.42 13.78 38.55
CA ARG D 166 -1.78 14.75 37.64
C ARG D 166 -2.71 15.53 36.71
N LEU D 167 -4.06 15.39 36.93
CA LEU D 167 -5.01 16.21 36.14
C LEU D 167 -5.99 16.86 37.11
N PRO D 168 -6.59 17.97 36.72
CA PRO D 168 -7.50 18.65 37.63
C PRO D 168 -8.77 17.84 37.86
N SER D 169 -9.29 17.85 39.13
CA SER D 169 -10.59 17.23 39.44
C SER D 169 -11.46 18.40 39.88
N GLU D 170 -12.65 18.47 39.26
CA GLU D 170 -13.58 19.62 39.47
C GLU D 170 -14.92 19.10 39.92
N PHE D 171 -15.50 19.87 40.84
CA PHE D 171 -16.82 19.47 41.39
C PHE D 171 -17.71 20.72 41.52
N ASP D 172 -19.00 20.51 41.27
CA ASP D 172 -19.95 21.65 41.37
C ASP D 172 -20.37 21.86 42.85
N LEU D 173 -20.09 23.02 43.37
CA LEU D 173 -20.48 23.24 44.76
C LEU D 173 -21.71 24.08 44.81
N SER D 174 -22.29 24.46 43.69
CA SER D 174 -23.44 25.39 43.71
C SER D 174 -24.49 25.09 44.78
N ALA D 175 -24.88 23.84 44.90
CA ALA D 175 -25.91 23.48 45.85
C ALA D 175 -25.41 23.35 47.26
N PHE D 176 -24.13 23.51 47.47
CA PHE D 176 -23.67 23.33 48.82
C PHE D 176 -23.36 24.65 49.45
N LEU D 177 -23.19 25.68 48.65
CA LEU D 177 -22.75 26.93 49.21
C LEU D 177 -23.80 27.62 50.09
N ARG D 178 -23.31 28.43 51.04
CA ARG D 178 -24.26 29.14 51.91
C ARG D 178 -23.75 30.52 52.21
N ALA D 179 -24.66 31.36 52.70
CA ALA D 179 -24.26 32.71 53.04
C ALA D 179 -23.28 32.66 54.17
N GLY D 180 -22.37 33.60 54.16
CA GLY D 180 -21.32 33.72 55.20
C GLY D 180 -20.20 32.69 55.04
N GLU D 181 -19.79 32.12 56.16
CA GLU D 181 -18.66 31.21 56.20
C GLU D 181 -19.02 29.86 55.70
N ASN D 182 -18.16 29.30 54.77
CA ASN D 182 -18.35 27.93 54.26
C ASN D 182 -17.05 27.20 54.64
N ARG D 183 -17.12 25.89 54.70
CA ARG D 183 -15.92 25.13 55.05
C ARG D 183 -15.67 23.91 54.13
N LEU D 184 -14.48 23.85 53.52
CA LEU D 184 -14.20 22.68 52.70
C LEU D 184 -13.50 21.71 53.59
N ALA D 185 -13.67 20.40 53.39
CA ALA D 185 -12.91 19.38 54.10
C ALA D 185 -12.48 18.39 53.00
N VAL D 186 -11.19 18.18 52.88
CA VAL D 186 -10.64 17.30 51.83
C VAL D 186 -9.83 16.24 52.48
N MET D 187 -10.25 15.01 52.28
CA MET D 187 -9.48 13.88 52.88
C MET D 187 -8.63 13.25 51.76
N VAL D 188 -7.32 13.43 51.87
CA VAL D 188 -6.44 12.91 50.82
C VAL D 188 -5.72 11.65 51.30
N LEU D 189 -5.85 10.61 50.46
CA LEU D 189 -5.20 9.29 50.71
C LEU D 189 -3.86 9.21 49.98
N ARG D 190 -2.82 8.83 50.71
CA ARG D 190 -1.57 8.63 50.08
C ARG D 190 -1.63 7.52 49.06
N TRP D 191 -2.18 6.41 49.43
CA TRP D 191 -2.19 5.30 48.50
C TRP D 191 -3.59 5.02 48.02
N SER D 192 -3.78 4.57 46.75
CA SER D 192 -5.10 4.17 46.22
C SER D 192 -4.85 3.23 45.08
N ASP D 193 -5.91 2.74 44.48
CA ASP D 193 -5.74 1.81 43.33
C ASP D 193 -5.07 2.64 42.23
N GLY D 194 -5.24 3.95 42.27
CA GLY D 194 -4.60 4.85 41.27
C GLY D 194 -3.09 4.74 41.37
N SER D 195 -2.54 4.35 42.54
CA SER D 195 -1.05 4.20 42.75
C SER D 195 -0.48 3.10 41.85
N TYR D 196 -1.32 2.10 41.46
CA TYR D 196 -0.83 1.05 40.58
C TYR D 196 -0.49 1.60 39.22
N LEU D 197 -1.09 2.77 38.86
CA LEU D 197 -0.79 3.41 37.55
C LEU D 197 0.18 4.57 37.69
N GLU D 198 0.80 4.69 38.89
CA GLU D 198 1.68 5.84 39.20
C GLU D 198 3.04 5.41 39.76
N ASP D 199 3.63 4.47 39.00
CA ASP D 199 4.92 3.87 39.42
C ASP D 199 6.13 4.52 38.76
N GLN D 200 6.03 5.85 38.52
CA GLN D 200 7.16 6.55 37.90
C GLN D 200 8.38 6.55 38.84
N ASP D 201 9.59 6.49 38.25
CA ASP D 201 10.90 6.58 39.00
C ASP D 201 11.14 8.02 39.50
N MET D 202 10.61 8.24 40.73
CA MET D 202 10.69 9.58 41.33
C MET D 202 10.28 9.44 42.78
N TRP D 203 10.49 10.49 43.56
CA TRP D 203 10.02 10.43 44.93
C TRP D 203 8.54 10.16 44.99
N ARG D 204 8.11 9.39 46.02
CA ARG D 204 6.68 9.09 46.24
C ARG D 204 6.19 9.98 47.34
N MET D 205 5.39 10.98 46.99
CA MET D 205 4.89 11.96 47.97
C MET D 205 3.35 11.97 47.89
N SER D 206 2.68 12.95 48.57
CA SER D 206 1.26 13.02 48.56
C SER D 206 0.81 14.42 49.01
N GLY D 207 -0.48 14.75 48.76
CA GLY D 207 -1.06 16.01 49.25
C GLY D 207 -1.78 16.78 48.16
N ILE D 208 -2.16 17.99 48.49
CA ILE D 208 -2.80 18.88 47.49
C ILE D 208 -1.66 19.76 47.02
N PHE D 209 -1.01 19.35 45.91
CA PHE D 209 0.27 19.88 45.48
C PHE D 209 0.21 20.75 44.25
N ARG D 210 -0.99 20.93 43.67
CA ARG D 210 -1.15 21.95 42.65
C ARG D 210 -2.31 22.86 43.12
N ASP D 211 -2.62 23.89 42.34
CA ASP D 211 -3.54 24.90 42.75
C ASP D 211 -4.92 24.45 43.03
N VAL D 212 -5.62 25.25 43.85
CA VAL D 212 -7.03 25.02 44.14
C VAL D 212 -7.71 26.34 43.75
N SER D 213 -8.85 26.25 43.00
CA SER D 213 -9.51 27.48 42.62
C SER D 213 -11.03 27.29 42.59
N LEU D 214 -11.76 28.44 42.58
CA LEU D 214 -13.19 28.41 42.40
C LEU D 214 -13.48 29.14 41.09
N LEU D 215 -14.39 28.59 40.29
CA LEU D 215 -14.73 29.16 39.00
C LEU D 215 -16.23 29.26 38.94
N HIS D 216 -16.71 30.49 38.63
CA HIS D 216 -18.13 30.78 38.55
C HIS D 216 -18.54 31.00 37.11
N LYS D 217 -19.21 29.98 36.56
CA LYS D 217 -19.65 30.04 35.19
C LYS D 217 -21.16 30.29 35.14
N PRO D 218 -21.67 30.78 34.02
CA PRO D 218 -23.12 30.92 33.87
C PRO D 218 -23.73 29.54 33.72
N THR D 219 -25.04 29.42 33.92
CA THR D 219 -25.70 28.18 33.73
C THR D 219 -25.75 27.84 32.25
N THR D 220 -25.94 28.81 31.37
CA THR D 220 -25.81 28.57 29.92
C THR D 220 -24.36 28.98 29.59
N GLN D 221 -23.51 27.98 29.25
CA GLN D 221 -22.10 28.28 29.21
C GLN D 221 -21.36 27.55 28.09
N ILE D 222 -20.12 28.03 27.83
CA ILE D 222 -19.19 27.33 26.94
C ILE D 222 -18.68 26.16 27.81
N SER D 223 -18.89 24.93 27.36
CA SER D 223 -18.47 23.82 28.18
C SER D 223 -17.24 23.15 27.55
N ASP D 224 -16.94 23.45 26.30
CA ASP D 224 -15.71 22.88 25.70
C ASP D 224 -15.51 23.63 24.38
N PHE D 225 -14.26 23.68 23.87
CA PHE D 225 -13.99 24.27 22.58
C PHE D 225 -12.72 23.66 22.06
N HIS D 226 -12.69 23.40 20.77
CA HIS D 226 -11.49 22.76 20.17
C HIS D 226 -11.00 23.62 18.99
N VAL D 227 -9.71 23.93 18.94
CA VAL D 227 -9.21 24.75 17.83
C VAL D 227 -8.32 23.91 16.97
N ALA D 228 -8.60 23.92 15.64
CA ALA D 228 -7.73 23.19 14.70
C ALA D 228 -7.32 24.14 13.61
N THR D 229 -6.14 23.89 13.03
CA THR D 229 -5.69 24.74 11.95
C THR D 229 -5.24 23.84 10.82
N ARG D 230 -5.78 24.05 9.62
CA ARG D 230 -5.33 23.24 8.48
C ARG D 230 -4.77 24.17 7.42
N PHE D 231 -3.88 23.63 6.51
CA PHE D 231 -3.16 24.56 5.60
C PHE D 231 -3.16 24.13 4.18
N ASN D 232 -2.88 25.05 3.27
CA ASN D 232 -2.70 24.61 1.90
C ASN D 232 -1.26 24.12 1.71
N ASP D 233 -0.93 23.75 0.47
CA ASP D 233 0.32 23.14 0.22
C ASP D 233 1.50 23.95 0.61
N ASP D 234 1.47 25.27 0.50
CA ASP D 234 2.69 26.01 0.88
C ASP D 234 2.47 26.84 2.10
N PHE D 235 1.44 26.55 2.87
CA PHE D 235 1.23 27.31 4.14
C PHE D 235 0.91 28.78 3.99
N SER D 236 0.52 29.17 2.78
CA SER D 236 0.15 30.54 2.51
C SER D 236 -1.30 30.82 2.84
N ARG D 237 -2.09 29.75 3.08
CA ARG D 237 -3.48 29.90 3.49
C ARG D 237 -3.78 28.83 4.58
N ALA D 238 -4.62 29.25 5.55
CA ALA D 238 -5.05 28.33 6.59
C ALA D 238 -6.53 28.51 6.85
N VAL D 239 -7.11 27.43 7.36
CA VAL D 239 -8.45 27.53 7.89
C VAL D 239 -8.35 27.19 9.36
N LEU D 240 -8.88 28.08 10.16
CA LEU D 240 -9.01 27.79 11.59
C LEU D 240 -10.44 27.30 11.85
N GLU D 241 -10.59 26.12 12.40
CA GLU D 241 -11.91 25.60 12.64
C GLU D 241 -12.07 25.40 14.12
N ALA D 242 -13.11 25.99 14.69
CA ALA D 242 -13.28 25.88 16.15
C ALA D 242 -14.65 25.33 16.46
N GLU D 243 -14.66 24.18 17.11
CA GLU D 243 -15.88 23.55 17.53
C GLU D 243 -16.15 24.02 18.92
N VAL D 244 -17.36 24.52 19.16
CA VAL D 244 -17.68 25.04 20.52
C VAL D 244 -18.90 24.29 21.01
N GLN D 245 -18.84 23.83 22.28
CA GLN D 245 -19.97 23.10 22.85
C GLN D 245 -20.55 23.89 24.04
N MET D 246 -21.89 23.82 24.24
CA MET D 246 -22.47 24.53 25.36
C MET D 246 -23.19 23.54 26.26
N CYS D 247 -23.44 23.99 27.54
CA CYS D 247 -24.30 23.33 28.53
C CYS D 247 -25.28 24.36 28.92
N GLY D 248 -26.47 23.95 29.30
CA GLY D 248 -27.45 24.97 29.67
C GLY D 248 -28.62 24.91 28.70
N GLU D 249 -29.49 25.89 28.80
CA GLU D 249 -30.68 25.91 27.99
C GLU D 249 -30.51 26.57 26.63
N LEU D 250 -30.77 25.82 25.55
CA LEU D 250 -30.66 26.38 24.22
C LEU D 250 -31.76 27.41 23.99
N ARG D 251 -31.42 28.50 23.32
CA ARG D 251 -32.42 29.53 22.97
C ARG D 251 -32.08 30.01 21.58
N ASP D 252 -33.09 30.34 20.80
CA ASP D 252 -32.80 30.73 19.45
C ASP D 252 -31.97 32.00 19.28
N TYR D 253 -31.97 32.84 20.30
CA TYR D 253 -31.18 34.06 20.16
C TYR D 253 -29.69 33.87 20.49
N LEU D 254 -29.29 32.65 20.95
CA LEU D 254 -27.88 32.50 21.28
C LEU D 254 -27.03 32.36 20.02
N ARG D 255 -25.79 32.82 20.14
CA ARG D 255 -24.81 32.77 19.05
C ARG D 255 -23.44 32.49 19.69
N VAL D 256 -22.50 32.05 18.82
CA VAL D 256 -21.12 32.02 19.22
C VAL D 256 -20.35 32.79 18.17
N THR D 257 -19.38 33.61 18.61
CA THR D 257 -18.48 34.25 17.67
C THR D 257 -17.08 33.78 18.09
N VAL D 258 -16.27 33.38 17.10
CA VAL D 258 -14.87 33.10 17.34
C VAL D 258 -14.10 34.13 16.56
N SER D 259 -13.24 34.88 17.28
CA SER D 259 -12.44 35.92 16.61
C SER D 259 -10.98 35.63 16.82
N LEU D 260 -10.20 35.94 15.74
CA LEU D 260 -8.76 35.67 15.83
C LEU D 260 -8.02 37.01 15.76
N TRP D 261 -7.11 37.19 16.74
CA TRP D 261 -6.35 38.44 16.86
C TRP D 261 -4.87 38.24 16.70
N GLN D 262 -4.24 39.21 16.03
CA GLN D 262 -2.78 39.25 15.93
C GLN D 262 -2.40 40.52 16.68
N GLY D 263 -2.01 40.33 17.93
CA GLY D 263 -1.83 41.54 18.70
C GLY D 263 -3.21 42.22 18.86
N GLU D 264 -3.25 43.53 18.66
CA GLU D 264 -4.46 44.29 18.84
C GLU D 264 -5.29 44.38 17.59
N THR D 265 -4.95 43.61 16.57
CA THR D 265 -5.70 43.69 15.34
C THR D 265 -6.49 42.41 15.11
N GLN D 266 -7.76 42.54 14.81
CA GLN D 266 -8.56 41.40 14.55
C GLN D 266 -8.35 40.95 13.15
N VAL D 267 -7.95 39.69 12.94
CA VAL D 267 -7.70 39.29 11.54
C VAL D 267 -8.78 38.45 10.90
N ALA D 268 -9.62 37.80 11.73
CA ALA D 268 -10.69 36.99 11.18
C ALA D 268 -11.71 36.77 12.26
N SER D 269 -12.93 36.42 11.79
CA SER D 269 -13.98 36.19 12.77
C SER D 269 -15.08 35.36 12.16
N GLY D 270 -15.84 34.61 12.94
CA GLY D 270 -16.98 33.88 12.40
C GLY D 270 -18.07 33.87 13.47
N THR D 271 -19.34 34.01 13.07
CA THR D 271 -20.45 34.01 14.03
C THR D 271 -21.52 33.06 13.49
N ALA D 272 -22.14 32.30 14.37
CA ALA D 272 -23.23 31.44 13.96
C ALA D 272 -24.11 31.09 15.15
N PRO D 273 -25.36 30.65 14.92
CA PRO D 273 -26.21 30.15 15.99
C PRO D 273 -25.79 28.70 16.31
N PHE D 274 -26.28 28.13 17.37
CA PHE D 274 -25.93 26.74 17.67
C PHE D 274 -26.68 25.86 16.72
N GLY D 275 -26.10 24.70 16.49
CA GLY D 275 -26.73 23.69 15.64
C GLY D 275 -25.70 23.19 14.64
N GLY D 276 -25.12 22.00 14.91
CA GLY D 276 -24.04 21.50 14.05
C GLY D 276 -24.58 20.79 12.82
N GLU D 277 -23.74 20.35 11.93
CA GLU D 277 -24.21 19.68 10.73
C GLU D 277 -24.82 18.32 11.11
N ILE D 278 -25.61 17.78 10.22
CA ILE D 278 -26.17 16.46 10.48
C ILE D 278 -25.03 15.46 10.60
N ILE D 279 -25.12 14.61 11.60
CA ILE D 279 -24.04 13.67 11.66
C ILE D 279 -24.54 12.19 11.48
N ASP D 280 -25.83 11.89 11.78
CA ASP D 280 -26.29 10.56 11.56
C ASP D 280 -27.79 10.57 11.44
N GLU D 281 -28.42 9.38 11.46
CA GLU D 281 -29.85 9.32 11.18
C GLU D 281 -30.67 10.07 12.20
N ARG D 282 -30.12 10.42 13.38
CA ARG D 282 -30.93 11.12 14.40
C ARG D 282 -30.68 12.62 14.38
N GLY D 283 -29.88 13.10 13.46
CA GLY D 283 -29.67 14.53 13.30
C GLY D 283 -28.21 14.95 13.64
N GLY D 284 -28.04 16.11 14.32
CA GLY D 284 -26.75 16.58 14.68
C GLY D 284 -26.78 17.07 16.10
N TYR D 285 -25.69 17.78 16.50
CA TYR D 285 -25.62 18.33 17.88
C TYR D 285 -26.25 19.68 17.99
N ALA D 286 -27.41 19.78 18.54
CA ALA D 286 -28.03 21.09 18.58
C ALA D 286 -27.30 22.04 19.56
N ASP D 287 -26.45 21.46 20.45
CA ASP D 287 -25.73 22.18 21.50
C ASP D 287 -24.26 22.42 21.09
N ARG D 288 -23.94 22.36 19.76
CA ARG D 288 -22.60 22.66 19.29
C ARG D 288 -22.66 23.44 18.01
N VAL D 289 -21.50 24.08 17.73
CA VAL D 289 -21.43 24.76 16.47
C VAL D 289 -19.99 24.81 16.14
N THR D 290 -19.65 24.81 14.85
CA THR D 290 -18.24 24.87 14.43
C THR D 290 -18.07 26.09 13.53
N LEU D 291 -17.13 26.95 13.92
CA LEU D 291 -16.90 28.19 13.17
C LEU D 291 -15.70 27.93 12.31
N ARG D 292 -15.68 28.46 11.10
CA ARG D 292 -14.46 28.26 10.21
C ARG D 292 -14.00 29.64 9.75
N LEU D 293 -12.73 29.94 10.01
CA LEU D 293 -12.20 31.26 9.72
C LEU D 293 -11.09 31.13 8.72
N ASN D 294 -11.14 31.89 7.64
CA ASN D 294 -10.09 31.82 6.68
C ASN D 294 -8.98 32.72 7.14
N VAL D 295 -7.72 32.26 7.11
CA VAL D 295 -6.62 33.14 7.55
C VAL D 295 -5.54 33.15 6.44
N GLU D 296 -5.33 34.28 5.81
CA GLU D 296 -4.35 34.40 4.74
C GLU D 296 -2.93 34.57 5.28
N ASN D 297 -1.94 33.91 4.63
CA ASN D 297 -0.53 34.06 5.02
C ASN D 297 -0.31 34.10 6.51
N PRO D 298 -0.74 33.11 7.22
CA PRO D 298 -0.56 33.13 8.65
C PRO D 298 0.92 33.07 9.06
N LYS D 299 1.21 33.71 10.20
CA LYS D 299 2.49 33.62 10.90
C LYS D 299 2.48 32.28 11.60
N LEU D 300 3.46 31.44 11.22
CA LEU D 300 3.50 30.07 11.74
C LEU D 300 4.27 29.95 13.00
N TRP D 301 3.80 29.01 13.82
CA TRP D 301 4.44 28.79 15.13
C TRP D 301 5.46 27.67 15.01
N SER D 302 6.60 27.88 15.68
CA SER D 302 7.61 26.85 15.82
C SER D 302 8.40 27.23 17.05
N ALA D 303 9.22 26.31 17.55
CA ALA D 303 10.06 26.62 18.70
C ALA D 303 11.06 27.73 18.36
N GLU D 304 11.46 27.79 17.09
CA GLU D 304 12.39 28.81 16.62
C GLU D 304 11.75 30.20 16.68
N ILE D 305 10.47 30.36 16.24
CA ILE D 305 9.75 31.63 16.22
C ILE D 305 8.31 31.32 16.68
N PRO D 306 8.07 31.41 17.99
CA PRO D 306 6.81 31.02 18.52
C PRO D 306 5.69 32.02 18.26
N ASN D 307 5.41 32.27 17.00
CA ASN D 307 4.35 33.26 16.68
C ASN D 307 3.02 32.76 17.21
N LEU D 308 2.28 33.66 17.93
CA LEU D 308 0.99 33.26 18.45
C LEU D 308 -0.09 34.31 18.10
N TYR D 309 -1.31 33.84 17.93
CA TYR D 309 -2.44 34.66 17.73
C TYR D 309 -3.25 34.37 18.99
N ARG D 310 -4.34 35.16 19.20
CA ARG D 310 -5.28 34.94 20.34
C ARG D 310 -6.68 34.65 19.73
N ALA D 311 -7.28 33.52 20.15
CA ALA D 311 -8.64 33.21 19.74
C ALA D 311 -9.54 33.52 20.95
N VAL D 312 -10.59 34.29 20.69
CA VAL D 312 -11.54 34.57 21.74
C VAL D 312 -12.89 33.93 21.29
N VAL D 313 -13.44 33.11 22.19
CA VAL D 313 -14.67 32.45 21.93
C VAL D 313 -15.75 33.12 22.79
N GLU D 314 -16.70 33.76 22.13
CA GLU D 314 -17.78 34.42 22.85
C GLU D 314 -19.12 33.68 22.64
N LEU D 315 -19.81 33.52 23.80
CA LEU D 315 -21.18 32.98 23.85
C LEU D 315 -22.01 34.24 24.11
N HIS D 316 -22.85 34.62 23.15
CA HIS D 316 -23.52 35.89 23.25
C HIS D 316 -24.85 35.82 22.58
N THR D 317 -25.61 36.92 22.59
CA THR D 317 -26.92 36.89 21.99
C THR D 317 -26.83 37.60 20.66
N ALA D 318 -27.81 37.40 19.80
CA ALA D 318 -27.76 37.97 18.50
C ALA D 318 -27.74 39.46 18.58
N ASP D 319 -28.40 39.98 19.60
CA ASP D 319 -28.40 41.41 19.72
C ASP D 319 -27.31 42.01 20.51
N GLY D 320 -26.27 41.23 20.77
CA GLY D 320 -25.09 41.86 21.33
C GLY D 320 -24.75 41.71 22.78
N THR D 321 -25.50 40.96 23.58
CA THR D 321 -25.07 40.88 24.94
C THR D 321 -24.11 39.71 25.15
N LEU D 322 -22.99 39.90 25.84
CA LEU D 322 -22.15 38.76 26.06
C LEU D 322 -22.64 37.97 27.24
N ILE D 323 -22.70 36.62 27.11
CA ILE D 323 -23.06 35.78 28.22
C ILE D 323 -21.76 35.38 28.90
N GLU D 324 -20.71 34.93 28.14
CA GLU D 324 -19.36 34.73 28.76
C GLU D 324 -18.39 34.50 27.62
N ALA D 325 -17.09 34.63 27.93
CA ALA D 325 -16.11 34.35 26.87
C ALA D 325 -15.06 33.41 27.43
N GLU D 326 -14.47 32.64 26.49
CA GLU D 326 -13.30 31.82 26.85
C GLU D 326 -12.22 32.18 25.83
N ALA D 327 -10.97 31.71 25.98
CA ALA D 327 -10.00 32.12 24.98
C ALA D 327 -8.72 31.28 25.10
N CYS D 328 -7.88 31.30 24.03
CA CYS D 328 -6.64 30.60 24.10
C CYS D 328 -5.65 31.25 23.15
N ASP D 329 -4.37 30.96 23.35
CA ASP D 329 -3.32 31.37 22.40
C ASP D 329 -3.34 30.34 21.29
N VAL D 330 -3.17 30.75 20.07
CA VAL D 330 -3.23 29.80 18.99
C VAL D 330 -1.93 29.88 18.26
N GLY D 331 -1.31 28.74 17.97
CA GLY D 331 -0.08 28.69 17.13
C GLY D 331 -0.45 27.97 15.84
N PHE D 332 -0.28 28.63 14.67
CA PHE D 332 -0.56 27.93 13.47
C PHE D 332 0.63 27.02 13.12
N ARG D 333 0.43 25.72 13.22
CA ARG D 333 1.49 24.81 12.77
C ARG D 333 0.79 23.48 12.41
N GLU D 334 1.40 22.74 11.51
CA GLU D 334 0.91 21.44 11.16
C GLU D 334 2.03 20.44 11.54
N VAL D 335 1.59 19.36 12.15
CA VAL D 335 2.51 18.29 12.57
C VAL D 335 2.06 17.07 11.79
N ARG D 336 2.95 16.43 11.03
CA ARG D 336 2.52 15.21 10.34
C ARG D 336 3.75 14.35 10.09
N ILE D 337 3.52 13.06 9.87
CA ILE D 337 4.59 12.16 9.50
C ILE D 337 4.38 11.78 8.08
N GLU D 338 5.38 11.97 7.26
CA GLU D 338 5.21 11.63 5.85
C GLU D 338 6.49 11.06 5.33
N ASN D 339 6.31 9.97 4.64
CA ASN D 339 7.48 9.35 4.08
C ASN D 339 8.54 9.00 5.13
N GLY D 340 8.07 8.71 6.37
CA GLY D 340 9.04 8.27 7.36
C GLY D 340 9.64 9.42 8.22
N LEU D 341 9.23 10.67 7.95
CA LEU D 341 9.79 11.80 8.66
C LEU D 341 8.71 12.56 9.39
N LEU D 342 9.06 12.97 10.61
CA LEU D 342 8.16 13.86 11.41
C LEU D 342 8.42 15.29 10.92
N LEU D 343 7.35 15.90 10.35
CA LEU D 343 7.49 17.28 9.77
C LEU D 343 6.68 18.31 10.59
N LEU D 344 7.26 19.49 10.72
CA LEU D 344 6.56 20.57 11.37
C LEU D 344 6.50 21.65 10.31
N ASN D 345 5.29 22.06 9.92
CA ASN D 345 5.16 23.03 8.85
C ASN D 345 5.96 22.60 7.64
N GLY D 346 5.86 21.31 7.34
CA GLY D 346 6.47 20.74 6.12
C GLY D 346 7.95 20.48 6.22
N LYS D 347 8.60 20.83 7.33
CA LYS D 347 10.08 20.66 7.41
C LYS D 347 10.42 19.58 8.45
N PRO D 348 11.45 18.77 8.28
CA PRO D 348 11.70 17.70 9.25
C PRO D 348 12.41 18.21 10.50
N LEU D 349 11.86 17.88 11.67
CA LEU D 349 12.40 18.35 12.90
C LEU D 349 13.65 17.59 13.26
N LEU D 350 14.46 18.23 14.08
CA LEU D 350 15.63 17.58 14.72
C LEU D 350 15.42 17.95 16.22
N ILE D 351 14.90 16.99 16.97
CA ILE D 351 14.51 17.23 18.37
C ILE D 351 15.71 17.25 19.29
N ARG D 352 16.01 18.42 19.84
CA ARG D 352 17.07 18.67 20.83
C ARG D 352 16.31 18.67 22.17
N GLY D 353 15.89 17.44 22.61
CA GLY D 353 14.92 17.38 23.75
C GLY D 353 15.54 16.96 25.06
N VAL D 354 14.72 17.19 26.09
CA VAL D 354 15.06 16.70 27.45
C VAL D 354 13.81 16.25 28.11
N ASN D 355 13.90 15.19 28.91
CA ASN D 355 12.81 14.83 29.78
C ASN D 355 12.91 15.72 31.05
N ARG D 356 11.76 16.23 31.55
CA ARG D 356 11.81 17.07 32.72
C ARG D 356 10.70 16.65 33.66
N HIS D 357 11.05 16.20 34.86
CA HIS D 357 10.14 15.95 36.01
C HIS D 357 9.81 17.28 36.67
N GLU D 358 8.70 17.37 37.42
CA GLU D 358 8.34 18.56 38.18
C GLU D 358 8.93 18.39 39.61
N HIS D 359 10.11 19.01 39.80
CA HIS D 359 10.80 18.74 41.08
C HIS D 359 11.47 19.98 41.57
N HIS D 360 11.41 20.23 42.88
CA HIS D 360 12.04 21.36 43.53
C HIS D 360 12.62 20.84 44.82
N PRO D 361 13.88 21.13 45.11
CA PRO D 361 14.54 20.52 46.29
C PRO D 361 13.97 20.91 47.67
N LEU D 362 13.29 22.03 47.73
CA LEU D 362 12.61 22.44 48.99
C LEU D 362 11.11 22.18 48.94
N HIS D 363 10.45 22.38 47.79
CA HIS D 363 9.00 22.25 47.72
C HIS D 363 8.50 20.92 47.20
N GLY D 364 9.42 20.00 46.80
CA GLY D 364 8.93 18.66 46.40
C GLY D 364 8.36 18.68 44.99
N GLN D 365 7.08 18.36 44.84
CA GLN D 365 6.53 18.30 43.48
C GLN D 365 5.62 19.45 43.20
N VAL D 366 5.72 20.49 44.06
CA VAL D 366 4.91 21.70 43.82
C VAL D 366 5.69 22.55 42.83
N MET D 367 5.05 23.02 41.71
CA MET D 367 5.77 23.82 40.74
C MET D 367 5.33 25.28 40.82
N ASP D 368 6.22 26.21 40.54
CA ASP D 368 5.89 27.61 40.60
C ASP D 368 6.42 28.26 39.35
N GLU D 369 5.79 29.41 39.02
CA GLU D 369 6.18 30.07 37.84
C GLU D 369 7.66 30.39 37.70
N GLN D 370 8.26 30.88 38.79
CA GLN D 370 9.63 31.28 38.73
C GLN D 370 10.54 30.08 38.36
N THR D 371 10.24 28.93 38.97
CA THR D 371 11.07 27.81 38.62
C THR D 371 10.87 27.36 37.16
N MET D 372 9.62 27.37 36.70
CA MET D 372 9.36 26.88 35.33
C MET D 372 10.05 27.79 34.39
N VAL D 373 9.95 29.11 34.64
CA VAL D 373 10.63 30.04 33.76
C VAL D 373 12.15 29.87 33.79
N GLN D 374 12.68 29.66 34.97
CA GLN D 374 14.12 29.42 35.08
C GLN D 374 14.55 28.19 34.24
N ASP D 375 13.77 27.14 34.33
CA ASP D 375 14.10 25.92 33.60
C ASP D 375 14.02 26.19 32.11
N ILE D 376 12.94 26.84 31.64
CA ILE D 376 12.85 27.08 30.18
C ILE D 376 13.99 27.90 29.68
N LEU D 377 14.32 29.00 30.45
CA LEU D 377 15.41 29.86 30.02
C LEU D 377 16.74 29.06 29.92
N LEU D 378 17.02 28.22 30.94
CA LEU D 378 18.25 27.45 30.85
C LEU D 378 18.20 26.43 29.72
N MET D 379 17.00 25.85 29.51
CA MET D 379 16.93 24.88 28.42
C MET D 379 17.26 25.57 27.07
N LYS D 380 16.58 26.71 26.80
CA LYS D 380 16.78 27.38 25.52
C LYS D 380 18.24 27.89 25.40
N GLN D 381 18.74 28.41 26.55
CA GLN D 381 20.08 28.91 26.54
C GLN D 381 21.07 27.78 26.25
N ASN D 382 20.70 26.55 26.50
CA ASN D 382 21.58 25.40 26.25
C ASN D 382 21.17 24.56 25.02
N ASN D 383 20.51 25.24 24.07
CA ASN D 383 20.21 24.72 22.76
C ASN D 383 19.21 23.57 22.74
N PHE D 384 18.34 23.51 23.76
CA PHE D 384 17.23 22.55 23.72
C PHE D 384 16.05 23.21 23.00
N ASN D 385 15.27 22.40 22.26
CA ASN D 385 14.08 22.95 21.63
C ASN D 385 12.85 22.14 21.99
N ALA D 386 12.95 21.14 22.91
CA ALA D 386 11.83 20.24 23.12
C ALA D 386 11.92 19.65 24.49
N VAL D 387 10.77 19.30 24.99
CA VAL D 387 10.71 18.72 26.33
C VAL D 387 9.65 17.63 26.35
N ARG D 388 9.92 16.54 27.09
CA ARG D 388 8.97 15.48 27.33
C ARG D 388 8.53 15.56 28.78
N CYS D 389 7.20 15.52 28.94
CA CYS D 389 6.53 15.63 30.26
C CYS D 389 6.65 14.25 30.92
N SER D 390 7.89 13.88 31.30
CA SER D 390 8.06 12.61 31.95
C SER D 390 7.50 12.67 33.36
N HIS D 391 6.47 11.84 33.69
CA HIS D 391 5.69 10.93 32.79
C HIS D 391 4.25 11.15 33.21
N TYR D 392 3.78 12.40 32.97
CA TYR D 392 2.45 12.76 33.43
C TYR D 392 2.16 14.12 32.92
N PRO D 393 0.85 14.46 32.81
CA PRO D 393 0.52 15.84 32.43
C PRO D 393 1.08 16.82 33.48
N ASN D 394 1.58 17.96 33.03
CA ASN D 394 2.21 18.93 33.91
C ASN D 394 1.22 19.99 34.45
N HIS D 395 1.71 20.81 35.38
CA HIS D 395 0.98 21.93 35.88
C HIS D 395 0.59 22.72 34.64
N PRO D 396 -0.63 23.28 34.61
CA PRO D 396 -1.14 23.98 33.42
C PRO D 396 -0.29 25.09 32.90
N LEU D 397 0.38 25.79 33.83
CA LEU D 397 1.20 26.91 33.38
C LEU D 397 2.36 26.49 32.46
N TRP D 398 2.82 25.29 32.62
CA TRP D 398 3.97 24.88 31.80
C TRP D 398 3.70 25.00 30.29
N TYR D 399 2.45 24.57 29.88
CA TYR D 399 2.13 24.58 28.45
C TYR D 399 2.03 25.97 27.92
N THR D 400 1.47 26.88 28.78
CA THR D 400 1.40 28.30 28.35
C THR D 400 2.82 28.86 28.14
N LEU D 401 3.78 28.49 29.06
CA LEU D 401 5.12 28.96 28.86
C LEU D 401 5.78 28.36 27.63
N CYS D 402 5.58 27.04 27.39
CA CYS D 402 6.17 26.45 26.21
C CYS D 402 5.56 27.04 24.94
N ASP D 403 4.26 27.39 24.95
CA ASP D 403 3.64 28.02 23.81
C ASP D 403 4.29 29.33 23.50
N ARG D 404 4.58 30.09 24.57
CA ARG D 404 5.05 31.46 24.42
C ARG D 404 6.55 31.60 24.21
N TYR D 405 7.34 30.79 24.94
CA TYR D 405 8.78 30.86 24.78
C TYR D 405 9.26 30.00 23.57
N GLY D 406 8.44 29.00 23.22
CA GLY D 406 8.79 28.15 22.08
C GLY D 406 9.61 26.90 22.46
N LEU D 407 8.91 25.84 22.84
CA LEU D 407 9.48 24.50 23.01
C LEU D 407 8.44 23.50 22.49
N TYR D 408 8.92 22.45 21.76
CA TYR D 408 8.02 21.36 21.33
C TYR D 408 7.78 20.49 22.56
N VAL D 409 6.54 20.11 22.80
CA VAL D 409 6.21 19.31 23.99
C VAL D 409 5.61 17.96 23.65
N VAL D 410 6.06 16.90 24.36
CA VAL D 410 5.44 15.59 24.29
C VAL D 410 4.59 15.57 25.56
N ASP D 411 3.21 15.52 25.44
CA ASP D 411 2.38 15.49 26.63
C ASP D 411 2.08 14.04 26.86
N GLU D 412 2.24 13.59 28.11
CA GLU D 412 2.20 12.17 28.40
C GLU D 412 1.23 11.82 29.51
N ALA D 413 0.43 10.78 29.24
CA ALA D 413 -0.56 10.40 30.20
C ALA D 413 0.07 9.87 31.47
N ASN D 414 -0.62 10.10 32.60
CA ASN D 414 -0.11 9.61 33.90
C ASN D 414 -0.35 8.13 34.14
N ILE D 415 0.35 7.29 33.34
CA ILE D 415 0.17 5.84 33.47
C ILE D 415 1.56 5.20 33.45
N GLU D 416 2.03 4.65 34.60
CA GLU D 416 3.26 3.91 34.52
C GLU D 416 3.09 2.77 35.48
N THR D 417 3.28 1.54 35.00
CA THR D 417 3.10 0.31 35.81
C THR D 417 4.36 -0.52 35.78
N HIS D 418 5.49 0.15 35.93
CA HIS D 418 6.75 -0.53 35.73
C HIS D 418 6.96 -1.74 36.61
N GLY D 419 6.51 -1.64 37.85
CA GLY D 419 6.81 -2.72 38.80
C GLY D 419 5.99 -3.96 38.63
N MET D 420 5.05 -3.98 37.69
CA MET D 420 4.26 -5.21 37.49
C MET D 420 5.15 -6.29 36.89
N VAL D 421 4.75 -7.57 37.03
CA VAL D 421 5.49 -8.65 36.36
C VAL D 421 4.40 -9.48 35.62
N PRO D 422 4.45 -9.58 34.27
CA PRO D 422 5.31 -8.84 33.36
C PRO D 422 4.82 -7.39 33.39
N MET D 423 5.55 -6.51 32.68
CA MET D 423 5.22 -5.08 32.80
C MET D 423 3.82 -4.75 32.30
N ASN D 424 3.27 -5.55 31.38
CA ASN D 424 1.87 -5.23 30.87
C ASN D 424 0.73 -5.94 31.62
N ARG D 425 0.99 -6.45 32.82
CA ARG D 425 -0.06 -7.22 33.47
C ARG D 425 -1.39 -6.44 33.61
N LEU D 426 -1.31 -5.18 33.97
CA LEU D 426 -2.52 -4.36 34.04
C LEU D 426 -2.97 -3.80 32.68
N THR D 427 -2.02 -3.36 31.90
CA THR D 427 -2.35 -2.72 30.62
C THR D 427 -2.90 -3.64 29.59
N ASP D 428 -2.67 -4.97 29.75
CA ASP D 428 -3.31 -5.93 28.87
C ASP D 428 -4.63 -6.46 29.47
N ASP D 429 -5.07 -5.95 30.64
CA ASP D 429 -6.27 -6.44 31.29
C ASP D 429 -7.44 -5.47 31.09
N PRO D 430 -8.53 -5.96 30.51
CA PRO D 430 -9.64 -5.05 30.18
C PRO D 430 -10.24 -4.46 31.39
N ARG D 431 -10.02 -5.06 32.56
CA ARG D 431 -10.65 -4.48 33.72
C ARG D 431 -9.96 -3.17 34.12
N TRP D 432 -8.74 -2.90 33.58
CA TRP D 432 -8.04 -1.68 33.90
C TRP D 432 -8.19 -0.66 32.74
N LEU D 433 -8.93 -1.06 31.69
CA LEU D 433 -9.10 -0.13 30.57
C LEU D 433 -9.81 1.15 31.03
N PRO D 434 -10.83 1.09 31.88
CA PRO D 434 -11.50 2.36 32.25
C PRO D 434 -10.62 3.36 32.94
N ALA D 435 -9.86 2.86 33.95
CA ALA D 435 -8.96 3.75 34.67
C ALA D 435 -7.89 4.28 33.75
N MET D 436 -7.35 3.41 32.88
CA MET D 436 -6.33 3.94 31.99
C MET D 436 -6.94 4.98 31.09
N SER D 437 -8.14 4.64 30.56
CA SER D 437 -8.76 5.53 29.59
C SER D 437 -8.88 6.96 30.04
N GLU D 438 -9.25 7.13 31.29
CA GLU D 438 -9.41 8.53 31.77
C GLU D 438 -8.13 9.28 31.86
N ARG D 439 -7.04 8.53 32.08
CA ARG D 439 -5.73 9.21 32.19
C ARG D 439 -5.31 9.76 30.81
N VAL D 440 -5.70 9.03 29.75
CA VAL D 440 -5.37 9.53 28.41
C VAL D 440 -6.46 10.52 27.99
N THR D 441 -7.74 10.18 28.06
CA THR D 441 -8.75 11.08 27.47
C THR D 441 -8.82 12.41 28.15
N ARG D 442 -8.71 12.42 29.46
CA ARG D 442 -8.85 13.70 30.17
C ARG D 442 -7.62 14.59 29.93
N MET D 443 -6.45 13.98 29.60
CA MET D 443 -5.27 14.79 29.25
C MET D 443 -5.56 15.43 27.90
N VAL D 444 -6.07 14.68 26.93
CA VAL D 444 -6.30 15.30 25.60
C VAL D 444 -7.36 16.40 25.74
N GLN D 445 -8.38 16.14 26.53
CA GLN D 445 -9.43 17.12 26.67
C GLN D 445 -8.91 18.41 27.23
N ARG D 446 -7.91 18.35 28.11
CA ARG D 446 -7.36 19.55 28.76
C ARG D 446 -6.39 20.30 27.88
N ASP D 447 -5.50 19.53 27.20
CA ASP D 447 -4.36 20.13 26.55
C ASP D 447 -4.38 20.28 25.03
N ARG D 448 -5.43 19.78 24.37
CA ARG D 448 -5.47 19.73 22.90
C ARG D 448 -5.37 21.06 22.18
N ASN D 449 -5.62 22.19 22.85
CA ASN D 449 -5.52 23.43 22.13
C ASN D 449 -4.15 24.12 22.28
N HIS D 450 -3.20 23.51 23.01
CA HIS D 450 -1.86 24.17 23.14
C HIS D 450 -1.00 23.88 21.93
N PRO D 451 -0.53 24.89 21.23
CA PRO D 451 0.30 24.60 20.05
C PRO D 451 1.61 23.93 20.44
N SER D 452 2.13 24.23 21.63
CA SER D 452 3.43 23.61 21.93
C SER D 452 3.34 22.08 21.99
N VAL D 453 2.17 21.53 22.34
CA VAL D 453 2.08 20.08 22.35
C VAL D 453 2.03 19.61 20.88
N ILE D 454 3.05 18.84 20.45
CA ILE D 454 3.09 18.34 19.11
C ILE D 454 2.90 16.82 19.03
N ILE D 455 3.05 16.10 20.14
CA ILE D 455 2.94 14.63 20.14
C ILE D 455 2.27 14.20 21.45
N TRP D 456 1.36 13.24 21.36
CA TRP D 456 0.76 12.68 22.59
C TRP D 456 1.51 11.37 22.91
N SER D 457 1.72 11.12 24.22
CA SER D 457 2.30 9.86 24.62
C SER D 457 1.32 9.14 25.52
N LEU D 458 1.22 7.82 25.37
CA LEU D 458 0.27 7.00 26.19
C LEU D 458 0.74 6.61 27.60
N GLY D 459 1.89 7.15 28.03
CA GLY D 459 2.37 6.86 29.35
C GLY D 459 3.81 6.38 29.26
N ASN D 460 4.25 5.56 30.25
CA ASN D 460 5.63 5.16 30.19
C ASN D 460 5.75 3.81 30.90
N GLU D 461 6.69 2.98 30.43
CA GLU D 461 7.07 1.74 31.13
C GLU D 461 5.90 1.01 31.75
N SER D 462 4.96 0.64 30.87
CA SER D 462 3.81 -0.17 31.24
C SER D 462 3.68 -1.37 30.27
N GLY D 463 4.79 -1.84 29.68
CA GLY D 463 4.73 -2.94 28.76
C GLY D 463 3.89 -2.51 27.54
N HIS D 464 3.45 -3.46 26.77
CA HIS D 464 2.48 -3.14 25.66
C HIS D 464 1.24 -4.10 25.83
N GLY D 465 0.08 -3.50 26.15
CA GLY D 465 -1.20 -4.21 26.34
C GLY D 465 -2.25 -3.74 25.37
N ALA D 466 -3.25 -4.57 25.24
CA ALA D 466 -4.35 -4.19 24.30
C ALA D 466 -5.00 -2.85 24.72
N ASN D 467 -4.96 -2.49 26.02
CA ASN D 467 -5.51 -1.19 26.38
C ASN D 467 -4.75 -0.10 25.67
N HIS D 468 -3.43 -0.30 25.41
CA HIS D 468 -2.67 0.74 24.71
C HIS D 468 -3.18 0.88 23.31
N ASP D 469 -3.46 -0.25 22.65
CA ASP D 469 -3.89 -0.16 21.26
C ASP D 469 -5.25 0.55 21.19
N ALA D 470 -6.14 0.25 22.12
CA ALA D 470 -7.44 0.93 22.10
C ALA D 470 -7.29 2.40 22.28
N LEU D 471 -6.43 2.82 23.23
CA LEU D 471 -6.25 4.24 23.50
C LEU D 471 -5.49 4.98 22.42
N TYR D 472 -4.50 4.32 21.82
CA TYR D 472 -3.85 4.89 20.64
C TYR D 472 -4.93 5.23 19.60
N ARG D 473 -5.82 4.24 19.34
CA ARG D 473 -6.84 4.49 18.31
C ARG D 473 -7.79 5.59 18.67
N TRP D 474 -8.16 5.65 19.96
CA TRP D 474 -9.06 6.71 20.42
C TRP D 474 -8.41 8.05 20.11
N ILE D 475 -7.13 8.24 20.44
CA ILE D 475 -6.53 9.56 20.16
C ILE D 475 -6.46 9.82 18.68
N LYS D 476 -6.08 8.83 17.88
CA LYS D 476 -5.97 9.08 16.46
C LYS D 476 -7.30 9.47 15.89
N SER D 477 -8.42 8.97 16.44
CA SER D 477 -9.76 9.37 15.95
C SER D 477 -10.13 10.74 16.40
N VAL D 478 -9.89 11.05 17.64
CA VAL D 478 -10.34 12.32 18.19
C VAL D 478 -9.44 13.46 17.77
N ASP D 479 -8.16 13.21 17.61
CA ASP D 479 -7.25 14.34 17.32
C ASP D 479 -6.24 13.94 16.31
N PRO D 480 -6.57 14.05 15.10
CA PRO D 480 -5.65 13.64 14.05
C PRO D 480 -4.47 14.56 13.83
N SER D 481 -4.48 15.67 14.53
CA SER D 481 -3.45 16.69 14.31
C SER D 481 -2.07 16.38 14.92
N ARG D 482 -1.99 15.35 15.78
CA ARG D 482 -0.69 15.07 16.40
C ARG D 482 -0.40 13.58 16.40
N PRO D 483 0.86 13.20 16.09
CA PRO D 483 1.25 11.82 16.20
C PRO D 483 1.10 11.30 17.67
N VAL D 484 0.99 9.97 17.82
CA VAL D 484 0.91 9.38 19.15
C VAL D 484 2.11 8.50 19.25
N GLN D 485 2.80 8.58 20.39
CA GLN D 485 3.93 7.66 20.55
C GLN D 485 3.79 6.89 21.86
N TYR D 486 4.55 5.80 21.99
CA TYR D 486 4.57 5.06 23.24
C TYR D 486 5.71 4.06 23.11
N GLU D 487 6.56 3.99 24.15
CA GLU D 487 7.74 3.13 24.01
C GLU D 487 7.59 1.75 24.54
N GLY D 488 6.58 1.50 25.39
CA GLY D 488 6.45 0.18 26.06
C GLY D 488 6.39 -0.97 25.11
N GLY D 489 6.90 -2.12 25.60
CA GLY D 489 6.80 -3.30 24.81
C GLY D 489 7.68 -3.37 23.57
N GLY D 490 8.79 -2.65 23.55
CA GLY D 490 9.77 -2.82 22.43
C GLY D 490 9.90 -1.59 21.60
N ALA D 491 9.20 -0.51 21.92
CA ALA D 491 9.40 0.80 21.30
C ALA D 491 8.97 0.94 19.85
N ASP D 492 8.46 -0.11 19.25
CA ASP D 492 8.09 -0.05 17.83
C ASP D 492 6.80 -0.85 17.64
N THR D 493 5.96 -0.87 18.69
CA THR D 493 4.70 -1.61 18.60
C THR D 493 3.62 -0.93 17.76
N THR D 494 2.49 -1.60 17.60
CA THR D 494 1.37 -1.03 16.88
C THR D 494 0.76 0.14 17.62
N ALA D 495 1.23 0.49 18.83
CA ALA D 495 0.66 1.62 19.54
C ALA D 495 1.57 2.87 19.46
N THR D 496 2.46 2.93 18.43
CA THR D 496 3.29 4.13 18.36
C THR D 496 3.52 4.51 16.90
N ASP D 497 3.41 5.79 16.59
CA ASP D 497 3.68 6.28 15.23
C ASP D 497 5.19 6.57 15.03
N ILE D 498 5.96 6.56 16.15
CA ILE D 498 7.40 6.90 16.13
C ILE D 498 8.17 5.83 16.86
N ILE D 499 9.27 5.34 16.26
CA ILE D 499 10.04 4.35 17.03
C ILE D 499 10.70 5.17 18.14
N CYS D 500 10.42 4.88 19.38
CA CYS D 500 10.86 5.76 20.42
C CYS D 500 11.52 5.08 21.61
N PRO D 501 12.62 4.44 21.33
CA PRO D 501 13.28 3.65 22.37
C PRO D 501 13.90 4.51 23.44
N MET D 502 14.23 3.82 24.56
CA MET D 502 14.98 4.45 25.65
C MET D 502 16.34 3.77 25.78
N TYR D 503 17.38 4.56 25.63
CA TYR D 503 18.75 4.11 25.84
C TYR D 503 19.20 3.12 24.80
N ALA D 504 18.60 3.17 23.61
CA ALA D 504 19.17 2.38 22.49
C ALA D 504 20.46 3.11 22.13
N ARG D 505 21.54 2.34 21.84
CA ARG D 505 22.88 2.90 21.55
C ARG D 505 22.99 3.18 20.10
N VAL D 506 24.01 3.91 19.74
CA VAL D 506 24.08 4.37 18.35
C VAL D 506 24.45 3.30 17.39
N ASP D 507 25.56 2.58 17.75
CA ASP D 507 26.09 1.53 16.90
C ASP D 507 25.94 0.13 17.46
N GLU D 508 25.80 0.06 18.77
CA GLU D 508 25.78 -1.23 19.46
C GLU D 508 24.38 -1.78 19.65
N ASP D 509 24.11 -3.05 19.17
CA ASP D 509 22.81 -3.68 19.41
C ASP D 509 22.79 -4.29 20.81
N GLN D 510 21.63 -4.37 21.44
CA GLN D 510 21.46 -5.04 22.75
C GLN D 510 20.26 -5.92 22.52
N PRO D 511 20.50 -7.09 22.01
CA PRO D 511 19.37 -7.90 21.57
C PRO D 511 18.63 -8.67 22.65
N PHE D 512 18.07 -7.96 23.60
CA PHE D 512 17.28 -8.57 24.67
C PHE D 512 16.12 -9.33 24.08
N PRO D 513 15.82 -10.48 24.64
CA PRO D 513 14.66 -11.20 24.18
C PRO D 513 13.36 -10.37 24.33
N ALA D 514 12.56 -10.50 23.28
CA ALA D 514 11.27 -9.87 23.17
C ALA D 514 11.34 -8.38 22.95
N VAL D 515 12.21 -7.71 23.71
CA VAL D 515 12.23 -6.24 23.64
C VAL D 515 13.68 -5.78 23.43
N PRO D 516 14.26 -6.17 22.30
CA PRO D 516 15.64 -5.79 21.99
C PRO D 516 15.76 -4.27 21.81
N LYS D 517 16.92 -3.74 22.17
CA LYS D 517 17.21 -2.32 21.94
C LYS D 517 18.26 -2.34 20.82
N TRP D 518 17.81 -2.30 19.56
CA TRP D 518 18.77 -2.33 18.43
C TRP D 518 19.57 -0.98 18.37
N SER D 519 20.76 -0.96 17.75
CA SER D 519 21.48 0.24 17.40
C SER D 519 20.40 1.07 16.64
N ILE D 520 20.33 2.39 16.92
CA ILE D 520 19.30 3.18 16.30
C ILE D 520 19.50 3.26 14.78
N LYS D 521 20.69 3.23 14.31
CA LYS D 521 20.88 3.24 12.86
C LYS D 521 20.34 2.00 12.23
N LYS D 522 20.53 0.84 12.91
CA LYS D 522 20.05 -0.40 12.34
C LYS D 522 18.51 -0.50 12.45
N TRP D 523 17.97 0.02 13.56
CA TRP D 523 16.55 -0.12 13.81
C TRP D 523 15.76 0.44 12.65
N LEU D 524 16.21 1.60 12.21
CA LEU D 524 15.45 2.28 11.14
C LEU D 524 15.18 1.40 9.94
N SER D 525 16.19 0.58 9.60
CA SER D 525 16.12 -0.19 8.39
C SER D 525 15.67 -1.67 8.54
N LEU D 526 15.17 -2.02 9.72
CA LEU D 526 14.73 -3.39 9.82
C LEU D 526 13.67 -3.68 8.77
N PRO D 527 13.57 -4.93 8.28
CA PRO D 527 12.63 -5.27 7.19
C PRO D 527 11.26 -4.74 7.47
N GLY D 528 10.74 -4.00 6.50
CA GLY D 528 9.40 -3.45 6.63
C GLY D 528 9.28 -2.18 7.41
N GLU D 529 10.35 -1.77 8.13
CA GLU D 529 10.17 -0.56 8.99
C GLU D 529 10.30 0.74 8.22
N THR D 530 9.42 1.72 8.49
CA THR D 530 9.50 3.01 7.75
C THR D 530 9.35 4.26 8.64
N ARG D 531 9.08 4.03 9.96
CA ARG D 531 8.79 5.18 10.84
C ARG D 531 10.04 5.98 11.22
N PRO D 532 9.82 7.22 11.70
CA PRO D 532 10.94 8.00 12.18
C PRO D 532 11.34 7.43 13.54
N LEU D 533 12.56 7.72 13.94
CA LEU D 533 12.99 7.27 15.28
C LEU D 533 13.48 8.50 16.08
N ILE D 534 12.84 8.70 17.23
CA ILE D 534 13.22 9.77 18.15
C ILE D 534 13.27 9.11 19.54
N LEU D 535 14.44 9.09 20.19
CA LEU D 535 14.52 8.42 21.47
C LEU D 535 13.71 9.12 22.52
N CYS D 536 12.89 8.37 23.24
CA CYS D 536 12.12 9.04 24.25
C CYS D 536 13.04 9.36 25.48
N GLN D 537 14.11 8.55 25.67
CA GLN D 537 15.06 8.85 26.74
C GLN D 537 16.41 8.38 26.19
N TYR D 538 17.45 9.18 26.35
CA TYR D 538 18.78 8.69 25.94
C TYR D 538 19.84 9.49 26.67
N ALA D 539 21.07 8.97 26.70
CA ALA D 539 22.13 9.62 27.49
C ALA D 539 21.82 9.98 28.97
C ALA D 539 21.49 9.41 28.93
N HIS D 540 21.89 8.94 29.78
N HIS D 540 22.26 9.22 29.93
CA HIS D 540 21.61 8.98 31.22
C HIS D 540 22.60 9.78 32.08
N ALA D 541 22.20 10.98 32.46
CA ALA D 541 23.12 11.96 33.01
C ALA D 541 23.29 11.88 34.53
N MET D 542 23.50 10.63 34.98
CA MET D 542 23.65 10.34 36.42
C MET D 542 25.11 10.49 36.85
N GLY D 543 25.33 11.49 37.67
CA GLY D 543 26.69 11.80 38.13
C GLY D 543 27.58 12.22 36.99
N ASN D 544 28.84 11.69 37.01
CA ASN D 544 29.78 12.10 35.98
C ASN D 544 29.51 11.26 34.71
N SER D 545 28.75 11.86 33.77
CA SER D 545 28.20 11.09 32.67
C SER D 545 28.14 11.96 31.42
N LEU D 546 27.35 11.46 30.43
CA LEU D 546 27.27 12.08 29.09
C LEU D 546 28.42 11.65 28.23
N GLY D 547 29.14 10.61 28.68
CA GLY D 547 30.17 10.11 27.78
C GLY D 547 29.53 9.52 26.51
N GLY D 548 30.06 9.80 25.34
CA GLY D 548 29.42 9.24 24.16
C GLY D 548 28.34 10.14 23.58
N PHE D 549 28.07 11.30 24.21
CA PHE D 549 26.98 12.16 23.74
C PHE D 549 27.20 12.57 22.29
N ALA D 550 28.39 12.94 21.90
CA ALA D 550 28.63 13.34 20.50
C ALA D 550 28.27 12.27 19.45
N LYS D 551 28.35 11.00 19.82
CA LYS D 551 28.08 9.94 18.91
C LYS D 551 26.61 9.95 18.49
N TYR D 552 25.72 10.34 19.42
CA TYR D 552 24.35 10.39 19.03
C TYR D 552 24.14 11.49 18.01
N TRP D 553 24.69 12.68 18.30
CA TRP D 553 24.49 13.85 17.45
C TRP D 553 24.99 13.67 16.09
N GLN D 554 26.16 13.00 15.98
CA GLN D 554 26.68 12.74 14.64
C GLN D 554 25.70 11.87 13.84
N ALA D 555 25.13 10.90 14.53
CA ALA D 555 24.16 10.00 13.83
C ALA D 555 22.86 10.71 13.46
N PHE D 556 22.35 11.52 14.41
CA PHE D 556 21.14 12.24 14.11
C PHE D 556 21.34 13.15 12.90
N ARG D 557 22.52 13.79 12.78
CA ARG D 557 22.69 14.68 11.61
C ARG D 557 22.89 13.94 10.35
N GLN D 558 23.49 12.74 10.41
CA GLN D 558 23.71 11.99 9.16
C GLN D 558 22.49 11.26 8.62
N TYR D 559 21.59 10.73 9.49
CA TYR D 559 20.43 9.92 9.10
C TYR D 559 19.19 10.75 9.16
N PRO D 560 18.55 11.01 8.01
CA PRO D 560 17.34 11.80 8.02
C PRO D 560 16.31 11.35 9.06
N ARG D 561 16.01 10.02 9.06
CA ARG D 561 15.01 9.42 9.96
C ARG D 561 15.41 9.29 11.42
N LEU D 562 16.68 9.59 11.75
CA LEU D 562 17.03 9.71 13.21
C LEU D 562 16.76 11.19 13.50
N GLN D 563 15.63 11.49 14.15
CA GLN D 563 15.26 12.88 14.32
C GLN D 563 15.48 13.39 15.75
N GLY D 564 16.43 12.74 16.43
CA GLY D 564 16.82 13.29 17.72
C GLY D 564 16.37 12.45 18.94
N GLY D 565 16.15 13.13 20.05
CA GLY D 565 15.76 12.38 21.25
C GLY D 565 15.61 13.35 22.42
N PHE D 566 15.21 12.75 23.57
CA PHE D 566 15.06 13.55 24.79
C PHE D 566 16.06 13.02 25.82
N VAL D 567 17.03 13.86 26.24
CA VAL D 567 18.02 13.41 27.22
C VAL D 567 17.32 13.04 28.55
N TRP D 568 17.85 12.04 29.21
CA TRP D 568 17.37 11.69 30.54
C TRP D 568 18.40 12.14 31.57
N ASP D 569 18.18 13.17 32.40
CA ASP D 569 17.04 14.03 32.34
C ASP D 569 17.49 15.45 32.78
N TRP D 570 16.53 16.36 32.97
CA TRP D 570 16.89 17.75 33.19
C TRP D 570 17.47 18.00 34.55
N VAL D 571 16.77 17.63 35.62
CA VAL D 571 17.19 18.06 36.93
C VAL D 571 17.22 16.93 37.96
N ASP D 572 18.30 16.89 38.71
CA ASP D 572 18.44 15.87 39.78
C ASP D 572 17.30 16.00 40.78
N GLN D 573 16.76 14.85 41.15
CA GLN D 573 15.68 14.85 42.17
C GLN D 573 16.30 14.70 43.58
N SER D 574 17.21 15.61 43.94
CA SER D 574 17.73 15.46 45.31
C SER D 574 16.81 16.34 46.17
N LEU D 575 16.71 16.08 47.47
CA LEU D 575 15.91 16.86 48.38
C LEU D 575 16.80 17.50 49.48
N ILE D 576 16.45 18.67 50.00
CA ILE D 576 17.32 19.24 51.00
C ILE D 576 16.97 18.72 52.38
N LYS D 577 17.97 18.34 53.16
CA LYS D 577 17.82 18.01 54.54
C LYS D 577 18.75 19.01 55.29
N TYR D 578 18.59 19.05 56.61
CA TYR D 578 19.40 19.95 57.44
C TYR D 578 20.22 19.19 58.44
N ASP D 579 21.49 19.57 58.63
CA ASP D 579 22.28 18.88 59.66
C ASP D 579 22.01 19.46 61.07
N GLU D 580 22.67 18.98 62.11
CA GLU D 580 22.34 19.51 63.43
C GLU D 580 22.57 21.00 63.56
N ASN D 581 23.53 21.44 62.74
CA ASN D 581 23.94 22.83 62.60
C ASN D 581 22.85 23.62 61.87
N GLY D 582 21.96 22.85 61.25
CA GLY D 582 20.91 23.52 60.50
C GLY D 582 21.45 23.90 59.14
N ASN D 583 22.51 23.26 58.75
CA ASN D 583 23.04 23.59 57.45
C ASN D 583 22.48 22.53 56.51
N PRO D 584 22.11 23.01 55.35
CA PRO D 584 21.42 22.18 54.38
C PRO D 584 22.35 21.26 53.62
N TRP D 585 21.78 20.11 53.21
CA TRP D 585 22.55 19.22 52.38
C TRP D 585 21.61 18.44 51.42
N SER D 586 22.16 17.98 50.29
CA SER D 586 21.35 17.28 49.31
C SER D 586 21.26 15.84 49.61
N ALA D 587 20.01 15.35 49.72
CA ALA D 587 19.68 13.95 50.09
C ALA D 587 19.08 13.21 48.91
N TYR D 588 19.33 11.86 48.91
CA TYR D 588 18.76 11.02 47.89
C TYR D 588 18.04 9.85 48.56
N GLY D 589 17.79 8.80 47.82
CA GLY D 589 17.04 7.69 48.36
C GLY D 589 17.65 7.07 49.59
N GLY D 590 16.76 6.79 50.53
CA GLY D 590 17.14 6.19 51.79
C GLY D 590 17.42 7.21 52.88
N ASP D 591 17.66 8.44 52.50
CA ASP D 591 18.03 9.45 53.45
C ASP D 591 16.88 9.90 54.34
N PHE D 592 15.73 9.32 54.13
CA PHE D 592 14.60 9.70 54.98
C PHE D 592 14.16 8.46 55.70
N GLY D 593 15.00 7.40 55.72
CA GLY D 593 14.57 6.20 56.38
C GLY D 593 13.71 5.33 55.49
N ASP D 594 13.50 5.81 54.24
CA ASP D 594 12.63 5.09 53.31
C ASP D 594 13.33 3.81 52.88
N THR D 595 12.65 2.70 52.93
CA THR D 595 13.25 1.45 52.49
C THR D 595 12.17 0.43 52.19
N PRO D 596 12.34 -0.32 51.11
CA PRO D 596 13.50 -0.28 50.21
C PRO D 596 13.58 1.05 49.46
N ASN D 597 14.77 1.39 49.00
CA ASN D 597 14.95 2.62 48.22
C ASN D 597 15.98 2.36 47.08
N ASP D 598 16.08 3.27 46.13
CA ASP D 598 17.03 3.10 45.03
C ASP D 598 18.14 4.16 45.05
N ARG D 599 18.52 4.52 46.31
CA ARG D 599 19.69 5.36 46.55
C ARG D 599 19.87 6.54 45.58
N GLN D 600 21.01 6.71 44.97
CA GLN D 600 21.16 7.91 44.15
C GLN D 600 20.58 7.85 42.71
N PHE D 601 19.81 6.77 42.40
CA PHE D 601 19.22 6.71 41.05
C PHE D 601 18.18 7.83 40.77
N CYS D 602 17.76 8.57 41.82
CA CYS D 602 16.90 9.71 41.59
C CYS D 602 17.62 10.94 41.05
N MET D 603 19.01 10.93 40.95
CA MET D 603 19.79 12.09 40.48
C MET D 603 20.37 11.75 39.14
N ASN D 604 19.69 12.22 38.06
CA ASN D 604 20.14 11.87 36.68
C ASN D 604 20.13 13.12 35.84
N GLY D 605 20.17 14.31 36.51
CA GLY D 605 20.00 15.56 35.81
C GLY D 605 21.24 16.16 35.19
N LEU D 606 20.98 16.97 34.15
CA LEU D 606 22.02 17.80 33.58
C LEU D 606 22.27 18.99 34.54
N VAL D 607 21.27 19.31 35.41
CA VAL D 607 21.50 20.38 36.36
C VAL D 607 21.25 19.81 37.75
N PHE D 608 21.92 20.35 38.76
CA PHE D 608 21.64 20.03 40.15
C PHE D 608 20.22 20.51 40.46
N ALA D 609 19.66 20.07 41.62
CA ALA D 609 18.30 20.46 42.01
C ALA D 609 18.11 21.96 42.10
N ASP D 610 19.17 22.73 42.40
CA ASP D 610 18.98 24.15 42.52
C ASP D 610 19.22 24.81 41.21
N ARG D 611 19.35 24.01 40.17
CA ARG D 611 19.53 24.60 38.80
C ARG D 611 20.93 24.99 38.39
N THR D 612 21.93 24.70 39.28
CA THR D 612 23.33 24.93 38.91
C THR D 612 23.66 23.82 37.88
N PRO D 613 24.37 24.13 36.83
CA PRO D 613 24.67 23.10 35.87
C PRO D 613 25.69 22.10 36.38
N HIS D 614 25.54 20.87 35.91
CA HIS D 614 26.58 19.92 36.02
C HIS D 614 27.45 20.17 34.77
N PRO D 615 28.67 19.66 34.71
CA PRO D 615 29.52 19.84 33.54
C PRO D 615 28.91 19.26 32.27
N ALA D 616 28.11 18.19 32.40
CA ALA D 616 27.56 17.64 31.17
C ALA D 616 26.71 18.64 30.38
N LEU D 617 26.13 19.64 31.05
CA LEU D 617 25.27 20.56 30.35
C LEU D 617 25.95 21.24 29.19
N THR D 618 27.25 21.61 29.31
CA THR D 618 27.91 22.29 28.18
C THR D 618 28.13 21.37 27.02
N GLU D 619 28.37 20.08 27.34
CA GLU D 619 28.53 19.09 26.27
C GLU D 619 27.23 19.01 25.49
N ALA D 620 26.11 19.02 26.17
CA ALA D 620 24.83 18.93 25.46
C ALA D 620 24.66 20.22 24.65
N LYS D 621 24.91 21.39 25.27
CA LYS D 621 24.74 22.63 24.51
C LYS D 621 25.55 22.63 23.23
N HIS D 622 26.79 22.19 23.32
CA HIS D 622 27.68 22.22 22.12
C HIS D 622 27.21 21.28 20.99
N GLN D 623 26.82 20.02 21.41
CA GLN D 623 26.44 19.07 20.41
C GLN D 623 25.10 19.44 19.78
N GLN D 624 24.29 20.17 20.55
CA GLN D 624 22.95 20.57 20.04
C GLN D 624 23.01 21.96 19.34
N GLN D 625 24.21 22.46 18.98
CA GLN D 625 24.26 23.75 18.30
C GLN D 625 23.44 23.74 17.04
N PHE D 626 23.06 24.94 16.59
CA PHE D 626 22.22 25.11 15.39
C PHE D 626 22.96 25.57 14.17
N PHE D 627 24.26 25.80 14.34
CA PHE D 627 25.21 26.16 13.23
C PHE D 627 26.32 25.13 13.22
N GLN D 628 26.59 24.64 11.99
CA GLN D 628 27.67 23.64 11.75
C GLN D 628 28.76 24.38 10.98
N PHE D 629 29.98 23.95 11.19
CA PHE D 629 31.08 24.63 10.59
C PHE D 629 32.07 23.75 9.94
N ARG D 630 32.68 24.23 8.87
CA ARG D 630 33.76 23.49 8.23
C ARG D 630 34.85 24.50 7.90
N LEU D 631 36.15 24.09 7.88
CA LEU D 631 37.25 25.05 7.58
C LEU D 631 38.01 24.48 6.40
N SER D 632 38.26 25.38 5.44
CA SER D 632 39.05 25.06 4.23
C SER D 632 39.92 26.21 3.90
N GLY D 633 41.18 25.99 4.20
CA GLY D 633 42.14 27.01 3.96
C GLY D 633 41.87 28.11 4.89
N GLN D 634 41.52 29.21 4.26
CA GLN D 634 41.21 30.31 5.12
C GLN D 634 39.70 30.60 5.16
N THR D 635 38.91 29.67 4.62
CA THR D 635 37.49 29.91 4.60
C THR D 635 36.73 29.14 5.64
N ILE D 636 35.89 29.83 6.37
CA ILE D 636 35.03 29.16 7.26
C ILE D 636 33.67 29.09 6.58
N GLU D 637 33.09 27.88 6.53
CA GLU D 637 31.75 27.65 5.98
C GLU D 637 30.78 27.45 7.15
N VAL D 638 29.76 28.32 7.24
CA VAL D 638 28.77 28.17 8.32
C VAL D 638 27.47 27.68 7.71
N THR D 639 26.94 26.58 8.23
CA THR D 639 25.70 26.05 7.72
C THR D 639 24.63 26.16 8.83
N SER D 640 23.47 26.69 8.43
CA SER D 640 22.39 26.82 9.40
C SER D 640 21.51 25.56 9.48
N GLU D 641 21.22 25.08 10.71
CA GLU D 641 20.31 23.97 10.85
C GLU D 641 18.92 24.48 11.21
N TYR D 642 18.70 25.81 11.29
CA TYR D 642 17.32 26.25 11.56
C TYR D 642 16.45 25.88 10.36
N LEU D 643 15.16 25.65 10.58
CA LEU D 643 14.31 25.31 9.50
C LEU D 643 13.50 26.49 9.02
N PHE D 644 13.32 27.47 9.92
CA PHE D 644 12.39 28.56 9.61
C PHE D 644 13.00 29.95 9.75
N ARG D 645 13.85 30.12 10.69
CA ARG D 645 14.37 31.49 10.91
C ARG D 645 15.69 31.77 10.23
N HIS D 646 15.83 33.06 9.86
CA HIS D 646 17.10 33.56 9.34
C HIS D 646 18.02 33.87 10.56
N SER D 647 19.35 33.96 10.36
CA SER D 647 20.21 34.21 11.51
C SER D 647 20.25 35.72 11.77
N ASP D 648 19.11 36.24 12.21
CA ASP D 648 18.96 37.68 12.40
C ASP D 648 19.34 38.19 13.77
N ASN D 649 20.04 37.37 14.57
CA ASN D 649 20.54 37.89 15.84
C ASN D 649 21.82 37.12 16.11
N GLU D 650 22.76 37.22 15.17
CA GLU D 650 24.01 36.42 15.26
C GLU D 650 25.14 37.11 14.53
N LEU D 651 26.24 37.02 15.19
CA LEU D 651 27.51 37.48 14.76
C LEU D 651 28.52 36.35 15.02
N LEU D 652 29.46 36.20 14.09
CA LEU D 652 30.53 35.21 14.26
C LEU D 652 31.80 35.96 14.74
N HIS D 653 32.35 35.54 15.89
CA HIS D 653 33.60 36.08 16.38
C HIS D 653 34.59 34.98 16.16
N TRP D 654 35.77 35.36 15.66
CA TRP D 654 36.84 34.39 15.49
C TRP D 654 38.12 34.91 16.14
N MET D 655 38.92 33.94 16.67
CA MET D 655 40.17 34.33 17.29
C MET D 655 41.21 33.32 16.96
N VAL D 656 42.47 33.79 16.73
CA VAL D 656 43.57 32.84 16.50
C VAL D 656 44.59 33.02 17.62
N ALA D 657 45.04 31.94 18.26
CA ALA D 657 45.96 32.06 19.40
C ALA D 657 47.09 31.04 19.28
N LEU D 658 48.33 31.43 19.71
CA LEU D 658 49.48 30.52 19.64
C LEU D 658 49.66 29.97 21.02
N ASP D 659 49.36 28.67 21.19
CA ASP D 659 49.41 28.12 22.54
C ASP D 659 48.80 29.05 23.57
N GLY D 660 47.58 29.54 23.37
CA GLY D 660 46.99 30.38 24.40
C GLY D 660 47.28 31.84 24.26
N LYS D 661 48.21 32.19 23.37
CA LYS D 661 48.48 33.62 23.26
C LYS D 661 47.84 34.24 22.09
N PRO D 662 46.99 35.21 22.36
CA PRO D 662 46.28 35.84 21.33
C PRO D 662 47.13 36.46 20.30
N LEU D 663 46.79 36.16 19.03
CA LEU D 663 47.47 36.64 17.84
C LEU D 663 46.61 37.55 17.00
N ALA D 664 45.36 37.17 16.79
CA ALA D 664 44.49 37.96 15.89
C ALA D 664 43.04 37.56 16.16
N SER D 665 42.08 38.34 15.73
CA SER D 665 40.70 38.01 16.00
C SER D 665 39.86 39.00 15.30
N GLY D 666 38.60 38.71 15.16
CA GLY D 666 37.71 39.62 14.48
C GLY D 666 36.28 39.14 14.56
N GLU D 667 35.38 39.83 13.85
CA GLU D 667 33.93 39.56 13.86
C GLU D 667 33.34 39.76 12.48
N VAL D 668 32.30 38.98 12.15
CA VAL D 668 31.61 39.07 10.88
C VAL D 668 30.14 38.79 11.18
N PRO D 669 29.22 39.53 10.63
CA PRO D 669 27.84 39.21 10.93
C PRO D 669 27.45 37.98 10.16
N LEU D 670 26.55 37.20 10.73
CA LEU D 670 26.09 36.01 10.04
C LEU D 670 24.79 36.36 9.36
N ASP D 671 24.65 36.00 8.14
CA ASP D 671 23.44 36.28 7.44
C ASP D 671 23.12 35.02 6.63
N VAL D 672 22.62 34.01 7.35
CA VAL D 672 22.37 32.74 6.73
C VAL D 672 20.89 32.37 6.80
N ALA D 673 20.33 32.00 5.66
CA ALA D 673 18.96 31.58 5.65
C ALA D 673 18.82 30.16 6.31
N PRO D 674 17.58 29.75 6.73
CA PRO D 674 17.42 28.41 7.27
C PRO D 674 17.91 27.39 6.26
N GLN D 675 18.74 26.46 6.74
CA GLN D 675 19.45 25.44 5.94
C GLN D 675 20.47 26.05 4.98
N GLY D 676 20.71 27.35 5.02
CA GLY D 676 21.62 27.97 4.07
C GLY D 676 23.04 27.88 4.55
N LYS D 677 23.95 28.35 3.70
CA LYS D 677 25.39 28.36 3.97
C LYS D 677 25.94 29.76 3.82
N GLN D 678 26.99 30.05 4.54
CA GLN D 678 27.69 31.31 4.42
C GLN D 678 29.19 31.00 4.49
N LEU D 679 29.94 31.63 3.56
CA LEU D 679 31.41 31.50 3.50
C LEU D 679 32.02 32.76 4.04
N ILE D 680 32.98 32.60 4.94
CA ILE D 680 33.68 33.72 5.52
C ILE D 680 35.13 33.49 5.33
N GLU D 681 35.80 34.38 4.59
CA GLU D 681 37.24 34.27 4.36
C GLU D 681 37.99 35.02 5.41
N LEU D 682 38.81 34.28 6.20
CA LEU D 682 39.57 34.88 7.29
C LEU D 682 40.56 35.87 6.78
N PRO D 683 40.83 36.98 7.45
CA PRO D 683 41.82 37.94 6.97
C PRO D 683 43.20 37.31 6.96
N GLU D 684 44.16 37.81 6.17
CA GLU D 684 45.49 37.19 6.17
C GLU D 684 46.11 37.29 7.55
N LEU D 685 46.76 36.21 8.01
CA LEU D 685 47.36 36.32 9.34
C LEU D 685 48.87 36.59 9.44
N PRO D 686 49.37 36.71 10.66
CA PRO D 686 50.78 36.91 10.73
C PRO D 686 51.28 35.55 11.11
N GLN D 687 52.57 35.49 11.00
CA GLN D 687 53.21 34.28 11.37
C GLN D 687 54.37 34.49 12.28
N PRO D 688 54.37 33.57 13.21
CA PRO D 688 55.34 33.47 14.25
C PRO D 688 56.11 32.20 14.01
N GLU D 689 57.39 32.34 13.69
CA GLU D 689 58.21 31.17 13.50
C GLU D 689 58.57 30.70 14.88
N SER D 690 58.00 31.46 15.88
CA SER D 690 58.01 31.20 17.32
C SER D 690 57.18 29.95 17.41
N ALA D 691 57.78 28.92 17.91
CA ALA D 691 57.21 27.59 17.90
C ALA D 691 55.89 27.45 18.62
N GLY D 692 55.06 26.46 18.25
CA GLY D 692 53.78 26.24 18.93
C GLY D 692 52.72 25.96 17.89
N GLN D 693 51.56 25.62 18.40
CA GLN D 693 50.41 25.28 17.56
C GLN D 693 49.47 26.45 17.57
N LEU D 694 49.10 26.90 16.38
CA LEU D 694 48.12 27.96 16.31
C LEU D 694 46.73 27.33 16.38
N TRP D 695 45.81 27.95 17.07
CA TRP D 695 44.47 27.35 17.10
C TRP D 695 43.46 28.44 16.76
N LEU D 696 42.45 28.08 15.96
CA LEU D 696 41.36 29.01 15.61
C LEU D 696 40.11 28.62 16.41
N THR D 697 39.47 29.59 17.09
CA THR D 697 38.23 29.39 17.80
C THR D 697 37.21 30.33 17.21
N VAL D 698 36.01 29.78 16.91
CA VAL D 698 34.95 30.66 16.44
C VAL D 698 33.81 30.54 17.42
N ARG D 699 33.08 31.61 17.60
CA ARG D 699 31.91 31.54 18.43
C ARG D 699 30.78 32.35 17.79
N VAL D 700 29.53 31.86 17.92
CA VAL D 700 28.38 32.65 17.40
C VAL D 700 27.79 33.32 18.62
N VAL D 701 27.64 34.65 18.50
CA VAL D 701 27.17 35.44 19.61
C VAL D 701 25.89 36.17 19.18
N GLN D 702 24.92 36.29 20.11
CA GLN D 702 23.70 36.99 19.79
C GLN D 702 23.84 38.35 20.43
N PRO D 703 23.92 39.38 19.60
CA PRO D 703 24.11 40.71 20.16
C PRO D 703 22.94 41.27 20.85
N ASN D 704 21.71 40.89 20.43
CA ASN D 704 20.54 41.44 21.08
C ASN D 704 19.93 40.51 22.10
N ALA D 705 19.39 41.06 23.17
CA ALA D 705 18.73 40.24 24.15
C ALA D 705 17.43 39.74 23.50
N THR D 706 16.87 38.63 24.03
CA THR D 706 15.59 38.02 23.53
C THR D 706 14.77 37.77 24.80
N ALA D 707 13.59 37.13 24.64
CA ALA D 707 12.84 36.80 25.84
C ALA D 707 13.50 35.70 26.65
N TRP D 708 14.46 34.97 26.05
CA TRP D 708 15.08 33.83 26.73
C TRP D 708 16.58 33.92 26.90
N SER D 709 17.20 35.05 26.46
CA SER D 709 18.67 35.13 26.54
C SER D 709 19.14 36.58 26.72
N GLU D 710 20.35 36.78 27.29
CA GLU D 710 20.85 38.14 27.46
C GLU D 710 21.64 38.55 26.24
N ALA D 711 21.85 39.85 26.10
CA ALA D 711 22.70 40.32 25.00
C ALA D 711 24.11 39.72 25.14
N GLY D 712 24.75 39.32 24.02
CA GLY D 712 26.08 38.72 24.08
C GLY D 712 26.06 37.19 24.28
N HIS D 713 24.84 36.60 24.46
CA HIS D 713 24.72 35.16 24.66
C HIS D 713 25.50 34.39 23.62
N ILE D 714 26.29 33.39 24.02
CA ILE D 714 27.02 32.59 23.05
C ILE D 714 26.19 31.32 22.77
N SER D 715 25.85 31.11 21.49
CA SER D 715 25.02 29.95 21.14
C SER D 715 25.77 28.83 20.48
N ALA D 716 26.98 29.00 20.01
CA ALA D 716 27.70 27.90 19.32
C ALA D 716 29.21 28.23 19.32
N TRP D 717 30.04 27.21 19.20
CA TRP D 717 31.46 27.46 19.08
C TRP D 717 32.13 26.27 18.44
N GLN D 718 33.40 26.43 17.99
CA GLN D 718 34.13 25.30 17.38
C GLN D 718 35.56 25.72 17.23
N GLN D 719 36.50 24.75 17.32
CA GLN D 719 37.92 25.07 17.17
C GLN D 719 38.57 24.15 16.22
N TRP D 720 39.66 24.68 15.65
CA TRP D 720 40.48 23.86 14.75
C TRP D 720 41.97 24.16 15.03
N ARG D 721 42.83 23.16 14.80
CA ARG D 721 44.25 23.50 14.81
C ARG D 721 44.59 24.10 13.41
N LEU D 722 45.40 25.15 13.41
CA LEU D 722 45.93 25.76 12.18
C LEU D 722 47.37 25.31 12.04
N ALA D 723 48.27 26.18 11.54
CA ALA D 723 49.68 25.74 11.39
C ALA D 723 50.34 25.48 12.75
N GLU D 724 51.30 24.52 12.72
CA GLU D 724 52.05 24.15 13.90
C GLU D 724 53.49 24.35 13.58
N ASN D 725 54.25 25.02 14.46
CA ASN D 725 55.72 25.18 14.26
C ASN D 725 56.45 24.39 15.36
N LEU D 726 57.01 23.23 15.00
CA LEU D 726 57.61 22.38 16.04
C LEU D 726 58.91 23.03 16.49
N SER D 727 59.19 22.97 17.79
CA SER D 727 60.40 23.59 18.30
C SER D 727 61.60 22.74 17.99
N VAL D 728 62.62 23.36 17.44
CA VAL D 728 63.80 22.58 17.16
C VAL D 728 64.99 23.21 17.90
N THR D 729 64.70 24.13 18.73
CA THR D 729 65.78 24.75 19.43
C THR D 729 66.16 24.01 20.68
N LEU D 730 67.48 23.88 20.89
CA LEU D 730 68.04 23.23 22.08
C LEU D 730 67.96 24.17 23.31
N PRO D 731 67.45 23.70 24.48
CA PRO D 731 67.34 24.61 25.64
C PRO D 731 68.72 25.08 26.05
N ALA D 732 68.83 26.30 26.63
CA ALA D 732 70.14 26.85 27.01
C ALA D 732 70.90 25.98 28.04
N ALA D 733 72.26 25.87 27.92
CA ALA D 733 73.07 25.06 28.85
C ALA D 733 73.27 25.47 30.30
N SER D 734 73.12 24.42 31.09
CA SER D 734 73.26 24.46 32.50
C SER D 734 74.70 24.49 32.99
N HIS D 735 74.78 25.42 33.86
CA HIS D 735 75.91 25.74 34.64
C HIS D 735 76.24 24.48 35.47
N ALA D 736 75.28 24.06 36.29
CA ALA D 736 75.46 22.95 37.22
C ALA D 736 75.25 21.52 36.78
N ILE D 737 75.57 20.64 37.75
CA ILE D 737 75.32 19.23 37.61
C ILE D 737 74.82 18.71 38.94
N PRO D 738 73.67 18.04 39.00
CA PRO D 738 73.15 17.64 40.31
C PRO D 738 73.99 16.54 40.97
N HIS D 739 73.95 16.42 42.30
CA HIS D 739 74.78 15.39 42.97
C HIS D 739 73.93 14.32 43.59
N LEU D 740 74.43 13.12 43.51
CA LEU D 740 73.74 12.01 44.11
C LEU D 740 74.37 11.56 45.40
N THR D 741 73.50 11.23 46.37
CA THR D 741 73.91 10.68 47.66
C THR D 741 73.17 9.41 47.84
N THR D 742 73.86 8.31 48.13
CA THR D 742 73.20 7.02 48.23
C THR D 742 73.23 6.48 49.64
N SER D 743 72.19 5.78 50.04
CA SER D 743 72.17 5.01 51.29
C SER D 743 71.41 3.71 50.94
N GLU D 744 71.36 2.70 51.80
CA GLU D 744 70.66 1.48 51.41
C GLU D 744 69.20 1.78 51.17
N MET D 745 68.67 2.76 51.93
CA MET D 745 67.25 3.11 51.87
C MET D 745 66.82 4.20 50.87
N ASP D 746 67.77 5.07 50.44
CA ASP D 746 67.41 6.13 49.50
C ASP D 746 68.46 6.53 48.52
N PHE D 747 67.98 7.12 47.42
CA PHE D 747 68.85 7.85 46.53
C PHE D 747 68.43 9.30 46.66
N CYS D 748 69.34 10.18 47.05
CA CYS D 748 69.02 11.57 47.18
C CYS D 748 69.76 12.38 46.16
N ILE D 749 69.11 13.35 45.53
CA ILE D 749 69.74 14.14 44.51
C ILE D 749 69.59 15.58 44.95
N GLU D 750 70.70 16.34 44.86
CA GLU D 750 70.67 17.74 45.25
C GLU D 750 71.15 18.61 44.13
N LEU D 751 70.49 19.73 44.01
CA LEU D 751 70.91 20.70 43.02
C LEU D 751 70.53 22.06 43.54
N GLY D 752 71.51 22.87 43.96
CA GLY D 752 71.16 24.18 44.52
C GLY D 752 70.31 24.04 45.77
N ASN D 753 69.24 24.82 45.90
CA ASN D 753 68.45 24.63 47.10
C ASN D 753 67.37 23.57 46.87
N LYS D 754 67.57 22.74 45.85
CA LYS D 754 66.56 21.69 45.54
C LYS D 754 67.09 20.28 45.83
N ARG D 755 66.18 19.42 46.41
CA ARG D 755 66.48 18.04 46.71
C ARG D 755 65.29 17.13 46.33
N TRP D 756 65.65 15.94 45.88
CA TRP D 756 64.72 14.89 45.51
C TRP D 756 65.18 13.66 46.23
N GLN D 757 64.24 12.95 46.82
CA GLN D 757 64.55 11.74 47.49
C GLN D 757 63.78 10.52 46.95
N PHE D 758 64.46 9.44 46.52
CA PHE D 758 63.78 8.26 46.04
C PHE D 758 64.02 7.14 47.00
N ASN D 759 62.93 6.53 47.44
CA ASN D 759 63.01 5.48 48.42
C ASN D 759 63.41 4.20 47.77
N ARG D 760 64.46 3.51 48.26
CA ARG D 760 64.86 2.31 47.56
C ARG D 760 64.11 1.06 47.88
N GLN D 761 63.33 1.15 48.94
CA GLN D 761 62.53 0.01 49.26
C GLN D 761 61.20 0.04 48.45
N SER D 762 60.62 1.22 48.30
CA SER D 762 59.39 1.31 47.60
C SER D 762 59.58 1.63 46.15
N GLY D 763 60.68 2.26 45.83
CA GLY D 763 61.00 2.63 44.45
C GLY D 763 60.27 3.88 44.01
N PHE D 764 59.71 4.65 44.94
CA PHE D 764 59.06 5.92 44.52
C PHE D 764 59.78 7.19 45.02
N LEU D 765 59.57 8.31 44.31
CA LEU D 765 59.95 9.64 44.74
C LEU D 765 59.15 9.92 45.97
N SER D 766 59.81 9.90 47.10
CA SER D 766 59.16 10.05 48.37
C SER D 766 59.20 11.45 48.99
N GLN D 767 60.09 12.28 48.51
CA GLN D 767 60.05 13.63 49.03
C GLN D 767 60.81 14.50 48.07
N MET D 768 60.46 15.79 48.16
CA MET D 768 61.16 16.80 47.42
C MET D 768 61.20 18.03 48.34
N TRP D 769 62.32 18.79 48.31
CA TRP D 769 62.42 20.04 49.08
C TRP D 769 62.83 21.22 48.19
N ILE D 770 62.30 22.35 48.49
CA ILE D 770 62.75 23.56 47.88
C ILE D 770 63.25 24.30 49.11
N GLY D 771 64.55 24.41 49.20
CA GLY D 771 65.03 24.97 50.46
C GLY D 771 64.82 23.91 51.53
N ASP D 772 64.40 24.34 52.69
CA ASP D 772 64.15 23.36 53.71
C ASP D 772 62.67 23.00 53.67
N LYS D 773 61.97 23.49 52.64
CA LYS D 773 60.52 23.22 52.61
C LYS D 773 60.11 21.92 51.87
N LYS D 774 59.57 20.97 52.63
CA LYS D 774 59.13 19.69 52.07
C LYS D 774 57.97 19.92 51.10
N GLN D 775 57.89 19.22 50.01
CA GLN D 775 56.79 19.52 49.07
C GLN D 775 55.75 18.41 48.94
N LEU D 776 56.04 17.24 49.42
CA LEU D 776 55.12 16.11 49.31
C LEU D 776 54.63 15.61 50.67
N LEU D 777 53.32 15.31 50.76
CA LEU D 777 52.72 14.67 51.91
C LEU D 777 52.60 13.18 51.69
N THR D 778 52.45 12.72 50.42
CA THR D 778 52.40 11.32 50.10
C THR D 778 53.29 11.17 48.86
N PRO D 779 54.02 10.10 48.75
CA PRO D 779 54.91 9.85 47.62
C PRO D 779 54.23 9.85 46.28
N LEU D 780 55.02 10.05 45.25
CA LEU D 780 54.50 10.05 43.87
C LEU D 780 54.44 8.59 43.39
N ARG D 781 53.23 8.00 43.19
CA ARG D 781 53.11 6.58 42.87
C ARG D 781 52.17 6.34 41.69
N ASP D 782 52.40 5.29 40.99
CA ASP D 782 51.50 4.99 39.85
C ASP D 782 50.08 4.80 40.40
N GLN D 783 49.07 5.09 39.57
CA GLN D 783 47.69 4.89 39.95
C GLN D 783 46.94 4.33 38.77
N PHE D 784 46.21 3.24 38.96
CA PHE D 784 45.47 2.51 37.88
C PHE D 784 43.99 2.50 38.14
N THR D 785 43.57 3.10 39.25
CA THR D 785 42.14 3.06 39.60
C THR D 785 41.57 4.45 39.77
N ARG D 786 40.24 4.54 39.76
CA ARG D 786 39.54 5.78 40.04
C ARG D 786 38.44 5.53 41.06
N ALA D 787 38.08 6.56 41.82
CA ALA D 787 36.96 6.42 42.76
C ALA D 787 35.76 6.26 41.78
N PRO D 788 35.04 5.15 41.82
CA PRO D 788 34.03 4.79 40.81
C PRO D 788 32.94 5.76 40.54
N LEU D 789 32.68 5.97 39.24
CA LEU D 789 31.60 6.85 38.88
C LEU D 789 30.30 6.08 39.01
N ASP D 790 29.19 6.80 39.05
CA ASP D 790 27.90 6.06 39.05
C ASP D 790 27.85 5.07 37.89
N ASN D 791 28.37 5.44 36.73
CA ASN D 791 28.35 4.56 35.57
C ASN D 791 29.28 3.37 35.81
N ASP D 792 30.28 3.52 36.64
CA ASP D 792 31.15 2.34 36.90
C ASP D 792 30.48 1.37 37.85
N ILE D 793 29.60 1.87 38.73
CA ILE D 793 29.00 1.02 39.70
C ILE D 793 27.71 0.39 39.17
N GLY D 794 26.95 1.16 38.36
CA GLY D 794 25.66 0.63 37.87
C GLY D 794 24.73 0.30 39.03
N VAL D 795 24.08 -0.87 38.94
CA VAL D 795 23.17 -1.25 40.03
C VAL D 795 23.86 -2.05 41.09
N SER D 796 25.17 -2.24 40.95
CA SER D 796 25.90 -3.06 41.90
C SER D 796 25.75 -2.51 43.31
N GLU D 797 25.55 -3.42 44.25
CA GLU D 797 25.41 -3.08 45.66
C GLU D 797 26.12 -4.16 46.54
N ALA D 798 26.61 -3.80 47.76
CA ALA D 798 27.28 -4.79 48.67
C ALA D 798 26.47 -6.07 48.90
N THR D 799 25.21 -5.76 49.19
CA THR D 799 24.14 -6.68 49.45
C THR D 799 23.85 -7.50 48.20
N ARG D 800 24.15 -6.97 47.00
CA ARG D 800 23.82 -7.61 45.74
C ARG D 800 24.72 -7.17 44.58
N ILE D 801 25.82 -7.79 44.52
CA ILE D 801 26.82 -7.42 43.57
C ILE D 801 26.41 -7.67 42.16
N ASP D 802 26.78 -6.80 41.25
CA ASP D 802 26.60 -7.06 39.82
C ASP D 802 28.02 -7.33 39.25
N PRO D 803 28.40 -8.57 38.99
CA PRO D 803 29.74 -8.83 38.57
C PRO D 803 30.05 -8.30 37.23
N ASN D 804 29.10 -7.87 36.50
CA ASN D 804 29.48 -7.40 35.21
C ASN D 804 29.82 -5.89 35.23
N ALA D 805 29.45 -5.24 36.34
CA ALA D 805 29.72 -3.78 36.42
C ALA D 805 31.27 -3.53 36.44
N TRP D 806 31.74 -2.39 35.82
CA TRP D 806 33.20 -2.09 35.78
C TRP D 806 33.80 -2.14 37.21
N VAL D 807 33.13 -1.52 38.18
CA VAL D 807 33.73 -1.51 39.51
C VAL D 807 33.95 -2.86 40.09
N GLU D 808 33.02 -3.76 39.80
CA GLU D 808 33.15 -5.13 40.35
C GLU D 808 34.22 -5.90 39.63
N ARG D 809 34.33 -5.63 38.34
CA ARG D 809 35.37 -6.31 37.57
C ARG D 809 36.73 -5.85 38.13
N TRP D 810 36.91 -4.55 38.30
CA TRP D 810 38.20 -4.04 38.87
C TRP D 810 38.41 -4.61 40.30
N LYS D 811 37.37 -4.62 41.15
CA LYS D 811 37.55 -5.16 42.51
C LYS D 811 37.94 -6.61 42.44
N ALA D 812 37.19 -7.42 41.69
CA ALA D 812 37.53 -8.85 41.67
C ALA D 812 38.93 -9.14 41.11
N ALA D 813 39.43 -8.27 40.23
CA ALA D 813 40.70 -8.53 39.65
C ALA D 813 41.82 -8.06 40.59
N GLY D 814 41.44 -7.39 41.65
CA GLY D 814 42.38 -6.87 42.65
C GLY D 814 42.94 -5.49 42.33
N HIS D 815 42.39 -4.77 41.37
CA HIS D 815 43.02 -3.51 41.09
C HIS D 815 43.06 -2.59 42.28
N TYR D 816 42.07 -2.61 43.13
CA TYR D 816 42.08 -1.63 44.18
C TYR D 816 43.02 -2.06 45.28
N GLN D 817 43.24 -3.35 45.39
CA GLN D 817 44.10 -3.86 46.46
C GLN D 817 45.50 -4.21 46.04
N ALA D 818 45.83 -4.26 44.77
CA ALA D 818 47.16 -4.66 44.33
C ALA D 818 48.26 -3.85 44.97
N GLU D 819 49.32 -4.55 45.35
CA GLU D 819 50.51 -3.99 46.01
C GLU D 819 51.68 -3.98 45.00
N ALA D 820 52.46 -2.85 45.01
CA ALA D 820 53.61 -2.57 44.12
C ALA D 820 54.94 -3.26 44.48
N ALA D 821 55.21 -4.37 43.92
CA ALA D 821 56.43 -5.01 44.22
C ALA D 821 57.53 -4.31 43.42
N LEU D 822 58.64 -4.09 44.08
CA LEU D 822 59.76 -3.45 43.41
C LEU D 822 60.63 -4.39 42.65
N LEU D 823 60.84 -4.14 41.39
CA LEU D 823 61.62 -5.06 40.66
C LEU D 823 63.01 -4.53 40.48
N GLN D 824 63.09 -3.20 40.40
CA GLN D 824 64.40 -2.60 40.11
C GLN D 824 64.37 -1.13 40.46
N CYS D 825 65.48 -0.66 41.02
CA CYS D 825 65.61 0.71 41.40
C CYS D 825 67.09 1.07 41.31
N THR D 826 67.48 1.76 40.27
CA THR D 826 68.90 2.09 40.09
C THR D 826 69.14 3.58 39.91
N ALA D 827 70.38 3.99 40.18
CA ALA D 827 70.82 5.39 39.97
C ALA D 827 72.13 5.45 39.19
N ASP D 828 72.18 6.33 38.22
CA ASP D 828 73.37 6.55 37.41
C ASP D 828 73.65 8.02 37.32
N THR D 829 74.93 8.34 37.39
CA THR D 829 75.25 9.75 37.32
C THR D 829 75.68 9.98 35.89
N LEU D 830 75.15 11.05 35.31
CA LEU D 830 75.54 11.33 33.97
C LEU D 830 76.31 12.66 33.90
N ALA D 831 76.63 12.99 32.66
CA ALA D 831 77.35 14.18 32.27
C ALA D 831 76.81 15.42 32.92
N ASP D 832 75.52 15.65 32.75
CA ASP D 832 74.92 16.81 33.35
C ASP D 832 73.62 16.43 34.09
N ALA D 833 73.50 15.16 34.54
CA ALA D 833 72.30 14.77 35.26
C ALA D 833 72.48 13.49 36.02
N VAL D 834 71.41 13.24 36.80
CA VAL D 834 71.26 12.00 37.58
C VAL D 834 70.07 11.27 37.00
N LEU D 835 70.26 9.98 36.77
CA LEU D 835 69.21 9.17 36.20
C LEU D 835 68.80 8.08 37.16
N ILE D 836 67.51 8.09 37.55
CA ILE D 836 66.97 7.01 38.40
C ILE D 836 66.07 6.12 37.54
N THR D 837 66.30 4.82 37.58
CA THR D 837 65.48 3.94 36.81
C THR D 837 64.72 3.03 37.77
N THR D 838 63.39 2.85 37.56
CA THR D 838 62.64 1.95 38.41
C THR D 838 61.77 1.02 37.58
N ALA D 839 61.45 -0.14 38.14
CA ALA D 839 60.48 -1.06 37.58
C ALA D 839 59.69 -1.65 38.73
N HIS D 840 58.35 -1.68 38.59
CA HIS D 840 57.45 -2.26 39.61
C HIS D 840 56.44 -3.16 38.96
N ALA D 841 55.96 -4.15 39.71
CA ALA D 841 54.91 -5.04 39.26
C ALA D 841 53.79 -4.97 40.24
N TRP D 842 52.55 -4.79 39.80
CA TRP D 842 51.41 -4.85 40.71
C TRP D 842 50.84 -6.18 40.61
N GLN D 843 50.59 -6.89 41.76
CA GLN D 843 50.05 -8.21 41.64
C GLN D 843 48.93 -8.49 42.58
N HIS D 844 48.17 -9.49 42.26
CA HIS D 844 47.09 -9.77 43.12
C HIS D 844 46.96 -11.25 43.17
N GLN D 845 47.02 -11.76 44.42
CA GLN D 845 46.89 -13.21 44.48
C GLN D 845 47.91 -13.86 43.57
N GLY D 846 49.09 -13.28 43.41
CA GLY D 846 49.93 -14.03 42.47
C GLY D 846 49.81 -13.67 41.00
N LYS D 847 48.82 -12.85 40.62
CA LYS D 847 48.71 -12.48 39.22
C LYS D 847 49.32 -11.12 39.07
N THR D 848 50.17 -11.01 38.06
CA THR D 848 50.76 -9.69 37.76
C THR D 848 49.75 -8.90 36.89
N LEU D 849 49.20 -7.82 37.40
CA LEU D 849 48.23 -7.03 36.63
C LEU D 849 48.89 -6.03 35.72
N PHE D 850 49.84 -5.28 36.30
CA PHE D 850 50.51 -4.17 35.62
C PHE D 850 51.98 -4.08 35.95
N ILE D 851 52.76 -3.70 34.96
CA ILE D 851 54.19 -3.44 35.18
C ILE D 851 54.44 -1.98 34.80
N SER D 852 55.13 -1.20 35.66
CA SER D 852 55.46 0.18 35.30
C SER D 852 57.01 0.33 35.30
N ARG D 853 57.55 0.78 34.19
CA ARG D 853 59.00 1.02 34.05
C ARG D 853 59.19 2.52 33.89
N LYS D 854 60.08 3.11 34.69
CA LYS D 854 60.25 4.52 34.61
C LYS D 854 61.69 4.94 34.63
N THR D 855 61.93 6.16 34.21
CA THR D 855 63.22 6.79 34.41
C THR D 855 62.87 8.18 34.81
N TYR D 856 63.72 8.67 35.74
CA TYR D 856 63.60 10.06 36.21
C TYR D 856 64.95 10.68 35.91
N ARG D 857 64.97 11.67 35.07
CA ARG D 857 66.22 12.35 34.68
C ARG D 857 66.24 13.81 35.23
N ILE D 858 67.11 14.06 36.26
CA ILE D 858 67.13 15.36 36.90
C ILE D 858 68.38 16.06 36.41
N ASP D 859 68.20 17.20 35.72
CA ASP D 859 69.39 17.85 35.17
C ASP D 859 69.81 19.11 35.88
N GLY D 860 70.86 19.68 35.29
CA GLY D 860 71.49 20.89 35.92
C GLY D 860 70.58 22.12 35.89
N SER D 861 69.48 21.96 35.15
CA SER D 861 68.51 23.07 35.11
C SER D 861 67.49 22.88 36.22
N GLY D 862 67.52 21.75 36.89
CA GLY D 862 66.53 21.61 37.94
C GLY D 862 65.23 20.96 37.47
N GLN D 863 65.17 20.54 36.21
CA GLN D 863 63.98 19.88 35.74
C GLN D 863 64.09 18.43 35.90
N MET D 864 62.93 17.80 36.22
CA MET D 864 62.87 16.36 36.38
C MET D 864 62.05 15.75 35.25
N ALA D 865 62.70 15.10 34.29
CA ALA D 865 61.90 14.44 33.25
C ALA D 865 61.54 13.04 33.63
N ILE D 866 60.22 12.75 33.65
CA ILE D 866 59.79 11.39 33.99
C ILE D 866 59.30 10.69 32.73
N THR D 867 59.76 9.48 32.46
CA THR D 867 59.27 8.74 31.35
C THR D 867 58.60 7.52 31.86
N VAL D 868 57.37 7.17 31.45
CA VAL D 868 56.76 6.02 32.03
C VAL D 868 56.28 5.09 30.91
N ASP D 869 56.57 3.78 31.03
CA ASP D 869 56.14 2.70 30.10
C ASP D 869 55.45 1.64 30.94
N VAL D 870 54.13 1.45 30.71
CA VAL D 870 53.39 0.50 31.45
C VAL D 870 52.90 -0.59 30.57
N GLU D 871 52.93 -1.75 31.11
CA GLU D 871 52.38 -2.94 30.49
C GLU D 871 51.16 -3.37 31.29
N VAL D 872 49.99 -3.70 30.64
CA VAL D 872 48.82 -4.14 31.36
C VAL D 872 48.46 -5.51 30.84
N ALA D 873 48.31 -6.48 31.74
CA ALA D 873 47.97 -7.87 31.37
C ALA D 873 46.72 -7.91 30.48
N SER D 874 46.81 -8.62 29.34
CA SER D 874 45.66 -8.62 28.42
C SER D 874 44.40 -9.21 29.00
N ASP D 875 44.57 -10.07 29.97
CA ASP D 875 43.47 -10.73 30.63
C ASP D 875 42.93 -10.05 31.87
N THR D 876 43.49 -8.93 32.27
CA THR D 876 42.88 -8.19 33.39
C THR D 876 41.85 -7.18 32.81
N PRO D 877 40.79 -6.86 33.56
CA PRO D 877 39.82 -5.89 33.02
C PRO D 877 40.53 -4.59 32.69
N HIS D 878 40.24 -3.92 31.57
CA HIS D 878 40.98 -2.70 31.24
C HIS D 878 40.87 -1.72 32.39
N PRO D 879 42.00 -1.08 32.77
CA PRO D 879 42.02 -0.21 33.89
C PRO D 879 41.35 1.16 33.70
N ALA D 880 40.90 1.76 34.81
CA ALA D 880 40.25 3.10 34.75
C ALA D 880 41.21 4.22 34.31
N ARG D 881 42.53 4.11 34.67
CA ARG D 881 43.48 5.13 34.29
C ARG D 881 44.86 4.53 34.33
N ILE D 882 45.77 5.24 33.71
CA ILE D 882 47.18 4.90 33.77
C ILE D 882 47.87 6.23 34.06
N GLY D 883 48.28 6.44 35.30
CA GLY D 883 48.85 7.79 35.64
C GLY D 883 49.67 7.72 36.94
N LEU D 884 49.88 8.89 37.48
CA LEU D 884 50.60 9.02 38.76
C LEU D 884 49.79 9.89 39.68
N ASN D 885 50.01 9.72 40.96
CA ASN D 885 49.37 10.58 41.91
C ASN D 885 50.22 10.88 43.12
N CYS D 886 49.99 11.98 43.73
CA CYS D 886 50.72 12.35 44.94
C CYS D 886 49.89 13.42 45.68
N GLN D 887 50.16 13.59 46.97
CA GLN D 887 49.53 14.59 47.74
C GLN D 887 50.60 15.67 47.95
N LEU D 888 50.40 16.82 47.38
CA LEU D 888 51.37 17.89 47.56
C LEU D 888 51.14 18.59 48.91
N ALA D 889 52.20 19.11 49.54
CA ALA D 889 52.03 19.87 50.79
C ALA D 889 51.34 21.24 50.55
N GLN D 890 51.64 21.83 49.42
CA GLN D 890 51.13 23.12 49.00
C GLN D 890 49.61 23.18 48.83
N VAL D 891 49.02 24.30 49.20
CA VAL D 891 47.62 24.58 48.96
C VAL D 891 47.64 25.96 48.33
N ALA D 892 47.27 26.10 47.05
CA ALA D 892 47.34 27.40 46.37
C ALA D 892 45.95 27.82 45.92
N GLU D 893 45.75 29.13 45.68
CA GLU D 893 44.45 29.64 45.37
C GLU D 893 44.03 29.26 43.96
N ARG D 894 44.95 29.29 43.00
CA ARG D 894 44.62 29.12 41.57
C ARG D 894 45.25 27.94 40.96
N VAL D 895 44.63 27.53 39.86
CA VAL D 895 45.10 26.46 38.97
C VAL D 895 45.15 27.02 37.55
N ASN D 896 46.33 26.99 36.93
CA ASN D 896 46.48 27.56 35.59
C ASN D 896 46.97 26.46 34.67
N TRP D 897 46.30 26.22 33.54
CA TRP D 897 46.74 25.20 32.64
C TRP D 897 46.53 25.57 31.17
N LEU D 898 47.34 24.94 30.33
CA LEU D 898 47.22 25.11 28.89
C LEU D 898 46.67 23.75 28.42
N GLY D 899 45.40 23.70 28.02
CA GLY D 899 44.82 22.39 27.69
C GLY D 899 43.32 22.58 27.51
N LEU D 900 42.55 21.49 27.57
CA LEU D 900 41.11 21.61 27.31
C LEU D 900 40.34 22.18 28.50
N GLY D 901 39.41 23.11 28.31
CA GLY D 901 38.67 23.60 29.49
C GLY D 901 37.66 24.65 29.01
N PRO D 902 37.10 25.42 29.94
CA PRO D 902 37.51 25.42 31.30
C PRO D 902 36.92 24.39 32.15
N GLN D 903 35.80 23.83 31.71
CA GLN D 903 35.15 22.90 32.61
C GLN D 903 35.74 21.47 32.56
N GLU D 904 35.27 20.64 33.55
CA GLU D 904 35.62 19.23 33.62
C GLU D 904 35.38 18.60 32.29
N ASN D 905 36.29 17.75 31.86
CA ASN D 905 36.13 17.07 30.59
C ASN D 905 36.79 15.71 30.59
N TYR D 906 36.17 14.69 29.95
CA TYR D 906 36.76 13.34 29.95
C TYR D 906 36.86 12.89 28.51
N PRO D 907 37.54 11.80 28.24
CA PRO D 907 37.84 11.46 26.88
C PRO D 907 36.66 11.34 25.93
N ASP D 908 35.58 10.75 26.42
CA ASP D 908 34.33 10.55 25.68
C ASP D 908 33.38 11.70 25.97
N ARG D 909 33.86 12.74 26.70
CA ARG D 909 33.02 13.93 26.97
C ARG D 909 33.90 15.16 26.99
N LEU D 910 34.52 15.48 25.84
CA LEU D 910 35.36 16.67 25.79
C LEU D 910 35.15 17.52 24.55
N THR D 911 34.14 17.26 23.76
CA THR D 911 33.99 18.05 22.55
C THR D 911 33.67 19.47 22.85
N ALA D 912 33.00 19.72 23.95
CA ALA D 912 32.66 21.12 24.19
C ALA D 912 33.84 21.92 24.74
N ALA D 913 34.80 21.23 25.36
CA ALA D 913 35.94 21.96 25.97
C ALA D 913 36.82 22.54 24.87
N CYS D 914 37.52 23.68 25.17
CA CYS D 914 38.35 24.30 24.15
C CYS D 914 39.77 24.33 24.65
N PHE D 915 40.69 24.21 23.71
CA PHE D 915 42.13 24.29 24.05
C PHE D 915 42.54 25.73 24.18
N ASP D 916 43.03 26.11 25.36
CA ASP D 916 43.46 27.49 25.53
C ASP D 916 44.14 27.56 26.89
N ARG D 917 44.44 28.77 27.39
CA ARG D 917 45.05 28.89 28.67
C ARG D 917 43.95 29.23 29.63
N TRP D 918 43.77 28.39 30.67
CA TRP D 918 42.70 28.64 31.61
C TRP D 918 43.25 28.91 32.95
N ASP D 919 42.46 29.58 33.79
CA ASP D 919 42.87 29.94 35.12
C ASP D 919 41.68 30.10 36.03
N LEU D 920 41.55 29.17 36.96
CA LEU D 920 40.44 29.19 37.83
C LEU D 920 40.91 29.02 39.28
N PRO D 921 40.02 29.32 40.19
CA PRO D 921 40.26 29.05 41.57
C PRO D 921 40.28 27.54 41.77
N LEU D 922 41.04 27.06 42.76
CA LEU D 922 41.12 25.63 42.99
C LEU D 922 39.77 24.98 43.14
N SER D 923 38.86 25.58 43.88
CA SER D 923 37.58 24.85 44.11
C SER D 923 36.81 24.59 42.84
N ASP D 924 37.05 25.38 41.76
CA ASP D 924 36.39 25.15 40.49
C ASP D 924 36.91 23.92 39.77
N MET D 925 37.99 23.36 40.32
CA MET D 925 38.60 22.18 39.76
C MET D 925 38.02 20.95 40.40
N TYR D 926 37.01 21.14 41.26
CA TYR D 926 36.29 20.04 41.89
C TYR D 926 34.82 20.13 41.44
N THR D 927 34.21 19.01 41.04
CA THR D 927 32.81 19.06 40.66
C THR D 927 32.06 18.41 41.79
N PRO D 928 31.13 19.12 42.41
CA PRO D 928 30.45 18.65 43.60
C PRO D 928 29.24 17.72 43.34
N TYR D 929 29.53 16.61 42.66
CA TYR D 929 28.48 15.58 42.44
C TYR D 929 27.93 15.20 43.81
N VAL D 930 26.62 15.07 43.92
CA VAL D 930 26.07 14.72 45.22
C VAL D 930 26.59 13.39 45.74
N PHE D 931 26.69 12.37 44.85
CA PHE D 931 27.34 11.08 45.21
C PHE D 931 28.76 11.27 44.68
N PRO D 932 29.78 11.38 45.56
CA PRO D 932 31.11 11.67 45.14
C PRO D 932 31.75 10.57 44.32
N SER D 933 32.61 10.99 43.41
CA SER D 933 33.35 10.03 42.62
C SER D 933 34.56 10.75 42.00
N GLU D 934 35.36 10.03 41.14
CA GLU D 934 36.37 10.72 40.37
C GLU D 934 35.69 11.88 39.64
N ASN D 935 36.33 13.04 39.60
CA ASN D 935 35.69 14.24 39.02
C ASN D 935 36.75 15.29 38.72
N GLY D 936 36.37 16.28 37.96
CA GLY D 936 37.20 17.43 37.69
C GLY D 936 38.35 17.20 36.71
N LEU D 937 38.46 16.02 36.08
CA LEU D 937 39.53 15.89 35.14
C LEU D 937 39.45 16.94 34.05
N ARG D 938 40.63 17.29 33.49
CA ARG D 938 40.72 18.13 32.29
C ARG D 938 41.66 17.37 31.40
N CYS D 939 41.36 17.18 30.11
CA CYS D 939 42.22 16.40 29.25
C CYS D 939 43.05 17.27 28.30
N GLY D 940 43.83 16.61 27.43
CA GLY D 940 44.58 17.30 26.41
C GLY D 940 45.44 18.46 26.97
N THR D 941 46.00 18.27 28.18
CA THR D 941 46.75 19.36 28.81
C THR D 941 48.24 19.24 28.56
N ARG D 942 48.80 20.38 28.15
CA ARG D 942 50.23 20.38 27.83
C ARG D 942 51.07 21.04 28.93
N GLU D 943 50.46 21.81 29.79
CA GLU D 943 51.20 22.49 30.85
C GLU D 943 50.25 22.76 31.96
N LEU D 944 50.68 22.50 33.19
CA LEU D 944 49.85 22.74 34.37
C LEU D 944 50.71 23.48 35.41
N ASN D 945 50.14 24.49 36.05
CA ASN D 945 50.85 25.31 37.06
C ASN D 945 50.10 25.33 38.35
N TYR D 946 50.76 25.11 39.47
CA TYR D 946 50.05 25.13 40.75
C TYR D 946 51.11 25.50 41.81
N GLY D 947 50.92 26.71 42.38
CA GLY D 947 51.90 27.19 43.32
C GLY D 947 53.24 27.29 42.59
N PRO D 948 54.32 26.80 43.19
CA PRO D 948 55.61 26.85 42.55
C PRO D 948 55.76 25.79 41.48
N HIS D 949 54.90 24.81 41.44
CA HIS D 949 55.15 23.72 40.48
C HIS D 949 54.63 23.91 39.04
N GLN D 950 55.35 23.30 38.09
CA GLN D 950 54.87 23.31 36.70
C GLN D 950 55.07 21.94 36.17
N TRP D 951 54.04 21.32 35.54
CA TRP D 951 54.25 20.01 34.88
C TRP D 951 53.99 20.18 33.42
N ARG D 952 54.81 19.64 32.55
CA ARG D 952 54.56 19.77 31.10
C ARG D 952 54.55 18.37 30.50
N GLY D 953 53.78 18.17 29.41
CA GLY D 953 53.72 16.88 28.72
C GLY D 953 52.42 16.89 27.87
N ASP D 954 51.70 15.77 27.86
CA ASP D 954 50.43 15.68 27.10
C ASP D 954 49.62 14.73 27.94
N PHE D 955 48.95 15.29 28.95
CA PHE D 955 48.30 14.45 29.91
C PHE D 955 46.86 14.94 30.27
N GLN D 956 46.22 14.17 31.13
CA GLN D 956 44.92 14.54 31.69
C GLN D 956 45.21 14.70 33.18
N PHE D 957 44.50 15.54 33.92
CA PHE D 957 44.74 15.64 35.37
C PHE D 957 43.54 16.13 36.11
N ASN D 958 43.53 15.84 37.40
CA ASN D 958 42.58 16.52 38.25
C ASN D 958 43.36 16.93 39.48
N ILE D 959 42.84 17.90 40.21
CA ILE D 959 43.58 18.41 41.36
C ILE D 959 42.57 18.97 42.37
N SER D 960 42.68 18.57 43.65
CA SER D 960 41.65 18.99 44.61
C SER D 960 42.10 18.66 46.01
N ARG D 961 41.25 19.02 46.98
CA ARG D 961 41.63 18.67 48.31
C ARG D 961 41.10 17.33 48.69
N TYR D 962 40.63 16.48 47.78
CA TYR D 962 40.07 15.20 48.23
C TYR D 962 40.74 14.06 47.56
N SER D 963 41.16 13.04 48.33
CA SER D 963 41.85 11.88 47.74
C SER D 963 40.89 10.97 46.98
N GLN D 964 41.41 10.18 46.04
CA GLN D 964 40.48 9.23 45.39
C GLN D 964 39.91 8.32 46.46
N GLN D 965 40.70 7.97 47.48
CA GLN D 965 40.23 7.09 48.53
C GLN D 965 39.04 7.67 49.25
N GLN D 966 39.16 8.95 49.57
CA GLN D 966 38.10 9.63 50.30
C GLN D 966 36.84 9.65 49.43
N LEU D 967 37.04 10.00 48.15
CA LEU D 967 35.85 10.08 47.27
C LEU D 967 35.12 8.76 47.18
N MET D 968 35.88 7.68 47.09
CA MET D 968 35.32 6.37 46.97
C MET D 968 34.68 5.87 48.23
N GLU D 969 35.12 6.39 49.34
CA GLU D 969 34.52 5.90 50.58
C GLU D 969 33.39 6.79 51.06
N THR D 970 33.12 7.91 50.39
CA THR D 970 32.14 8.83 50.96
C THR D 970 30.94 8.89 50.01
N SER D 971 29.75 8.68 50.58
CA SER D 971 28.57 8.56 49.73
C SER D 971 27.80 9.86 49.55
N HIS D 972 28.15 10.91 50.25
CA HIS D 972 27.43 12.19 50.13
C HIS D 972 28.43 13.33 50.11
N ARG D 973 28.28 14.28 49.23
CA ARG D 973 29.29 15.29 49.13
C ARG D 973 29.40 16.09 50.41
N HIS D 974 28.32 16.24 51.15
CA HIS D 974 28.43 17.09 52.30
C HIS D 974 29.32 16.49 53.40
N LEU D 975 29.61 15.20 53.29
CA LEU D 975 30.43 14.62 54.33
C LEU D 975 31.95 14.66 53.95
N LEU D 976 32.32 15.16 52.78
CA LEU D 976 33.75 15.17 52.43
C LEU D 976 34.46 16.24 53.25
N HIS D 977 35.71 16.02 53.56
CA HIS D 977 36.42 17.08 54.29
C HIS D 977 37.75 17.34 53.57
N ALA D 978 38.18 18.57 53.45
CA ALA D 978 39.41 18.85 52.73
C ALA D 978 40.60 18.18 53.44
N GLU D 979 41.48 17.50 52.72
CA GLU D 979 42.61 16.85 53.37
C GLU D 979 43.73 17.90 53.46
N GLU D 980 44.90 17.51 54.10
CA GLU D 980 45.96 18.46 54.21
C GLU D 980 46.53 18.66 52.80
N GLY D 981 46.97 19.82 52.43
CA GLY D 981 47.56 19.71 51.09
C GLY D 981 46.61 19.47 49.90
N THR D 982 47.21 19.18 48.75
CA THR D 982 46.46 19.04 47.54
C THR D 982 46.75 17.72 46.84
N TRP D 983 45.67 16.98 46.46
CA TRP D 983 45.88 15.74 45.73
C TRP D 983 45.90 16.00 44.23
N LEU D 984 46.95 15.54 43.58
CA LEU D 984 47.12 15.69 42.16
C LEU D 984 47.12 14.33 41.51
N ASN D 985 46.22 14.14 40.55
CA ASN D 985 46.21 12.92 39.74
C ASN D 985 46.58 13.29 38.34
N ILE D 986 47.72 12.84 37.82
CA ILE D 986 48.13 13.22 36.44
C ILE D 986 48.19 11.92 35.65
N ASP D 987 47.36 11.87 34.61
CA ASP D 987 47.26 10.65 33.89
C ASP D 987 47.81 10.74 32.50
N GLY D 988 48.48 9.66 32.09
CA GLY D 988 48.85 9.64 30.67
C GLY D 988 47.55 9.30 29.90
N PHE D 989 46.72 8.41 30.50
CA PHE D 989 45.55 7.90 29.84
C PHE D 989 44.43 7.75 30.84
N HIS D 990 43.19 8.00 30.42
CA HIS D 990 42.04 7.84 31.34
C HIS D 990 40.84 7.23 30.56
N MET D 991 40.18 6.23 31.17
CA MET D 991 39.09 5.54 30.53
C MET D 991 37.90 6.46 30.34
N GLY D 992 37.08 6.21 29.29
CA GLY D 992 35.89 7.06 29.18
C GLY D 992 34.97 6.91 30.38
N ILE D 993 33.95 7.77 30.49
CA ILE D 993 33.03 7.71 31.62
C ILE D 993 31.72 7.01 31.23
N GLY D 994 31.43 6.91 29.93
CA GLY D 994 30.19 6.26 29.55
C GLY D 994 28.94 7.10 29.89
N GLY D 995 27.75 6.42 29.83
CA GLY D 995 26.53 7.16 30.15
C GLY D 995 25.37 6.73 29.29
N ASP D 996 25.59 5.89 28.19
CA ASP D 996 24.41 5.49 27.34
C ASP D 996 23.33 4.95 28.27
N ASP D 997 23.74 4.32 29.35
CA ASP D 997 22.85 4.02 30.45
C ASP D 997 23.71 3.93 31.70
N SER D 998 23.11 3.79 32.88
CA SER D 998 23.88 3.68 34.14
C SER D 998 23.56 2.36 34.82
N TRP D 999 23.28 1.27 34.06
CA TRP D 999 23.04 -0.01 34.74
C TRP D 999 23.70 -1.12 34.02
N SER D 1000 24.49 -0.83 33.00
CA SER D 1000 25.30 -1.89 32.32
C SER D 1000 26.53 -1.19 31.77
N PRO D 1001 27.64 -1.88 31.52
CA PRO D 1001 28.82 -1.21 31.00
C PRO D 1001 28.49 -0.45 29.69
N SER D 1002 28.89 0.86 29.67
CA SER D 1002 28.54 1.69 28.54
C SER D 1002 29.70 2.46 27.94
N VAL D 1003 30.90 2.20 28.39
CA VAL D 1003 32.04 2.91 27.79
C VAL D 1003 32.39 2.17 26.50
N SER D 1004 32.42 2.91 25.41
CA SER D 1004 32.63 2.30 24.12
C SER D 1004 34.03 1.78 24.01
N ALA D 1005 34.22 0.78 23.17
CA ALA D 1005 35.54 0.19 23.08
C ALA D 1005 36.64 1.16 22.81
N GLU D 1006 36.43 2.13 21.94
CA GLU D 1006 37.49 3.00 21.67
C GLU D 1006 37.95 3.88 22.85
N PHE D 1007 37.20 3.89 23.94
CA PHE D 1007 37.61 4.70 25.04
C PHE D 1007 38.03 3.83 26.23
N GLN D 1008 38.22 2.53 25.98
CA GLN D 1008 38.70 1.60 27.03
C GLN D 1008 40.19 1.51 26.84
N LEU D 1009 40.90 1.31 27.97
CA LEU D 1009 42.36 1.31 27.87
C LEU D 1009 42.87 -0.12 27.62
N SER D 1010 42.76 -0.55 26.38
CA SER D 1010 43.02 -1.95 26.03
C SER D 1010 44.28 -2.12 25.23
N ALA D 1011 45.09 -1.11 25.09
CA ALA D 1011 46.28 -1.20 24.22
C ALA D 1011 47.40 -2.10 24.73
N GLY D 1012 47.35 -2.49 26.00
CA GLY D 1012 48.36 -3.41 26.54
C GLY D 1012 49.63 -2.67 26.98
N ARG D 1013 50.17 -1.80 26.12
CA ARG D 1013 51.39 -1.04 26.44
C ARG D 1013 51.09 0.42 26.28
N TYR D 1014 51.50 1.21 27.26
CA TYR D 1014 51.20 2.64 27.26
C TYR D 1014 52.42 3.44 27.64
N HIS D 1015 52.62 4.54 26.93
CA HIS D 1015 53.80 5.38 27.18
C HIS D 1015 53.39 6.80 27.48
N TYR D 1016 54.02 7.43 28.47
CA TYR D 1016 53.78 8.86 28.67
C TYR D 1016 55.00 9.50 29.32
N GLN D 1017 55.10 10.82 29.20
CA GLN D 1017 56.26 11.52 29.71
C GLN D 1017 55.84 12.86 30.19
N LEU D 1018 56.42 13.26 31.32
CA LEU D 1018 56.14 14.53 31.98
C LEU D 1018 57.48 15.15 32.40
N VAL D 1019 57.43 16.45 32.49
CA VAL D 1019 58.56 17.19 33.05
C VAL D 1019 57.99 17.98 34.18
N TRP D 1020 58.59 17.83 35.37
CA TRP D 1020 58.23 18.52 36.60
C TRP D 1020 59.33 19.53 36.95
N CYS D 1021 59.01 20.77 37.02
CA CYS D 1021 60.00 21.78 37.38
C CYS D 1021 59.37 22.86 38.28
N GLN D 1022 60.18 23.76 38.86
CA GLN D 1022 59.63 24.78 39.75
C GLN D 1022 59.68 26.09 39.03
N LYS D 1023 58.53 26.82 39.03
CA LYS D 1023 58.33 28.16 38.47
C LYS D 1023 58.10 28.20 36.94
C2 BGC E . -35.85 6.39 9.30
C3 BGC E . -37.23 6.40 9.96
C4 BGC E . -37.67 5.03 10.52
C5 BGC E . -36.51 4.18 11.02
C6 BGC E . -36.88 2.79 11.16
C1 BGC E . -34.87 5.50 10.04
O1 BGC E . -33.67 5.40 9.34
O2 BGC E . -35.29 7.71 9.26
O3 BGC E . -38.19 6.92 9.03
O4 BGC E . -38.55 5.25 11.65
O5 BGC E . -35.42 4.22 10.05
O6 BGC E . -35.78 2.14 11.84
C1 GAL E . -35.78 0.76 11.63
C2 GAL E . -34.55 0.19 12.25
C3 GAL E . -34.50 -1.35 12.15
C4 GAL E . -35.78 -1.92 12.73
C5 GAL E . -37.03 -1.20 12.10
C6 GAL E . -38.41 -1.62 12.67
O2 GAL E . -33.44 0.73 11.45
O3 GAL E . -33.40 -1.72 13.05
O4 GAL E . -35.80 -1.52 14.18
O5 GAL E . -36.93 0.22 12.28
O6 GAL E . -38.56 -3.03 12.52
C2 BGC F . -15.92 -12.35 -31.89
C3 BGC F . -16.82 -12.28 -33.14
C4 BGC F . -17.06 -10.85 -33.72
C5 BGC F . -15.90 -9.94 -33.45
C6 BGC F . -16.23 -8.55 -33.81
C1 BGC F . -14.96 -11.17 -31.73
O1 BGC F . -14.52 -11.06 -30.41
O2 BGC F . -16.71 -12.50 -30.70
O3 BGC F . -18.05 -12.94 -32.86
O4 BGC F . -17.23 -10.93 -35.15
O5 BGC F . -15.65 -9.97 -32.04
O6 BGC F . -15.06 -7.70 -33.63
C1 GAL F . -15.34 -6.30 -33.69
C2 GAL F . -14.16 -5.47 -33.26
C3 GAL F . -14.55 -3.99 -33.24
C4 GAL F . -15.17 -3.59 -34.61
C5 GAL F . -16.33 -4.58 -34.99
C6 GAL F . -16.98 -4.38 -36.39
O2 GAL F . -14.00 -5.86 -31.87
O3 GAL F . -13.30 -3.30 -33.01
O4 GAL F . -14.12 -3.82 -35.67
O5 GAL F . -15.81 -5.93 -34.99
O6 GAL F . -17.35 -3.02 -36.56
C2 BGC G . 34.59 8.42 -13.73
C3 BGC G . 34.10 8.25 -12.30
C4 BGC G . 34.52 6.88 -11.85
C5 BGC G . 36.04 6.76 -11.83
C6 BGC G . 36.37 5.34 -11.75
C1 BGC G . 36.14 8.42 -13.68
O1 BGC G . 36.68 8.46 -14.98
O2 BGC G . 34.04 9.61 -14.44
O3 BGC G . 32.69 8.44 -12.18
O4 BGC G . 33.98 6.57 -10.56
O5 BGC G . 36.65 7.19 -13.08
O6 BGC G . 35.38 4.55 -12.46
C1 GAL G . 35.47 3.22 -12.06
C2 GAL G . 34.30 2.42 -12.60
C3 GAL G . 34.47 0.92 -12.23
C4 GAL G . 35.88 0.42 -12.64
C5 GAL G . 36.99 1.37 -12.10
C6 GAL G . 38.41 1.02 -12.62
O2 GAL G . 33.15 2.89 -11.81
O3 GAL G . 33.44 0.15 -12.90
O4 GAL G . 35.97 0.51 -14.13
O5 GAL G . 36.73 2.75 -12.49
O6 GAL G . 38.75 -0.34 -12.27
C2 BGC H . 15.87 -3.46 35.18
C3 BGC H . 16.35 -2.93 33.81
C4 BGC H . 16.17 -1.46 33.68
C5 BGC H . 16.85 -0.81 34.85
C6 BGC H . 16.87 0.65 34.73
C1 BGC H . 16.22 -2.51 36.39
O1 BGC H . 15.33 -2.76 37.49
O2 BGC H . 16.49 -4.75 35.42
O3 BGC H . 15.67 -3.60 32.74
O4 BGC H . 16.74 -1.03 32.44
O5 BGC H . 16.09 -1.13 36.03
O6 BGC H . 15.57 1.18 34.31
C1 GAL H . 15.65 2.53 34.03
C2 GAL H . 14.35 3.04 33.50
C3 GAL H . 14.47 4.54 33.24
C4 GAL H . 15.05 5.25 34.46
C5 GAL H . 16.32 4.56 34.99
C6 GAL H . 16.80 5.11 36.36
O2 GAL H . 14.24 2.34 32.20
O3 GAL H . 13.14 5.06 32.85
O4 GAL H . 14.08 5.18 35.59
O5 GAL H . 16.00 3.18 35.23
O6 GAL H . 17.17 6.49 36.22
MG MG I . -32.90 0.31 16.82
MG MG J . -24.42 2.12 37.16
MG MG K . -4.35 -38.62 30.74
NA NA L . -39.16 -3.99 14.49
NA NA M . -21.27 -12.52 -4.32
NA NA N . -56.00 -4.05 8.71
NA NA O . -25.89 -37.56 -4.64
MG MG P . -47.14 5.16 18.66
S DMS Q . -12.44 -22.31 16.76
O DMS Q . -12.79 -23.63 17.59
C1 DMS Q . -10.68 -22.32 16.61
C2 DMS Q . -12.51 -20.98 17.93
S DMS R . -32.37 -19.16 -6.76
O DMS R . -31.33 -20.37 -6.58
C1 DMS R . -33.92 -19.97 -7.31
C2 DMS R . -31.89 -18.27 -8.40
S DMS S . -28.33 -26.13 3.94
O DMS S . -26.91 -26.65 3.45
C1 DMS S . -28.57 -27.00 5.54
C2 DMS S . -29.64 -27.13 2.76
S DMS T . -19.24 -27.12 29.23
O DMS T . -20.50 -26.53 28.54
C1 DMS T . -18.69 -25.87 30.31
C2 DMS T . -17.85 -27.07 27.93
S DMS U . 3.40 -28.70 23.48
O DMS U . 3.04 -27.12 23.70
C1 DMS U . 4.43 -29.12 24.93
C2 DMS U . 4.77 -28.69 22.39
S DMS V . -2.76 -36.48 34.16
O DMS V . -3.56 -36.01 35.46
C1 DMS V . -3.41 -35.54 32.88
C2 DMS V . -3.55 -37.94 33.52
S DMS W . -39.41 4.08 -4.38
O DMS W . -41.10 4.49 -4.57
C1 DMS W . -38.46 5.48 -5.12
C2 DMS W . -39.13 2.54 -5.38
S DMS X . -32.77 -25.00 43.24
O DMS X . -32.42 -24.66 44.64
C1 DMS X . -34.11 -24.02 42.81
C2 DMS X . -33.41 -26.64 43.31
S DMS Y . -6.63 -15.56 9.92
O DMS Y . -6.56 -16.49 11.45
C1 DMS Y . -4.98 -15.67 9.03
C2 DMS Y . -6.81 -13.87 10.37
S DMS Z . -41.82 5.41 31.78
O DMS Z . -41.09 6.09 32.91
C1 DMS Z . -43.50 4.93 32.52
C2 DMS Z . -41.26 3.72 31.74
S DMS AA . -52.75 -17.19 19.10
O DMS AA . -52.61 -16.00 18.20
C1 DMS AA . -51.49 -18.32 18.57
C2 DMS AA . -54.05 -18.10 18.39
S DMS BA . 4.91 -22.06 26.68
O DMS BA . 3.81 -21.16 27.37
C1 DMS BA . 6.48 -21.45 27.25
C2 DMS BA . 5.04 -21.41 25.04
S DMS CA . -48.03 3.82 29.82
O DMS CA . -46.87 2.81 29.21
C1 DMS CA . -47.06 5.20 30.77
C2 DMS CA . -48.88 2.77 31.26
S DMS DA . -45.30 -18.41 37.16
O DMS DA . -44.33 -18.93 37.92
C1 DMS DA . -46.02 -17.28 38.05
C2 DMS DA . -46.63 -19.68 37.16
S DMS EA . 7.00 -23.18 43.74
O DMS EA . 7.47 -24.33 43.88
C1 DMS EA . 8.12 -22.39 42.87
C2 DMS EA . 7.15 -22.38 45.32
S DMS FA . -3.25 -19.37 5.17
O DMS FA . -4.23 -20.68 4.97
C1 DMS FA . -2.91 -18.71 3.50
C2 DMS FA . -1.79 -19.96 5.67
S DMS GA . 0.99 -24.20 9.85
O DMS GA . 2.41 -24.44 10.34
C1 DMS GA . 0.27 -23.21 10.96
C2 DMS GA . 0.12 -25.58 10.28
S DMS HA . -41.72 8.74 27.42
O DMS HA . -41.48 8.48 25.98
C1 DMS HA . -40.54 9.78 27.83
C2 DMS HA . -40.99 7.39 28.24
S DMS IA . -14.49 13.19 22.57
O DMS IA . -13.31 14.27 22.41
C1 DMS IA . -15.16 13.04 20.91
C2 DMS IA . -15.66 13.93 23.47
S DMS JA . -49.72 -10.73 39.23
O DMS JA . -49.86 -11.06 40.73
C1 DMS JA . -50.59 -9.07 38.99
C2 DMS JA . -50.78 -11.96 38.39
S DMS KA . -58.86 -15.27 11.81
O DMS KA . -57.26 -15.38 12.18
C1 DMS KA . -59.80 -14.78 13.33
C2 DMS KA . -59.46 -17.07 11.53
S DMS LA . -58.04 2.93 4.87
O DMS LA . -57.37 3.88 5.88
C1 DMS LA . -57.02 2.81 3.62
C2 DMS LA . -59.43 3.85 4.13
S DMS MA . -27.33 -39.82 -2.68
O DMS MA . -26.60 -38.29 -2.71
C1 DMS MA . -27.54 -40.25 -0.80
C2 DMS MA . -26.05 -41.06 -3.42
S DMS NA . -40.49 -19.48 -14.94
O DMS NA . -41.84 -20.04 -14.78
C1 DMS NA . -39.65 -20.65 -16.03
C2 DMS NA . -39.53 -19.94 -13.36
S DMS OA . -22.95 -29.51 31.05
O DMS OA . -24.07 -30.64 31.37
C1 DMS OA . -22.09 -30.16 29.74
C2 DMS OA . -21.55 -29.73 32.24
S DMS PA . -37.61 -21.39 47.61
O DMS PA . -37.04 -20.23 48.42
C1 DMS PA . -39.16 -20.70 46.66
C2 DMS PA . -38.09 -22.82 48.87
S DMS QA . -32.61 -20.55 -15.29
O DMS QA . -33.73 -20.34 -16.35
C1 DMS QA . -33.34 -21.44 -13.97
C2 DMS QA . -32.65 -19.02 -14.20
S DMS RA . -16.48 -30.27 46.35
O DMS RA . -16.97 -29.84 45.03
C1 DMS RA . -14.99 -30.69 46.07
C2 DMS RA . -17.14 -31.88 46.60
S DMS SA . -41.43 2.55 14.03
O DMS SA . -42.71 3.52 13.79
C1 DMS SA . -40.02 3.72 14.77
C2 DMS SA . -40.60 2.36 12.31
S DMS TA . -1.71 -38.73 19.81
O DMS TA . -1.80 -37.91 21.06
C1 DMS TA . -0.96 -40.29 20.29
C2 DMS TA . -0.35 -37.94 18.75
C2 BGC UA . -13.89 -12.20 -33.24
C3 BGC UA . -13.84 -11.15 -32.09
C4 BGC UA . -14.88 -10.04 -32.12
C1 BGC UA . -14.67 -11.75 -34.49
O1 BGC UA . -14.23 -12.54 -35.60
O2 BGC UA . -12.60 -12.72 -33.58
O3 BGC UA . -12.51 -10.66 -31.86
O4 BGC UA . -15.31 -9.71 -30.77
O5 BGC UA . -14.47 -10.38 -34.78
O1 TAR VA . -18.21 -12.85 -33.69
O11 TAR VA . -17.61 -10.74 -34.33
C1 TAR VA . -17.07 -12.02 -33.95
C2 TAR VA . -16.17 -12.61 -35.04
O2 TAR VA . -16.92 -12.81 -36.29
C3 TAR VA . -14.87 -11.80 -35.24
O3 TAR VA . -14.16 -12.26 -36.36
C4 TAR VA . -15.01 -10.26 -35.18
O41 TAR VA . -14.20 -9.73 -34.17
MG MG WA . -9.92 -4.93 -35.18
MG MG XA . 10.73 -3.67 -42.97
NA NA YA . -16.57 -2.07 -38.44
NA NA ZA . -19.62 8.24 -13.35
NA NA AB . -32.10 -5.50 -46.46
NA NA BB . -27.40 32.03 -18.66
MG MG CB . -17.34 -12.14 -46.41
S DMS DB . -0.25 21.13 -22.58
O DMS DB . -0.11 22.42 -23.45
C1 DMS DB . 0.72 21.52 -21.10
C2 DMS DB . 0.86 19.87 -23.31
S DMS EB . -30.05 12.52 -20.11
O DMS EB . -29.29 13.90 -19.65
C1 DMS EB . -31.43 12.93 -20.97
C2 DMS EB . -30.76 11.77 -18.50
S DMS FB . -20.94 21.01 -25.31
O DMS FB . -20.40 21.59 -23.92
C1 DMS FB . -20.06 21.92 -26.66
C2 DMS FB . -22.69 21.71 -25.46
S DMS GB . 3.21 25.33 -36.59
O DMS GB . 1.93 24.42 -37.01
C1 DMS GB . 4.63 24.34 -36.98
C2 DMS GB . 3.34 25.34 -34.77
S DMS HB . 14.18 31.01 -16.74
O DMS HB . 14.29 29.38 -16.80
C1 DMS HB . 15.88 31.66 -17.12
C2 DMS HB . 14.25 31.36 -15.02
S DMS IB . -28.76 -11.29 -24.77
O DMS IB . -29.94 -11.91 -25.84
C1 DMS IB . -28.49 -12.54 -23.59
C2 DMS IB . -29.78 -9.96 -23.59
S DMS JB . 3.96 21.09 -55.79
O DMS JB . 5.30 21.32 -56.53
C1 DMS JB . 3.03 19.79 -56.72
C2 DMS JB . 2.93 22.49 -56.13
S DMS KB . -0.11 15.06 -12.86
O DMS KB . 0.63 15.87 -14.20
C1 DMS KB . 0.80 15.67 -11.31
C2 DMS KB . 0.41 13.34 -12.95
S DMS LB . -4.20 -10.35 -51.50
O DMS LB . -2.72 -10.97 -51.57
C1 DMS LB . -5.03 -10.52 -53.25
C2 DMS LB . -4.06 -8.61 -51.42
S DMS MB . -24.77 8.65 -52.43
O DMS MB . -25.20 7.37 -51.55
C1 DMS MB . -24.49 10.04 -51.30
C2 DMS MB . -26.29 9.29 -53.12
S DMS NB . 18.85 25.16 -17.11
O DMS NB . 18.68 23.87 -17.99
C1 DMS NB . 20.42 24.90 -16.23
C2 DMS NB . 17.76 24.96 -15.69
S DMS OB . -10.07 -10.33 -54.77
O DMS OB . -9.85 -9.01 -53.59
C1 DMS OB . -8.56 -11.38 -54.61
C2 DMS OB . -9.88 -9.55 -56.55
S DMS PB . -6.77 12.12 -60.01
O DMS PB . -5.95 13.36 -59.76
C1 DMS PB . -6.56 11.74 -61.63
C2 DMS PB . -8.45 12.62 -59.80
S DMS QB . -32.67 19.52 -30.76
O DMS QB . -31.29 18.81 -31.14
C1 DMS QB . -34.04 18.21 -30.62
C2 DMS QB . -33.09 20.63 -32.44
S DMS RB . 32.53 27.78 -27.15
O DMS RB . 32.02 29.05 -28.00
C1 DMS RB . 34.20 28.19 -26.51
C2 DMS RB . 32.93 26.58 -28.36
S DMS SB . -1.82 19.11 -7.45
O DMS SB . -2.62 20.06 -8.49
C1 DMS SB . -2.75 19.15 -5.90
C2 DMS SB . -0.31 20.04 -7.00
S DMS TB . 3.57 24.95 -7.99
O DMS TB . 4.79 25.39 -7.31
C1 DMS TB . 4.07 23.96 -9.25
C2 DMS TB . 3.13 26.24 -9.03
S DMS UB . -6.39 -13.84 -48.36
O DMS UB . -7.55 -14.22 -47.42
C1 DMS UB . -4.89 -14.60 -47.62
C2 DMS UB . -6.10 -12.29 -48.04
S DMS VB . 8.57 -13.79 -24.90
O DMS VB . 9.87 -14.27 -24.27
C1 DMS VB . 7.31 -14.13 -23.59
C2 DMS VB . 7.98 -15.23 -26.08
S DMS WB . -7.15 4.41 -63.74
O DMS WB . -6.57 3.13 -64.29
C1 DMS WB . -8.87 4.18 -63.68
C2 DMS WB . -7.17 5.57 -65.09
S DMS XB . -33.42 5.22 -51.66
O DMS XB . -32.65 5.50 -50.50
C1 DMS XB . -32.34 5.58 -52.98
C2 DMS XB . -34.60 6.57 -51.73
S DMS YB . -35.14 -13.27 -44.19
O DMS YB . -35.31 -12.03 -45.09
C1 DMS YB . -33.60 -14.09 -44.72
C2 DMS YB . -36.32 -14.56 -44.82
S DMS ZB . -27.51 34.11 -21.18
O DMS ZB . -26.62 32.81 -20.45
C1 DMS ZB . -26.57 34.70 -22.56
C2 DMS ZB . -27.25 35.58 -19.97
S DMS AC . -41.61 10.82 -20.54
O DMS AC . -41.91 10.38 -22.01
C1 DMS AC . -40.02 11.93 -20.69
C2 DMS AC . -40.92 9.45 -19.75
S DMS BC . -11.60 30.00 -25.23
O DMS BC . -13.26 29.78 -25.59
C1 DMS BC . -11.52 31.29 -23.96
C2 DMS BC . -10.75 30.78 -26.83
S DMS CC . 1.77 27.01 -39.92
O DMS CC . 0.77 27.43 -40.79
C1 DMS CC . 1.91 28.29 -38.73
C2 DMS CC . 3.32 27.25 -40.83
S DMS DC . 5.05 17.59 -61.89
O DMS DC . 6.19 16.49 -61.96
C1 DMS DC . 3.48 16.68 -62.21
C2 DMS DC . 5.52 18.89 -63.11
S DMS EC . 16.86 30.70 -46.35
O DMS EC . 16.62 31.85 -47.24
C1 DMS EC . 15.83 29.43 -46.99
C2 DMS EC . 15.97 31.07 -44.94
S DMS FC . -17.23 -8.80 -39.17
O DMS FC . -18.23 -9.38 -40.12
C1 DMS FC . -15.92 -10.09 -38.94
C2 DMS FC . -18.10 -8.77 -37.43
S DMS GC . -39.31 8.37 -51.15
O DMS GC . -38.38 7.53 -50.02
C1 DMS GC . -41.17 8.80 -50.26
C2 DMS GC . -39.70 7.18 -52.52
S DMS HC . 2.90 36.00 -14.66
O DMS HC . 1.64 35.45 -14.22
C1 DMS HC . 3.86 36.34 -13.14
C2 DMS HC . 2.42 37.81 -15.44
S DMS IC . -54.56 16.03 -47.71
O DMS IC . -54.80 14.51 -48.40
C1 DMS IC . -54.14 15.76 -45.95
C2 DMS IC . -56.23 16.63 -47.43
MG MG JC . 32.79 1.36 -17.02
MG MG KC . 24.35 -1.90 -37.22
MG MG LC . 26.06 -42.35 -31.84
MG MG MC . 32.05 -30.44 -54.06
NA NA NC . 39.53 -1.60 -13.93
NA NA OC . 22.66 -8.56 6.32
NA NA PC . 56.18 1.57 -8.29
NA NA QC . 30.30 -32.39 11.32
MG MG RC . 46.62 7.62 -19.97
S DMS SC . 15.50 -23.33 -12.41
O DMS SC . 16.07 -24.75 -12.95
C1 DMS SC . 13.75 -23.53 -12.11
C2 DMS SC . 15.32 -22.22 -13.80
S DMS TC . 34.41 -13.13 9.93
O DMS TC . 33.61 -14.54 10.02
C1 DMS TC . 36.07 -13.45 10.49
C2 DMS TC . 33.91 -12.08 11.50
S DMS UC . 31.50 -22.53 0.86
O DMS UC . 30.09 -23.00 1.44
C1 DMS UC . 31.94 -23.71 -0.52
C2 DMS UC . 32.66 -23.19 2.07
S DMS VC . 23.14 -29.40 -23.80
O DMS VC . 24.34 -28.57 -23.32
C1 DMS VC . 22.44 -28.47 -25.17
C2 DMS VC . 21.86 -29.34 -22.46
S DMS WC . 0.99 -33.32 -17.78
O DMS WC . 0.89 -31.71 -18.16
C1 DMS WC . 0.03 -34.19 -19.18
C2 DMS WC . -0.15 -33.44 -16.51
S DMS XC . 9.26 -41.54 -28.28
O DMS XC . 7.92 -42.36 -28.26
C1 DMS XC . 10.59 -42.71 -28.55
C2 DMS XC . 9.59 -41.16 -26.58
S DMS YC . 38.57 9.72 3.07
O DMS YC . 40.09 10.40 3.10
C1 DMS YC . 37.49 10.93 3.36
C2 DMS YC . 38.47 8.74 4.62
S DMS ZC . 36.88 -27.76 -37.81
O DMS ZC . 36.41 -28.04 -39.27
C1 DMS ZC . 38.20 -26.48 -37.85
C2 DMS ZC . 37.73 -29.25 -37.29
S DMS AD . 8.76 -16.21 -6.81
O DMS AD . 8.90 -17.37 -8.15
C1 DMS AD . 7.15 -16.33 -6.24
C2 DMS AD . 8.87 -14.53 -7.50
S DMS BD . 41.17 4.55 -32.83
O DMS BD . 40.18 4.98 -33.99
C1 DMS BD . 42.83 4.39 -33.66
C2 DMS BD . 40.87 2.82 -32.45
S DMS CD . 54.83 -13.54 -16.14
O DMS CD . 54.43 -12.22 -15.38
C1 DMS CD . 53.97 -14.90 -15.27
C2 DMS CD . 56.49 -13.98 -15.56
S DMS DD . -1.62 -27.63 -22.12
O DMS DD . -0.56 -26.64 -22.88
C1 DMS DD . -3.20 -27.54 -23.11
C2 DMS DD . -2.09 -26.70 -20.60
S DMS ED . 47.55 4.19 -30.64
O DMS ED . 46.48 3.15 -29.85
C1 DMS ED . 46.54 5.33 -31.78
C2 DMS ED . 48.41 3.08 -31.86
S DMS FD . 47.78 -18.89 -33.90
O DMS FD . 47.02 -20.12 -34.19
C1 DMS FD . 48.82 -18.68 -35.15
C2 DMS FD . 48.82 -19.32 -32.40
S DMS GD . 43.50 -21.25 5.50
O DMS GD . 42.89 -20.75 4.09
C1 DMS GD . 44.45 -19.82 6.35
C2 DMS GD . 44.92 -22.56 4.93
S DMS HD . -3.86 -32.42 -38.56
O DMS HD . -2.89 -33.76 -38.45
C1 DMS HD . -5.32 -32.92 -39.47
C2 DMS HD . -2.97 -31.16 -39.78
S DMS ID . 5.53 -19.92 -0.80
O DMS ID . 6.90 -20.44 -1.34
C1 DMS ID . 4.33 -20.30 -2.09
C2 DMS ID . 5.65 -18.12 -0.69
S DMS JD . 2.42 -25.66 -5.00
O DMS JD . 1.11 -25.75 -5.42
C1 DMS JD . 3.26 -25.18 -6.25
C2 DMS JD . 3.09 -27.10 -5.28
S DMS KD . 40.64 8.85 -29.16
O DMS KD . 40.58 8.70 -27.58
C1 DMS KD . 39.19 9.76 -29.59
C2 DMS KD . 40.24 7.30 -29.83
S DMS LD . 13.04 10.34 -24.99
O DMS LD . 11.47 11.13 -25.20
C1 DMS LD . 13.51 10.48 -23.34
C2 DMS LD . 14.12 11.25 -25.86
S DMS MD . 51.09 -11.50 -37.04
O DMS MD . 51.36 -10.17 -37.91
C1 DMS MD . 52.44 -11.62 -35.92
C2 DMS MD . 51.77 -12.77 -37.91
S DMS ND . 60.30 -9.70 -9.46
O DMS ND . 58.77 -10.03 -9.42
C1 DMS ND . 60.80 -9.80 -11.20
C2 DMS ND . 61.16 -11.18 -8.73
S DMS OD . 57.30 10.42 -5.51
O DMS OD . 57.59 9.08 -5.32
C1 DMS OD . 56.52 10.52 -7.15
C2 DMS OD . 58.88 11.26 -5.73
S DMS PD . 32.18 -34.79 9.92
O DMS PD . 31.09 -33.56 9.70
C1 DMS PD . 32.57 -35.51 8.25
C2 DMS PD . 31.20 -36.13 10.64
S DMS QD . 24.77 -31.84 -4.62
O DMS QD . 26.11 -31.32 -3.80
C1 DMS QD . 24.33 -33.32 -3.81
C2 DMS QD . 25.38 -32.53 -6.13
S DMS RD . 27.11 -31.63 -24.91
O DMS RD . 28.28 -32.56 -25.18
C1 DMS RD . 26.22 -32.44 -23.84
C2 DMS RD . 25.87 -31.99 -26.14
S DMS SD . 34.68 -12.93 18.07
O DMS SD . 34.55 -13.59 19.40
C1 DMS SD . 35.84 -13.98 17.17
C2 DMS SD . 35.58 -11.32 18.35
S DMS TD . 20.91 -36.09 -39.64
O DMS TD . 19.98 -36.60 -38.57
C1 DMS TD . 21.84 -37.59 -40.21
C2 DMS TD . 22.35 -35.27 -38.76
S DMS UD . 40.94 5.12 -14.73
O DMS UD . 42.25 5.90 -14.63
C1 DMS UD . 39.79 6.28 -15.62
C2 DMS UD . 40.29 5.15 -13.03
S DMS VD . 63.66 -12.62 -4.49
O DMS VD . 64.11 -12.79 -2.76
C1 DMS VD . 64.64 -11.28 -5.18
C2 DMS VD . 62.14 -11.72 -4.56
S DMS WD . 7.08 -37.18 -7.41
O DMS WD . 7.76 -36.54 -6.22
C1 DMS WD . 5.37 -37.14 -7.07
C2 DMS WD . 7.62 -39.00 -7.37
S DMS XD . 7.23 -42.79 -12.57
O DMS XD . 6.93 -41.25 -13.05
C1 DMS XD . 6.34 -43.01 -11.03
C2 DMS XD . 8.81 -42.81 -11.99
MG MG YD . 10.05 3.47 35.39
MG MG ZD . -10.81 3.67 42.95
MG MG AE . -16.28 41.68 18.76
NA NA BE . 16.16 7.77 37.95
NA NA CE . 18.32 13.20 11.25
NA NA DE . 31.65 7.81 46.46
NA NA EE . 22.99 38.08 11.91
MG MG FE . 17.97 -0.53 47.78
S DMS GE . -2.60 24.97 17.77
O DMS GE . -3.00 26.38 18.42
C1 DMS GE . -3.58 24.92 16.23
C2 DMS GE . -3.43 23.66 18.75
S DMS HE . 28.08 19.89 17.05
O DMS HE . 27.28 21.06 16.38
C1 DMS HE . 29.50 20.62 17.77
C2 DMS HE . 29.01 18.98 15.67
S DMS IE . 18.00 28.07 20.39
O DMS IE . 17.38 28.40 18.96
C1 DMS IE . 17.13 29.08 21.53
C2 DMS IE . 19.70 28.92 20.37
S DMS JE . -6.73 31.14 30.60
O DMS JE . -5.68 30.11 30.89
C1 DMS JE . -8.30 30.41 31.06
C2 DMS JE . -6.96 31.13 28.69
S DMS KE . -18.23 31.03 9.91
O DMS KE . -18.03 29.62 10.50
C1 DMS KE . -20.03 31.41 10.24
C2 DMS KE . -18.21 30.79 8.18
S DMS LE . -21.22 40.43 21.95
O DMS LE . -22.22 40.13 20.87
C1 DMS LE . -20.79 42.23 21.62
C2 DMS LE . -19.71 39.69 21.32
S DMS ME . 29.67 -2.49 26.37
O DMS ME . 30.94 -2.90 27.52
C1 DMS ME . 29.35 -4.05 25.38
C2 DMS ME . 30.60 -1.44 25.02
S DMS NE . -7.54 31.18 50.57
O DMS NE . -8.51 31.77 51.50
C1 DMS NE . -6.13 30.45 51.61
C2 DMS NE . -6.75 32.41 49.86
S DMS OE . -1.76 16.98 9.63
O DMS OE . -2.81 18.02 10.60
C1 DMS OE . -2.52 17.02 7.91
C2 DMS OE . -1.95 15.35 10.27
S DMS PE . 4.67 0.59 52.56
O DMS PE . 3.26 -0.08 52.69
C1 DMS PE . 5.31 0.92 54.31
C2 DMS PE . 4.39 2.26 52.07
S DMS QE . 22.74 22.04 49.48
O DMS QE . 23.23 20.70 48.93
C1 DMS QE . 22.26 23.05 48.03
C2 DMS QE . 24.20 22.96 49.98
S DMS RE . -21.96 24.95 11.77
O DMS RE . -21.67 23.87 12.87
C1 DMS RE . -23.45 24.35 10.91
C2 DMS RE . -20.71 24.73 10.59
S DMS SE . 10.40 2.13 55.66
O DMS SE . 9.99 3.16 54.40
C1 DMS SE . 9.18 0.87 55.71
C2 DMS SE . 10.06 3.09 57.22
S DMS TE . 4.30 24.86 56.41
O DMS TE . 3.39 25.85 55.67
C1 DMS TE . 4.41 25.48 58.01
C2 DMS TE . 5.93 25.26 55.86
S DMS UE . -36.03 28.39 21.54
O DMS UE . -36.09 29.70 22.21
C1 DMS UE . -37.52 28.18 20.82
C2 DMS UE . -36.08 27.20 22.74
S DMS VE . -0.05 20.31 3.34
O DMS VE . 0.31 21.62 4.03
C1 DMS VE . 1.20 20.09 2.05
C2 DMS VE . -1.70 20.69 2.37
S DMS WE . -6.70 24.68 3.48
O DMS WE . -6.69 24.21 1.93
C1 DMS WE . -8.40 24.49 4.09
C2 DMS WE . -6.36 26.50 3.46
S DMS XE . 7.59 -3.16 49.96
O DMS XE . 8.77 -3.15 48.94
C1 DMS XE . 6.52 -4.43 49.42
C2 DMS XE . 6.60 -1.78 49.55
S DMS YE . -7.09 -10.65 26.99
O DMS YE . -5.92 -10.62 25.95
C1 DMS YE . -8.63 -10.95 26.08
C2 DMS YE . -7.28 -9.27 27.38
S DMS ZE . 5.58 18.02 61.44
O DMS ZE . 5.03 19.30 62.00
C1 DMS ZE . 5.14 16.71 62.61
C2 DMS ZE . 7.20 18.03 61.80
S DMS AF . 32.14 19.41 49.32
O DMS AF . 30.86 19.56 48.39
C1 DMS AF . 31.56 19.28 51.24
C2 DMS AF . 32.90 21.17 49.40
S DMS BF . 36.09 -0.21 46.55
O DMS BF . 35.97 0.60 45.26
C1 DMS BF . 35.89 1.04 47.93
C2 DMS BF . 37.91 -0.57 46.81
S DMS CF . 22.65 40.58 13.78
O DMS CF . 22.00 39.25 13.46
C1 DMS CF . 21.79 41.23 15.25
C2 DMS CF . 22.28 41.73 12.29
S DMS DF . 39.53 19.60 17.46
O DMS DF . 40.38 19.54 18.68
C1 DMS DF . 40.35 20.75 16.33
C2 DMS DF . 38.10 20.77 17.87
S DMS EF . 7.59 35.42 18.39
O DMS EF . 9.03 35.95 18.74
C1 DMS EF . 7.04 36.43 17.13
C2 DMS EF . 6.35 36.20 19.82
S DMS FF . -5.63 34.05 34.19
O DMS FF . -5.12 35.40 34.86
C1 DMS FF . -5.16 34.13 32.56
C2 DMS FF . -7.37 34.25 33.97
S DMS GF . 34.50 20.46 11.57
O DMS GF . 35.69 21.23 11.11
C1 DMS GF . 34.11 21.13 13.10
C2 DMS GF . 35.12 18.76 11.98
S DMS HF . 17.67 1.34 40.08
O DMS HF . 18.58 0.28 41.01
C1 DMS HF . 16.27 0.39 39.64
C2 DMS HF . 18.46 1.31 38.51
S DMS IF . 37.26 23.15 48.11
O DMS IF . 38.72 23.48 47.36
C1 DMS IF . 37.63 21.85 49.39
C2 DMS IF . 36.42 22.05 47.17
S DMS JF . -22.45 44.14 25.67
O DMS JF . -22.46 45.29 24.42
C1 DMS JF . -21.53 45.07 27.08
C2 DMS JF . -21.13 42.90 25.09
S DMS KF . -17.56 38.47 40.68
O DMS KF . -16.82 38.88 42.01
C1 DMS KF . -17.82 40.07 39.70
C2 DMS KF . -19.16 38.18 41.12
S DMS LF . 8.60 -13.59 35.62
O DMS LF . 8.87 -14.32 34.36
C1 DMS LF . 10.16 -12.30 35.91
C2 DMS LF . 8.77 -14.74 36.89
S DMS MF . -26.35 29.34 43.04
O DMS MF . -27.72 30.01 42.74
C1 DMS MF . -26.64 28.11 43.58
C2 DMS MF . -25.91 29.75 44.72
#